data_8W50
#
_entry.id   8W50
#
_cell.length_a   266.104
_cell.length_b   266.104
_cell.length_c   172.812
_cell.angle_alpha   90.000
_cell.angle_beta   90.000
_cell.angle_gamma   120.000
#
_symmetry.space_group_name_H-M   'H 3'
#
loop_
_entity.id
_entity.type
_entity.pdbx_description
1 polymer 'DNA topoisomerase 2-alpha'
2 non-polymer 'SULFATE ION'
3 water water
#
_entity_poly.entity_id   1
_entity_poly.type   'polypeptide(L)'
_entity_poly.pdbx_seq_one_letter_code
;MASWSHPQFEKGADDDDKVPDPTSVDAVKHNRIKGIPKLDDANDAGGRNSTECTLILTEGDSAKTLAVSGLGVVGRDKYG
VFPLRGKILNVREASHKQIMENAEINNIIKIVGLQYKKNYEDEDSLKTLRYGKIMIMTDQDQDGSHIKGLLINFIHHNWP
SLLRHRFLEEFITPIVKVSKNKQEMAFYSLPEFEEWKSSTPNHKKWKVKYYKGLGTSTSKEAKEYFADMKRHRIQFKYSG
PEDDAAISLAFSKKQIDDRKEWLTNFMEDRRQRKLLGLPEDYLYGQTTTYLTYNDFINKELILFSNSDNERSIPSMVDGL
KPGQRKVLFTCFKRNDKREVKVAQLAGSVAEMSSYHHGEMSLMMTIINLAQNFVGSNNLNLLQPIGQFGTRLHGGKDSAS
PRYIFTMLSSLARLLFPPKDDHTLKFLYDDNQRVEPEWYIPIIPMVLINGAEGIGTGWSCKIPNFDVREIVNNIRRLMDG
EEPLPMLPSYKNFKGTIEELAPNQYVISGEVAILNSTTIEISELPVRTWTQTYKEQVLEPMLNGTEKTPPLITDYREYHT
DTTVKFVVKMTEEKLAEAERVGLHKVFKLQTSLTCNSMVLFDHVGCLKKYDTVLDILRDFFELRLKYYGLRKEWLLGMLG
AESAKLNNQARFILEKIDGKIIIENKPKKELIKVLIQRGYDSDPVKAWKEAQQKVPDEEENEESDNEKETEKSDSVTDSG
PTFNYLLDMPLWYLTKEKKDELCRLRNEKEQELDTLKRKSPSDLWKEDLATFIEELEAVEAKEKQDGAPGFSSISAHHHH
HHHHHH
;
_entity_poly.pdbx_strand_id   A,B,C,D
#
# COMPACT_ATOMS: atom_id res chain seq x y z
N ASN A 31 -5.95 -45.47 27.36
CA ASN A 31 -4.97 -44.48 27.79
C ASN A 31 -4.29 -43.81 26.59
N ARG A 32 -2.95 -43.79 26.61
CA ARG A 32 -2.15 -43.23 25.52
C ARG A 32 -1.01 -44.19 25.21
N ILE A 33 -0.44 -44.02 24.02
CA ILE A 33 0.67 -44.89 23.60
C ILE A 33 1.84 -44.70 24.55
N LYS A 34 2.53 -45.80 24.85
CA LYS A 34 3.71 -45.77 25.69
C LYS A 34 4.96 -45.91 24.83
N GLY A 35 6.02 -45.20 25.22
CA GLY A 35 7.30 -45.31 24.57
C GLY A 35 7.63 -44.21 23.58
N ILE A 36 6.77 -43.22 23.42
CA ILE A 36 7.05 -42.10 22.52
C ILE A 36 6.94 -40.80 23.30
N PRO A 37 7.91 -40.47 24.15
CA PRO A 37 7.79 -39.28 25.00
C PRO A 37 7.71 -37.97 24.23
N LYS A 38 8.17 -37.93 22.98
CA LYS A 38 8.15 -36.69 22.22
C LYS A 38 6.84 -36.48 21.48
N LEU A 39 5.88 -37.39 21.61
CA LEU A 39 4.62 -37.31 20.90
C LEU A 39 3.57 -36.65 21.78
N ASP A 40 2.90 -35.64 21.23
CA ASP A 40 1.70 -35.06 21.84
C ASP A 40 0.51 -35.78 21.22
N ASP A 41 0.12 -36.89 21.84
CA ASP A 41 -0.94 -37.73 21.28
C ASP A 41 -2.28 -37.02 21.33
N ALA A 42 -3.01 -37.05 20.21
CA ALA A 42 -4.37 -36.52 20.19
C ALA A 42 -5.27 -37.34 21.11
N ASN A 43 -6.18 -36.65 21.79
CA ASN A 43 -7.03 -37.31 22.79
C ASN A 43 -8.01 -38.28 22.15
N ASP A 44 -8.45 -38.01 20.93
CA ASP A 44 -9.37 -38.89 20.23
C ASP A 44 -8.68 -39.92 19.34
N ALA A 45 -7.35 -39.90 19.29
CA ALA A 45 -6.62 -40.86 18.47
C ALA A 45 -6.77 -42.27 19.02
N GLY A 46 -6.87 -43.24 18.12
CA GLY A 46 -7.10 -44.62 18.52
C GLY A 46 -8.47 -44.85 19.12
N GLY A 47 -9.50 -44.21 18.58
CA GLY A 47 -10.84 -44.35 19.11
C GLY A 47 -11.91 -44.29 18.04
N ARG A 48 -13.15 -43.99 18.44
CA ARG A 48 -14.25 -43.95 17.50
C ARG A 48 -14.08 -42.83 16.47
N ASN A 49 -13.59 -41.67 16.91
CA ASN A 49 -13.43 -40.51 16.04
C ASN A 49 -12.01 -40.37 15.49
N SER A 50 -11.33 -41.50 15.26
CA SER A 50 -9.96 -41.45 14.78
C SER A 50 -9.85 -40.82 13.40
N THR A 51 -10.87 -41.00 12.55
CA THR A 51 -10.85 -40.41 11.21
C THR A 51 -10.88 -38.88 11.24
N GLU A 52 -11.28 -38.29 12.36
CA GLU A 52 -11.29 -36.84 12.51
C GLU A 52 -10.01 -36.30 13.13
N CYS A 53 -9.07 -37.18 13.49
CA CYS A 53 -7.81 -36.79 14.09
C CYS A 53 -6.77 -36.48 13.01
N THR A 54 -5.90 -35.52 13.31
CA THR A 54 -4.85 -35.08 12.40
C THR A 54 -3.51 -35.12 13.12
N LEU A 55 -2.54 -35.80 12.54
CA LEU A 55 -1.19 -35.85 13.10
C LEU A 55 -0.32 -34.82 12.42
N ILE A 56 0.23 -33.88 13.20
CA ILE A 56 1.11 -32.85 12.68
C ILE A 56 2.55 -33.31 12.86
N LEU A 57 3.24 -33.52 11.74
CA LEU A 57 4.67 -33.83 11.75
C LEU A 57 5.43 -32.53 11.52
N THR A 58 6.29 -32.18 12.47
CA THR A 58 6.93 -30.87 12.48
C THR A 58 8.43 -30.99 12.23
N GLU A 59 9.00 -29.89 11.74
CA GLU A 59 10.44 -29.82 11.47
C GLU A 59 11.14 -29.38 12.76
N GLY A 60 11.45 -30.35 13.60
CA GLY A 60 12.17 -30.07 14.82
C GLY A 60 11.29 -29.57 15.95
N ASP A 61 11.94 -29.32 17.08
CA ASP A 61 11.21 -28.93 18.28
C ASP A 61 10.62 -27.53 18.17
N SER A 62 11.32 -26.60 17.50
CA SER A 62 10.81 -25.23 17.41
C SER A 62 9.50 -25.19 16.62
N ALA A 63 9.38 -25.99 15.56
CA ALA A 63 8.12 -26.09 14.83
C ALA A 63 7.02 -26.70 15.69
N LYS A 64 7.36 -27.73 16.49
CA LYS A 64 6.36 -28.30 17.38
C LYS A 64 5.85 -27.28 18.39
N THR A 65 6.76 -26.45 18.92
CA THR A 65 6.37 -25.41 19.86
C THR A 65 5.37 -24.45 19.22
N LEU A 66 5.60 -24.08 17.96
CA LEU A 66 4.66 -23.20 17.28
C LEU A 66 3.28 -23.85 17.16
N ALA A 67 3.24 -25.14 16.82
CA ALA A 67 1.96 -25.85 16.72
C ALA A 67 1.27 -25.92 18.08
N VAL A 68 2.04 -26.18 19.14
CA VAL A 68 1.46 -26.25 20.48
C VAL A 68 0.85 -24.90 20.86
N SER A 69 1.54 -23.81 20.52
CA SER A 69 1.03 -22.47 20.87
C SER A 69 -0.32 -22.21 20.22
N GLY A 70 -0.49 -22.62 18.98
CA GLY A 70 -1.75 -22.41 18.29
C GLY A 70 -2.85 -23.33 18.75
N LEU A 71 -2.51 -24.58 19.07
CA LEU A 71 -3.52 -25.57 19.41
C LEU A 71 -4.29 -25.18 20.67
N GLY A 72 -3.62 -24.54 21.62
CA GLY A 72 -4.28 -24.21 22.87
C GLY A 72 -4.72 -25.47 23.59
N VAL A 73 -5.96 -25.45 24.08
CA VAL A 73 -6.53 -26.58 24.78
C VAL A 73 -7.61 -27.27 23.96
N VAL A 74 -8.40 -26.50 23.21
CA VAL A 74 -9.47 -27.08 22.41
C VAL A 74 -8.89 -27.95 21.29
N GLY A 75 -7.75 -27.54 20.74
CA GLY A 75 -7.15 -28.27 19.63
C GLY A 75 -6.49 -29.58 20.00
N ARG A 76 -6.35 -29.87 21.29
CA ARG A 76 -5.62 -31.07 21.70
C ARG A 76 -6.47 -32.34 21.63
N ASP A 77 -7.74 -32.23 21.25
CA ASP A 77 -8.58 -33.42 21.19
C ASP A 77 -8.50 -34.13 19.85
N LYS A 78 -8.35 -33.38 18.76
CA LYS A 78 -8.30 -33.97 17.42
C LYS A 78 -6.95 -33.76 16.73
N TYR A 79 -5.95 -33.24 17.44
CA TYR A 79 -4.66 -32.92 16.84
C TYR A 79 -3.53 -33.57 17.64
N GLY A 80 -2.55 -34.07 16.91
CA GLY A 80 -1.35 -34.62 17.52
C GLY A 80 -0.12 -34.02 16.86
N VAL A 81 0.92 -33.84 17.66
CA VAL A 81 2.15 -33.20 17.20
C VAL A 81 3.32 -34.13 17.49
N PHE A 82 4.14 -34.38 16.47
CA PHE A 82 5.35 -35.17 16.63
C PHE A 82 6.48 -34.47 15.88
N PRO A 83 7.61 -34.21 16.55
CA PRO A 83 8.73 -33.56 15.88
C PRO A 83 9.64 -34.56 15.15
N LEU A 84 9.99 -34.24 13.90
CA LEU A 84 10.95 -35.03 13.13
C LEU A 84 12.33 -34.49 13.45
N ARG A 85 13.02 -35.11 14.40
CA ARG A 85 14.34 -34.67 14.84
C ARG A 85 15.48 -35.35 14.10
N GLY A 86 15.26 -35.81 12.87
CA GLY A 86 16.31 -36.51 12.15
C GLY A 86 16.01 -36.53 10.67
N LYS A 87 16.96 -37.08 9.92
CA LYS A 87 16.82 -37.17 8.47
C LYS A 87 15.91 -38.36 8.13
N ILE A 88 14.80 -38.08 7.45
CA ILE A 88 13.97 -39.18 6.94
C ILE A 88 14.76 -39.93 5.87
N LEU A 89 14.76 -41.25 5.96
CA LEU A 89 15.51 -42.05 5.00
C LEU A 89 14.78 -42.13 3.67
N ASN A 90 15.55 -42.28 2.61
CA ASN A 90 15.00 -42.54 1.27
C ASN A 90 14.77 -44.04 1.16
N VAL A 91 13.50 -44.46 1.23
CA VAL A 91 13.18 -45.87 1.22
C VAL A 91 13.63 -46.52 -0.09
N ARG A 92 13.32 -45.88 -1.21
CA ARG A 92 13.76 -46.28 -2.54
C ARG A 92 15.21 -46.77 -2.61
N GLU A 93 16.10 -46.15 -1.85
CA GLU A 93 17.54 -46.40 -1.97
C GLU A 93 18.19 -46.61 -0.61
N ALA A 94 17.58 -47.46 0.23
CA ALA A 94 18.17 -47.77 1.54
C ALA A 94 18.04 -49.25 1.83
N SER A 95 18.98 -49.76 2.62
CA SER A 95 18.98 -51.17 2.98
C SER A 95 17.80 -51.48 3.91
N HIS A 96 17.29 -52.70 3.81
CA HIS A 96 16.18 -53.11 4.66
C HIS A 96 16.58 -53.11 6.13
N LYS A 97 17.86 -53.38 6.43
CA LYS A 97 18.33 -53.34 7.81
C LYS A 97 18.24 -51.93 8.38
N GLN A 98 18.61 -50.92 7.58
CA GLN A 98 18.50 -49.54 8.04
C GLN A 98 17.04 -49.13 8.25
N ILE A 99 16.15 -49.55 7.35
CA ILE A 99 14.74 -49.19 7.47
C ILE A 99 14.12 -49.87 8.69
N MET A 100 14.53 -51.10 8.97
CA MET A 100 13.98 -51.84 10.11
C MET A 100 14.53 -51.36 11.45
N GLU A 101 15.64 -50.63 11.45
CA GLU A 101 16.25 -50.14 12.67
C GLU A 101 16.20 -48.63 12.81
N ASN A 102 15.54 -47.92 11.88
CA ASN A 102 15.44 -46.47 11.94
C ASN A 102 14.35 -46.09 12.94
N ALA A 103 14.76 -45.44 14.04
CA ALA A 103 13.79 -45.08 15.08
C ALA A 103 12.77 -44.08 14.56
N GLU A 104 13.22 -43.09 13.78
CA GLU A 104 12.29 -42.07 13.28
C GLU A 104 11.21 -42.69 12.41
N ILE A 105 11.60 -43.58 11.50
CA ILE A 105 10.63 -44.22 10.62
C ILE A 105 9.70 -45.12 11.43
N ASN A 106 10.24 -45.84 12.42
CA ASN A 106 9.40 -46.71 13.23
C ASN A 106 8.46 -45.92 14.11
N ASN A 107 8.90 -44.76 14.63
CA ASN A 107 8.04 -43.98 15.51
C ASN A 107 6.79 -43.50 14.78
N ILE A 108 6.94 -43.10 13.52
CA ILE A 108 5.77 -42.70 12.73
C ILE A 108 4.81 -43.87 12.58
N ILE A 109 5.37 -45.08 12.40
CA ILE A 109 4.53 -46.27 12.23
C ILE A 109 3.66 -46.49 13.46
N LYS A 110 4.24 -46.37 14.65
CA LYS A 110 3.47 -46.59 15.87
C LYS A 110 2.39 -45.54 16.06
N ILE A 111 2.70 -44.28 15.75
CA ILE A 111 1.75 -43.19 15.99
C ILE A 111 0.54 -43.30 15.06
N VAL A 112 0.79 -43.60 13.77
CA VAL A 112 -0.33 -43.64 12.84
C VAL A 112 -1.01 -45.01 12.85
N GLY A 113 -0.37 -46.04 13.39
CA GLY A 113 -0.96 -47.36 13.34
C GLY A 113 -0.82 -48.06 12.01
N LEU A 114 0.23 -47.76 11.24
CA LEU A 114 0.37 -48.29 9.90
C LEU A 114 1.09 -49.63 9.94
N GLN A 115 0.65 -50.56 9.08
CA GLN A 115 1.27 -51.85 8.92
C GLN A 115 2.12 -51.85 7.66
N TYR A 116 3.31 -52.45 7.75
CA TYR A 116 4.29 -52.33 6.67
C TYR A 116 3.74 -52.84 5.35
N LYS A 117 3.00 -53.94 5.37
CA LYS A 117 2.35 -54.48 4.19
C LYS A 117 0.84 -54.47 4.44
N LYS A 118 0.14 -53.54 3.78
CA LYS A 118 -1.30 -53.44 3.94
C LYS A 118 -1.88 -52.63 2.79
N ASN A 119 -3.19 -52.73 2.61
CA ASN A 119 -3.93 -51.97 1.62
C ASN A 119 -4.86 -51.00 2.36
N TYR A 120 -5.03 -49.81 1.79
CA TYR A 120 -5.85 -48.76 2.38
C TYR A 120 -6.77 -48.14 1.33
N GLU A 121 -7.34 -48.98 0.46
CA GLU A 121 -8.29 -48.51 -0.55
C GLU A 121 -9.74 -48.54 -0.09
N ASP A 122 -10.03 -49.20 1.03
CA ASP A 122 -11.38 -49.30 1.56
C ASP A 122 -11.46 -48.59 2.90
N GLU A 123 -12.60 -47.94 3.16
CA GLU A 123 -12.80 -47.27 4.43
C GLU A 123 -12.74 -48.24 5.61
N ASP A 124 -13.04 -49.53 5.36
CA ASP A 124 -12.87 -50.53 6.40
C ASP A 124 -11.42 -50.64 6.83
N SER A 125 -10.49 -50.61 5.88
CA SER A 125 -9.07 -50.65 6.18
C SER A 125 -8.50 -49.28 6.55
N LEU A 126 -9.27 -48.21 6.41
CA LEU A 126 -8.83 -46.89 6.85
C LEU A 126 -9.11 -46.64 8.32
N LYS A 127 -9.93 -47.47 8.96
CA LYS A 127 -10.29 -47.28 10.35
C LYS A 127 -9.28 -47.89 11.31
N THR A 128 -8.31 -48.66 10.82
CA THR A 128 -7.26 -49.19 11.67
C THR A 128 -6.15 -48.17 11.91
N LEU A 129 -6.26 -46.98 11.33
CA LEU A 129 -5.30 -45.92 11.55
C LEU A 129 -5.77 -45.02 12.69
N ARG A 130 -4.85 -44.72 13.61
CA ARG A 130 -5.19 -43.87 14.75
C ARG A 130 -5.48 -42.44 14.31
N TYR A 131 -4.88 -41.99 13.22
CA TYR A 131 -5.08 -40.64 12.70
C TYR A 131 -5.62 -40.72 11.28
N GLY A 132 -6.63 -39.91 10.99
CA GLY A 132 -7.17 -39.86 9.64
C GLY A 132 -6.40 -39.00 8.68
N LYS A 133 -5.51 -38.14 9.18
CA LYS A 133 -4.73 -37.25 8.32
C LYS A 133 -3.34 -37.08 8.89
N ILE A 134 -2.37 -36.81 8.01
CA ILE A 134 -1.02 -36.44 8.41
C ILE A 134 -0.71 -35.09 7.78
N MET A 135 -0.37 -34.12 8.61
CA MET A 135 -0.05 -32.77 8.17
C MET A 135 1.42 -32.49 8.47
N ILE A 136 2.17 -32.15 7.43
CA ILE A 136 3.59 -31.89 7.53
C ILE A 136 3.77 -30.39 7.69
N MET A 137 4.45 -29.99 8.77
CA MET A 137 4.68 -28.59 9.11
C MET A 137 6.18 -28.35 9.08
N THR A 138 6.66 -27.70 8.01
CA THR A 138 8.07 -27.38 7.83
C THR A 138 8.21 -25.92 7.39
N ASP A 139 9.45 -25.45 7.36
CA ASP A 139 9.70 -24.13 6.81
C ASP A 139 9.44 -24.14 5.31
N GLN A 140 9.12 -22.97 4.78
CA GLN A 140 8.90 -22.80 3.35
C GLN A 140 10.19 -22.52 2.59
N ASP A 141 11.31 -23.07 3.09
CA ASP A 141 12.62 -23.02 2.44
C ASP A 141 12.91 -24.35 1.74
N GLN A 142 14.08 -24.44 1.10
CA GLN A 142 14.44 -25.65 0.37
C GLN A 142 14.60 -26.86 1.31
N ASP A 143 15.15 -26.65 2.49
CA ASP A 143 15.33 -27.76 3.43
C ASP A 143 13.99 -28.32 3.89
N GLY A 144 13.00 -27.46 4.10
CA GLY A 144 11.67 -27.94 4.46
C GLY A 144 11.01 -28.71 3.34
N SER A 145 11.17 -28.25 2.10
CA SER A 145 10.62 -28.98 0.96
C SER A 145 11.25 -30.36 0.86
N HIS A 146 12.53 -30.47 1.19
CA HIS A 146 13.19 -31.77 1.16
C HIS A 146 12.56 -32.73 2.15
N ILE A 147 12.23 -32.25 3.35
CA ILE A 147 11.55 -33.09 4.33
C ILE A 147 10.17 -33.50 3.83
N LYS A 148 9.42 -32.55 3.25
CA LYS A 148 8.10 -32.86 2.72
C LYS A 148 8.19 -33.96 1.68
N GLY A 149 9.11 -33.83 0.72
CA GLY A 149 9.24 -34.83 -0.32
C GLY A 149 9.66 -36.19 0.21
N LEU A 150 10.63 -36.21 1.14
CA LEU A 150 11.09 -37.48 1.67
C LEU A 150 9.96 -38.19 2.43
N LEU A 151 9.14 -37.43 3.15
CA LEU A 151 7.96 -38.01 3.78
C LEU A 151 6.97 -38.50 2.75
N ILE A 152 6.77 -37.74 1.67
CA ILE A 152 5.88 -38.15 0.60
C ILE A 152 6.39 -39.42 -0.06
N ASN A 153 7.70 -39.49 -0.29
CA ASN A 153 8.29 -40.69 -0.88
C ASN A 153 8.11 -41.91 0.01
N PHE A 154 8.24 -41.73 1.33
CA PHE A 154 8.05 -42.83 2.26
C PHE A 154 6.63 -43.38 2.21
N ILE A 155 5.64 -42.51 2.16
CA ILE A 155 4.25 -42.97 2.10
C ILE A 155 3.95 -43.61 0.74
N HIS A 156 4.45 -43.00 -0.34
CA HIS A 156 4.14 -43.48 -1.68
C HIS A 156 4.75 -44.85 -1.94
N HIS A 157 5.91 -45.14 -1.34
CA HIS A 157 6.63 -46.38 -1.62
C HIS A 157 6.14 -47.54 -0.76
N ASN A 158 5.51 -47.27 0.37
CA ASN A 158 4.98 -48.31 1.24
C ASN A 158 3.47 -48.50 1.12
N TRP A 159 2.71 -47.41 0.97
CA TRP A 159 1.25 -47.50 0.88
C TRP A 159 0.74 -46.44 -0.09
N PRO A 160 0.93 -46.64 -1.40
CA PRO A 160 0.43 -45.65 -2.35
C PRO A 160 -1.09 -45.59 -2.41
N SER A 161 -1.78 -46.31 -1.54
CA SER A 161 -3.23 -46.25 -1.47
C SER A 161 -3.70 -45.04 -0.69
N LEU A 162 -2.95 -44.67 0.36
CA LEU A 162 -3.35 -43.52 1.18
C LEU A 162 -3.35 -42.24 0.35
N LEU A 163 -2.31 -42.06 -0.48
CA LEU A 163 -2.22 -40.90 -1.36
C LEU A 163 -3.47 -40.70 -2.19
N ARG A 164 -4.16 -41.79 -2.54
CA ARG A 164 -5.34 -41.69 -3.38
C ARG A 164 -6.42 -40.86 -2.72
N HIS A 165 -6.62 -41.02 -1.41
CA HIS A 165 -7.58 -40.22 -0.68
C HIS A 165 -6.88 -39.09 0.06
N ARG A 166 -7.66 -38.27 0.76
CA ARG A 166 -7.15 -37.08 1.45
C ARG A 166 -6.47 -37.50 2.75
N PHE A 167 -5.19 -37.86 2.66
CA PHE A 167 -4.42 -38.25 3.84
C PHE A 167 -3.29 -37.28 4.14
N LEU A 168 -2.39 -37.05 3.18
CA LEU A 168 -1.23 -36.19 3.40
C LEU A 168 -1.58 -34.75 3.09
N GLU A 169 -1.28 -33.85 4.03
CA GLU A 169 -1.51 -32.43 3.87
C GLU A 169 -0.31 -31.67 4.44
N GLU A 170 -0.27 -30.37 4.18
CA GLU A 170 0.82 -29.53 4.64
C GLU A 170 0.26 -28.27 5.30
N PHE A 171 1.00 -27.77 6.29
CA PHE A 171 0.68 -26.51 6.94
C PHE A 171 1.43 -25.40 6.24
N ILE A 172 0.73 -24.33 5.90
CA ILE A 172 1.32 -23.21 5.19
C ILE A 172 1.00 -21.91 5.92
N THR A 173 2.00 -21.04 6.00
CA THR A 173 1.85 -19.68 6.50
C THR A 173 2.01 -18.69 5.34
N PRO A 174 1.42 -17.49 5.46
CA PRO A 174 1.61 -16.49 4.40
C PRO A 174 3.09 -16.17 4.22
N ILE A 175 3.50 -15.99 2.96
CA ILE A 175 4.89 -15.65 2.68
C ILE A 175 5.21 -14.24 3.13
N VAL A 176 4.30 -13.29 2.91
CA VAL A 176 4.52 -11.89 3.22
C VAL A 176 3.32 -11.36 4.00
N LYS A 177 3.58 -10.48 4.96
CA LYS A 177 2.54 -9.77 5.67
C LYS A 177 2.82 -8.28 5.58
N VAL A 178 1.79 -7.49 5.30
CA VAL A 178 1.91 -6.04 5.21
C VAL A 178 1.07 -5.43 6.32
N SER A 179 1.68 -4.54 7.11
CA SER A 179 1.00 -3.90 8.23
C SER A 179 1.09 -2.39 8.09
N LYS A 180 -0.04 -1.71 8.29
CA LYS A 180 -0.08 -0.25 8.34
C LYS A 180 -1.34 0.17 9.08
N ASN A 181 -1.24 1.24 9.86
CA ASN A 181 -2.34 1.80 10.66
C ASN A 181 -3.18 0.70 11.31
N LYS A 182 -2.49 -0.24 11.94
CA LYS A 182 -3.10 -1.37 12.64
C LYS A 182 -3.93 -2.26 11.70
N GLN A 183 -3.67 -2.21 10.40
CA GLN A 183 -4.32 -3.08 9.43
C GLN A 183 -3.30 -4.04 8.84
N GLU A 184 -3.69 -5.31 8.73
CA GLU A 184 -2.79 -6.36 8.29
C GLU A 184 -3.39 -7.12 7.12
N MET A 185 -2.55 -7.42 6.12
CA MET A 185 -2.92 -8.27 5.00
C MET A 185 -1.81 -9.27 4.76
N ALA A 186 -2.18 -10.40 4.16
CA ALA A 186 -1.25 -11.49 3.95
C ALA A 186 -1.31 -11.98 2.52
N PHE A 187 -0.17 -12.42 2.00
CA PHE A 187 -0.05 -12.95 0.66
C PHE A 187 0.66 -14.29 0.74
N TYR A 188 0.18 -15.26 -0.06
CA TYR A 188 0.73 -16.60 -0.04
C TYR A 188 1.68 -16.87 -1.21
N SER A 189 1.98 -15.86 -2.01
CA SER A 189 2.89 -15.99 -3.14
C SER A 189 3.60 -14.67 -3.33
N LEU A 190 4.91 -14.71 -3.59
CA LEU A 190 5.63 -13.48 -3.87
C LEU A 190 5.05 -12.71 -5.06
N PRO A 191 4.66 -13.34 -6.17
CA PRO A 191 3.97 -12.57 -7.23
C PRO A 191 2.67 -11.91 -6.76
N GLU A 192 1.94 -12.54 -5.84
CA GLU A 192 0.73 -11.93 -5.31
C GLU A 192 1.04 -10.64 -4.57
N PHE A 193 2.14 -10.63 -3.80
CA PHE A 193 2.58 -9.43 -3.12
C PHE A 193 2.98 -8.35 -4.13
N GLU A 194 3.65 -8.73 -5.21
CA GLU A 194 4.03 -7.78 -6.25
C GLU A 194 2.80 -7.18 -6.92
N GLU A 195 1.78 -8.01 -7.16
CA GLU A 195 0.54 -7.49 -7.76
C GLU A 195 -0.13 -6.48 -6.83
N TRP A 196 -0.10 -6.73 -5.52
CA TRP A 196 -0.65 -5.76 -4.58
C TRP A 196 0.09 -4.44 -4.64
N LYS A 197 1.42 -4.50 -4.69
CA LYS A 197 2.22 -3.27 -4.78
C LYS A 197 1.96 -2.53 -6.07
N SER A 198 1.82 -3.27 -7.18
CA SER A 198 1.51 -2.63 -8.46
C SER A 198 0.13 -2.01 -8.45
N SER A 199 -0.80 -2.56 -7.66
CA SER A 199 -2.17 -2.07 -7.59
C SER A 199 -2.42 -1.14 -6.42
N THR A 200 -1.42 -0.91 -5.56
CA THR A 200 -1.61 -0.06 -4.38
C THR A 200 -0.60 1.07 -4.36
N PRO A 201 -1.02 2.30 -4.61
CA PRO A 201 -0.12 3.44 -4.37
C PRO A 201 0.16 3.60 -2.89
N ASN A 202 1.28 4.25 -2.60
CA ASN A 202 1.74 4.44 -1.22
C ASN A 202 1.97 3.10 -0.53
N HIS A 203 2.34 2.07 -1.30
CA HIS A 203 2.66 0.77 -0.72
C HIS A 203 3.91 0.84 0.14
N LYS A 204 4.82 1.76 -0.16
CA LYS A 204 6.03 1.91 0.63
C LYS A 204 5.76 2.48 2.02
N LYS A 205 4.54 2.94 2.28
CA LYS A 205 4.15 3.41 3.60
C LYS A 205 3.79 2.28 4.56
N TRP A 206 3.62 1.05 4.06
CA TRP A 206 3.26 -0.05 4.94
C TRP A 206 4.52 -0.62 5.59
N LYS A 207 4.39 -1.80 6.19
CA LYS A 207 5.49 -2.54 6.79
C LYS A 207 5.51 -3.93 6.17
N VAL A 208 6.68 -4.41 5.80
CA VAL A 208 6.83 -5.68 5.10
C VAL A 208 7.64 -6.63 5.96
N LYS A 209 7.09 -7.83 6.18
CA LYS A 209 7.80 -8.91 6.86
C LYS A 209 7.57 -10.20 6.10
N TYR A 210 8.60 -11.05 6.06
CA TYR A 210 8.55 -12.29 5.32
C TYR A 210 8.50 -13.48 6.27
N TYR A 211 7.55 -14.38 6.04
CA TYR A 211 7.24 -15.48 6.96
C TYR A 211 7.48 -16.84 6.33
N LYS A 212 8.53 -17.00 5.53
CA LYS A 212 8.81 -18.34 4.99
C LYS A 212 9.28 -19.28 6.10
N GLY A 213 10.04 -18.79 7.06
CA GLY A 213 10.44 -19.62 8.18
C GLY A 213 9.36 -19.66 9.26
N LEU A 214 9.13 -20.85 9.81
CA LEU A 214 8.13 -21.00 10.85
C LEU A 214 8.50 -20.19 12.08
N GLY A 215 9.78 -20.18 12.45
CA GLY A 215 10.22 -19.50 13.65
C GLY A 215 10.03 -17.99 13.60
N THR A 216 9.81 -17.43 12.42
CA THR A 216 9.51 -16.01 12.32
C THR A 216 8.17 -15.68 12.98
N SER A 217 7.23 -16.60 12.95
CA SER A 217 5.93 -16.38 13.54
C SER A 217 6.00 -16.43 15.06
N THR A 218 5.28 -15.53 15.72
CA THR A 218 5.22 -15.55 17.17
C THR A 218 4.19 -16.57 17.64
N SER A 219 4.20 -16.82 18.95
CA SER A 219 3.19 -17.70 19.51
C SER A 219 1.81 -17.07 19.37
N LYS A 220 1.71 -15.75 19.52
CA LYS A 220 0.45 -15.07 19.29
C LYS A 220 -0.01 -15.29 17.85
N GLU A 221 0.90 -15.16 16.89
CA GLU A 221 0.54 -15.40 15.50
C GLU A 221 0.17 -16.87 15.26
N ALA A 222 0.77 -17.79 16.01
CA ALA A 222 0.42 -19.20 15.88
C ALA A 222 -1.03 -19.45 16.26
N LYS A 223 -1.52 -18.80 17.32
CA LYS A 223 -2.92 -18.93 17.70
C LYS A 223 -3.83 -18.42 16.61
N GLU A 224 -3.46 -17.29 15.99
CA GLU A 224 -4.27 -16.75 14.90
C GLU A 224 -4.33 -17.72 13.73
N TYR A 225 -3.21 -18.38 13.41
CA TYR A 225 -3.22 -19.34 12.31
C TYR A 225 -4.19 -20.47 12.58
N PHE A 226 -4.16 -21.03 13.79
CA PHE A 226 -4.98 -22.19 14.10
C PHE A 226 -6.45 -21.86 14.30
N ALA A 227 -6.79 -20.58 14.48
CA ALA A 227 -8.18 -20.17 14.48
C ALA A 227 -8.79 -20.12 13.09
N ASP A 228 -7.97 -20.16 12.04
CA ASP A 228 -8.41 -20.12 10.64
C ASP A 228 -7.66 -21.19 9.85
N MET A 229 -7.70 -22.43 10.33
CA MET A 229 -6.89 -23.49 9.74
C MET A 229 -7.21 -23.72 8.26
N LYS A 230 -8.40 -23.34 7.81
CA LYS A 230 -8.74 -23.51 6.40
C LYS A 230 -7.82 -22.66 5.51
N ARG A 231 -7.40 -21.49 5.97
CA ARG A 231 -6.52 -20.63 5.20
C ARG A 231 -5.06 -20.98 5.35
N HIS A 232 -4.74 -21.98 6.19
CA HIS A 232 -3.36 -22.39 6.42
C HIS A 232 -3.16 -23.89 6.17
N ARG A 233 -4.07 -24.51 5.41
CA ARG A 233 -4.00 -25.94 5.13
C ARG A 233 -4.09 -26.16 3.63
N ILE A 234 -3.26 -27.07 3.14
CA ILE A 234 -3.23 -27.48 1.75
C ILE A 234 -3.18 -29.00 1.71
N GLN A 235 -3.86 -29.60 0.74
CA GLN A 235 -3.96 -31.05 0.66
C GLN A 235 -3.27 -31.54 -0.61
N PHE A 236 -2.58 -32.67 -0.50
CA PHE A 236 -1.87 -33.26 -1.61
C PHE A 236 -2.81 -34.17 -2.40
N LYS A 237 -2.95 -33.90 -3.69
CA LYS A 237 -3.90 -34.59 -4.55
C LYS A 237 -3.17 -35.49 -5.54
N TYR A 238 -3.63 -36.73 -5.66
CA TYR A 238 -3.17 -37.67 -6.67
C TYR A 238 -4.05 -37.49 -7.92
N SER A 239 -3.43 -37.07 -9.03
CA SER A 239 -4.18 -36.75 -10.24
C SER A 239 -3.81 -37.66 -11.42
N GLY A 240 -3.09 -38.74 -11.19
CA GLY A 240 -2.72 -39.65 -12.25
C GLY A 240 -1.30 -40.17 -12.12
N PRO A 241 -0.90 -41.07 -13.01
CA PRO A 241 0.46 -41.65 -12.92
C PRO A 241 1.57 -40.63 -13.11
N GLU A 242 1.27 -39.44 -13.63
CA GLU A 242 2.27 -38.38 -13.70
C GLU A 242 2.84 -38.08 -12.32
N ASP A 243 2.00 -38.14 -11.28
CA ASP A 243 2.49 -37.94 -9.92
C ASP A 243 3.49 -39.02 -9.54
N ASP A 244 3.17 -40.28 -9.85
CA ASP A 244 4.10 -41.37 -9.54
C ASP A 244 5.41 -41.19 -10.28
N ALA A 245 5.34 -40.70 -11.52
CA ALA A 245 6.55 -40.40 -12.28
C ALA A 245 7.34 -39.27 -11.63
N ALA A 246 6.65 -38.21 -11.20
CA ALA A 246 7.31 -37.09 -10.54
C ALA A 246 8.06 -37.56 -9.30
N ILE A 247 7.39 -38.32 -8.44
CA ILE A 247 8.04 -38.83 -7.24
C ILE A 247 9.19 -39.75 -7.59
N SER A 248 9.00 -40.60 -8.61
CA SER A 248 10.08 -41.48 -9.06
C SER A 248 11.25 -40.67 -9.60
N LEU A 249 10.96 -39.63 -10.38
CA LEU A 249 12.02 -38.80 -10.94
C LEU A 249 12.84 -38.16 -9.83
N ALA A 250 12.19 -37.73 -8.77
CA ALA A 250 12.87 -37.00 -7.70
C ALA A 250 13.73 -37.91 -6.84
N PHE A 251 13.29 -39.15 -6.58
CA PHE A 251 13.95 -39.97 -5.56
C PHE A 251 14.51 -41.30 -6.03
N SER A 252 14.21 -41.75 -7.24
CA SER A 252 14.78 -43.02 -7.71
C SER A 252 16.26 -42.88 -8.01
N LYS A 253 17.06 -43.84 -7.53
CA LYS A 253 18.51 -43.78 -7.75
C LYS A 253 18.89 -44.00 -9.21
N LYS A 254 18.00 -44.57 -10.01
CA LYS A 254 18.30 -44.87 -11.40
C LYS A 254 17.99 -43.71 -12.35
N GLN A 255 17.29 -42.69 -11.90
CA GLN A 255 16.90 -41.57 -12.76
C GLN A 255 17.80 -40.35 -12.56
N ILE A 256 19.11 -40.58 -12.34
CA ILE A 256 20.04 -39.48 -12.14
C ILE A 256 20.14 -38.63 -13.41
N ASP A 257 20.29 -39.28 -14.56
CA ASP A 257 20.39 -38.53 -15.81
C ASP A 257 19.08 -37.85 -16.15
N ASP A 258 17.96 -38.41 -15.70
CA ASP A 258 16.67 -37.75 -15.92
C ASP A 258 16.57 -36.47 -15.10
N ARG A 259 17.16 -36.46 -13.90
CA ARG A 259 17.17 -35.24 -13.10
C ARG A 259 18.02 -34.16 -13.75
N LYS A 260 19.07 -34.55 -14.47
CA LYS A 260 19.89 -33.56 -15.17
C LYS A 260 19.07 -32.86 -16.26
N GLU A 261 18.32 -33.63 -17.06
CA GLU A 261 17.44 -33.01 -18.04
C GLU A 261 16.30 -32.26 -17.37
N TRP A 262 15.88 -32.71 -16.20
CA TRP A 262 14.86 -32.03 -15.42
C TRP A 262 15.33 -30.63 -15.03
N LEU A 263 16.57 -30.51 -14.57
CA LEU A 263 17.13 -29.20 -14.26
C LEU A 263 17.43 -28.40 -15.52
N THR A 264 17.86 -29.08 -16.59
CA THR A 264 18.18 -28.37 -17.83
C THR A 264 16.94 -27.67 -18.39
N ASN A 265 15.81 -28.39 -18.43
CA ASN A 265 14.58 -27.78 -18.91
C ASN A 265 14.09 -26.69 -17.98
N PHE A 266 14.29 -26.87 -16.67
CA PHE A 266 13.86 -25.86 -15.71
C PHE A 266 14.55 -24.53 -15.97
N MET A 267 15.88 -24.55 -16.15
CA MET A 267 16.59 -23.31 -16.37
C MET A 267 16.18 -22.63 -17.67
N GLU A 268 16.01 -23.41 -18.74
CA GLU A 268 15.55 -22.83 -20.00
C GLU A 268 14.13 -22.31 -19.89
N ASP A 269 13.26 -23.04 -19.18
CA ASP A 269 11.90 -22.55 -18.96
C ASP A 269 11.91 -21.26 -18.15
N ARG A 270 12.81 -21.16 -17.17
CA ARG A 270 12.93 -19.91 -16.41
C ARG A 270 13.41 -18.77 -17.31
N ARG A 271 14.35 -19.04 -18.21
CA ARG A 271 14.81 -18.01 -19.13
C ARG A 271 13.68 -17.55 -20.04
N GLN A 272 12.90 -18.50 -20.57
CA GLN A 272 11.79 -18.15 -21.45
C GLN A 272 10.71 -17.39 -20.69
N ARG A 273 10.42 -17.79 -19.45
CA ARG A 273 9.39 -17.11 -18.68
C ARG A 273 9.74 -15.66 -18.42
N LYS A 274 11.01 -15.38 -18.11
CA LYS A 274 11.43 -14.00 -17.88
C LYS A 274 11.36 -13.16 -19.15
N LEU A 275 11.77 -13.73 -20.29
CA LEU A 275 11.72 -12.98 -21.54
C LEU A 275 10.30 -12.69 -21.99
N LEU A 276 9.36 -13.57 -21.64
CA LEU A 276 7.96 -13.40 -21.99
C LEU A 276 7.18 -12.59 -20.96
N GLY A 277 7.84 -12.14 -19.89
CA GLY A 277 7.18 -11.33 -18.90
C GLY A 277 6.31 -12.11 -17.91
N LEU A 278 6.24 -13.43 -18.03
CA LEU A 278 5.45 -14.21 -17.09
C LEU A 278 6.14 -14.23 -15.73
N PRO A 279 5.37 -14.27 -14.64
CA PRO A 279 5.96 -14.29 -13.31
C PRO A 279 6.62 -15.63 -13.02
N GLU A 280 7.31 -15.68 -11.88
CA GLU A 280 7.91 -16.94 -11.43
C GLU A 280 6.81 -17.95 -11.13
N ASP A 281 7.16 -19.23 -11.29
CA ASP A 281 6.19 -20.31 -11.10
C ASP A 281 5.72 -20.36 -9.65
N TYR A 282 4.48 -19.96 -9.40
CA TYR A 282 3.90 -19.97 -8.07
C TYR A 282 3.08 -21.23 -7.86
N LEU A 283 3.04 -21.69 -6.60
CA LEU A 283 2.30 -22.89 -6.24
C LEU A 283 1.10 -22.62 -5.34
N TYR A 284 1.07 -21.47 -4.64
CA TYR A 284 0.03 -21.18 -3.66
C TYR A 284 -0.60 -19.83 -3.96
N GLY A 285 -1.93 -19.82 -4.09
CA GLY A 285 -2.70 -18.61 -4.22
C GLY A 285 -3.61 -18.40 -3.01
N GLN A 286 -4.38 -17.32 -3.09
CA GLN A 286 -5.33 -16.99 -2.02
C GLN A 286 -6.45 -18.02 -1.98
N THR A 288 -5.80 -21.08 -3.33
CA THR A 288 -5.45 -22.47 -3.53
C THR A 288 -5.66 -23.30 -2.26
N THR A 289 -6.31 -24.45 -2.41
CA THR A 289 -6.49 -25.38 -1.31
C THR A 289 -5.90 -26.76 -1.59
N TYR A 290 -5.54 -27.05 -2.84
CA TYR A 290 -5.05 -28.35 -3.24
C TYR A 290 -3.79 -28.17 -4.08
N LEU A 291 -2.83 -29.08 -3.89
CA LEU A 291 -1.59 -29.07 -4.65
C LEU A 291 -1.31 -30.50 -5.10
N THR A 292 -1.20 -30.70 -6.40
CA THR A 292 -0.90 -32.02 -6.93
C THR A 292 0.53 -32.43 -6.57
N TYR A 293 0.75 -33.74 -6.44
CA TYR A 293 2.11 -34.21 -6.17
C TYR A 293 3.04 -33.82 -7.30
N ASN A 294 2.57 -33.92 -8.54
CA ASN A 294 3.40 -33.55 -9.69
C ASN A 294 3.78 -32.07 -9.65
N ASP A 295 2.83 -31.20 -9.29
CA ASP A 295 3.13 -29.77 -9.20
C ASP A 295 4.15 -29.50 -8.10
N PHE A 296 4.02 -30.17 -6.96
CA PHE A 296 4.96 -29.96 -5.86
C PHE A 296 6.37 -30.33 -6.28
N ILE A 297 6.53 -31.48 -6.96
CA ILE A 297 7.86 -31.94 -7.34
C ILE A 297 8.48 -31.01 -8.36
N ASN A 298 7.71 -30.57 -9.35
CA ASN A 298 8.27 -29.81 -10.47
C ASN A 298 8.41 -28.32 -10.20
N LYS A 299 7.78 -27.81 -9.14
CA LYS A 299 7.84 -26.38 -8.87
C LYS A 299 8.45 -26.03 -7.53
N GLU A 300 8.47 -26.95 -6.57
CA GLU A 300 9.05 -26.68 -5.26
C GLU A 300 10.30 -27.50 -4.99
N LEU A 301 10.20 -28.83 -5.08
CA LEU A 301 11.36 -29.67 -4.77
C LEU A 301 12.51 -29.48 -5.75
N ILE A 302 12.23 -28.97 -6.96
CA ILE A 302 13.29 -28.75 -7.94
C ILE A 302 14.26 -27.68 -7.46
N LEU A 303 13.79 -26.72 -6.66
CA LEU A 303 14.64 -25.63 -6.22
C LEU A 303 15.77 -26.10 -5.32
N PHE A 304 15.61 -27.25 -4.65
CA PHE A 304 16.68 -27.76 -3.80
C PHE A 304 17.90 -28.16 -4.63
N SER A 305 17.69 -28.89 -5.72
CA SER A 305 18.80 -29.35 -6.55
C SER A 305 19.43 -28.19 -7.32
N ASN A 306 18.59 -27.29 -7.83
CA ASN A 306 19.12 -26.14 -8.54
C ASN A 306 19.91 -25.21 -7.62
N SER A 307 19.64 -25.23 -6.31
CA SER A 307 20.38 -24.41 -5.37
C SER A 307 21.84 -24.86 -5.26
N ASP A 308 22.07 -26.17 -5.24
CA ASP A 308 23.45 -26.65 -5.19
C ASP A 308 24.24 -26.19 -6.41
N ASN A 309 23.64 -26.24 -7.59
CA ASN A 309 24.32 -25.73 -8.77
C ASN A 309 24.55 -24.23 -8.65
N GLU A 310 23.54 -23.50 -8.16
CA GLU A 310 23.65 -22.06 -8.07
C GLU A 310 24.65 -21.63 -7.01
N ARG A 311 24.97 -22.52 -6.08
CA ARG A 311 25.92 -22.19 -5.02
C ARG A 311 27.35 -22.59 -5.35
N SER A 312 27.52 -23.57 -6.23
CA SER A 312 28.81 -24.18 -6.51
C SER A 312 29.41 -23.81 -7.86
N ILE A 313 28.59 -23.49 -8.84
CA ILE A 313 29.05 -23.19 -10.20
C ILE A 313 29.11 -21.66 -10.36
N PRO A 314 30.26 -21.09 -10.69
CA PRO A 314 30.35 -19.63 -10.79
C PRO A 314 29.59 -19.10 -11.99
N SER A 315 29.45 -17.78 -11.99
CA SER A 315 28.84 -17.07 -13.11
C SER A 315 29.94 -16.71 -14.10
N MET A 316 29.62 -16.79 -15.39
CA MET A 316 30.62 -16.45 -16.39
C MET A 316 30.88 -14.96 -16.44
N VAL A 317 29.94 -14.14 -15.95
CA VAL A 317 30.09 -12.70 -16.07
C VAL A 317 31.20 -12.18 -15.16
N ASP A 318 31.22 -12.62 -13.89
CA ASP A 318 32.21 -12.12 -12.96
C ASP A 318 33.08 -13.20 -12.36
N GLY A 319 32.82 -14.48 -12.67
CA GLY A 319 33.64 -15.55 -12.15
C GLY A 319 33.43 -15.83 -10.67
N LEU A 320 32.30 -15.42 -10.11
CA LEU A 320 32.04 -15.54 -8.69
C LEU A 320 30.83 -16.43 -8.45
N LYS A 321 30.85 -17.10 -7.30
CA LYS A 321 29.70 -17.73 -6.68
C LYS A 321 29.01 -16.74 -5.74
N PRO A 322 27.74 -16.98 -5.38
CA PRO A 322 27.04 -15.99 -4.53
C PRO A 322 27.75 -15.71 -3.21
N GLY A 323 28.38 -16.71 -2.59
CA GLY A 323 29.12 -16.45 -1.37
C GLY A 323 30.28 -15.50 -1.58
N GLN A 324 31.06 -15.73 -2.65
CA GLN A 324 32.14 -14.81 -2.97
C GLN A 324 31.59 -13.42 -3.28
N ARG A 325 30.49 -13.35 -4.03
CA ARG A 325 29.92 -12.06 -4.38
C ARG A 325 29.48 -11.28 -3.15
N LYS A 326 28.92 -11.99 -2.16
CA LYS A 326 28.49 -11.34 -0.93
C LYS A 326 29.67 -10.74 -0.18
N VAL A 327 30.80 -11.46 -0.15
CA VAL A 327 31.99 -10.92 0.49
C VAL A 327 32.49 -9.69 -0.27
N LEU A 328 32.56 -9.79 -1.59
CA LEU A 328 33.04 -8.67 -2.40
C LEU A 328 32.10 -7.47 -2.28
N PHE A 329 30.79 -7.73 -2.32
CA PHE A 329 29.83 -6.64 -2.17
C PHE A 329 29.99 -5.95 -0.82
N THR A 330 30.20 -6.74 0.24
CA THR A 330 30.45 -6.15 1.55
C THR A 330 31.71 -5.28 1.54
N CYS A 331 32.77 -5.77 0.92
CA CYS A 331 34.01 -4.99 0.86
C CYS A 331 33.81 -3.69 0.11
N PHE A 332 33.07 -3.73 -1.01
CA PHE A 332 32.80 -2.51 -1.76
C PHE A 332 32.01 -1.52 -0.93
N LYS A 333 31.00 -1.99 -0.21
CA LYS A 333 30.14 -1.11 0.57
C LYS A 333 30.89 -0.51 1.75
N ARG A 334 31.77 -1.28 2.39
CA ARG A 334 32.56 -0.77 3.50
C ARG A 334 33.54 0.31 3.04
N ASN A 335 34.18 0.11 1.89
CA ASN A 335 35.18 1.05 1.37
C ASN A 335 36.29 1.30 2.38
N ASP A 336 36.85 0.22 2.91
CA ASP A 336 37.89 0.33 3.94
C ASP A 336 39.16 0.95 3.36
N LYS A 337 39.61 2.04 3.96
CA LYS A 337 40.91 2.62 3.61
C LYS A 337 42.04 2.02 4.42
N ARG A 338 41.74 1.26 5.47
CA ARG A 338 42.75 0.58 6.26
C ARG A 338 42.29 -0.86 6.47
N GLU A 339 43.26 -1.74 6.69
CA GLU A 339 42.97 -3.16 6.82
C GLU A 339 42.14 -3.45 8.06
N VAL A 340 41.33 -4.50 7.97
CA VAL A 340 40.50 -4.95 9.08
C VAL A 340 40.74 -6.44 9.26
N LYS A 341 40.54 -6.91 10.48
CA LYS A 341 40.67 -8.32 10.77
C LYS A 341 39.64 -9.11 9.97
N VAL A 342 40.02 -10.32 9.57
CA VAL A 342 39.10 -11.14 8.80
C VAL A 342 37.86 -11.47 9.63
N ALA A 343 38.04 -11.71 10.93
CA ALA A 343 36.89 -11.98 11.80
C ALA A 343 35.94 -10.79 11.82
N GLN A 344 36.48 -9.57 11.82
CA GLN A 344 35.61 -8.40 11.76
C GLN A 344 34.91 -8.28 10.40
N LEU A 345 35.64 -8.55 9.32
CA LEU A 345 35.02 -8.49 8.00
C LEU A 345 33.95 -9.56 7.85
N ALA A 346 34.20 -10.75 8.41
CA ALA A 346 33.21 -11.82 8.37
C ALA A 346 31.92 -11.40 9.08
N GLY A 347 32.04 -10.71 10.21
CA GLY A 347 30.86 -10.19 10.86
C GLY A 347 30.13 -9.20 9.97
N SER A 348 30.87 -8.34 9.29
CA SER A 348 30.27 -7.37 8.40
C SER A 348 29.51 -8.05 7.25
N VAL A 349 30.08 -9.12 6.67
CA VAL A 349 29.40 -9.82 5.59
C VAL A 349 28.10 -10.42 6.09
N ALA A 350 28.12 -11.03 7.27
CA ALA A 350 26.91 -11.60 7.85
C ALA A 350 25.88 -10.51 8.11
N GLU A 351 26.34 -9.33 8.53
CA GLU A 351 25.42 -8.24 8.83
C GLU A 351 24.87 -7.59 7.56
N MET A 352 25.68 -7.44 6.52
CA MET A 352 25.29 -6.61 5.38
C MET A 352 24.73 -7.39 4.20
N SER A 353 25.11 -8.65 4.02
CA SER A 353 24.70 -9.40 2.83
C SER A 353 23.79 -10.58 3.15
N SER A 354 23.39 -10.76 4.40
CA SER A 354 22.53 -11.87 4.80
C SER A 354 23.16 -13.23 4.47
N TYR A 355 24.46 -13.33 4.68
CA TYR A 355 25.15 -14.61 4.52
C TYR A 355 24.76 -15.55 5.65
N HIS A 356 24.21 -16.70 5.30
CA HIS A 356 23.76 -17.66 6.30
C HIS A 356 24.23 -19.08 6.00
N HIS A 357 25.40 -19.24 5.36
CA HIS A 357 25.92 -20.55 5.01
C HIS A 357 26.98 -21.09 5.96
N GLY A 358 27.24 -20.41 7.07
CA GLY A 358 28.18 -20.92 8.04
C GLY A 358 29.45 -20.10 8.24
N GLU A 359 29.92 -20.04 9.49
CA GLU A 359 31.12 -19.28 9.83
C GLU A 359 32.37 -19.85 9.16
N MET A 360 32.51 -21.18 9.17
CA MET A 360 33.70 -21.78 8.56
C MET A 360 33.72 -21.56 7.06
N SER A 361 32.58 -21.68 6.39
CA SER A 361 32.52 -21.41 4.96
C SER A 361 32.85 -19.95 4.66
N LEU A 362 32.34 -19.03 5.50
CA LEU A 362 32.61 -17.63 5.27
C LEU A 362 34.10 -17.33 5.39
N MET A 363 34.74 -17.90 6.41
CA MET A 363 36.16 -17.67 6.62
C MET A 363 36.98 -18.15 5.43
N MET A 364 36.65 -19.35 4.92
CA MET A 364 37.39 -19.88 3.77
CA MET A 364 37.37 -19.89 3.77
C MET A 364 37.18 -19.01 2.54
N THR A 365 35.95 -18.51 2.34
CA THR A 365 35.69 -17.66 1.18
C THR A 365 36.52 -16.38 1.22
N ILE A 366 36.59 -15.74 2.39
CA ILE A 366 37.39 -14.53 2.53
C ILE A 366 38.86 -14.84 2.29
N ILE A 367 39.36 -15.90 2.94
CA ILE A 367 40.78 -16.23 2.83
C ILE A 367 41.14 -16.58 1.40
N ASN A 368 40.30 -17.36 0.72
CA ASN A 368 40.60 -17.81 -0.63
C ASN A 368 40.59 -16.65 -1.61
N LEU A 369 39.78 -15.63 -1.37
CA LEU A 369 39.77 -14.45 -2.23
C LEU A 369 41.05 -13.63 -2.11
N ALA A 370 41.86 -13.86 -1.08
CA ALA A 370 43.05 -13.08 -0.85
C ALA A 370 44.35 -13.82 -1.16
N GLN A 371 44.31 -15.14 -1.32
CA GLN A 371 45.54 -15.91 -1.51
C GLN A 371 46.22 -15.54 -2.82
N ASN A 372 47.56 -15.48 -2.80
CA ASN A 372 48.33 -15.08 -3.98
C ASN A 372 49.57 -15.96 -4.21
N PHE A 373 49.52 -17.23 -3.79
CA PHE A 373 50.65 -18.12 -4.01
C PHE A 373 50.49 -18.83 -5.36
N VAL A 374 51.57 -19.46 -5.83
CA VAL A 374 51.54 -20.12 -7.14
C VAL A 374 50.47 -21.21 -7.14
N GLY A 375 49.51 -21.10 -8.07
CA GLY A 375 48.39 -22.00 -8.16
C GLY A 375 47.09 -21.45 -7.62
N SER A 376 47.14 -20.38 -6.83
CA SER A 376 45.99 -19.62 -6.37
C SER A 376 45.66 -18.54 -7.41
N ASN A 377 45.03 -17.45 -6.97
CA ASN A 377 44.59 -16.41 -7.89
C ASN A 377 45.74 -15.73 -8.62
N ASN A 378 45.57 -15.52 -9.93
CA ASN A 378 46.49 -14.69 -10.70
C ASN A 378 46.37 -13.21 -10.33
N LEU A 379 45.20 -12.81 -9.85
CA LEU A 379 44.94 -11.43 -9.41
C LEU A 379 44.00 -11.51 -8.21
N ASN A 380 44.56 -11.43 -7.01
CA ASN A 380 43.76 -11.52 -5.80
C ASN A 380 43.02 -10.21 -5.56
N LEU A 381 41.69 -10.29 -5.40
CA LEU A 381 40.88 -9.11 -5.17
C LEU A 381 40.98 -8.60 -3.72
N LEU A 382 41.38 -9.45 -2.79
CA LEU A 382 41.62 -9.04 -1.40
C LEU A 382 43.09 -9.21 -1.07
N GLN A 383 43.58 -8.37 -0.16
CA GLN A 383 44.99 -8.37 0.19
C GLN A 383 45.24 -9.38 1.31
N PRO A 384 46.19 -10.31 1.14
CA PRO A 384 46.52 -11.26 2.22
C PRO A 384 47.54 -10.68 3.21
N ILE A 385 47.07 -9.77 4.06
CA ILE A 385 47.95 -9.11 5.03
C ILE A 385 48.08 -10.00 6.25
N GLY A 386 49.07 -10.90 6.26
CA GLY A 386 49.30 -11.84 7.30
C GLY A 386 49.47 -13.24 6.72
N GLN A 387 49.36 -14.25 7.59
CA GLN A 387 49.54 -15.65 7.19
C GLN A 387 48.24 -16.19 6.62
N PHE A 388 48.10 -16.14 5.29
CA PHE A 388 46.90 -16.59 4.60
C PHE A 388 47.06 -17.95 3.94
N GLY A 389 48.11 -18.68 4.28
CA GLY A 389 48.36 -19.92 3.55
C GLY A 389 49.31 -19.70 2.40
N THR A 390 50.09 -20.75 2.10
CA THR A 390 51.14 -20.66 1.10
C THR A 390 51.12 -21.91 0.24
N ARG A 391 52.02 -21.95 -0.74
CA ARG A 391 52.19 -23.14 -1.58
C ARG A 391 52.79 -24.31 -0.81
N LEU A 392 53.29 -24.08 0.41
CA LEU A 392 53.83 -25.17 1.21
C LEU A 392 52.75 -26.19 1.54
N HIS A 393 51.53 -25.72 1.83
CA HIS A 393 50.44 -26.59 2.22
C HIS A 393 49.16 -26.35 1.42
N GLY A 394 49.27 -25.80 0.21
CA GLY A 394 48.10 -25.56 -0.61
C GLY A 394 47.11 -24.59 -0.01
N GLY A 395 47.59 -23.61 0.74
CA GLY A 395 46.72 -22.62 1.33
C GLY A 395 46.11 -23.03 2.66
N LYS A 396 46.33 -24.26 3.12
CA LYS A 396 45.74 -24.67 4.39
C LYS A 396 46.48 -24.11 5.61
N ASP A 397 47.71 -23.66 5.45
CA ASP A 397 48.51 -23.15 6.56
C ASP A 397 48.22 -21.67 6.84
N SER A 398 46.95 -21.32 6.98
CA SER A 398 46.54 -19.97 7.29
C SER A 398 46.33 -19.84 8.79
N ALA A 399 46.46 -18.61 9.28
CA ALA A 399 46.32 -18.35 10.70
C ALA A 399 44.87 -18.04 11.05
N SER A 400 44.64 -17.77 12.33
CA SER A 400 43.29 -17.53 12.83
C SER A 400 42.70 -16.26 12.22
N PRO A 401 41.39 -16.24 11.93
CA PRO A 401 40.78 -15.01 11.41
C PRO A 401 40.83 -13.83 12.37
N ARG A 402 41.04 -14.06 13.66
CA ARG A 402 41.19 -12.93 14.58
C ARG A 402 42.56 -12.26 14.50
N TYR A 403 43.53 -12.84 13.77
CA TYR A 403 44.87 -12.30 13.70
C TYR A 403 45.30 -11.85 12.30
N ILE A 404 44.62 -12.28 11.24
CA ILE A 404 45.00 -11.93 9.88
C ILE A 404 44.10 -10.81 9.38
N PHE A 405 44.66 -9.92 8.56
CA PHE A 405 43.98 -8.72 8.11
C PHE A 405 43.81 -8.74 6.60
N THR A 406 42.82 -7.99 6.12
CA THR A 406 42.59 -7.89 4.69
C THR A 406 41.90 -6.57 4.38
N MET A 407 41.91 -6.23 3.09
CA MET A 407 41.19 -5.10 2.53
C MET A 407 41.21 -5.28 1.02
N LEU A 408 40.47 -4.43 0.33
CA LEU A 408 40.44 -4.54 -1.12
C LEU A 408 41.82 -4.28 -1.69
N SER A 409 42.11 -4.96 -2.79
CA SER A 409 43.30 -4.64 -3.56
C SER A 409 43.08 -3.33 -4.31
N SER A 410 44.17 -2.64 -4.62
CA SER A 410 44.02 -1.40 -5.37
C SER A 410 43.49 -1.64 -6.77
N LEU A 411 43.49 -2.88 -7.24
CA LEU A 411 42.94 -3.24 -8.54
C LEU A 411 41.46 -3.59 -8.50
N ALA A 412 40.90 -3.86 -7.32
CA ALA A 412 39.54 -4.38 -7.25
C ALA A 412 38.53 -3.38 -7.82
N ARG A 413 38.61 -2.11 -7.42
CA ARG A 413 37.65 -1.14 -7.92
C ARG A 413 38.00 -0.64 -9.31
N LEU A 414 39.22 -0.89 -9.79
CA LEU A 414 39.50 -0.67 -11.20
C LEU A 414 38.93 -1.79 -12.07
N LEU A 415 38.95 -3.03 -11.56
CA LEU A 415 38.35 -4.14 -12.29
C LEU A 415 36.84 -4.06 -12.29
N PHE A 416 36.24 -3.69 -11.15
CA PHE A 416 34.80 -3.49 -11.01
C PHE A 416 34.52 -2.01 -10.81
N PRO A 417 34.39 -1.22 -11.88
CA PRO A 417 34.32 0.24 -11.72
C PRO A 417 33.04 0.66 -11.02
N PRO A 418 33.13 1.62 -10.10
CA PRO A 418 31.93 2.07 -9.37
C PRO A 418 30.83 2.62 -10.26
N LYS A 419 31.17 3.21 -11.40
CA LYS A 419 30.15 3.75 -12.29
C LYS A 419 29.24 2.68 -12.85
N ASP A 420 29.67 1.41 -12.86
CA ASP A 420 28.79 0.36 -13.35
C ASP A 420 27.77 -0.09 -12.33
N ASP A 421 27.93 0.28 -11.05
CA ASP A 421 27.02 -0.21 -10.02
C ASP A 421 25.59 0.23 -10.28
N HIS A 422 25.41 1.39 -10.93
CA HIS A 422 24.09 1.91 -11.19
C HIS A 422 23.36 1.17 -12.32
N THR A 423 24.04 0.28 -13.04
CA THR A 423 23.39 -0.51 -14.09
C THR A 423 23.15 -1.95 -13.67
N LEU A 424 23.52 -2.33 -12.45
CA LEU A 424 23.39 -3.71 -11.99
C LEU A 424 22.04 -3.95 -11.35
N LYS A 425 21.70 -5.23 -11.20
CA LYS A 425 20.43 -5.66 -10.59
C LYS A 425 20.74 -6.18 -9.20
N PHE A 426 20.51 -5.36 -8.17
CA PHE A 426 20.79 -5.77 -6.80
C PHE A 426 19.64 -6.61 -6.24
N LEU A 427 20.01 -7.69 -5.57
CA LEU A 427 19.03 -8.64 -5.05
C LEU A 427 18.55 -8.25 -3.66
N TYR A 428 17.47 -8.90 -3.23
CA TYR A 428 16.88 -8.68 -1.92
C TYR A 428 16.82 -10.01 -1.17
N ASP A 429 17.26 -10.00 0.07
CA ASP A 429 17.02 -11.08 1.01
C ASP A 429 16.00 -10.55 2.01
N ASP A 430 14.73 -10.91 1.79
CA ASP A 430 13.61 -10.34 2.52
C ASP A 430 13.57 -8.82 2.31
N ASN A 431 13.88 -8.05 3.34
CA ASN A 431 13.80 -6.60 3.24
C ASN A 431 15.15 -5.93 3.01
N GLN A 432 16.23 -6.69 2.94
CA GLN A 432 17.57 -6.12 2.84
C GLN A 432 18.08 -6.20 1.40
N ARG A 433 18.53 -5.06 0.88
CA ARG A 433 19.20 -5.06 -0.39
C ARG A 433 20.61 -5.61 -0.20
N VAL A 434 20.98 -6.57 -1.05
CA VAL A 434 22.23 -7.32 -0.90
C VAL A 434 22.97 -7.28 -2.23
N GLU A 435 24.02 -8.11 -2.36
CA GLU A 435 24.86 -8.22 -3.55
C GLU A 435 24.04 -8.34 -4.84
N PRO A 436 24.58 -7.94 -5.98
CA PRO A 436 23.83 -8.02 -7.24
C PRO A 436 23.78 -9.45 -7.78
N GLU A 437 22.99 -9.62 -8.83
CA GLU A 437 22.94 -10.90 -9.53
C GLU A 437 24.33 -11.26 -10.04
N TRP A 438 25.03 -10.29 -10.61
CA TRP A 438 26.45 -10.41 -10.87
C TRP A 438 27.02 -9.01 -11.01
N TYR A 439 28.33 -8.90 -10.81
CA TYR A 439 29.06 -7.70 -11.20
C TYR A 439 29.48 -7.84 -12.66
N ILE A 440 29.91 -6.72 -13.25
CA ILE A 440 30.31 -6.73 -14.65
C ILE A 440 31.72 -6.13 -14.77
N PRO A 441 32.76 -6.91 -14.54
CA PRO A 441 34.13 -6.35 -14.55
C PRO A 441 34.57 -5.98 -15.96
N ILE A 442 35.71 -5.27 -16.04
CA ILE A 442 36.18 -4.81 -17.35
C ILE A 442 36.89 -5.90 -18.13
N ILE A 443 37.36 -6.96 -17.49
CA ILE A 443 37.90 -8.13 -18.17
C ILE A 443 37.26 -9.37 -17.57
N PRO A 444 37.20 -10.48 -18.31
CA PRO A 444 36.50 -11.67 -17.78
C PRO A 444 37.27 -12.30 -16.63
N MET A 445 36.81 -12.03 -15.41
CA MET A 445 37.50 -12.48 -14.20
C MET A 445 37.49 -13.99 -14.07
N VAL A 446 36.50 -14.67 -14.69
CA VAL A 446 36.44 -16.13 -14.60
C VAL A 446 37.67 -16.75 -15.24
N LEU A 447 38.27 -16.08 -16.21
CA LEU A 447 39.50 -16.57 -16.82
C LEU A 447 40.76 -16.11 -16.10
N ILE A 448 40.66 -15.20 -15.15
CA ILE A 448 41.85 -14.70 -14.47
C ILE A 448 42.26 -15.62 -13.34
N ASN A 449 41.33 -15.94 -12.44
CA ASN A 449 41.62 -16.81 -11.30
C ASN A 449 41.04 -18.20 -11.47
N GLY A 450 40.48 -18.50 -12.64
CA GLY A 450 39.93 -19.81 -12.88
C GLY A 450 38.60 -20.02 -12.18
N ALA A 451 38.09 -21.23 -12.30
CA ALA A 451 36.82 -21.58 -11.70
C ALA A 451 36.79 -23.07 -11.40
N GLU A 452 36.23 -23.43 -10.25
CA GLU A 452 36.10 -24.83 -9.88
C GLU A 452 34.85 -24.98 -9.03
N GLY A 453 34.08 -26.02 -9.32
CA GLY A 453 32.88 -26.29 -8.54
C GLY A 453 32.18 -27.54 -8.96
N ILE A 454 31.56 -28.23 -8.01
CA ILE A 454 30.83 -29.46 -8.26
C ILE A 454 29.40 -29.27 -7.81
N GLY A 455 28.46 -29.35 -8.76
CA GLY A 455 27.06 -29.23 -8.42
C GLY A 455 26.31 -30.54 -8.52
N THR A 456 25.04 -30.49 -8.93
CA THR A 456 24.20 -31.67 -9.10
C THR A 456 23.95 -31.86 -10.59
N GLY A 457 24.79 -32.66 -11.24
CA GLY A 457 24.68 -32.93 -12.65
C GLY A 457 25.79 -32.30 -13.48
N TRP A 458 26.36 -31.19 -13.01
CA TRP A 458 27.41 -30.51 -13.73
C TRP A 458 28.60 -30.27 -12.81
N SER A 459 29.74 -30.02 -13.44
CA SER A 459 30.96 -29.68 -12.72
C SER A 459 31.72 -28.66 -13.56
N CYS A 460 32.47 -27.81 -12.87
CA CYS A 460 33.19 -26.74 -13.54
C CYS A 460 34.66 -26.82 -13.19
N LYS A 461 35.51 -26.68 -14.20
CA LYS A 461 36.96 -26.60 -14.00
C LYS A 461 37.54 -25.73 -15.10
N ILE A 462 38.03 -24.54 -14.74
CA ILE A 462 38.67 -23.63 -15.68
C ILE A 462 40.02 -23.21 -15.11
N PRO A 463 41.10 -23.27 -15.88
CA PRO A 463 42.42 -22.88 -15.38
C PRO A 463 42.59 -21.36 -15.38
N ASN A 464 43.75 -20.92 -14.90
CA ASN A 464 44.09 -19.49 -14.90
C ASN A 464 44.70 -19.09 -16.24
N PHE A 465 44.53 -17.80 -16.57
CA PHE A 465 45.06 -17.24 -17.80
C PHE A 465 45.73 -15.90 -17.51
N ASP A 466 46.61 -15.49 -18.41
CA ASP A 466 47.41 -14.29 -18.23
C ASP A 466 46.56 -13.04 -18.29
N VAL A 467 46.73 -12.15 -17.30
CA VAL A 467 45.92 -10.94 -17.22
C VAL A 467 46.14 -10.06 -18.45
N ARG A 468 47.42 -9.83 -18.79
CA ARG A 468 47.73 -8.95 -19.92
C ARG A 468 47.25 -9.53 -21.25
N GLU A 469 47.34 -10.85 -21.41
CA GLU A 469 46.85 -11.49 -22.62
C GLU A 469 45.35 -11.31 -22.75
N ILE A 470 44.61 -11.43 -21.64
CA ILE A 470 43.17 -11.24 -21.67
C ILE A 470 42.83 -9.79 -22.02
N VAL A 471 43.56 -8.83 -21.43
CA VAL A 471 43.33 -7.43 -21.76
C VAL A 471 43.62 -7.19 -23.24
N ASN A 472 44.71 -7.77 -23.74
CA ASN A 472 45.05 -7.60 -25.16
C ASN A 472 43.98 -8.21 -26.06
N ASN A 473 43.47 -9.39 -25.71
CA ASN A 473 42.43 -10.00 -26.53
C ASN A 473 41.15 -9.20 -26.48
N ILE A 474 40.83 -8.58 -25.34
CA ILE A 474 39.67 -7.69 -25.27
C ILE A 474 39.88 -6.48 -26.18
N ARG A 475 41.09 -5.92 -26.17
CA ARG A 475 41.39 -4.80 -27.07
C ARG A 475 41.30 -5.24 -28.53
N ARG A 476 41.79 -6.44 -28.85
CA ARG A 476 41.71 -6.92 -30.23
C ARG A 476 40.27 -7.06 -30.68
N LEU A 477 39.40 -7.58 -29.81
CA LEU A 477 38.00 -7.69 -30.17
C LEU A 477 37.39 -6.32 -30.40
N MET A 478 37.79 -5.33 -29.60
CA MET A 478 37.27 -3.98 -29.77
C MET A 478 37.66 -3.39 -31.11
N ASP A 479 38.85 -3.72 -31.60
CA ASP A 479 39.30 -3.23 -32.89
C ASP A 479 38.79 -4.06 -34.06
N GLY A 480 38.12 -5.18 -33.80
CA GLY A 480 37.59 -6.02 -34.86
C GLY A 480 38.49 -7.15 -35.29
N GLU A 481 39.66 -7.30 -34.68
CA GLU A 481 40.59 -8.35 -35.03
C GLU A 481 40.20 -9.66 -34.36
N GLU A 482 40.75 -10.76 -34.88
CA GLU A 482 40.48 -12.05 -34.28
C GLU A 482 41.29 -12.23 -33.00
N PRO A 483 40.71 -12.80 -31.96
CA PRO A 483 41.47 -13.01 -30.72
C PRO A 483 42.62 -13.98 -30.94
N LEU A 484 43.74 -13.70 -30.28
CA LEU A 484 44.86 -14.62 -30.31
C LEU A 484 44.58 -15.82 -29.40
N PRO A 485 45.10 -17.00 -29.75
CA PRO A 485 44.95 -18.15 -28.86
C PRO A 485 45.62 -17.89 -27.52
N MET A 486 45.03 -18.46 -26.46
CA MET A 486 45.52 -18.27 -25.11
C MET A 486 45.78 -19.61 -24.46
N LEU A 487 46.97 -19.79 -23.91
CA LEU A 487 47.29 -20.95 -23.10
C LEU A 487 47.09 -20.65 -21.63
N PRO A 488 46.78 -21.66 -20.83
CA PRO A 488 46.71 -21.44 -19.38
C PRO A 488 48.02 -20.88 -18.86
N SER A 489 47.92 -19.92 -17.95
CA SER A 489 49.09 -19.23 -17.41
C SER A 489 48.88 -18.98 -15.92
N TYR A 490 49.86 -19.37 -15.11
CA TYR A 490 49.80 -19.16 -13.66
C TYR A 490 50.90 -18.22 -13.22
N LYS A 491 50.51 -17.16 -12.51
CA LYS A 491 51.45 -16.15 -12.08
C LYS A 491 52.56 -16.76 -11.23
N ASN A 492 53.80 -16.36 -11.52
CA ASN A 492 55.01 -16.76 -10.81
C ASN A 492 55.35 -18.24 -10.98
N PHE A 493 54.62 -18.96 -11.82
CA PHE A 493 54.97 -20.34 -12.12
C PHE A 493 56.19 -20.35 -13.04
N LYS A 494 57.22 -21.10 -12.63
CA LYS A 494 58.48 -21.17 -13.37
C LYS A 494 58.55 -22.34 -14.36
N GLY A 495 57.50 -23.16 -14.46
CA GLY A 495 57.50 -24.31 -15.35
C GLY A 495 56.88 -24.01 -16.70
N THR A 496 56.49 -25.09 -17.39
CA THR A 496 55.92 -25.00 -18.72
C THR A 496 54.53 -25.60 -18.75
N ILE A 497 53.69 -25.04 -19.61
CA ILE A 497 52.35 -25.52 -19.88
C ILE A 497 52.23 -25.69 -21.39
N GLU A 498 52.03 -26.93 -21.84
CA GLU A 498 52.00 -27.24 -23.26
C GLU A 498 50.66 -27.84 -23.64
N GLU A 499 50.18 -27.49 -24.83
CA GLU A 499 48.91 -27.99 -25.34
C GLU A 499 49.19 -29.21 -26.19
N LEU A 500 48.78 -30.38 -25.71
CA LEU A 500 48.88 -31.61 -26.51
C LEU A 500 47.80 -31.67 -27.57
N ALA A 501 46.60 -31.23 -27.22
CA ALA A 501 45.43 -31.28 -28.07
C ALA A 501 44.47 -30.21 -27.58
N PRO A 502 43.50 -29.81 -28.39
CA PRO A 502 42.56 -28.77 -27.95
C PRO A 502 41.98 -29.07 -26.58
N ASN A 503 42.11 -28.10 -25.67
CA ASN A 503 41.65 -28.16 -24.29
C ASN A 503 42.37 -29.19 -23.43
N GLN A 504 43.47 -29.78 -23.92
CA GLN A 504 44.24 -30.77 -23.17
C GLN A 504 45.65 -30.22 -23.00
N TYR A 505 46.10 -30.12 -21.75
CA TYR A 505 47.38 -29.51 -21.44
C TYR A 505 48.18 -30.39 -20.48
N VAL A 506 49.49 -30.22 -20.51
CA VAL A 506 50.39 -30.87 -19.57
C VAL A 506 51.22 -29.77 -18.90
N ILE A 507 51.19 -29.73 -17.57
CA ILE A 507 51.92 -28.75 -16.77
C ILE A 507 53.11 -29.46 -16.14
N SER A 508 54.29 -28.89 -16.28
CA SER A 508 55.50 -29.57 -15.85
C SER A 508 56.32 -28.66 -14.95
N GLY A 509 57.02 -29.29 -14.00
CA GLY A 509 57.97 -28.59 -13.16
C GLY A 509 59.33 -28.54 -13.83
N GLU A 510 60.33 -28.15 -13.03
CA GLU A 510 61.69 -27.99 -13.53
C GLU A 510 62.61 -28.94 -12.79
N VAL A 511 63.40 -29.71 -13.54
CA VAL A 511 64.42 -30.57 -12.98
C VAL A 511 65.64 -30.53 -13.91
N ALA A 512 66.82 -30.47 -13.32
CA ALA A 512 68.06 -30.47 -14.08
C ALA A 512 69.10 -31.34 -13.38
N ILE A 513 69.97 -31.94 -14.17
CA ILE A 513 71.06 -32.77 -13.66
C ILE A 513 72.21 -31.85 -13.31
N LEU A 514 72.52 -31.72 -12.01
CA LEU A 514 73.69 -30.95 -11.61
C LEU A 514 74.97 -31.69 -11.97
N ASN A 515 75.04 -32.98 -11.64
CA ASN A 515 76.13 -33.86 -12.02
C ASN A 515 75.58 -35.28 -11.95
N SER A 516 76.39 -36.24 -12.40
CA SER A 516 76.02 -37.62 -12.15
C SER A 516 75.91 -37.80 -10.65
N THR A 517 74.88 -38.51 -10.21
CA THR A 517 74.48 -38.72 -8.81
C THR A 517 73.74 -37.53 -8.17
N THR A 518 73.49 -36.43 -8.88
CA THR A 518 72.80 -35.31 -8.27
C THR A 518 71.88 -34.61 -9.26
N ILE A 519 70.64 -34.33 -8.83
CA ILE A 519 69.69 -33.58 -9.62
C ILE A 519 69.09 -32.49 -8.75
N GLU A 520 68.62 -31.44 -9.40
CA GLU A 520 67.99 -30.32 -8.71
C GLU A 520 66.57 -30.13 -9.21
N ILE A 521 65.62 -30.11 -8.30
CA ILE A 521 64.21 -29.86 -8.61
C ILE A 521 63.91 -28.44 -8.14
N SER A 522 63.71 -27.53 -9.10
CA SER A 522 63.52 -26.12 -8.80
C SER A 522 62.10 -25.65 -9.03
N GLU A 523 61.21 -26.50 -9.55
CA GLU A 523 59.80 -26.12 -9.70
C GLU A 523 58.94 -27.37 -9.71
N LEU A 524 57.81 -27.30 -8.99
CA LEU A 524 56.77 -28.33 -9.02
C LEU A 524 55.63 -27.88 -9.92
N PRO A 525 54.87 -28.82 -10.48
CA PRO A 525 53.73 -28.46 -11.31
C PRO A 525 52.66 -27.73 -10.50
N VAL A 526 51.84 -26.97 -11.22
CA VAL A 526 50.80 -26.16 -10.59
C VAL A 526 49.86 -27.04 -9.78
N ARG A 527 49.53 -26.58 -8.57
CA ARG A 527 48.67 -27.25 -7.59
C ARG A 527 49.37 -28.42 -6.90
N THR A 528 50.67 -28.60 -7.10
CA THR A 528 51.45 -29.56 -6.32
C THR A 528 52.14 -28.80 -5.20
N TRP A 529 51.82 -29.16 -3.97
CA TRP A 529 52.30 -28.41 -2.81
C TRP A 529 53.57 -29.03 -2.27
N THR A 530 54.41 -28.16 -1.67
CA THR A 530 55.75 -28.59 -1.28
C THR A 530 55.71 -29.73 -0.26
N GLN A 531 54.87 -29.58 0.78
CA GLN A 531 54.80 -30.60 1.81
C GLN A 531 54.23 -31.90 1.26
N THR A 532 53.22 -31.80 0.39
CA THR A 532 52.62 -33.00 -0.18
C THR A 532 53.57 -33.72 -1.11
N TYR A 533 54.45 -32.98 -1.79
CA TYR A 533 55.38 -33.64 -2.70
C TYR A 533 56.47 -34.36 -1.92
N LYS A 534 56.97 -33.73 -0.86
CA LYS A 534 57.99 -34.37 -0.05
C LYS A 534 57.44 -35.61 0.64
N GLU A 535 56.17 -35.57 1.07
CA GLU A 535 55.61 -36.70 1.82
C GLU A 535 55.22 -37.84 0.91
N GLN A 536 54.70 -37.54 -0.26
CA GLN A 536 54.16 -38.56 -1.15
C GLN A 536 55.17 -39.06 -2.18
N VAL A 537 56.10 -38.21 -2.61
CA VAL A 537 57.03 -38.62 -3.64
C VAL A 537 58.41 -38.89 -3.08
N LEU A 538 59.06 -37.87 -2.50
CA LEU A 538 60.47 -37.99 -2.18
C LEU A 538 60.72 -38.90 -0.98
N GLU A 539 59.91 -38.79 0.07
CA GLU A 539 60.04 -39.70 1.21
C GLU A 539 59.97 -41.17 0.81
N PRO A 540 58.98 -41.63 0.03
CA PRO A 540 59.00 -43.04 -0.39
C PRO A 540 60.22 -43.41 -1.22
N MET A 541 60.75 -42.50 -2.04
CA MET A 541 61.96 -42.87 -2.79
C MET A 541 63.18 -42.98 -1.89
N LEU A 542 63.19 -42.27 -0.76
CA LEU A 542 64.32 -42.37 0.15
C LEU A 542 64.20 -43.59 1.05
N ASN A 543 63.02 -43.81 1.62
CA ASN A 543 62.84 -44.89 2.59
C ASN A 543 62.37 -46.20 1.97
N GLY A 544 61.85 -46.17 0.75
CA GLY A 544 61.23 -47.35 0.18
C GLY A 544 59.89 -47.63 0.82
N THR A 545 59.21 -48.63 0.27
CA THR A 545 57.95 -49.09 0.83
C THR A 545 57.94 -50.61 0.88
N GLU A 546 56.80 -51.20 1.24
CA GLU A 546 56.72 -52.65 1.25
C GLU A 546 56.82 -53.24 -0.15
N LYS A 547 56.49 -52.48 -1.19
CA LYS A 547 56.47 -52.99 -2.55
C LYS A 547 57.57 -52.43 -3.45
N THR A 548 58.28 -51.38 -3.02
CA THR A 548 59.28 -50.74 -3.85
C THR A 548 60.51 -50.39 -3.02
N PRO A 549 61.69 -50.83 -3.44
CA PRO A 549 62.92 -50.45 -2.75
C PRO A 549 63.22 -48.97 -2.93
N PRO A 550 64.09 -48.39 -2.11
CA PRO A 550 64.43 -46.97 -2.28
C PRO A 550 65.03 -46.68 -3.64
N LEU A 551 64.69 -45.53 -4.20
CA LEU A 551 65.24 -45.08 -5.47
C LEU A 551 66.34 -44.04 -5.31
N ILE A 552 66.33 -43.26 -4.24
CA ILE A 552 67.30 -42.20 -4.04
C ILE A 552 68.05 -42.43 -2.73
N THR A 553 69.27 -41.90 -2.66
CA THR A 553 70.11 -42.07 -1.48
C THR A 553 69.94 -40.95 -0.47
N ASP A 554 69.61 -39.74 -0.91
CA ASP A 554 69.37 -38.63 -0.01
C ASP A 554 68.66 -37.53 -0.78
N TYR A 555 68.14 -36.55 -0.04
CA TYR A 555 67.64 -35.32 -0.62
C TYR A 555 67.72 -34.22 0.43
N ARG A 556 67.94 -32.99 -0.04
CA ARG A 556 68.05 -31.83 0.82
C ARG A 556 67.08 -30.75 0.33
N GLU A 557 66.54 -29.99 1.27
CA GLU A 557 65.51 -28.99 1.00
C GLU A 557 66.06 -27.58 1.18
N TYR A 558 65.81 -26.73 0.18
CA TYR A 558 66.26 -25.34 0.19
C TYR A 558 65.11 -24.41 -0.17
N HIS A 559 63.91 -24.67 0.37
CA HIS A 559 62.74 -23.90 -0.01
C HIS A 559 62.67 -22.57 0.73
N THR A 560 61.86 -21.67 0.17
CA THR A 560 61.31 -20.53 0.88
C THR A 560 59.80 -20.73 0.96
N ASP A 561 59.08 -19.71 1.44
CA ASP A 561 57.64 -19.82 1.50
C ASP A 561 56.98 -19.73 0.13
N THR A 562 57.72 -19.28 -0.90
CA THR A 562 57.15 -19.12 -2.23
C THR A 562 57.97 -19.76 -3.34
N THR A 563 59.08 -20.41 -3.02
CA THR A 563 59.92 -21.07 -4.01
C THR A 563 60.22 -22.49 -3.55
N VAL A 564 60.53 -23.34 -4.51
CA VAL A 564 60.81 -24.75 -4.27
C VAL A 564 62.22 -25.06 -4.72
N LYS A 565 62.99 -25.73 -3.86
CA LYS A 565 64.29 -26.24 -4.28
C LYS A 565 64.57 -27.55 -3.56
N PHE A 566 64.62 -28.64 -4.33
CA PHE A 566 65.03 -29.96 -3.85
C PHE A 566 66.34 -30.34 -4.52
N VAL A 567 67.32 -30.77 -3.73
CA VAL A 567 68.55 -31.35 -4.28
C VAL A 567 68.56 -32.82 -3.89
N VAL A 568 68.54 -33.69 -4.91
CA VAL A 568 68.35 -35.12 -4.72
C VAL A 568 69.62 -35.85 -5.14
N LYS A 569 70.07 -36.77 -4.29
CA LYS A 569 71.23 -37.60 -4.57
C LYS A 569 70.78 -38.98 -4.98
N MET A 570 71.50 -39.60 -5.91
CA MET A 570 71.14 -40.89 -6.45
C MET A 570 72.41 -41.66 -6.82
N THR A 571 72.25 -42.97 -6.92
CA THR A 571 73.31 -43.79 -7.48
C THR A 571 73.51 -43.45 -8.95
N GLU A 572 74.78 -43.44 -9.38
CA GLU A 572 75.10 -43.03 -10.74
C GLU A 572 74.37 -43.87 -11.78
N GLU A 573 74.30 -45.18 -11.57
CA GLU A 573 73.58 -46.04 -12.52
C GLU A 573 72.08 -45.80 -12.49
N LYS A 574 71.51 -45.56 -11.29
CA LYS A 574 70.07 -45.37 -11.19
C LYS A 574 69.64 -44.04 -11.79
N LEU A 575 70.47 -43.00 -11.66
CA LEU A 575 70.15 -41.72 -12.30
C LEU A 575 70.19 -41.84 -13.82
N ALA A 576 71.19 -42.53 -14.36
CA ALA A 576 71.26 -42.73 -15.80
C ALA A 576 70.03 -43.47 -16.32
N GLU A 577 69.52 -44.45 -15.56
CA GLU A 577 68.28 -45.12 -15.96
C GLU A 577 67.11 -44.15 -15.92
N ALA A 578 67.04 -43.32 -14.88
CA ALA A 578 65.92 -42.39 -14.72
C ALA A 578 65.87 -41.38 -15.86
N GLU A 579 67.04 -40.89 -16.30
CA GLU A 579 67.08 -39.93 -17.41
C GLU A 579 66.53 -40.53 -18.69
N ARG A 580 66.89 -41.79 -18.98
CA ARG A 580 66.42 -42.42 -20.20
C ARG A 580 64.90 -42.60 -20.17
N VAL A 581 64.34 -42.92 -19.01
CA VAL A 581 62.89 -42.96 -18.86
C VAL A 581 62.31 -41.56 -18.94
N GLY A 582 62.96 -40.60 -18.29
CA GLY A 582 62.48 -39.24 -18.21
C GLY A 582 62.32 -38.77 -16.77
N LEU A 583 63.10 -37.75 -16.38
CA LEU A 583 63.11 -37.32 -14.99
C LEU A 583 61.77 -36.73 -14.59
N HIS A 584 61.12 -35.99 -15.49
CA HIS A 584 59.82 -35.41 -15.17
C HIS A 584 58.82 -36.49 -14.84
N LYS A 585 58.81 -37.58 -15.63
CA LYS A 585 57.90 -38.68 -15.37
C LYS A 585 58.28 -39.43 -14.10
N VAL A 586 59.57 -39.69 -13.90
CA VAL A 586 60.01 -40.50 -12.77
C VAL A 586 59.76 -39.77 -11.46
N PHE A 587 60.03 -38.47 -11.43
CA PHE A 587 59.89 -37.69 -10.21
C PHE A 587 58.52 -37.00 -10.09
N LYS A 588 57.52 -37.45 -10.85
CA LYS A 588 56.14 -36.98 -10.70
C LYS A 588 56.05 -35.46 -10.83
N LEU A 589 56.76 -34.93 -11.81
CA LEU A 589 56.78 -33.49 -12.06
C LEU A 589 55.85 -33.11 -13.20
N GLN A 590 54.88 -33.95 -13.53
CA GLN A 590 53.96 -33.72 -14.62
C GLN A 590 52.52 -33.86 -14.17
N THR A 591 51.67 -32.95 -14.63
CA THR A 591 50.26 -32.96 -14.28
C THR A 591 49.43 -32.69 -15.53
N SER A 592 48.34 -33.43 -15.67
CA SER A 592 47.46 -33.31 -16.82
C SER A 592 46.30 -32.37 -16.49
N LEU A 593 45.87 -31.60 -17.48
CA LEU A 593 44.81 -30.63 -17.31
C LEU A 593 43.91 -30.65 -18.54
N THR A 594 42.62 -30.93 -18.36
CA THR A 594 41.65 -31.02 -19.43
C THR A 594 40.56 -29.97 -19.24
N CYS A 595 40.30 -29.18 -20.28
CA CYS A 595 39.29 -28.11 -20.27
C CYS A 595 37.96 -28.59 -20.83
N ASN A 596 37.52 -29.80 -20.50
CA ASN A 596 36.32 -30.37 -21.11
C ASN A 596 35.05 -30.14 -20.31
N SER A 597 35.12 -29.46 -19.17
CA SER A 597 33.96 -29.23 -18.33
C SER A 597 33.91 -27.78 -17.85
N MET A 598 34.05 -26.85 -18.80
CA MET A 598 33.96 -25.42 -18.51
C MET A 598 32.48 -25.03 -18.51
N VAL A 599 31.83 -25.29 -17.40
CA VAL A 599 30.39 -25.07 -17.24
C VAL A 599 30.20 -23.87 -16.32
N LEU A 600 29.50 -22.86 -16.82
CA LEU A 600 29.25 -21.63 -16.07
C LEU A 600 27.82 -21.19 -16.26
N PHE A 601 27.32 -20.40 -15.31
CA PHE A 601 26.04 -19.73 -15.48
C PHE A 601 26.22 -18.57 -16.45
N ASP A 602 25.37 -18.50 -17.47
CA ASP A 602 25.43 -17.36 -18.37
C ASP A 602 24.72 -16.17 -17.72
N HIS A 603 24.72 -15.03 -18.41
CA HIS A 603 24.22 -13.80 -17.82
C HIS A 603 22.73 -13.85 -17.51
N VAL A 604 22.01 -14.84 -18.05
CA VAL A 604 20.58 -14.99 -17.83
C VAL A 604 20.27 -16.02 -16.74
N GLY A 605 21.25 -16.79 -16.29
CA GLY A 605 21.03 -17.74 -15.23
C GLY A 605 20.88 -19.17 -15.66
N CYS A 606 21.31 -19.52 -16.87
CA CYS A 606 21.26 -20.88 -17.37
C CYS A 606 22.67 -21.45 -17.41
N LEU A 607 22.83 -22.66 -16.91
CA LEU A 607 24.10 -23.34 -17.04
C LEU A 607 24.42 -23.53 -18.50
N LYS A 608 25.67 -23.27 -18.87
CA LYS A 608 26.12 -23.39 -20.25
C LYS A 608 27.50 -24.02 -20.29
N LYS A 609 27.71 -24.96 -21.20
CA LYS A 609 29.01 -25.58 -21.38
C LYS A 609 29.78 -24.82 -22.46
N TYR A 610 30.91 -24.22 -22.08
CA TYR A 610 31.71 -23.46 -23.03
C TYR A 610 32.79 -24.38 -23.60
N ASP A 611 32.83 -24.48 -24.93
CA ASP A 611 33.77 -25.40 -25.54
C ASP A 611 35.19 -24.88 -25.50
N THR A 612 35.38 -23.56 -25.60
CA THR A 612 36.71 -22.96 -25.57
C THR A 612 36.69 -21.73 -24.68
N VAL A 613 37.87 -21.32 -24.21
CA VAL A 613 37.96 -20.08 -23.46
C VAL A 613 37.70 -18.86 -24.35
N LEU A 614 37.93 -18.98 -25.66
CA LEU A 614 37.58 -17.88 -26.58
C LEU A 614 36.07 -17.69 -26.64
N ASP A 615 35.30 -18.77 -26.51
CA ASP A 615 33.85 -18.63 -26.43
C ASP A 615 33.43 -17.87 -25.17
N ILE A 616 34.11 -18.11 -24.05
CA ILE A 616 33.84 -17.34 -22.85
C ILE A 616 34.15 -15.86 -23.08
N LEU A 617 35.30 -15.59 -23.69
CA LEU A 617 35.72 -14.21 -23.95
C LEU A 617 34.74 -13.51 -24.90
N ARG A 618 34.30 -14.20 -25.95
CA ARG A 618 33.38 -13.59 -26.88
C ARG A 618 32.03 -13.31 -26.23
N ASP A 619 31.50 -14.26 -25.45
CA ASP A 619 30.25 -14.02 -24.75
C ASP A 619 30.39 -12.88 -23.75
N PHE A 620 31.50 -12.84 -23.03
CA PHE A 620 31.75 -11.73 -22.13
C PHE A 620 31.85 -10.41 -22.88
N PHE A 621 32.53 -10.40 -24.04
CA PHE A 621 32.76 -9.16 -24.76
C PHE A 621 31.45 -8.49 -25.16
N GLU A 622 30.49 -9.25 -25.68
CA GLU A 622 29.21 -8.69 -26.09
C GLU A 622 28.48 -8.05 -24.92
N LEU A 623 28.43 -8.75 -23.78
CA LEU A 623 27.73 -8.23 -22.61
C LEU A 623 28.44 -7.00 -22.05
N ARG A 624 29.77 -7.06 -21.93
CA ARG A 624 30.49 -5.92 -21.37
C ARG A 624 30.37 -4.69 -22.26
N LEU A 625 30.42 -4.88 -23.58
CA LEU A 625 30.25 -3.76 -24.50
C LEU A 625 28.87 -3.13 -24.36
N LYS A 626 27.85 -3.96 -24.18
CA LYS A 626 26.50 -3.43 -24.00
C LYS A 626 26.41 -2.61 -22.71
N TYR A 627 27.05 -3.06 -21.64
CA TYR A 627 26.94 -2.37 -20.37
C TYR A 627 27.77 -1.08 -20.33
N TYR A 628 28.76 -0.94 -21.21
CA TYR A 628 29.38 0.38 -21.36
C TYR A 628 28.43 1.36 -22.02
N GLY A 629 27.55 0.88 -22.91
CA GLY A 629 26.48 1.73 -23.40
C GLY A 629 25.49 2.11 -22.30
N LEU A 630 25.17 1.15 -21.42
CA LEU A 630 24.29 1.44 -20.30
C LEU A 630 24.91 2.43 -19.33
N ARG A 631 26.20 2.31 -19.08
CA ARG A 631 26.87 3.26 -18.20
C ARG A 631 26.83 4.67 -18.78
N LYS A 632 27.05 4.80 -20.09
CA LYS A 632 27.04 6.12 -20.72
C LYS A 632 25.67 6.77 -20.61
N GLU A 633 24.60 6.01 -20.85
CA GLU A 633 23.26 6.58 -20.76
C GLU A 633 22.97 7.07 -19.34
N TRP A 634 23.31 6.27 -18.34
CA TRP A 634 23.09 6.68 -16.95
C TRP A 634 23.95 7.89 -16.60
N LEU A 635 25.22 7.87 -17.03
CA LEU A 635 26.11 8.98 -16.72
C LEU A 635 25.63 10.27 -17.36
N LEU A 636 25.09 10.18 -18.59
CA LEU A 636 24.57 11.37 -19.25
C LEU A 636 23.44 12.00 -18.45
N GLY A 637 22.49 11.18 -18.00
CA GLY A 637 21.40 11.72 -17.20
C GLY A 637 21.85 12.25 -15.86
N MET A 638 22.74 11.52 -15.18
CA MET A 638 23.19 11.93 -13.86
C MET A 638 24.06 13.18 -13.95
N LEU A 639 24.98 13.22 -14.91
CA LEU A 639 25.83 14.41 -15.05
C LEU A 639 25.00 15.65 -15.38
N GLY A 640 24.00 15.50 -16.24
CA GLY A 640 23.12 16.62 -16.54
C GLY A 640 22.37 17.10 -15.32
N ALA A 641 21.84 16.18 -14.53
CA ALA A 641 21.15 16.55 -13.29
C ALA A 641 22.11 17.24 -12.32
N GLU A 642 23.34 16.74 -12.21
CA GLU A 642 24.33 17.39 -11.36
C GLU A 642 24.66 18.79 -11.86
N SER A 643 24.80 18.95 -13.18
CA SER A 643 25.08 20.26 -13.73
C SER A 643 23.92 21.22 -13.48
N ALA A 644 22.68 20.74 -13.68
CA ALA A 644 21.52 21.58 -13.41
C ALA A 644 21.46 21.96 -11.93
N LYS A 645 21.78 21.00 -11.05
CA LYS A 645 21.80 21.28 -9.62
C LYS A 645 22.82 22.35 -9.29
N LEU A 646 24.03 22.22 -9.84
CA LEU A 646 25.06 23.21 -9.59
C LEU A 646 24.73 24.55 -10.24
N ASN A 647 24.03 24.53 -11.38
CA ASN A 647 23.60 25.78 -12.01
C ASN A 647 22.69 26.58 -11.07
N ASN A 648 21.70 25.90 -10.46
CA ASN A 648 20.82 26.59 -9.53
C ASN A 648 21.57 27.04 -8.28
N GLN A 649 22.48 26.20 -7.78
CA GLN A 649 23.21 26.55 -6.57
C GLN A 649 24.10 27.77 -6.77
N ALA A 650 24.81 27.83 -7.91
CA ALA A 650 25.65 28.98 -8.18
C ALA A 650 24.82 30.24 -8.35
N ARG A 651 23.69 30.13 -9.05
CA ARG A 651 22.82 31.28 -9.23
C ARG A 651 22.24 31.76 -7.90
N PHE A 652 21.85 30.82 -7.03
CA PHE A 652 21.25 31.21 -5.76
C PHE A 652 22.21 31.99 -4.89
N ILE A 653 23.47 31.54 -4.81
CA ILE A 653 24.45 32.26 -3.99
C ILE A 653 24.68 33.66 -4.57
N LEU A 654 24.88 33.73 -5.88
CA LEU A 654 25.15 35.02 -6.52
C LEU A 654 23.98 35.98 -6.36
N GLU A 655 22.75 35.48 -6.53
CA GLU A 655 21.58 36.33 -6.39
C GLU A 655 21.42 36.84 -4.97
N LYS A 656 21.71 36.00 -3.99
CA LYS A 656 21.63 36.44 -2.59
C LYS A 656 22.65 37.53 -2.30
N ILE A 657 23.87 37.39 -2.82
CA ILE A 657 24.88 38.42 -2.61
C ILE A 657 24.47 39.72 -3.30
N ASP A 658 23.87 39.62 -4.48
CA ASP A 658 23.45 40.79 -5.23
C ASP A 658 22.20 41.44 -4.67
N GLY A 659 21.52 40.79 -3.75
CA GLY A 659 20.30 41.32 -3.18
C GLY A 659 19.03 40.95 -3.91
N LYS A 660 19.13 40.23 -5.04
CA LYS A 660 17.93 39.80 -5.74
C LYS A 660 17.10 38.83 -4.91
N ILE A 661 17.73 38.14 -3.97
CA ILE A 661 17.05 37.25 -3.04
C ILE A 661 17.45 37.65 -1.63
N ILE A 662 16.46 37.87 -0.76
CA ILE A 662 16.68 38.20 0.63
C ILE A 662 16.06 37.08 1.47
N ILE A 663 16.87 36.49 2.35
CA ILE A 663 16.40 35.40 3.21
C ILE A 663 16.47 35.75 4.68
N GLU A 664 17.15 36.83 5.06
CA GLU A 664 17.31 37.16 6.47
C GLU A 664 15.97 37.55 7.08
N ASN A 665 15.61 36.86 8.16
CA ASN A 665 14.38 37.12 8.91
C ASN A 665 13.13 37.00 8.02
N LYS A 666 13.20 36.17 6.99
CA LYS A 666 12.05 36.05 6.12
C LYS A 666 11.31 34.73 6.37
N PRO A 667 9.98 34.74 6.26
CA PRO A 667 9.24 33.48 6.42
C PRO A 667 9.63 32.47 5.37
N LYS A 668 9.58 31.19 5.75
CA LYS A 668 9.94 30.12 4.83
C LYS A 668 9.00 30.08 3.64
N LYS A 669 7.70 30.25 3.87
CA LYS A 669 6.74 30.23 2.77
C LYS A 669 6.99 31.36 1.79
N GLU A 670 7.31 32.55 2.29
CA GLU A 670 7.63 33.67 1.41
C GLU A 670 8.87 33.38 0.57
N LEU A 671 9.89 32.78 1.19
CA LEU A 671 11.12 32.48 0.47
C LEU A 671 10.88 31.48 -0.66
N ILE A 672 10.06 30.46 -0.40
CA ILE A 672 9.77 29.46 -1.43
C ILE A 672 9.06 30.13 -2.61
N LYS A 673 8.10 31.02 -2.32
CA LYS A 673 7.39 31.72 -3.39
C LYS A 673 8.35 32.54 -4.24
N VAL A 674 9.31 33.21 -3.61
CA VAL A 674 10.30 33.96 -4.36
C VAL A 674 11.12 33.02 -5.25
N LEU A 675 11.52 31.87 -4.70
CA LEU A 675 12.32 30.93 -5.48
C LEU A 675 11.53 30.40 -6.68
N ILE A 676 10.26 30.08 -6.48
CA ILE A 676 9.42 29.64 -7.60
C ILE A 676 9.23 30.77 -8.61
N GLN A 677 8.96 31.99 -8.12
CA GLN A 677 8.73 33.12 -9.01
C GLN A 677 9.96 33.43 -9.86
N ARG A 678 11.15 33.21 -9.32
CA ARG A 678 12.40 33.48 -10.03
C ARG A 678 12.85 32.30 -10.89
N GLY A 679 12.03 31.26 -11.01
CA GLY A 679 12.32 30.18 -11.92
C GLY A 679 13.36 29.19 -11.45
N TYR A 680 13.70 29.19 -10.17
CA TYR A 680 14.61 28.18 -9.63
C TYR A 680 13.96 26.81 -9.72
N ASP A 681 14.80 25.79 -9.90
CA ASP A 681 14.32 24.43 -10.11
C ASP A 681 14.33 23.64 -8.80
N SER A 682 13.38 22.71 -8.69
CA SER A 682 13.46 21.71 -7.63
C SER A 682 14.68 20.83 -7.87
N ASP A 683 15.14 20.15 -6.80
CA ASP A 683 16.38 19.39 -6.82
C ASP A 683 16.46 18.56 -8.09
N PRO A 684 17.33 18.93 -9.04
CA PRO A 684 17.34 18.22 -10.32
C PRO A 684 17.84 16.79 -10.21
N VAL A 685 18.80 16.52 -9.34
CA VAL A 685 19.25 15.14 -9.13
C VAL A 685 18.11 14.31 -8.56
N LYS A 686 17.39 14.86 -7.59
CA LYS A 686 16.23 14.16 -7.05
C LYS A 686 15.18 13.94 -8.12
N ALA A 687 14.93 14.94 -8.98
CA ALA A 687 13.92 14.79 -10.01
C ALA A 687 14.28 13.68 -10.99
N TRP A 688 15.55 13.62 -11.40
CA TRP A 688 15.98 12.59 -12.34
C TRP A 688 15.87 11.20 -11.74
N LYS A 689 16.24 11.04 -10.47
CA LYS A 689 16.17 9.73 -9.83
C LYS A 689 14.72 9.22 -9.75
N GLU A 690 13.77 10.08 -9.36
CA GLU A 690 12.37 9.67 -9.39
C GLU A 690 11.90 9.45 -10.82
N ALA A 691 12.47 10.16 -11.79
CA ALA A 691 12.11 9.96 -13.19
C ALA A 691 12.51 8.56 -13.66
N GLN A 692 13.60 8.01 -13.13
CA GLN A 692 13.98 6.64 -13.43
C GLN A 692 13.08 5.62 -12.73
N GLN A 693 12.24 6.06 -11.79
CA GLN A 693 11.33 5.20 -11.03
C GLN A 693 12.09 4.12 -10.27
N PRO A 721 7.56 22.16 -4.46
CA PRO A 721 8.94 22.03 -4.93
C PRO A 721 9.92 21.78 -3.79
N THR A 722 11.13 21.33 -4.12
CA THR A 722 12.17 21.08 -3.13
C THR A 722 13.32 22.04 -3.40
N PHE A 723 13.49 23.01 -2.51
CA PHE A 723 14.60 23.96 -2.58
C PHE A 723 15.55 23.79 -1.42
N ASN A 724 15.51 22.64 -0.76
CA ASN A 724 16.44 22.37 0.34
C ASN A 724 17.87 22.28 -0.14
N TYR A 725 18.09 21.81 -1.38
CA TYR A 725 19.46 21.76 -1.88
C TYR A 725 20.08 23.13 -1.96
N LEU A 726 19.28 24.19 -2.04
CA LEU A 726 19.80 25.54 -2.03
C LEU A 726 19.98 26.05 -0.60
N LEU A 727 18.96 25.88 0.23
CA LEU A 727 19.01 26.48 1.56
C LEU A 727 19.76 25.64 2.58
N ASP A 728 20.06 24.37 2.27
CA ASP A 728 20.90 23.56 3.15
C ASP A 728 22.37 23.93 3.03
N MET A 729 22.72 24.73 2.03
CA MET A 729 24.11 25.10 1.81
C MET A 729 24.63 25.90 3.00
N PRO A 730 25.82 25.59 3.52
CA PRO A 730 26.34 26.32 4.67
C PRO A 730 26.57 27.79 4.36
N LEU A 731 26.64 28.59 5.43
CA LEU A 731 26.95 30.00 5.29
C LEU A 731 28.33 30.22 4.71
N TRP A 732 29.19 29.20 4.75
CA TRP A 732 30.51 29.28 4.14
C TRP A 732 30.43 29.66 2.67
N TYR A 733 29.39 29.16 1.97
CA TYR A 733 29.27 29.37 0.54
C TYR A 733 29.00 30.82 0.18
N LEU A 734 28.68 31.67 1.15
CA LEU A 734 28.60 33.10 0.87
C LEU A 734 29.96 33.79 0.87
N THR A 735 31.00 33.16 1.41
CA THR A 735 32.33 33.75 1.35
C THR A 735 32.89 33.68 -0.07
N LYS A 736 33.85 34.57 -0.34
CA LYS A 736 34.38 34.71 -1.69
C LYS A 736 35.02 33.41 -2.19
N GLU A 737 35.92 32.83 -1.39
CA GLU A 737 36.67 31.66 -1.86
C GLU A 737 35.75 30.48 -2.15
N LYS A 738 34.84 30.17 -1.22
CA LYS A 738 33.94 29.05 -1.42
C LYS A 738 32.97 29.32 -2.56
N LYS A 739 32.53 30.58 -2.71
CA LYS A 739 31.67 30.93 -3.83
C LYS A 739 32.39 30.68 -5.16
N ASP A 740 33.66 31.04 -5.22
CA ASP A 740 34.44 30.78 -6.44
C ASP A 740 34.55 29.28 -6.69
N GLU A 741 34.76 28.49 -5.64
CA GLU A 741 34.82 27.04 -5.81
C GLU A 741 33.52 26.49 -6.36
N LEU A 742 32.39 26.98 -5.84
CA LEU A 742 31.09 26.54 -6.36
C LEU A 742 30.92 26.96 -7.81
N CYS A 743 31.33 28.18 -8.16
CA CYS A 743 31.24 28.64 -9.54
C CYS A 743 32.14 27.83 -10.47
N ARG A 744 33.37 27.53 -10.02
CA ARG A 744 34.26 26.69 -10.81
C ARG A 744 33.71 25.29 -10.99
N LEU A 745 33.16 24.71 -9.91
CA LEU A 745 32.60 23.37 -9.99
C LEU A 745 31.43 23.32 -10.96
N ARG A 746 30.69 24.42 -11.09
CA ARG A 746 29.59 24.45 -12.05
C ARG A 746 30.10 24.31 -13.48
N ASN A 747 31.20 25.00 -13.80
CA ASN A 747 31.78 24.88 -15.14
C ASN A 747 32.40 23.50 -15.38
N GLU A 748 33.07 22.96 -14.36
CA GLU A 748 33.71 21.66 -14.52
C GLU A 748 32.68 20.57 -14.80
N LYS A 749 31.54 20.61 -14.11
CA LYS A 749 30.51 19.62 -14.35
C LYS A 749 29.95 19.72 -15.77
N GLU A 750 29.77 20.96 -16.25
CA GLU A 750 29.30 21.14 -17.61
C GLU A 750 30.31 20.61 -18.62
N GLN A 751 31.59 20.89 -18.41
CA GLN A 751 32.62 20.36 -19.31
C GLN A 751 32.69 18.85 -19.22
N GLU A 752 32.50 18.30 -18.02
CA GLU A 752 32.50 16.84 -17.86
C GLU A 752 31.39 16.19 -18.68
N LEU A 753 30.19 16.78 -18.67
CA LEU A 753 29.11 16.26 -19.48
C LEU A 753 29.42 16.36 -20.96
N ASP A 754 30.01 17.48 -21.39
CA ASP A 754 30.34 17.67 -22.79
C ASP A 754 31.38 16.66 -23.26
N THR A 755 32.40 16.41 -22.43
CA THR A 755 33.42 15.44 -22.79
C THR A 755 32.81 14.05 -22.96
N LEU A 756 31.89 13.68 -22.06
CA LEU A 756 31.27 12.37 -22.14
C LEU A 756 30.46 12.23 -23.42
N LYS A 757 29.78 13.30 -23.84
CA LYS A 757 28.95 13.25 -25.04
C LYS A 757 29.78 12.93 -26.27
N ARG A 758 31.07 13.26 -26.25
CA ARG A 758 31.95 13.03 -27.38
C ARG A 758 32.65 11.67 -27.33
N LYS A 759 32.34 10.83 -26.35
CA LYS A 759 33.03 9.55 -26.17
C LYS A 759 32.08 8.39 -26.42
N SER A 760 32.53 7.41 -27.18
CA SER A 760 31.77 6.18 -27.39
C SER A 760 31.97 5.22 -26.23
N PRO A 761 31.09 4.21 -26.10
CA PRO A 761 31.31 3.19 -25.05
C PRO A 761 32.67 2.52 -25.14
N SER A 762 33.20 2.32 -26.34
CA SER A 762 34.52 1.72 -26.48
C SER A 762 35.62 2.64 -25.93
N ASP A 763 35.46 3.96 -26.11
CA ASP A 763 36.45 4.87 -25.55
C ASP A 763 36.47 4.77 -24.02
N LEU A 764 35.29 4.69 -23.40
CA LEU A 764 35.23 4.53 -21.95
C LEU A 764 35.87 3.22 -21.51
N TRP A 765 35.62 2.14 -22.26
CA TRP A 765 36.25 0.86 -21.95
C TRP A 765 37.76 0.96 -22.01
N LYS A 766 38.29 1.61 -23.05
CA LYS A 766 39.73 1.75 -23.21
C LYS A 766 40.33 2.57 -22.07
N GLU A 767 39.61 3.60 -21.61
CA GLU A 767 40.09 4.36 -20.46
C GLU A 767 40.23 3.48 -19.23
N ASP A 768 39.20 2.65 -18.96
CA ASP A 768 39.25 1.77 -17.80
C ASP A 768 40.40 0.77 -17.93
N LEU A 769 40.60 0.22 -19.11
CA LEU A 769 41.72 -0.71 -19.31
C LEU A 769 43.06 -0.02 -19.09
N ALA A 770 43.22 1.20 -19.59
CA ALA A 770 44.47 1.92 -19.39
C ALA A 770 44.71 2.22 -17.92
N THR A 771 43.67 2.63 -17.19
CA THR A 771 43.83 2.86 -15.75
C THR A 771 44.22 1.58 -15.04
N PHE A 772 43.56 0.46 -15.38
CA PHE A 772 43.85 -0.81 -14.74
C PHE A 772 45.28 -1.27 -15.01
N ILE A 773 45.72 -1.15 -16.28
CA ILE A 773 47.06 -1.64 -16.63
C ILE A 773 48.11 -0.85 -15.87
N GLU A 774 47.94 0.47 -15.79
CA GLU A 774 48.92 1.28 -15.07
C GLU A 774 49.04 0.86 -13.61
N GLU A 775 47.90 0.66 -12.95
CA GLU A 775 47.97 0.20 -11.56
C GLU A 775 48.48 -1.23 -11.47
N LEU A 776 48.16 -2.08 -12.46
CA LEU A 776 48.66 -3.45 -12.43
C LEU A 776 50.18 -3.48 -12.45
N GLU A 777 50.80 -2.68 -13.32
CA GLU A 777 52.26 -2.63 -13.37
C GLU A 777 52.86 -2.14 -12.06
N ALA A 778 52.24 -1.12 -11.45
CA ALA A 778 52.73 -0.62 -10.17
C ALA A 778 52.62 -1.68 -9.07
N VAL A 779 51.47 -2.35 -8.99
CA VAL A 779 51.26 -3.34 -7.94
C VAL A 779 52.21 -4.52 -8.14
N GLU A 780 52.29 -5.03 -9.37
CA GLU A 780 53.12 -6.21 -9.62
C GLU A 780 54.61 -5.91 -9.44
N ALA A 781 55.06 -4.70 -9.79
CA ALA A 781 56.45 -4.33 -9.56
C ALA A 781 56.77 -4.28 -8.07
N LYS A 782 55.86 -3.72 -7.27
CA LYS A 782 56.06 -3.68 -5.82
C LYS A 782 56.10 -5.08 -5.24
N GLU A 783 55.29 -6.00 -5.79
CA GLU A 783 55.29 -7.37 -5.29
C GLU A 783 56.65 -8.03 -5.47
N LYS A 784 57.28 -7.82 -6.62
CA LYS A 784 58.62 -8.39 -6.84
C LYS A 784 59.65 -7.77 -5.90
N GLN A 785 59.55 -6.46 -5.66
CA GLN A 785 60.52 -5.80 -4.77
C GLN A 785 60.43 -6.30 -3.34
N ASP A 786 59.23 -6.70 -2.89
CA ASP A 786 59.05 -7.16 -1.53
C ASP A 786 59.43 -8.63 -1.34
N GLY A 787 59.63 -9.37 -2.42
CA GLY A 787 59.99 -10.77 -2.34
C GLY A 787 61.49 -11.00 -2.46
N ASN B 31 72.72 -38.18 12.60
CA ASN B 31 73.02 -37.48 11.35
C ASN B 31 71.75 -37.12 10.60
N ARG B 32 70.95 -38.13 10.25
CA ARG B 32 69.70 -37.93 9.53
C ARG B 32 68.56 -38.58 10.31
N ILE B 33 67.47 -37.83 10.50
CA ILE B 33 66.28 -38.33 11.18
C ILE B 33 65.30 -38.83 10.13
N LYS B 34 64.77 -40.03 10.34
CA LYS B 34 63.91 -40.70 9.37
C LYS B 34 62.51 -40.85 9.92
N GLY B 35 61.51 -40.68 9.05
CA GLY B 35 60.13 -40.95 9.40
C GLY B 35 59.34 -39.78 9.94
N ILE B 36 59.96 -38.62 10.11
CA ILE B 36 59.26 -37.43 10.60
C ILE B 36 59.13 -36.49 9.41
N PRO B 37 58.07 -36.62 8.60
CA PRO B 37 58.00 -35.83 7.36
C PRO B 37 57.70 -34.36 7.60
N LYS B 38 57.23 -33.99 8.79
CA LYS B 38 56.87 -32.60 9.06
C LYS B 38 58.02 -31.78 9.60
N LEU B 39 59.19 -32.39 9.82
CA LEU B 39 60.32 -31.70 10.41
C LEU B 39 61.21 -31.10 9.32
N ASP B 40 61.60 -29.85 9.51
CA ASP B 40 62.62 -29.20 8.68
C ASP B 40 63.92 -29.26 9.48
N ASP B 41 64.67 -30.35 9.29
CA ASP B 41 65.92 -30.56 10.01
C ASP B 41 66.98 -29.56 9.58
N ALA B 42 67.74 -29.07 10.55
CA ALA B 42 68.86 -28.18 10.26
C ALA B 42 70.00 -28.96 9.61
N ASN B 43 70.73 -28.29 8.71
CA ASN B 43 71.81 -28.97 7.99
C ASN B 43 72.90 -29.43 8.94
N ASP B 44 73.25 -28.62 9.94
CA ASP B 44 74.33 -28.94 10.85
C ASP B 44 73.92 -29.90 11.97
N ALA B 45 72.64 -30.22 12.09
CA ALA B 45 72.19 -31.09 13.17
C ALA B 45 72.64 -32.53 12.95
N GLY B 47 75.32 -33.97 14.24
CA GLY B 47 76.45 -33.32 13.61
C GLY B 47 77.46 -32.73 14.58
N ARG B 48 78.61 -32.31 14.06
CA ARG B 48 79.65 -31.71 14.90
C ARG B 48 79.19 -30.39 15.48
N ASN B 49 78.45 -29.59 14.71
CA ASN B 49 77.98 -28.27 15.13
C ASN B 49 76.62 -28.32 15.81
N SER B 50 76.26 -29.45 16.44
CA SER B 50 74.95 -29.58 17.07
C SER B 50 74.75 -28.56 18.19
N THR B 51 75.84 -28.12 18.83
CA THR B 51 75.73 -27.13 19.90
C THR B 51 75.20 -25.80 19.38
N GLU B 52 75.48 -25.45 18.13
CA GLU B 52 75.02 -24.19 17.54
C GLU B 52 73.69 -24.33 16.81
N CYS B 53 73.05 -25.49 16.89
CA CYS B 53 71.80 -25.73 16.18
C CYS B 53 70.61 -25.43 17.08
N THR B 54 69.63 -24.72 16.54
CA THR B 54 68.44 -24.31 17.28
C THR B 54 67.20 -24.94 16.63
N LEU B 55 66.41 -25.64 17.44
CA LEU B 55 65.16 -26.25 16.98
C LEU B 55 64.00 -25.33 17.34
N ILE B 56 63.27 -24.86 16.33
CA ILE B 56 62.10 -24.02 16.55
C ILE B 56 60.87 -24.92 16.60
N LEU B 57 60.19 -24.91 17.74
CA LEU B 57 58.94 -25.64 17.91
C LEU B 57 57.79 -24.65 17.72
N THR B 58 56.97 -24.88 16.71
CA THR B 58 55.96 -23.90 16.32
C THR B 58 54.56 -24.38 16.68
N GLU B 59 53.66 -23.42 16.86
CA GLU B 59 52.26 -23.69 17.18
C GLU B 59 51.50 -23.88 15.88
N GLY B 60 51.47 -25.11 15.38
CA GLY B 60 50.75 -25.41 14.17
C GLY B 60 51.51 -25.08 12.91
N ASP B 61 50.91 -25.43 11.77
CA ASP B 61 51.56 -25.25 10.48
C ASP B 61 51.74 -23.79 10.11
N SER B 62 50.79 -22.93 10.49
CA SER B 62 50.92 -21.51 10.14
C SER B 62 52.13 -20.87 10.82
N ALA B 63 52.38 -21.25 12.09
CA ALA B 63 53.56 -20.75 12.76
C ALA B 63 54.83 -21.24 12.09
N LYS B 64 54.85 -22.52 11.68
CA LYS B 64 56.00 -23.05 10.96
C LYS B 64 56.22 -22.30 9.66
N THR B 65 55.15 -21.96 8.96
CA THR B 65 55.27 -21.21 7.72
C THR B 65 55.95 -19.86 7.94
N LEU B 66 55.60 -19.17 9.04
CA LEU B 66 56.26 -17.91 9.35
C LEU B 66 57.75 -18.11 9.60
N ALA B 67 58.09 -19.14 10.38
CA ALA B 67 59.50 -19.42 10.66
C ALA B 67 60.24 -19.79 9.38
N VAL B 68 59.62 -20.60 8.51
CA VAL B 68 60.23 -20.98 7.25
C VAL B 68 60.46 -19.74 6.38
N SER B 69 59.47 -18.84 6.35
CA SER B 69 59.62 -17.62 5.55
C SER B 69 60.78 -16.77 6.04
N GLY B 70 60.93 -16.65 7.36
CA GLY B 70 62.02 -15.86 7.88
C GLY B 70 63.37 -16.53 7.74
N LEU B 71 63.40 -17.87 7.80
CA LEU B 71 64.66 -18.58 7.65
C LEU B 71 65.23 -18.43 6.25
N GLY B 72 64.36 -18.42 5.24
CA GLY B 72 64.84 -18.41 3.87
C GLY B 72 65.63 -19.67 3.59
N VAL B 73 66.68 -19.52 2.79
CA VAL B 73 67.56 -20.64 2.46
C VAL B 73 68.73 -20.73 3.43
N VAL B 74 69.44 -19.62 3.64
CA VAL B 74 70.64 -19.67 4.48
C VAL B 74 70.33 -19.96 5.94
N GLY B 75 69.07 -19.75 6.37
CA GLY B 75 68.72 -20.04 7.74
C GLY B 75 68.53 -21.51 8.06
N ARG B 76 68.52 -22.38 7.06
CA ARG B 76 68.30 -23.80 7.30
C ARG B 76 69.54 -24.52 7.81
N ASP B 77 70.69 -23.86 7.84
CA ASP B 77 71.92 -24.53 8.25
C ASP B 77 71.94 -24.76 9.76
N LYS B 78 71.50 -23.78 10.54
CA LYS B 78 71.57 -23.87 12.00
C LYS B 78 70.21 -23.91 12.67
N TYR B 79 69.12 -23.81 11.93
CA TYR B 79 67.79 -23.75 12.51
C TYR B 79 66.94 -24.91 12.01
N GLY B 80 66.22 -25.55 12.92
CA GLY B 80 65.25 -26.57 12.57
C GLY B 80 63.86 -26.13 13.01
N VAL B 81 62.85 -26.57 12.25
CA VAL B 81 61.47 -26.21 12.52
C VAL B 81 60.64 -27.48 12.59
N PHE B 82 59.85 -27.60 13.66
CA PHE B 82 58.92 -28.72 13.82
C PHE B 82 57.58 -28.18 14.29
N PRO B 83 56.49 -28.49 13.59
CA PRO B 83 55.17 -27.98 14.00
C PRO B 83 54.53 -28.88 15.06
N LEU B 84 54.03 -28.25 16.12
CA LEU B 84 53.31 -28.94 17.19
C LEU B 84 51.84 -29.02 16.76
N ARG B 85 51.45 -30.17 16.21
CA ARG B 85 50.07 -30.33 15.77
C ARG B 85 49.21 -30.94 16.85
N LYS B 87 48.85 -31.28 21.06
CA LYS B 87 48.77 -30.79 22.43
C LYS B 87 49.76 -31.52 23.33
N ILE B 88 50.64 -30.76 23.98
CA ILE B 88 51.51 -31.33 24.99
C ILE B 88 50.68 -31.82 26.17
N LEU B 89 50.98 -33.04 26.63
CA LEU B 89 50.28 -33.62 27.76
C LEU B 89 50.83 -33.05 29.07
N ASN B 90 49.99 -33.07 30.11
CA ASN B 90 50.49 -32.74 31.45
C ASN B 90 51.13 -34.01 31.99
N VAL B 91 52.46 -34.03 32.02
CA VAL B 91 53.20 -35.24 32.38
C VAL B 91 52.84 -35.68 33.79
N ARG B 92 52.78 -34.74 34.73
CA ARG B 92 52.37 -35.07 36.10
C ARG B 92 51.02 -35.78 36.12
N GLU B 93 50.01 -35.18 35.49
CA GLU B 93 48.65 -35.72 35.52
C GLU B 93 48.34 -36.50 34.24
N ALA B 94 49.06 -37.60 34.03
CA ALA B 94 48.83 -38.45 32.87
C ALA B 94 49.41 -39.83 33.11
N SER B 95 48.85 -40.82 32.42
CA SER B 95 49.35 -42.18 32.50
C SER B 95 50.69 -42.29 31.75
N HIS B 96 51.61 -43.06 32.33
CA HIS B 96 52.91 -43.27 31.67
C HIS B 96 52.73 -43.99 30.34
N LYS B 97 51.65 -44.76 30.17
CA LYS B 97 51.35 -45.33 28.87
C LYS B 97 51.05 -44.23 27.84
N GLN B 98 50.26 -43.23 28.24
CA GLN B 98 50.02 -42.09 27.36
C GLN B 98 51.28 -41.28 27.15
N ILE B 99 52.13 -41.19 28.18
CA ILE B 99 53.39 -40.46 28.05
C ILE B 99 54.34 -41.13 27.07
N MET B 100 54.06 -42.39 26.70
CA MET B 100 54.79 -43.07 25.65
C MET B 100 53.95 -43.34 24.41
N GLU B 101 52.63 -43.19 24.51
CA GLU B 101 51.75 -43.31 23.35
C GLU B 101 51.53 -41.99 22.64
N ASN B 102 51.98 -40.88 23.22
CA ASN B 102 51.87 -39.58 22.55
C ASN B 102 53.02 -39.48 21.55
N ALA B 103 52.68 -39.49 20.26
CA ALA B 103 53.68 -39.40 19.21
C ALA B 103 54.40 -38.07 19.22
N GLU B 104 53.68 -37.00 19.56
CA GLU B 104 54.27 -35.66 19.51
C GLU B 104 55.48 -35.52 20.43
N ILE B 105 55.36 -35.97 21.68
CA ILE B 105 56.53 -35.89 22.58
C ILE B 105 57.60 -36.86 22.13
N ASN B 106 57.21 -38.03 21.65
CA ASN B 106 58.21 -39.00 21.19
C ASN B 106 58.97 -38.44 20.00
N ASN B 107 58.26 -37.74 19.11
CA ASN B 107 58.93 -37.13 17.97
C ASN B 107 59.87 -36.02 18.42
N ILE B 108 59.46 -35.23 19.42
CA ILE B 108 60.34 -34.19 19.95
C ILE B 108 61.61 -34.80 20.52
N ILE B 109 61.46 -35.91 21.26
CA ILE B 109 62.62 -36.58 21.83
C ILE B 109 63.55 -37.06 20.72
N LYS B 110 62.98 -37.63 19.66
CA LYS B 110 63.79 -38.15 18.56
C LYS B 110 64.52 -37.02 17.85
N ILE B 111 63.87 -35.87 17.66
CA ILE B 111 64.49 -34.77 16.93
C ILE B 111 65.65 -34.17 17.72
N VAL B 112 65.46 -33.94 19.02
CA VAL B 112 66.49 -33.30 19.82
C VAL B 112 67.44 -34.33 20.43
N GLY B 113 67.40 -35.57 19.95
CA GLY B 113 68.14 -36.69 20.52
C GLY B 113 68.26 -36.70 22.03
N LEU B 114 67.11 -36.71 22.72
CA LEU B 114 67.04 -36.71 24.18
C LEU B 114 66.94 -38.13 24.71
N GLN B 115 67.61 -38.39 25.83
CA GLN B 115 67.53 -39.66 26.54
C GLN B 115 66.86 -39.44 27.88
N TYR B 116 65.87 -40.27 28.20
CA TYR B 116 65.03 -40.03 29.38
C TYR B 116 65.87 -40.02 30.67
N LYS B 117 66.75 -41.01 30.83
CA LYS B 117 67.59 -41.12 32.01
C LYS B 117 68.96 -40.53 31.68
N LYS B 118 69.08 -39.21 31.84
CA LYS B 118 70.35 -38.53 31.63
C LYS B 118 70.32 -37.21 32.36
N ASN B 119 71.48 -36.80 32.86
CA ASN B 119 71.59 -35.55 33.59
C ASN B 119 72.05 -34.40 32.70
N TYR B 120 73.07 -34.64 31.86
CA TYR B 120 73.62 -33.62 30.98
C TYR B 120 73.99 -32.37 31.76
N GLU B 121 74.63 -32.56 32.91
CA GLU B 121 75.00 -31.45 33.78
C GLU B 121 76.23 -30.71 33.30
N ASP B 122 76.92 -31.21 32.27
CA ASP B 122 78.09 -30.55 31.72
C ASP B 122 78.12 -30.81 30.21
N GLU B 123 79.03 -30.09 29.52
CA GLU B 123 79.15 -30.23 28.08
C GLU B 123 79.54 -31.64 27.65
N ASP B 124 79.91 -32.50 28.60
CA ASP B 124 80.24 -33.89 28.26
C ASP B 124 79.03 -34.61 27.66
N SER B 125 77.84 -34.32 28.16
CA SER B 125 76.61 -34.91 27.62
C SER B 125 75.79 -33.95 26.78
N LEU B 126 76.07 -32.64 26.85
CA LEU B 126 75.36 -31.68 26.01
C LEU B 126 75.66 -31.88 24.53
N LYS B 127 76.75 -32.56 24.20
CA LYS B 127 77.05 -32.93 22.82
C LYS B 127 76.32 -34.19 22.38
N THR B 128 75.67 -34.89 23.30
CA THR B 128 74.82 -36.03 22.96
C THR B 128 73.43 -35.59 22.52
N LEU B 129 73.15 -34.30 22.55
CA LEU B 129 71.88 -33.74 22.08
C LEU B 129 72.05 -33.22 20.66
N ARG B 130 71.02 -33.43 19.82
CA ARG B 130 71.11 -33.08 18.41
C ARG B 130 71.02 -31.58 18.17
N TYR B 131 70.43 -30.83 19.11
CA TYR B 131 70.28 -29.39 18.97
C TYR B 131 70.79 -28.71 20.23
N GLY B 132 71.31 -27.48 20.07
CA GLY B 132 71.80 -26.73 21.21
C GLY B 132 70.74 -25.97 21.98
N LYS B 133 69.61 -25.65 21.34
CA LYS B 133 68.56 -24.88 21.98
C LYS B 133 67.21 -25.34 21.45
N ILE B 134 66.20 -25.34 22.32
CA ILE B 134 64.82 -25.56 21.93
C ILE B 134 64.11 -24.21 22.02
N MET B 135 63.52 -23.79 20.91
CA MET B 135 62.84 -22.51 20.81
C MET B 135 61.37 -22.75 20.59
N ILE B 136 60.54 -22.18 21.46
CA ILE B 136 59.09 -22.33 21.38
C ILE B 136 58.53 -21.08 20.72
N MET B 137 57.84 -21.26 19.60
CA MET B 137 57.24 -20.19 18.81
C MET B 137 55.73 -20.37 18.82
N THR B 138 55.04 -19.58 19.64
CA THR B 138 53.57 -19.63 19.76
C THR B 138 53.02 -18.21 19.71
N ASP B 139 51.69 -18.13 19.66
CA ASP B 139 51.01 -16.85 19.77
C ASP B 139 51.15 -16.29 21.17
N GLN B 140 51.06 -14.96 21.28
CA GLN B 140 51.16 -14.27 22.55
C GLN B 140 49.81 -14.17 23.27
N ASP B 141 48.91 -15.11 23.03
CA ASP B 141 47.63 -15.20 23.73
C ASP B 141 47.72 -16.28 24.81
N GLN B 142 46.58 -16.49 25.51
CA GLN B 142 46.55 -17.47 26.58
C GLN B 142 46.78 -18.88 26.06
N ASP B 143 46.27 -19.20 24.86
CA ASP B 143 46.46 -20.52 24.31
C ASP B 143 47.94 -20.78 24.02
N GLY B 144 48.67 -19.77 23.55
CA GLY B 144 50.10 -19.94 23.32
C GLY B 144 50.88 -20.13 24.61
N SER B 145 50.53 -19.37 25.66
CA SER B 145 51.21 -19.54 26.94
C SER B 145 50.99 -20.94 27.50
N HIS B 146 49.82 -21.51 27.26
CA HIS B 146 49.57 -22.88 27.72
C HIS B 146 50.52 -23.86 27.03
N ILE B 147 50.72 -23.69 25.72
CA ILE B 147 51.66 -24.56 25.01
C ILE B 147 53.07 -24.35 25.52
N LYS B 148 53.47 -23.09 25.73
CA LYS B 148 54.80 -22.80 26.25
C LYS B 148 55.01 -23.46 27.61
N GLY B 149 54.05 -23.28 28.53
CA GLY B 149 54.20 -23.84 29.86
C GLY B 149 54.22 -25.36 29.86
N LEU B 150 53.36 -25.98 29.06
CA LEU B 150 53.32 -27.44 29.01
C LEU B 150 54.62 -28.02 28.45
N LEU B 151 55.22 -27.33 27.46
CA LEU B 151 56.53 -27.76 26.98
C LEU B 151 57.57 -27.61 28.08
N ILE B 152 57.51 -26.51 28.82
CA ILE B 152 58.44 -26.32 29.94
C ILE B 152 58.23 -27.39 30.99
N ASN B 153 56.96 -27.72 31.28
CA ASN B 153 56.67 -28.78 32.23
C ASN B 153 57.24 -30.12 31.74
N PHE B 154 57.19 -30.36 30.43
CA PHE B 154 57.74 -31.58 29.87
C PHE B 154 59.24 -31.69 30.13
N ILE B 155 59.97 -30.58 29.97
CA ILE B 155 61.41 -30.59 30.24
C ILE B 155 61.67 -30.71 31.74
N HIS B 156 60.89 -30.00 32.55
CA HIS B 156 61.13 -29.98 34.00
C HIS B 156 60.91 -31.36 34.62
N HIS B 157 60.05 -32.18 34.03
CA HIS B 157 59.71 -33.46 34.64
C HIS B 157 60.73 -34.54 34.32
N ASN B 158 61.31 -34.54 33.12
CA ASN B 158 62.19 -35.62 32.72
C ASN B 158 63.66 -35.23 32.57
N TRP B 159 63.96 -33.94 32.35
CA TRP B 159 65.34 -33.47 32.31
C TRP B 159 65.45 -32.14 33.05
N PRO B 160 65.30 -32.18 34.39
CA PRO B 160 65.36 -30.92 35.15
C PRO B 160 66.70 -30.21 35.04
N SER B 161 67.77 -30.93 34.77
CA SER B 161 69.09 -30.32 34.64
C SER B 161 69.28 -29.63 33.30
N LEU B 162 68.30 -29.71 32.40
CA LEU B 162 68.43 -29.07 31.09
C LEU B 162 67.88 -27.66 31.08
N LEU B 163 66.92 -27.36 31.96
CA LEU B 163 66.40 -25.99 32.07
C LEU B 163 67.38 -25.06 32.77
N ARG B 164 68.45 -25.60 33.37
CA ARG B 164 69.42 -24.75 34.05
C ARG B 164 70.27 -23.97 33.05
N HIS B 165 70.75 -24.62 31.99
CA HIS B 165 71.59 -23.97 31.00
C HIS B 165 70.75 -23.15 30.05
N ARG B 166 71.43 -22.38 29.19
CA ARG B 166 70.76 -21.53 28.19
C ARG B 166 70.24 -22.42 27.06
N PHE B 167 69.18 -23.17 27.37
CA PHE B 167 68.65 -24.20 26.48
C PHE B 167 67.28 -23.84 25.92
N LEU B 168 66.31 -23.58 26.79
CA LEU B 168 64.95 -23.26 26.35
C LEU B 168 64.83 -21.76 26.11
N GLU B 169 64.29 -21.41 24.94
CA GLU B 169 64.05 -20.01 24.60
C GLU B 169 62.70 -19.90 23.91
N GLU B 170 62.25 -18.66 23.74
CA GLU B 170 60.97 -18.38 23.12
C GLU B 170 61.14 -17.32 22.04
N PHE B 171 60.30 -17.40 21.02
CA PHE B 171 60.28 -16.41 19.95
C PHE B 171 59.31 -15.30 20.33
N ILE B 172 59.77 -14.05 20.24
CA ILE B 172 58.97 -12.90 20.61
C ILE B 172 58.94 -11.91 19.46
N THR B 173 57.76 -11.35 19.20
CA THR B 173 57.52 -10.30 18.24
C THR B 173 57.13 -9.01 18.98
N PRO B 174 57.36 -7.85 18.39
CA PRO B 174 56.93 -6.60 19.04
C PRO B 174 55.43 -6.60 19.28
N ILE B 175 55.02 -6.09 20.44
CA ILE B 175 53.59 -6.06 20.77
C ILE B 175 52.87 -5.03 19.92
N VAL B 176 53.49 -3.88 19.67
CA VAL B 176 52.88 -2.80 18.91
C VAL B 176 53.87 -2.31 17.86
N LYS B 177 53.34 -1.96 16.68
CA LYS B 177 54.11 -1.34 15.62
C LYS B 177 53.43 -0.06 15.17
N VAL B 178 54.21 0.99 14.94
CA VAL B 178 53.70 2.28 14.48
C VAL B 178 54.23 2.53 13.08
N SER B 179 53.33 2.83 12.14
CA SER B 179 53.71 3.07 10.75
C SER B 179 53.22 4.44 10.28
N LYS B 182 55.23 6.65 6.01
CA LYS B 182 56.38 6.07 5.31
C LYS B 182 57.49 5.70 6.28
N GLN B 183 57.30 6.04 7.55
CA GLN B 183 58.25 5.73 8.61
C GLN B 183 57.63 4.74 9.58
N GLU B 184 58.41 3.74 9.98
CA GLU B 184 57.91 2.67 10.84
C GLU B 184 58.82 2.50 12.05
N MET B 185 58.20 2.33 13.21
CA MET B 185 58.91 2.02 14.45
C MET B 185 58.14 0.92 15.17
N ALA B 186 58.85 0.19 16.03
CA ALA B 186 58.28 -0.96 16.72
C ALA B 186 58.58 -0.87 18.21
N PHE B 187 57.64 -1.38 19.01
CA PHE B 187 57.78 -1.38 20.47
C PHE B 187 57.52 -2.78 21.02
N TYR B 188 58.35 -3.17 21.99
CA TYR B 188 58.22 -4.46 22.66
C TYR B 188 57.56 -4.31 24.03
N SER B 189 57.06 -3.12 24.34
CA SER B 189 56.49 -2.83 25.65
C SER B 189 55.30 -1.90 25.48
N LEU B 190 54.18 -2.27 26.10
CA LEU B 190 53.00 -1.40 26.09
C LEU B 190 53.25 -0.06 26.75
N PRO B 191 53.86 0.03 27.93
CA PRO B 191 54.20 1.36 28.47
C PRO B 191 55.10 2.17 27.56
N GLU B 192 56.02 1.52 26.84
CA GLU B 192 56.85 2.23 25.87
C GLU B 192 56.00 2.80 24.74
N PHE B 193 55.00 2.04 24.30
CA PHE B 193 54.07 2.54 23.30
C PHE B 193 53.27 3.71 23.86
N GLU B 194 52.84 3.62 25.13
CA GLU B 194 52.17 4.75 25.76
C GLU B 194 53.11 5.94 25.90
N GLU B 195 54.38 5.66 26.22
CA GLU B 195 55.38 6.73 26.31
C GLU B 195 55.58 7.39 24.95
N TRP B 196 55.51 6.61 23.87
CA TRP B 196 55.63 7.18 22.52
C TRP B 196 54.53 8.20 22.28
N LYS B 197 53.32 7.94 22.77
CA LYS B 197 52.21 8.87 22.60
C LYS B 197 52.51 10.24 23.18
N SER B 198 53.32 10.29 24.25
CA SER B 198 53.71 11.57 24.83
C SER B 198 54.47 12.43 23.83
N SER B 199 55.15 11.80 22.87
CA SER B 199 55.89 12.52 21.83
C SER B 199 54.99 12.63 20.61
N THR B 200 54.76 13.87 20.17
CA THR B 200 53.87 14.15 19.05
C THR B 200 52.47 13.59 19.29
N HIS B 203 47.63 10.31 19.05
CA HIS B 203 49.05 10.34 18.71
C HIS B 203 49.26 10.04 17.22
N LYS B 204 48.19 10.14 16.45
CA LYS B 204 48.26 9.92 15.01
C LYS B 204 49.05 11.03 14.30
N TRP B 206 50.90 7.93 14.23
CA TRP B 206 50.77 7.47 12.86
C TRP B 206 49.70 6.38 12.71
N LYS B 207 50.14 5.16 12.37
CA LYS B 207 49.26 4.00 12.26
C LYS B 207 49.77 2.93 13.22
N VAL B 208 48.84 2.32 13.96
CA VAL B 208 49.18 1.40 15.05
C VAL B 208 48.58 0.03 14.75
N LYS B 209 49.42 -1.01 14.89
CA LYS B 209 48.98 -2.39 14.74
C LYS B 209 49.58 -3.23 15.87
N TYR B 210 48.82 -4.23 16.32
CA TYR B 210 49.20 -5.09 17.43
C TYR B 210 49.56 -6.47 16.90
N TYR B 211 50.70 -7.01 17.34
CA TYR B 211 51.26 -8.24 16.80
C TYR B 211 51.33 -9.36 17.82
N LYS B 212 50.30 -9.48 18.68
CA LYS B 212 50.30 -10.58 19.63
C LYS B 212 50.18 -11.93 18.91
N GLY B 213 49.36 -12.00 17.87
CA GLY B 213 49.25 -13.25 17.12
C GLY B 213 50.33 -13.36 16.06
N LEU B 214 50.88 -14.57 15.93
CA LEU B 214 51.94 -14.78 14.95
C LEU B 214 51.44 -14.52 13.54
N GLY B 215 50.21 -14.93 13.25
CA GLY B 215 49.66 -14.77 11.91
C GLY B 215 49.51 -13.35 11.46
N THR B 216 49.58 -12.38 12.37
CA THR B 216 49.52 -10.97 11.97
C THR B 216 50.74 -10.57 11.15
N SER B 217 51.90 -11.17 11.42
CA SER B 217 53.11 -10.83 10.69
C SER B 217 53.09 -11.47 9.30
N THR B 218 53.53 -10.70 8.31
CA THR B 218 53.65 -11.21 6.95
C THR B 218 54.97 -11.95 6.78
N SER B 219 55.13 -12.57 5.61
CA SER B 219 56.39 -13.24 5.30
C SER B 219 57.53 -12.24 5.19
N LYS B 220 57.26 -11.06 4.63
CA LYS B 220 58.29 -10.03 4.59
C LYS B 220 58.71 -9.62 5.99
N GLU B 221 57.74 -9.44 6.89
CA GLU B 221 58.07 -9.10 8.27
C GLU B 221 58.78 -10.24 8.99
N ALA B 222 58.47 -11.49 8.65
CA ALA B 222 59.16 -12.62 9.25
C ALA B 222 60.65 -12.59 8.89
N LYS B 223 60.97 -12.24 7.65
CA LYS B 223 62.36 -12.13 7.24
C LYS B 223 63.09 -11.05 8.03
N GLU B 224 62.42 -9.90 8.26
CA GLU B 224 63.03 -8.84 9.06
C GLU B 224 63.27 -9.29 10.49
N TYR B 225 62.32 -10.05 11.06
CA TYR B 225 62.52 -10.56 12.41
C TYR B 225 63.74 -11.47 12.50
N PHE B 226 63.90 -12.37 11.52
CA PHE B 226 64.97 -13.34 11.56
C PHE B 226 66.33 -12.76 11.22
N ALA B 227 66.38 -11.55 10.66
CA ALA B 227 67.67 -10.88 10.49
C ALA B 227 68.20 -10.38 11.83
N ASP B 228 67.38 -9.65 12.58
CA ASP B 228 67.75 -9.16 13.92
C ASP B 228 67.26 -10.11 15.00
N MET B 229 67.60 -11.40 14.88
CA MET B 229 67.08 -12.41 15.79
C MET B 229 67.44 -12.13 17.25
N LYS B 230 68.50 -11.35 17.49
CA LYS B 230 68.84 -10.99 18.86
C LYS B 230 67.72 -10.20 19.52
N ARG B 231 67.02 -9.36 18.77
CA ARG B 231 65.93 -8.54 19.29
C ARG B 231 64.59 -9.27 19.30
N HIS B 232 64.52 -10.51 18.80
CA HIS B 232 63.27 -11.26 18.75
C HIS B 232 63.37 -12.61 19.46
N ARG B 233 64.37 -12.77 20.33
CA ARG B 233 64.58 -14.01 21.06
C ARG B 233 64.75 -13.70 22.54
N ILE B 234 64.14 -14.51 23.39
CA ILE B 234 64.25 -14.37 24.83
C ILE B 234 64.55 -15.74 25.41
N GLN B 235 65.39 -15.79 26.44
CA GLN B 235 65.85 -17.04 27.03
C GLN B 235 65.36 -17.15 28.46
N PHE B 236 64.99 -18.36 28.85
CA PHE B 236 64.49 -18.62 30.20
C PHE B 236 65.63 -18.90 31.17
N TYR B 238 66.45 -20.69 34.79
CA TYR B 238 66.54 -21.13 36.17
C TYR B 238 67.35 -20.16 37.02
N SER B 239 66.78 -19.71 38.15
CA SER B 239 67.44 -18.77 39.02
C SER B 239 67.36 -19.14 40.50
N GLY B 240 66.72 -20.26 40.84
CA GLY B 240 66.61 -20.68 42.21
C GLY B 240 65.50 -21.69 42.42
N PRO B 241 65.20 -22.01 43.68
CA PRO B 241 64.13 -22.99 43.96
C PRO B 241 62.74 -22.40 43.80
N GLU B 242 62.61 -21.08 43.66
CA GLU B 242 61.32 -20.47 43.44
C GLU B 242 60.73 -20.88 42.09
N ASP B 243 61.59 -21.04 41.07
CA ASP B 243 61.11 -21.48 39.77
C ASP B 243 60.50 -22.87 39.84
N ASP B 244 61.14 -23.79 40.56
CA ASP B 244 60.60 -25.14 40.66
C ASP B 244 59.21 -25.12 41.29
N ALA B 245 59.01 -24.26 42.29
CA ALA B 245 57.67 -24.12 42.87
C ALA B 245 56.68 -23.54 41.86
N ALA B 246 57.11 -22.52 41.11
CA ALA B 246 56.24 -21.92 40.10
C ALA B 246 55.76 -22.95 39.09
N ILE B 247 56.68 -23.71 38.50
CA ILE B 247 56.30 -24.75 37.54
C ILE B 247 55.45 -25.81 38.23
N SER B 248 55.81 -26.18 39.45
CA SER B 248 55.03 -27.16 40.19
C SER B 248 53.62 -26.66 40.46
N LEU B 249 53.49 -25.37 40.83
CA LEU B 249 52.18 -24.82 41.16
C LEU B 249 51.23 -24.87 39.99
N ALA B 250 51.73 -24.60 38.78
CA ALA B 250 50.85 -24.50 37.62
C ALA B 250 50.31 -25.85 37.18
N PHE B 251 51.12 -26.91 37.28
CA PHE B 251 50.77 -28.18 36.64
C PHE B 251 50.65 -29.36 37.58
N SER B 252 50.93 -29.22 38.88
CA SER B 252 50.75 -30.34 39.78
C SER B 252 49.27 -30.61 40.01
N LYS B 253 48.86 -31.87 39.90
CA LYS B 253 47.45 -32.21 40.09
C LYS B 253 47.02 -32.11 41.55
N LYS B 254 47.96 -32.12 42.47
CA LYS B 254 47.65 -32.04 43.89
C LYS B 254 47.60 -30.61 44.41
N GLN B 255 48.07 -29.65 43.62
CA GLN B 255 48.15 -28.25 44.05
C GLN B 255 46.96 -27.43 43.57
N ILE B 256 45.77 -28.04 43.53
CA ILE B 256 44.59 -27.33 43.05
C ILE B 256 44.24 -26.17 43.98
N ASP B 257 44.18 -26.42 45.28
CA ASP B 257 43.80 -25.37 46.21
C ASP B 257 44.86 -24.28 46.31
N ASP B 258 46.12 -24.61 46.04
CA ASP B 258 47.15 -23.58 46.03
C ASP B 258 46.96 -22.62 44.86
N ARG B 259 46.52 -23.15 43.71
CA ARG B 259 46.25 -22.27 42.57
C ARG B 259 45.06 -21.36 42.84
N LYS B 260 44.08 -21.82 43.62
CA LYS B 260 42.95 -20.97 43.96
C LYS B 260 43.39 -19.79 44.82
N GLU B 261 44.24 -20.03 45.83
CA GLU B 261 44.80 -18.93 46.60
C GLU B 261 45.75 -18.10 45.74
N TRP B 262 46.39 -18.75 44.76
CA TRP B 262 47.24 -18.02 43.82
C TRP B 262 46.43 -16.99 43.04
N LEU B 263 45.25 -17.39 42.58
CA LEU B 263 44.37 -16.46 41.86
C LEU B 263 43.76 -15.44 42.82
N THR B 264 43.45 -15.85 44.05
CA THR B 264 42.85 -14.94 45.02
C THR B 264 43.79 -13.78 45.34
N ASN B 265 45.08 -14.08 45.53
CA ASN B 265 46.04 -13.01 45.80
C ASN B 265 46.21 -12.09 44.60
N PHE B 266 46.16 -12.66 43.40
CA PHE B 266 46.30 -11.86 42.19
C PHE B 266 45.16 -10.85 42.05
N MET B 267 43.92 -11.33 42.24
CA MET B 267 42.75 -10.45 42.12
C MET B 267 42.74 -9.38 43.20
N GLU B 268 43.10 -9.74 44.43
CA GLU B 268 43.14 -8.76 45.50
C GLU B 268 44.23 -7.72 45.28
N ASP B 269 45.40 -8.14 44.79
CA ASP B 269 46.44 -7.17 44.47
C ASP B 269 45.99 -6.23 43.36
N ARG B 270 45.29 -6.77 42.35
CA ARG B 270 44.76 -5.93 41.29
C ARG B 270 43.70 -4.97 41.83
N ARG B 271 42.85 -5.44 42.75
CA ARG B 271 41.82 -4.59 43.30
C ARG B 271 42.42 -3.40 44.06
N GLN B 272 43.44 -3.65 44.87
CA GLN B 272 44.06 -2.56 45.62
C GLN B 272 44.72 -1.54 44.70
N ARG B 273 45.40 -2.02 43.64
CA ARG B 273 46.04 -1.10 42.72
C ARG B 273 45.03 -0.22 42.00
N LYS B 274 43.90 -0.80 41.59
CA LYS B 274 42.88 0.00 40.91
C LYS B 274 42.26 1.01 41.86
N LEU B 275 42.06 0.62 43.12
CA LEU B 275 41.49 1.55 44.10
C LEU B 275 42.44 2.71 44.39
N LEU B 276 43.75 2.50 44.24
CA LEU B 276 44.75 3.53 44.43
C LEU B 276 45.02 4.35 43.18
N GLY B 277 44.35 4.02 42.06
CA GLY B 277 44.53 4.75 40.82
C GLY B 277 45.74 4.35 39.99
N LEU B 278 46.48 3.32 40.40
CA LEU B 278 47.66 2.90 39.67
C LEU B 278 47.29 2.30 38.32
N PRO B 279 48.22 2.30 37.37
CA PRO B 279 47.91 1.84 36.01
C PRO B 279 48.23 0.38 35.73
N GLU B 280 48.66 -0.38 36.74
CA GLU B 280 48.98 -1.80 36.58
C GLU B 280 50.04 -2.04 35.51
N THR B 287 62.06 -3.15 26.93
CA THR B 287 61.88 -4.59 27.13
C THR B 287 63.08 -5.21 27.84
N THR B 288 62.94 -6.47 28.22
CA THR B 288 63.98 -7.21 28.90
C THR B 288 64.68 -8.17 27.93
N THR B 289 65.71 -8.85 28.43
CA THR B 289 66.47 -9.83 27.66
C THR B 289 66.25 -11.26 28.14
N TYR B 290 66.16 -11.46 29.45
CA TYR B 290 65.97 -12.78 30.03
C TYR B 290 64.73 -12.78 30.92
N LEU B 291 64.00 -13.89 30.91
CA LEU B 291 62.80 -14.05 31.73
C LEU B 291 62.95 -15.33 32.55
N THR B 292 62.88 -15.19 33.88
CA THR B 292 62.97 -16.35 34.76
C THR B 292 61.73 -17.22 34.64
N TYR B 293 61.91 -18.50 34.93
CA TYR B 293 60.76 -19.42 34.92
C TYR B 293 59.69 -18.98 35.91
N ASN B 294 60.11 -18.49 37.08
CA ASN B 294 59.15 -18.01 38.08
C ASN B 294 58.36 -16.81 37.55
N ASP B 295 59.04 -15.90 36.85
CA ASP B 295 58.35 -14.73 36.31
C ASP B 295 57.30 -15.13 35.27
N PHE B 296 57.62 -16.09 34.40
CA PHE B 296 56.67 -16.51 33.38
C PHE B 296 55.40 -17.08 34.01
N ILE B 297 55.57 -17.93 35.03
CA ILE B 297 54.41 -18.57 35.65
C ILE B 297 53.54 -17.53 36.36
N ASN B 298 54.16 -16.63 37.10
CA ASN B 298 53.41 -15.70 37.94
C ASN B 298 52.91 -14.47 37.21
N LYS B 299 53.39 -14.20 35.99
CA LYS B 299 53.01 -13.01 35.27
C LYS B 299 52.34 -13.27 33.93
N GLU B 300 52.56 -14.43 33.32
CA GLU B 300 51.96 -14.73 32.03
C GLU B 300 50.92 -15.83 32.13
N LEU B 301 51.29 -17.01 32.64
CA LEU B 301 50.34 -18.11 32.71
C LEU B 301 49.19 -17.82 33.66
N ILE B 302 49.32 -16.84 34.56
CA ILE B 302 48.25 -16.50 35.48
C ILE B 302 47.00 -16.05 34.73
N LEU B 303 47.18 -15.41 33.57
CA LEU B 303 46.04 -14.87 32.82
C LEU B 303 45.14 -15.97 32.28
N PHE B 304 45.66 -17.17 32.07
CA PHE B 304 44.85 -18.25 31.53
C PHE B 304 43.78 -18.71 32.51
N SER B 305 44.16 -18.94 33.78
CA SER B 305 43.18 -19.47 34.73
C SER B 305 42.12 -18.44 35.09
N ASN B 306 42.52 -17.19 35.25
CA ASN B 306 41.52 -16.16 35.52
C ASN B 306 40.63 -15.89 34.31
N SER B 307 41.07 -16.25 33.11
CA SER B 307 40.24 -16.03 31.93
C SER B 307 38.95 -16.84 32.02
N ASP B 308 39.03 -18.09 32.47
CA ASP B 308 37.82 -18.88 32.65
C ASP B 308 36.92 -18.24 33.70
N ASN B 309 37.50 -17.75 34.80
CA ASN B 309 36.71 -17.05 35.80
C ASN B 309 36.11 -15.77 35.24
N GLU B 310 36.90 -15.01 34.46
CA GLU B 310 36.42 -13.73 33.95
C GLU B 310 35.37 -13.89 32.87
N ARG B 311 35.28 -15.06 32.24
CA ARG B 311 34.28 -15.31 31.20
C ARG B 311 33.02 -15.97 31.70
N SER B 312 33.07 -16.64 32.85
CA SER B 312 31.95 -17.45 33.32
C SER B 312 31.19 -16.85 34.49
N ILE B 313 31.84 -16.07 35.34
CA ILE B 313 31.21 -15.49 36.52
C ILE B 313 30.83 -14.04 36.19
N PRO B 314 29.57 -13.65 36.32
CA PRO B 314 29.17 -12.29 35.96
C PRO B 314 29.65 -11.25 36.97
N SER B 315 29.51 -9.99 36.56
CA SER B 315 29.86 -8.87 37.41
C SER B 315 28.65 -8.46 38.26
N MET B 316 28.91 -8.03 39.49
CA MET B 316 27.82 -7.61 40.34
C MET B 316 27.23 -6.26 39.91
N VAL B 317 27.98 -5.46 39.16
CA VAL B 317 27.51 -4.13 38.81
C VAL B 317 26.35 -4.20 37.82
N ASP B 318 26.50 -5.01 36.76
CA ASP B 318 25.46 -5.09 35.75
C ASP B 318 24.89 -6.49 35.59
N GLY B 319 25.43 -7.49 36.30
CA GLY B 319 24.91 -8.84 36.19
C GLY B 319 25.25 -9.54 34.90
N LEU B 320 26.27 -9.07 34.19
CA LEU B 320 26.59 -9.58 32.87
C LEU B 320 27.98 -10.21 32.86
N LYS B 321 28.14 -11.20 31.99
CA LYS B 321 29.43 -11.73 31.57
C LYS B 321 29.93 -10.94 30.38
N PRO B 322 31.23 -10.98 30.08
CA PRO B 322 31.74 -10.16 28.97
C PRO B 322 31.06 -10.42 27.64
N GLY B 323 30.72 -11.67 27.32
CA GLY B 323 30.03 -11.94 26.07
C GLY B 323 28.65 -11.29 25.99
N GLN B 324 27.88 -11.36 27.09
CA GLN B 324 26.59 -10.69 27.12
C GLN B 324 26.76 -9.18 26.97
N ARG B 325 27.77 -8.62 27.64
CA ARG B 325 28.01 -7.18 27.57
C ARG B 325 28.32 -6.75 26.14
N LYS B 326 29.08 -7.57 25.41
CA LYS B 326 29.42 -7.24 24.03
C LYS B 326 28.17 -7.18 23.16
N VAL B 327 27.23 -8.10 23.38
CA VAL B 327 25.98 -8.07 22.63
C VAL B 327 25.18 -6.83 22.98
N LEU B 328 25.04 -6.53 24.28
CA LEU B 328 24.27 -5.37 24.71
C LEU B 328 24.92 -4.07 24.22
N PHE B 329 26.25 -4.00 24.29
CA PHE B 329 26.96 -2.84 23.77
C PHE B 329 26.73 -2.67 22.28
N THR B 330 26.74 -3.78 21.53
CA THR B 330 26.44 -3.69 20.09
C THR B 330 25.02 -3.17 19.87
N CYS B 331 24.05 -3.67 20.65
CA CYS B 331 22.67 -3.20 20.51
C CYS B 331 22.55 -1.71 20.84
N PHE B 332 23.24 -1.25 21.90
CA PHE B 332 23.17 0.17 22.24
C PHE B 332 23.75 1.04 21.12
N LYS B 333 24.89 0.62 20.56
CA LYS B 333 25.53 1.42 19.52
C LYS B 333 24.72 1.43 18.23
N ARG B 334 24.10 0.30 17.89
CA ARG B 334 23.27 0.25 16.70
C ARG B 334 22.03 1.12 16.86
N ASN B 335 21.39 1.07 18.02
CA ASN B 335 20.17 1.86 18.28
C ASN B 335 19.11 1.58 17.21
N ASP B 336 18.81 0.30 17.00
CA ASP B 336 17.85 -0.11 15.99
C ASP B 336 16.45 0.34 16.39
N LYS B 337 15.80 1.10 15.53
CA LYS B 337 14.40 1.45 15.75
C LYS B 337 13.44 0.42 15.19
N ARG B 338 13.95 -0.54 14.41
CA ARG B 338 13.12 -1.60 13.86
C ARG B 338 13.80 -2.94 14.13
N GLU B 339 12.99 -3.99 14.12
CA GLU B 339 13.51 -5.32 14.45
C GLU B 339 14.55 -5.76 13.42
N VAL B 340 15.52 -6.55 13.89
CA VAL B 340 16.59 -7.04 13.05
C VAL B 340 16.74 -8.55 13.26
N LYS B 341 17.18 -9.23 12.21
CA LYS B 341 17.42 -10.66 12.28
C LYS B 341 18.54 -10.96 13.26
N VAL B 342 18.40 -12.07 14.00
CA VAL B 342 19.45 -12.44 14.95
C VAL B 342 20.76 -12.73 14.22
N ALA B 343 20.67 -13.37 13.05
CA ALA B 343 21.87 -13.63 12.25
C ALA B 343 22.56 -12.34 11.86
N GLN B 344 21.79 -11.32 11.48
CA GLN B 344 22.39 -10.04 11.13
C GLN B 344 23.01 -9.36 12.35
N LEU B 345 22.33 -9.43 13.50
CA LEU B 345 22.87 -8.83 14.72
C LEU B 345 24.14 -9.54 15.17
N ALA B 346 24.19 -10.87 15.01
CA ALA B 346 25.39 -11.60 15.38
C ALA B 346 26.59 -11.12 14.58
N GLY B 347 26.40 -10.87 13.28
CA GLY B 347 27.48 -10.32 12.48
C GLY B 347 27.92 -8.95 12.99
N SER B 348 26.95 -8.12 13.37
CA SER B 348 27.26 -6.79 13.92
C SER B 348 28.07 -6.90 15.21
N VAL B 349 27.74 -7.86 16.08
CA VAL B 349 28.51 -8.04 17.30
C VAL B 349 29.93 -8.44 16.99
N ALA B 350 30.11 -9.35 16.02
CA ALA B 350 31.45 -9.77 15.63
C ALA B 350 32.23 -8.62 15.02
N GLU B 351 31.56 -7.74 14.28
CA GLU B 351 32.22 -6.61 13.64
C GLU B 351 32.56 -5.50 14.64
N MET B 352 31.67 -5.25 15.59
CA MET B 352 31.75 -4.05 16.40
C MET B 352 32.39 -4.25 17.76
N SER B 353 32.33 -5.44 18.32
CA SER B 353 32.79 -5.69 19.68
C SER B 353 34.00 -6.61 19.74
N SER B 354 34.54 -7.04 18.60
CA SER B 354 35.68 -7.96 18.55
C SER B 354 35.38 -9.25 19.30
N TYR B 355 34.16 -9.73 19.18
CA TYR B 355 33.79 -11.02 19.74
C TYR B 355 34.48 -12.12 18.94
N HIS B 356 35.28 -12.95 19.62
CA HIS B 356 36.07 -13.95 18.90
C HIS B 356 35.87 -15.35 19.47
N HIS B 357 34.70 -15.62 20.03
CA HIS B 357 34.36 -16.94 20.52
C HIS B 357 33.54 -17.65 19.45
N GLY B 358 32.96 -18.78 19.80
CA GLY B 358 32.18 -19.53 18.83
C GLY B 358 30.97 -18.77 18.32
N GLU B 359 30.62 -19.05 17.07
CA GLU B 359 29.37 -18.50 16.52
C GLU B 359 28.17 -19.05 17.27
N MET B 360 28.20 -20.34 17.61
CA MET B 360 27.09 -20.93 18.36
C MET B 360 26.97 -20.28 19.74
N SER B 361 28.11 -19.98 20.37
CA SER B 361 28.08 -19.28 21.64
C SER B 361 27.47 -17.89 21.50
N LEU B 362 27.81 -17.18 20.42
CA LEU B 362 27.25 -15.86 20.21
C LEU B 362 25.74 -15.91 20.00
N MET B 363 25.27 -16.88 19.20
CA MET B 363 23.85 -17.03 18.96
C MET B 363 23.10 -17.28 20.26
N MET B 364 23.67 -18.12 21.14
CA MET B 364 23.02 -18.42 22.39
C MET B 364 23.00 -17.21 23.33
N THR B 365 24.06 -16.41 23.31
CA THR B 365 24.09 -15.22 24.16
C THR B 365 22.98 -14.24 23.77
N ILE B 366 22.79 -14.01 22.47
CA ILE B 366 21.72 -13.13 22.02
C ILE B 366 20.35 -13.70 22.39
N ILE B 367 20.14 -14.99 22.10
CA ILE B 367 18.84 -15.61 22.34
C ILE B 367 18.51 -15.61 23.82
N ASN B 368 19.50 -15.93 24.66
CA ASN B 368 19.27 -15.97 26.09
C ASN B 368 18.98 -14.58 26.64
N LEU B 369 19.52 -13.54 26.01
CA LEU B 369 19.20 -12.19 26.48
C LEU B 369 17.76 -11.80 26.18
N ALA B 370 17.06 -12.53 25.31
CA ALA B 370 15.72 -12.18 24.90
C ALA B 370 14.65 -13.09 25.46
N GLN B 371 15.02 -14.23 26.03
CA GLN B 371 14.02 -15.19 26.50
C GLN B 371 13.22 -14.61 27.66
N ASN B 372 11.90 -14.89 27.66
CA ASN B 372 11.03 -14.31 28.67
C ASN B 372 10.09 -15.35 29.26
N PHE B 373 10.48 -16.62 29.26
CA PHE B 373 9.63 -17.67 29.81
C PHE B 373 9.92 -17.87 31.30
N VAL B 374 9.00 -18.56 31.97
CA VAL B 374 9.15 -18.80 33.41
C VAL B 374 10.47 -19.52 33.66
N GLY B 375 11.31 -18.94 34.52
CA GLY B 375 12.63 -19.45 34.79
C GLY B 375 13.76 -18.71 34.11
N SER B 376 13.47 -17.98 33.03
CA SER B 376 14.44 -17.14 32.33
C SER B 376 14.44 -15.76 32.97
N ASN B 377 14.80 -14.73 32.20
CA ASN B 377 14.92 -13.39 32.73
C ASN B 377 13.59 -12.83 33.24
N ASN B 378 13.63 -12.21 34.42
CA ASN B 378 12.49 -11.44 34.89
C ASN B 378 12.26 -10.18 34.07
N LEU B 379 13.32 -9.67 33.43
CA LEU B 379 13.24 -8.48 32.59
C LEU B 379 14.20 -8.69 31.42
N ASN B 380 13.66 -9.13 30.28
CA ASN B 380 14.53 -9.36 29.13
C ASN B 380 14.93 -8.05 28.49
N LEU B 381 16.23 -7.86 28.29
CA LEU B 381 16.73 -6.66 27.64
C LEU B 381 16.52 -6.69 26.13
N LEU B 382 16.38 -7.88 25.54
CA LEU B 382 16.12 -7.99 24.12
C LEU B 382 14.72 -8.56 23.90
N GLN B 383 14.13 -8.19 22.80
CA GLN B 383 12.77 -8.62 22.51
C GLN B 383 12.79 -9.97 21.78
N PRO B 384 12.06 -10.96 22.26
CA PRO B 384 12.00 -12.27 21.55
C PRO B 384 10.95 -12.29 20.45
N ILE B 385 11.24 -11.61 19.34
CA ILE B 385 10.29 -11.54 18.24
C ILE B 385 10.44 -12.76 17.34
N GLY B 386 9.72 -13.83 17.66
CA GLY B 386 9.79 -15.09 16.96
C GLY B 386 9.94 -16.22 17.95
N GLN B 387 10.34 -17.39 17.45
CA GLN B 387 10.48 -18.58 18.29
C GLN B 387 11.87 -18.58 18.93
N PHE B 388 11.95 -18.09 20.17
CA PHE B 388 13.19 -17.97 20.92
C PHE B 388 13.35 -19.05 21.99
N GLY B 389 12.54 -20.08 21.95
CA GLY B 389 12.56 -21.09 23.00
C GLY B 389 11.58 -20.77 24.11
N THR B 390 11.04 -21.83 24.71
CA THR B 390 9.99 -21.69 25.71
C THR B 390 10.29 -22.59 26.89
N ARG B 391 9.38 -22.58 27.87
CA ARG B 391 9.46 -23.46 29.03
C ARG B 391 9.21 -24.93 28.67
N LEU B 392 8.73 -25.21 27.46
CA LEU B 392 8.51 -26.60 27.06
C LEU B 392 9.83 -27.37 27.04
N HIS B 393 10.89 -26.72 26.56
CA HIS B 393 12.21 -27.34 26.42
C HIS B 393 13.31 -26.49 27.05
N GLY B 394 12.97 -25.64 28.01
CA GLY B 394 13.96 -24.83 28.68
C GLY B 394 14.67 -23.86 27.78
N GLY B 395 13.99 -23.34 26.76
CA GLY B 395 14.61 -22.41 25.85
C GLY B 395 15.40 -23.05 24.72
N LYS B 396 15.55 -24.37 24.71
CA LYS B 396 16.29 -25.03 23.64
C LYS B 396 15.50 -25.12 22.35
N ASP B 397 14.17 -24.94 22.40
CA ASP B 397 13.32 -25.05 21.23
C ASP B 397 13.22 -23.73 20.46
N SER B 398 14.37 -23.12 20.15
CA SER B 398 14.41 -21.86 19.40
C SER B 398 14.64 -22.13 17.92
N ALA B 399 14.20 -21.18 17.09
CA ALA B 399 14.33 -21.38 15.65
C ALA B 399 15.68 -20.85 15.16
N SER B 400 15.89 -20.99 13.85
CA SER B 400 17.15 -20.61 13.26
C SER B 400 17.37 -19.11 13.40
N PRO B 401 18.62 -18.67 13.62
CA PRO B 401 18.89 -17.23 13.76
C PRO B 401 18.56 -16.42 12.51
N ARG B 402 18.47 -17.05 11.35
CA ARG B 402 18.08 -16.34 10.15
C ARG B 402 16.58 -16.05 10.07
N TYR B 403 15.77 -16.61 10.98
CA TYR B 403 14.33 -16.43 10.94
C TYR B 403 13.76 -15.70 12.14
N ILE B 404 14.48 -15.59 13.24
CA ILE B 404 13.98 -14.94 14.43
C ILE B 404 14.57 -13.54 14.52
N PHE B 405 13.77 -12.60 15.00
CA PHE B 405 14.12 -11.19 15.03
C PHE B 405 14.21 -10.68 16.47
N THR B 406 14.97 -9.62 16.65
CA THR B 406 15.11 -9.03 17.97
C THR B 406 15.46 -7.56 17.83
N MET B 407 15.31 -6.86 18.96
CA MET B 407 15.74 -5.49 19.12
C MET B 407 15.68 -5.19 20.61
N LEU B 408 16.17 -4.01 20.99
CA LEU B 408 16.18 -3.65 22.40
C LEU B 408 14.76 -3.55 22.93
N SER B 409 14.59 -3.91 24.18
CA SER B 409 13.34 -3.66 24.86
C SER B 409 13.24 -2.17 25.17
N SER B 410 12.01 -1.67 25.29
CA SER B 410 11.87 -0.26 25.61
C SER B 410 12.39 0.07 27.01
N LEU B 411 12.64 -0.94 27.84
CA LEU B 411 13.17 -0.74 29.17
C LEU B 411 14.69 -0.73 29.24
N ALA B 412 15.37 -1.20 28.19
CA ALA B 412 16.81 -1.40 28.27
C ALA B 412 17.56 -0.08 28.50
N ARG B 413 17.25 0.95 27.72
CA ARG B 413 17.94 2.23 27.89
C ARG B 413 17.36 3.06 29.02
N LEU B 414 16.21 2.66 29.56
CA LEU B 414 15.76 3.24 30.82
C LEU B 414 16.51 2.61 31.98
N LEU B 415 16.83 1.32 31.86
CA LEU B 415 17.64 0.65 32.88
C LEU B 415 19.11 1.05 32.77
N PHE B 416 19.63 1.14 31.55
CA PHE B 416 21.00 1.56 31.29
C PHE B 416 20.97 2.93 30.62
N PRO B 417 20.89 4.01 31.38
CA PRO B 417 20.64 5.33 30.78
C PRO B 417 21.82 5.78 29.93
N PRO B 418 21.55 6.38 28.78
CA PRO B 418 22.64 6.87 27.93
C PRO B 418 23.51 7.91 28.60
N LYS B 419 22.96 8.72 29.51
CA LYS B 419 23.77 9.74 30.15
C LYS B 419 24.89 9.16 30.99
N ASP B 420 24.78 7.90 31.43
CA ASP B 420 25.85 7.32 32.23
C ASP B 420 27.01 6.82 31.39
N ASP B 421 26.84 6.67 30.07
CA ASP B 421 27.91 6.10 29.25
C ASP B 421 29.17 6.95 29.30
N HIS B 422 29.04 8.26 29.50
CA HIS B 422 30.21 9.13 29.53
C HIS B 422 31.04 8.97 30.79
N THR B 423 30.56 8.23 31.79
CA THR B 423 31.33 7.99 33.01
C THR B 423 31.94 6.60 33.06
N LEU B 424 31.72 5.77 32.05
CA LEU B 424 32.21 4.40 32.06
C LEU B 424 33.59 4.32 31.44
N LYS B 425 34.26 3.19 31.66
CA LYS B 425 35.58 2.92 31.11
C LYS B 425 35.43 1.89 29.98
N PHE B 426 35.45 2.36 28.74
CA PHE B 426 35.31 1.47 27.60
C PHE B 426 36.64 0.81 27.27
N LEU B 427 36.61 -0.48 27.02
CA LEU B 427 37.81 -1.26 26.79
C LEU B 427 38.21 -1.23 25.31
N TYR B 428 39.43 -1.68 25.04
CA TYR B 428 39.98 -1.74 23.70
C TYR B 428 40.37 -3.18 23.39
N ASP B 429 40.01 -3.65 22.21
CA ASP B 429 40.54 -4.89 21.68
C ASP B 429 41.52 -4.48 20.59
N ASP B 430 42.81 -4.49 20.93
CA ASP B 430 43.85 -3.94 20.07
C ASP B 430 43.55 -2.48 19.80
N ASN B 431 43.14 -2.15 18.57
CA ASN B 431 42.90 -0.78 18.19
C ASN B 431 41.43 -0.40 18.18
N GLN B 432 40.52 -1.33 18.51
CA GLN B 432 39.08 -1.06 18.44
C GLN B 432 38.53 -0.83 19.84
N ARG B 433 37.82 0.28 20.00
CA ARG B 433 37.10 0.53 21.25
C ARG B 433 35.86 -0.35 21.31
N VAL B 434 35.69 -1.06 22.41
CA VAL B 434 34.64 -2.06 22.57
C VAL B 434 33.87 -1.76 23.84
N GLU B 435 33.02 -2.69 24.26
CA GLU B 435 32.21 -2.59 25.48
C GLU B 435 33.01 -2.16 26.70
N PRO B 436 32.37 -1.57 27.70
CA PRO B 436 33.08 -1.16 28.91
C PRO B 436 33.36 -2.34 29.83
N GLU B 437 34.11 -2.06 30.89
CA GLU B 437 34.33 -3.07 31.92
C GLU B 437 33.00 -3.46 32.55
N TRP B 438 32.12 -2.49 32.79
CA TRP B 438 30.74 -2.80 33.14
C TRP B 438 29.85 -1.61 32.83
N TYR B 439 28.56 -1.88 32.70
CA TYR B 439 27.55 -0.84 32.71
C TYR B 439 27.12 -0.58 34.14
N ILE B 440 26.40 0.52 34.36
CA ILE B 440 25.93 0.85 35.71
C ILE B 440 24.42 1.11 35.67
N PRO B 441 23.59 0.07 35.74
CA PRO B 441 22.14 0.26 35.66
C PRO B 441 21.57 0.94 36.90
N ILE B 442 20.30 1.35 36.79
CA ILE B 442 19.65 2.08 37.88
C ILE B 442 19.17 1.15 39.00
N ILE B 443 19.02 -0.14 38.74
CA ILE B 443 18.76 -1.13 39.78
C ILE B 443 19.73 -2.27 39.57
N PRO B 444 20.02 -3.05 40.62
CA PRO B 444 20.98 -4.15 40.45
C PRO B 444 20.41 -5.24 39.57
N MET B 445 20.86 -5.28 38.32
CA MET B 445 20.32 -6.23 37.34
C MET B 445 20.68 -7.67 37.67
N VAL B 446 21.77 -7.88 38.41
CA VAL B 446 22.21 -9.22 38.79
C VAL B 446 21.17 -9.92 39.66
N LEU B 447 20.37 -9.15 40.41
CA LEU B 447 19.30 -9.74 41.17
C LEU B 447 18.00 -9.86 40.38
N ILE B 448 17.92 -9.23 39.21
CA ILE B 448 16.69 -9.26 38.43
C ILE B 448 16.62 -10.53 37.61
N ASN B 449 17.66 -10.82 36.84
CA ASN B 449 17.68 -11.98 35.98
C ASN B 449 18.57 -13.09 36.53
N GLY B 450 19.09 -12.93 37.74
CA GLY B 450 19.90 -13.95 38.36
C GLY B 450 21.29 -14.02 37.76
N ALA B 451 22.06 -14.98 38.25
CA ALA B 451 23.43 -15.17 37.82
C ALA B 451 23.81 -16.63 37.96
N GLU B 452 24.52 -17.14 36.96
CA GLU B 452 24.93 -18.54 36.95
C GLU B 452 26.25 -18.66 36.18
N GLY B 453 27.19 -19.40 36.76
CA GLY B 453 28.47 -19.58 36.12
C GLY B 453 29.39 -20.48 36.91
N ILE B 454 30.26 -21.21 36.19
CA ILE B 454 31.24 -22.09 36.80
C ILE B 454 32.62 -21.67 36.30
N GLY B 455 33.49 -21.29 37.23
CA GLY B 455 34.84 -20.93 36.86
C GLY B 455 35.86 -21.96 37.31
N THR B 456 37.06 -21.50 37.65
CA THR B 456 38.14 -22.37 38.12
C THR B 456 38.38 -22.08 39.60
N GLY B 457 37.65 -22.80 40.47
CA GLY B 457 37.75 -22.64 41.90
C GLY B 457 36.51 -22.05 42.54
N TRP B 458 35.75 -21.26 41.78
CA TRP B 458 34.53 -20.63 42.28
C TRP B 458 33.35 -20.97 41.38
N SER B 459 32.16 -20.81 41.94
CA SER B 459 30.93 -21.01 41.20
C SER B 459 29.90 -20.00 41.69
N CYS B 460 28.99 -19.64 40.79
CA CYS B 460 27.99 -18.62 41.06
C CYS B 460 26.59 -19.15 40.77
N LYS B 461 25.67 -18.89 41.70
CA LYS B 461 24.26 -19.19 41.49
C LYS B 461 23.44 -18.20 42.30
N ILE B 462 22.72 -17.31 41.62
CA ILE B 462 21.85 -16.33 42.27
C ILE B 462 20.47 -16.43 41.65
N PRO B 463 19.41 -16.52 42.43
CA PRO B 463 18.06 -16.61 41.87
C PRO B 463 17.57 -15.24 41.41
N ASN B 464 16.37 -15.23 40.82
CA ASN B 464 15.75 -13.98 40.38
C ASN B 464 14.96 -13.37 41.53
N PHE B 465 14.80 -12.05 41.48
CA PHE B 465 14.07 -11.30 42.49
C PHE B 465 13.15 -10.31 41.81
N ASP B 466 12.11 -9.90 42.55
CA ASP B 466 11.07 -9.04 42.01
C ASP B 466 11.57 -7.63 41.73
N VAL B 467 11.28 -7.14 40.51
CA VAL B 467 11.76 -5.82 40.11
C VAL B 467 11.22 -4.72 41.02
N ARG B 468 9.91 -4.78 41.30
CA ARG B 468 9.30 -3.73 42.12
C ARG B 468 9.83 -3.76 43.54
N GLU B 469 10.09 -4.95 44.09
CA GLU B 469 10.70 -5.03 45.41
C GLU B 469 12.10 -4.44 45.41
N ILE B 470 12.88 -4.71 44.36
CA ILE B 470 14.23 -4.16 44.27
C ILE B 470 14.18 -2.64 44.12
N VAL B 471 13.26 -2.14 43.30
CA VAL B 471 13.11 -0.69 43.18
C VAL B 471 12.69 -0.09 44.52
N ASN B 472 11.74 -0.74 45.19
CA ASN B 472 11.30 -0.25 46.49
C ASN B 472 12.43 -0.25 47.50
N ASN B 473 13.23 -1.31 47.52
CA ASN B 473 14.35 -1.36 48.46
C ASN B 473 15.41 -0.31 48.15
N ILE B 474 15.64 -0.04 46.86
CA ILE B 474 16.56 1.03 46.49
C ILE B 474 16.05 2.37 47.00
N ARG B 475 14.74 2.62 46.85
CA ARG B 475 14.16 3.85 47.34
C ARG B 475 14.34 3.99 48.85
N ARG B 476 14.17 2.88 49.58
CA ARG B 476 14.36 2.91 51.03
C ARG B 476 15.79 3.28 51.40
N LEU B 477 16.77 2.73 50.69
CA LEU B 477 18.16 3.07 50.99
C LEU B 477 18.43 4.54 50.75
N MET B 478 17.82 5.11 49.70
CA MET B 478 17.98 6.54 49.44
C MET B 478 17.40 7.38 50.56
N ASP B 479 16.31 6.91 51.19
CA ASP B 479 15.68 7.64 52.28
C ASP B 479 16.35 7.40 53.63
N GLY B 480 17.30 6.47 53.71
CA GLY B 480 17.97 6.17 54.97
C GLY B 480 17.37 5.03 55.75
N GLU B 481 16.30 4.42 55.25
CA GLU B 481 15.66 3.29 55.92
C GLU B 481 16.39 1.98 55.60
N GLU B 482 16.13 0.96 56.45
CA GLU B 482 16.72 -0.36 56.26
C GLU B 482 15.98 -1.12 55.16
N PRO B 483 16.71 -1.84 54.30
CA PRO B 483 16.03 -2.62 53.25
C PRO B 483 15.18 -3.73 53.82
N LEU B 484 14.04 -3.96 53.19
CA LEU B 484 13.17 -5.07 53.55
C LEU B 484 13.76 -6.38 53.04
N PRO B 485 13.53 -7.48 53.76
CA PRO B 485 13.95 -8.80 53.27
C PRO B 485 13.24 -9.14 51.97
N MET B 486 13.96 -9.84 51.10
CA MET B 486 13.46 -10.21 49.78
C MET B 486 13.58 -11.72 49.57
N LEU B 487 12.52 -12.32 49.15
CA LEU B 487 12.56 -13.71 48.73
C LEU B 487 12.75 -13.80 47.23
N PRO B 488 13.33 -14.89 46.72
CA PRO B 488 13.38 -15.08 45.27
C PRO B 488 11.99 -15.07 44.67
N SER B 489 11.86 -14.41 43.51
CA SER B 489 10.59 -14.25 42.83
C SER B 489 10.82 -14.37 41.34
N TYR B 490 10.04 -15.22 40.67
CA TYR B 490 10.16 -15.46 39.23
C TYR B 490 8.91 -15.00 38.51
N LYS B 491 9.10 -14.17 37.48
CA LYS B 491 7.96 -13.58 36.78
C LYS B 491 7.06 -14.66 36.20
N ASN B 492 5.77 -14.54 36.49
CA ASN B 492 4.69 -15.42 36.04
C ASN B 492 4.72 -16.79 36.69
N PHE B 493 5.60 -17.00 37.67
CA PHE B 493 5.59 -18.27 38.39
C PHE B 493 4.37 -18.32 39.30
N LYS B 494 3.58 -19.38 39.15
CA LYS B 494 2.33 -19.55 39.89
C LYS B 494 2.49 -20.38 41.16
N GLY B 495 3.70 -20.83 41.47
CA GLY B 495 3.93 -21.65 42.64
C GLY B 495 4.34 -20.83 43.84
N THR B 496 4.96 -21.52 44.80
CA THR B 496 5.38 -20.90 46.04
C THR B 496 6.89 -21.04 46.22
N ILE B 497 7.49 -20.04 46.84
CA ILE B 497 8.89 -20.04 47.23
C ILE B 497 8.95 -19.69 48.71
N GLU B 498 9.44 -20.62 49.54
CA GLU B 498 9.50 -20.44 50.98
C GLU B 498 10.94 -20.57 51.46
N GLU B 499 11.29 -19.79 52.49
CA GLU B 499 12.61 -19.82 53.09
C GLU B 499 12.57 -20.70 54.33
N LEU B 500 13.24 -21.86 54.27
CA LEU B 500 13.35 -22.70 55.47
C LEU B 500 14.35 -22.12 56.45
N ALA B 501 15.45 -21.61 55.94
CA ALA B 501 16.59 -21.14 56.74
C ALA B 501 17.31 -20.10 55.90
N PRO B 502 18.15 -19.26 56.53
CA PRO B 502 18.81 -18.20 55.75
C PRO B 502 19.51 -18.74 54.51
N ASN B 503 19.18 -18.15 53.37
CA ASN B 503 19.70 -18.52 52.05
C ASN B 503 19.27 -19.92 51.61
N GLN B 504 18.30 -20.53 52.30
CA GLN B 504 17.81 -21.86 51.94
C GLN B 504 16.33 -21.74 51.59
N TYR B 505 15.98 -22.16 50.38
CA TYR B 505 14.63 -21.98 49.88
C TYR B 505 14.09 -23.28 49.30
N VAL B 506 12.78 -23.38 49.26
CA VAL B 506 12.08 -24.49 48.63
C VAL B 506 11.08 -23.91 47.63
N ILE B 507 11.19 -24.31 46.38
CA ILE B 507 10.28 -23.88 45.32
C ILE B 507 9.35 -25.05 45.01
N SER B 508 8.04 -24.78 45.00
CA SER B 508 7.07 -25.84 44.84
C SER B 508 6.07 -25.48 43.75
N GLY B 509 5.63 -26.50 43.03
CA GLY B 509 4.57 -26.36 42.05
C GLY B 509 3.20 -26.54 42.66
N GLU B 510 2.20 -26.65 41.78
CA GLU B 510 0.80 -26.74 42.17
C GLU B 510 0.19 -28.05 41.71
N VAL B 511 -0.50 -28.73 42.61
CA VAL B 511 -1.24 -29.96 42.31
C VAL B 511 -2.57 -29.90 43.05
N ALA B 512 -3.64 -30.28 42.37
CA ALA B 512 -4.97 -30.25 42.97
C ALA B 512 -5.66 -31.59 42.75
N ILE B 513 -6.33 -32.07 43.80
CA ILE B 513 -7.14 -33.27 43.69
C ILE B 513 -8.50 -32.89 43.12
N LEU B 514 -8.90 -33.56 42.03
CA LEU B 514 -10.18 -33.29 41.41
C LEU B 514 -11.25 -34.30 41.81
N ASN B 515 -10.91 -35.58 41.85
CA ASN B 515 -11.84 -36.61 42.28
C ASN B 515 -11.03 -37.77 42.85
N SER B 516 -11.71 -38.88 43.13
CA SER B 516 -11.07 -40.02 43.78
C SER B 516 -9.96 -40.65 42.95
N THR B 517 -9.92 -40.39 41.65
CA THR B 517 -8.92 -41.01 40.79
C THR B 517 -8.15 -40.00 39.95
N THR B 518 -8.33 -38.70 40.18
CA THR B 518 -7.76 -37.70 39.29
C THR B 518 -7.13 -36.55 40.07
N ILE B 519 -5.96 -36.13 39.62
CA ILE B 519 -5.27 -34.95 40.12
C ILE B 519 -4.84 -34.12 38.92
N GLU B 520 -4.72 -32.82 39.12
CA GLU B 520 -4.25 -31.92 38.08
C GLU B 520 -3.01 -31.19 38.56
N ILE B 521 -2.04 -31.07 37.67
CA ILE B 521 -0.80 -30.35 37.94
C ILE B 521 -0.80 -29.10 37.07
N SER B 522 -0.94 -27.95 37.70
CA SER B 522 -1.05 -26.68 36.99
C SER B 522 0.22 -25.84 37.07
N GLU B 523 1.26 -26.32 37.75
CA GLU B 523 2.50 -25.56 37.81
C GLU B 523 3.63 -26.50 38.17
N LEU B 524 4.76 -26.34 37.47
CA LEU B 524 5.99 -27.03 37.80
C LEU B 524 6.92 -26.08 38.54
N PRO B 525 7.83 -26.61 39.36
CA PRO B 525 8.78 -25.72 40.06
C PRO B 525 9.68 -25.01 39.06
N VAL B 526 10.22 -23.86 39.49
CA VAL B 526 11.03 -23.04 38.60
C VAL B 526 12.18 -23.86 38.06
N ARG B 527 12.45 -23.72 36.76
CA ARG B 527 13.48 -24.40 36.00
C ARG B 527 13.17 -25.86 35.71
N THR B 528 11.94 -26.31 36.00
CA THR B 528 11.48 -27.63 35.59
C THR B 528 10.69 -27.46 34.30
N TRP B 529 11.17 -28.06 33.23
CA TRP B 529 10.58 -27.84 31.91
C TRP B 529 9.55 -28.92 31.63
N THR B 530 8.55 -28.55 30.83
CA THR B 530 7.41 -29.44 30.62
C THR B 530 7.83 -30.76 30.01
N GLN B 531 8.65 -30.72 28.94
CA GLN B 531 9.07 -31.95 28.29
C GLN B 531 9.96 -32.77 29.21
N THR B 532 10.85 -32.11 29.95
CA THR B 532 11.72 -32.85 30.85
C THR B 532 10.95 -33.49 31.99
N TYR B 533 9.85 -32.86 32.42
CA TYR B 533 9.04 -33.42 33.49
C TYR B 533 8.21 -34.59 32.97
N LYS B 534 7.68 -34.45 31.76
CA LYS B 534 6.92 -35.54 31.18
C LYS B 534 7.81 -36.75 30.92
N GLU B 535 9.06 -36.52 30.51
CA GLU B 535 9.94 -37.63 30.14
C GLU B 535 10.56 -38.28 31.36
N GLN B 536 10.91 -37.50 32.37
CA GLN B 536 11.63 -38.02 33.53
C GLN B 536 10.72 -38.41 34.67
N VAL B 537 9.57 -37.75 34.83
CA VAL B 537 8.70 -38.05 35.95
C VAL B 537 7.48 -38.85 35.50
N LEU B 538 6.66 -38.26 34.62
CA LEU B 538 5.35 -38.86 34.34
C LEU B 538 5.45 -40.12 33.49
N GLU B 539 6.32 -40.12 32.47
CA GLU B 539 6.54 -41.33 31.67
C GLU B 539 6.89 -42.54 32.53
N PRO B 540 7.91 -42.49 33.40
CA PRO B 540 8.14 -43.65 34.29
C PRO B 540 6.96 -44.01 35.16
N MET B 541 6.14 -43.04 35.58
CA MET B 541 4.97 -43.39 36.37
C MET B 541 3.95 -44.17 35.54
N LEU B 542 3.85 -43.84 34.26
CA LEU B 542 2.92 -44.54 33.38
C LEU B 542 3.43 -45.92 33.00
N ASN B 543 4.72 -46.03 32.71
CA ASN B 543 5.29 -47.28 32.21
C ASN B 543 5.87 -48.17 33.30
N GLY B 544 6.39 -47.57 34.36
CA GLY B 544 7.14 -48.31 35.35
C GLY B 544 8.60 -48.48 34.96
N THR B 545 9.42 -48.79 35.95
CA THR B 545 10.82 -49.11 35.72
C THR B 545 10.96 -50.62 35.51
N GLU B 546 12.20 -51.10 35.51
CA GLU B 546 12.43 -52.53 35.32
C GLU B 546 11.84 -53.35 36.48
N LYS B 547 11.95 -52.84 37.70
CA LYS B 547 11.53 -53.59 38.88
C LYS B 547 10.38 -52.95 39.64
N THR B 548 9.81 -51.85 39.12
CA THR B 548 8.71 -51.16 39.79
C THR B 548 7.53 -51.01 38.84
N PRO B 549 6.32 -51.37 39.27
CA PRO B 549 5.15 -51.30 38.39
C PRO B 549 4.72 -49.87 38.15
N PRO B 550 3.82 -49.64 37.19
CA PRO B 550 3.30 -48.28 36.98
C PRO B 550 2.61 -47.74 38.22
N LEU B 551 2.77 -46.43 38.44
CA LEU B 551 2.11 -45.75 39.54
C LEU B 551 0.79 -45.11 39.16
N ILE B 552 0.62 -44.71 37.89
CA ILE B 552 -0.56 -43.98 37.46
C ILE B 552 -1.22 -44.73 36.30
N THR B 553 -2.51 -44.46 36.11
CA THR B 553 -3.28 -45.12 35.07
C THR B 553 -3.16 -44.41 33.73
N ASP B 554 -3.24 -43.08 33.75
CA ASP B 554 -3.14 -42.30 32.53
C ASP B 554 -2.90 -40.84 32.90
N TYR B 555 -2.30 -40.10 31.98
CA TYR B 555 -2.21 -38.66 32.10
C TYR B 555 -2.57 -38.03 30.75
N ARG B 556 -3.17 -36.84 30.83
CA ARG B 556 -3.56 -36.05 29.67
C ARG B 556 -2.90 -34.69 29.74
N GLU B 557 -2.47 -34.18 28.59
CA GLU B 557 -1.71 -32.94 28.50
C GLU B 557 -2.59 -31.82 27.95
N TYR B 558 -2.54 -30.66 28.59
CA TYR B 558 -3.30 -29.49 28.16
C TYR B 558 -2.47 -28.22 28.23
N HIS B 559 -1.16 -28.34 28.04
CA HIS B 559 -0.29 -27.17 28.16
C HIS B 559 -0.49 -26.21 26.98
N THR B 560 -0.08 -24.98 27.22
CA THR B 560 0.20 -24.02 26.17
C THR B 560 1.70 -23.80 26.13
N ASP B 561 2.14 -22.85 25.31
CA ASP B 561 3.57 -22.57 25.27
C ASP B 561 4.07 -21.93 26.56
N THR B 562 3.16 -21.39 27.39
CA THR B 562 3.56 -20.70 28.60
C THR B 562 2.86 -21.18 29.87
N THR B 563 1.98 -22.17 29.78
CA THR B 563 1.33 -22.71 30.96
C THR B 563 1.37 -24.23 30.93
N VAL B 564 1.26 -24.82 32.12
CA VAL B 564 1.40 -26.26 32.31
C VAL B 564 0.08 -26.79 32.86
N LYS B 565 -0.42 -27.87 32.26
CA LYS B 565 -1.62 -28.53 32.78
C LYS B 565 -1.52 -30.03 32.50
N PHE B 566 -1.23 -30.80 33.53
CA PHE B 566 -1.24 -32.26 33.48
C PHE B 566 -2.44 -32.77 34.26
N VAL B 567 -3.23 -33.64 33.65
CA VAL B 567 -4.36 -34.28 34.32
C VAL B 567 -4.03 -35.76 34.44
N VAL B 568 -3.75 -36.20 35.66
CA VAL B 568 -3.19 -37.52 35.93
C VAL B 568 -4.26 -38.40 36.57
N LYS B 569 -4.41 -39.61 36.04
CA LYS B 569 -5.34 -40.60 36.57
C LYS B 569 -4.58 -41.66 37.35
N MET B 570 -5.10 -42.03 38.53
CA MET B 570 -4.56 -43.11 39.34
C MET B 570 -5.69 -43.94 39.89
N THR B 571 -5.37 -45.09 40.48
CA THR B 571 -6.40 -45.79 41.23
C THR B 571 -6.61 -45.12 42.58
N GLU B 572 -7.76 -45.41 43.18
CA GLU B 572 -8.11 -44.76 44.44
C GLU B 572 -7.11 -45.10 45.54
N GLU B 573 -6.68 -46.36 45.62
CA GLU B 573 -5.73 -46.75 46.65
C GLU B 573 -4.38 -46.06 46.45
N LYS B 574 -3.90 -46.01 45.22
CA LYS B 574 -2.60 -45.41 44.98
C LYS B 574 -2.63 -43.90 45.20
N LEU B 575 -3.74 -43.24 44.86
CA LEU B 575 -3.85 -41.81 45.14
C LEU B 575 -3.85 -41.54 46.63
N ALA B 576 -4.64 -42.31 47.39
CA ALA B 576 -4.66 -42.15 48.84
C ALA B 576 -3.29 -42.38 49.43
N GLU B 577 -2.58 -43.42 48.97
CA GLU B 577 -1.21 -43.63 49.43
C GLU B 577 -0.32 -42.45 49.05
N ALA B 578 -0.48 -41.93 47.83
CA ALA B 578 0.30 -40.76 47.42
C ALA B 578 0.00 -39.56 48.30
N GLU B 579 -1.27 -39.36 48.67
CA GLU B 579 -1.62 -38.25 49.55
C GLU B 579 -0.93 -38.37 50.90
N ARG B 580 -0.87 -39.59 51.46
CA ARG B 580 -0.23 -39.75 52.75
C ARG B 580 1.27 -39.45 52.67
N VAL B 581 1.93 -39.91 51.61
CA VAL B 581 3.34 -39.59 51.40
C VAL B 581 3.52 -38.10 51.16
N GLY B 582 2.61 -37.49 50.39
CA GLY B 582 2.71 -36.10 50.03
C GLY B 582 2.80 -35.92 48.53
N LEU B 583 1.78 -35.33 47.92
CA LEU B 583 1.71 -35.29 46.46
C LEU B 583 2.87 -34.52 45.86
N HIS B 584 3.29 -33.43 46.50
CA HIS B 584 4.40 -32.65 45.98
C HIS B 584 5.68 -33.48 45.96
N LYS B 585 5.92 -34.28 47.00
CA LYS B 585 7.08 -35.15 47.02
C LYS B 585 6.94 -36.28 46.00
N VAL B 586 5.75 -36.88 45.91
CA VAL B 586 5.55 -38.04 45.04
C VAL B 586 5.71 -37.65 43.58
N PHE B 587 5.14 -36.52 43.18
CA PHE B 587 5.20 -36.07 41.79
C PHE B 587 6.36 -35.10 41.55
N LYS B 588 7.31 -35.03 42.49
CA LYS B 588 8.55 -34.29 42.31
C LYS B 588 8.29 -32.82 41.94
N LEU B 589 7.37 -32.19 42.68
CA LEU B 589 7.03 -30.80 42.44
C LEU B 589 7.76 -29.84 43.37
N GLN B 590 8.85 -30.29 43.98
CA GLN B 590 9.63 -29.44 44.88
C GLN B 590 11.11 -29.52 44.52
N THR B 591 11.78 -28.36 44.54
CA THR B 591 13.20 -28.30 44.25
C THR B 591 13.85 -27.36 45.27
N SER B 592 15.06 -27.73 45.69
CA SER B 592 15.79 -26.97 46.69
C SER B 592 16.71 -25.95 46.02
N LEU B 593 16.85 -24.80 46.65
CA LEU B 593 17.67 -23.70 46.13
C LEU B 593 18.42 -23.07 47.29
N THR B 594 19.75 -23.08 47.21
CA THR B 594 20.61 -22.58 48.27
C THR B 594 21.45 -21.42 47.76
N CYS B 595 21.43 -20.31 48.49
CA CYS B 595 22.23 -19.13 48.14
C CYS B 595 23.58 -19.14 48.83
N ASN B 596 24.30 -20.25 48.77
CA ASN B 596 25.57 -20.40 49.46
C ASN B 596 26.78 -20.14 48.58
N SER B 597 26.59 -19.85 47.30
CA SER B 597 27.69 -19.61 46.38
C SER B 597 27.40 -18.40 45.50
N MET B 598 26.97 -17.31 46.14
CA MET B 598 26.71 -16.06 45.43
C MET B 598 28.02 -15.31 45.27
N VAL B 599 28.79 -15.72 44.26
CA VAL B 599 30.12 -15.20 43.99
C VAL B 599 30.06 -14.38 42.72
N LEU B 600 30.45 -13.11 42.82
CA LEU B 600 30.42 -12.19 41.70
C LEU B 600 31.71 -11.38 41.68
N PHE B 601 32.01 -10.82 40.52
CA PHE B 601 33.07 -9.83 40.41
C PHE B 601 32.57 -8.49 40.96
N ASP B 602 33.35 -7.87 41.82
CA ASP B 602 33.00 -6.53 42.29
C ASP B 602 33.39 -5.51 41.21
N HIS B 603 33.10 -4.23 41.50
CA HIS B 603 33.34 -3.21 40.49
C HIS B 603 34.82 -3.02 40.19
N VAL B 604 35.71 -3.57 41.02
CA VAL B 604 37.15 -3.45 40.80
C VAL B 604 37.73 -4.68 40.10
N GLY B 605 36.94 -5.74 39.93
CA GLY B 605 37.38 -6.90 39.18
C GLY B 605 37.85 -8.06 40.03
N CYS B 606 37.52 -8.08 41.31
CA CYS B 606 37.92 -9.11 42.23
C CYS B 606 36.72 -9.97 42.60
N LEU B 607 36.88 -11.29 42.52
CA LEU B 607 35.80 -12.19 42.91
C LEU B 607 35.50 -12.02 44.39
N LYS B 608 34.21 -11.91 44.71
CA LYS B 608 33.77 -11.71 46.08
C LYS B 608 32.55 -12.57 46.33
N LYS B 609 32.52 -13.22 47.49
CA LYS B 609 31.38 -14.06 47.88
C LYS B 609 30.43 -13.24 48.73
N TYR B 610 29.20 -13.08 48.26
CA TYR B 610 28.19 -12.31 48.98
C TYR B 610 27.35 -13.24 49.83
N ASP B 611 27.26 -12.94 51.13
CA ASP B 611 26.54 -13.81 52.04
C ASP B 611 25.03 -13.69 51.87
N THR B 612 24.54 -12.49 51.56
CA THR B 612 23.11 -12.24 51.39
C THR B 612 22.91 -11.38 50.15
N VAL B 613 21.70 -11.46 49.59
CA VAL B 613 21.37 -10.58 48.47
C VAL B 613 21.28 -9.13 48.90
N LEU B 614 20.99 -8.86 50.17
CA LEU B 614 21.00 -7.49 50.66
C LEU B 614 22.41 -6.90 50.64
N ASP B 615 23.43 -7.72 50.84
CA ASP B 615 24.79 -7.22 50.72
C ASP B 615 25.09 -6.79 49.28
N ILE B 616 24.57 -7.54 48.30
CA ILE B 616 24.70 -7.13 46.90
C ILE B 616 24.00 -5.79 46.68
N LEU B 617 22.78 -5.67 47.22
CA LEU B 617 22.01 -4.44 47.04
C LEU B 617 22.71 -3.25 47.67
N ARG B 618 23.26 -3.43 48.87
CA ARG B 618 23.95 -2.33 49.53
C ARG B 618 25.23 -1.94 48.78
N ASP B 619 26.00 -2.93 48.34
CA ASP B 619 27.22 -2.65 47.58
C ASP B 619 26.89 -1.97 46.26
N PHE B 620 25.84 -2.45 45.58
CA PHE B 620 25.40 -1.79 44.35
C PHE B 620 24.94 -0.37 44.64
N PHE B 621 24.18 -0.18 45.72
CA PHE B 621 23.60 1.13 45.98
C PHE B 621 24.69 2.19 46.12
N GLU B 622 25.74 1.88 46.88
CA GLU B 622 26.80 2.85 47.09
C GLU B 622 27.48 3.23 45.78
N LEU B 623 27.75 2.25 44.93
CA LEU B 623 28.40 2.54 43.65
C LEU B 623 27.48 3.35 42.75
N ARG B 624 26.21 2.94 42.65
CA ARG B 624 25.29 3.63 41.76
C ARG B 624 25.06 5.06 42.21
N LEU B 625 24.96 5.28 43.52
CA LEU B 625 24.82 6.64 44.01
C LEU B 625 26.04 7.48 43.65
N LYS B 626 27.23 6.90 43.77
CA LYS B 626 28.45 7.63 43.41
C LYS B 626 28.44 7.99 41.93
N TYR B 627 28.00 7.07 41.08
CA TYR B 627 28.02 7.36 39.65
C TYR B 627 26.93 8.33 39.25
N TYR B 628 25.87 8.48 40.06
CA TYR B 628 24.95 9.59 39.82
C TYR B 628 25.62 10.93 40.14
N GLY B 629 26.54 10.95 41.11
CA GLY B 629 27.35 12.15 41.27
C GLY B 629 28.28 12.38 40.09
N LEU B 630 28.86 11.29 39.56
CA LEU B 630 29.74 11.43 38.40
C LEU B 630 28.96 11.90 37.17
N ARG B 631 27.74 11.41 36.99
CA ARG B 631 26.92 11.86 35.87
C ARG B 631 26.61 13.34 35.96
N LYS B 632 26.25 13.82 37.16
CA LYS B 632 25.94 15.23 37.33
C LYS B 632 27.16 16.10 37.03
N GLU B 633 28.35 15.68 37.49
CA GLU B 633 29.55 16.44 37.22
C GLU B 633 29.82 16.53 35.72
N TRP B 634 29.68 15.42 35.00
CA TRP B 634 29.86 15.44 33.56
C TRP B 634 28.79 16.29 32.88
N LEU B 635 27.53 16.14 33.30
CA LEU B 635 26.44 16.88 32.68
C LEU B 635 26.63 18.39 32.88
N LEU B 636 27.12 18.80 34.05
CA LEU B 636 27.34 20.22 34.29
C LEU B 636 28.33 20.79 33.28
N GLY B 637 29.45 20.10 33.08
CA GLY B 637 30.43 20.59 32.10
C GLY B 637 29.90 20.53 30.68
N MET B 638 29.25 19.42 30.32
CA MET B 638 28.78 19.27 28.94
C MET B 638 27.64 20.22 28.62
N LEU B 639 26.66 20.33 29.52
CA LEU B 639 25.55 21.25 29.28
C LEU B 639 26.03 22.69 29.19
N GLY B 640 27.01 23.05 30.03
CA GLY B 640 27.58 24.38 29.93
C GLY B 640 28.25 24.63 28.60
N ALA B 641 29.02 23.66 28.10
CA ALA B 641 29.64 23.82 26.79
C ALA B 641 28.58 23.92 25.70
N GLU B 642 27.53 23.10 25.78
CA GLU B 642 26.46 23.17 24.79
C GLU B 642 25.77 24.53 24.84
N SER B 643 25.52 25.05 26.04
CA SER B 643 24.90 26.36 26.15
C SER B 643 25.80 27.45 25.58
N ALA B 644 27.10 27.40 25.87
CA ALA B 644 28.01 28.38 25.29
C ALA B 644 28.03 28.27 23.77
N LYS B 645 28.01 27.04 23.26
CA LYS B 645 28.00 26.85 21.81
C LYS B 645 26.75 27.45 21.18
N LEU B 646 25.59 27.19 21.79
CA LEU B 646 24.35 27.76 21.26
C LEU B 646 24.30 29.27 21.43
N ASN B 647 24.90 29.80 22.50
CA ASN B 647 24.95 31.24 22.66
C ASN B 647 25.70 31.90 21.51
N ASN B 648 26.87 31.34 21.14
CA ASN B 648 27.60 31.85 20.00
C ASN B 648 26.82 31.67 18.71
N GLN B 649 26.17 30.51 18.55
CA GLN B 649 25.41 30.24 17.34
C GLN B 649 24.22 31.18 17.20
N ALA B 650 23.48 31.39 18.28
CA ALA B 650 22.35 32.31 18.24
C ALA B 650 22.83 33.73 18.00
N ARG B 651 23.92 34.14 18.66
CA ARG B 651 24.45 35.47 18.45
C ARG B 651 24.91 35.65 17.01
N PHE B 652 25.56 34.63 16.45
CA PHE B 652 26.06 34.72 15.08
C PHE B 652 24.93 34.92 14.09
N ILE B 653 23.85 34.15 14.23
CA ILE B 653 22.73 34.28 13.31
C ILE B 653 22.08 35.64 13.46
N LEU B 654 21.83 36.07 14.70
CA LEU B 654 21.17 37.35 14.92
C LEU B 654 22.01 38.52 14.41
N GLU B 655 23.32 38.48 14.63
CA GLU B 655 24.18 39.55 14.15
C GLU B 655 24.20 39.59 12.63
N LYS B 656 24.20 38.42 11.98
CA LYS B 656 24.15 38.39 10.52
C LYS B 656 22.85 38.95 10.01
N ILE B 657 21.73 38.63 10.67
CA ILE B 657 20.43 39.20 10.28
C ILE B 657 20.40 40.70 10.54
N ASP B 658 21.01 41.15 11.64
CA ASP B 658 21.03 42.56 11.99
C ASP B 658 22.03 43.36 11.18
N GLY B 659 22.92 42.71 10.44
CA GLY B 659 23.92 43.40 9.66
C GLY B 659 25.22 43.67 10.39
N LYS B 660 25.31 43.32 11.68
CA LYS B 660 26.57 43.53 12.41
C LYS B 660 27.68 42.65 11.86
N ILE B 661 27.35 41.56 11.17
CA ILE B 661 28.35 40.69 10.55
C ILE B 661 28.00 40.57 9.07
N ILE B 662 29.00 40.80 8.21
CA ILE B 662 28.85 40.69 6.77
C ILE B 662 29.80 39.60 6.28
N ILE B 663 29.24 38.60 5.57
CA ILE B 663 30.04 37.50 5.04
C ILE B 663 29.98 37.42 3.53
N GLU B 664 29.07 38.14 2.88
CA GLU B 664 28.90 38.03 1.44
C GLU B 664 30.13 38.54 0.70
N ASN B 665 30.68 37.71 -0.18
CA ASN B 665 31.83 38.05 -1.00
C ASN B 665 33.04 38.47 -0.16
N LYS B 666 33.15 37.94 1.07
CA LYS B 666 34.27 38.32 1.91
C LYS B 666 35.30 37.20 1.99
N PRO B 667 36.59 37.54 2.03
CA PRO B 667 37.62 36.50 2.21
C PRO B 667 37.46 35.79 3.54
N LYS B 668 37.84 34.52 3.55
CA LYS B 668 37.72 33.71 4.76
C LYS B 668 38.58 34.28 5.90
N LYS B 669 39.81 34.70 5.59
CA LYS B 669 40.68 35.25 6.62
C LYS B 669 40.09 36.54 7.20
N GLU B 670 39.51 37.39 6.36
CA GLU B 670 38.88 38.61 6.85
C GLU B 670 37.69 38.28 7.74
N LEU B 671 36.90 37.27 7.37
CA LEU B 671 35.74 36.90 8.16
C LEU B 671 36.16 36.35 9.53
N ILE B 672 37.21 35.53 9.55
CA ILE B 672 37.67 34.97 10.82
C ILE B 672 38.13 36.08 11.76
N LYS B 673 38.88 37.06 11.24
CA LYS B 673 39.38 38.14 12.08
C LYS B 673 38.23 38.93 12.70
N VAL B 674 37.15 39.15 11.94
CA VAL B 674 35.99 39.86 12.47
C VAL B 674 35.39 39.08 13.64
N LEU B 675 35.29 37.76 13.49
CA LEU B 675 34.70 36.94 14.55
C LEU B 675 35.52 37.01 15.83
N ILE B 676 36.84 36.95 15.72
CA ILE B 676 37.68 37.11 16.90
C ILE B 676 37.54 38.52 17.48
N GLN B 677 37.53 39.54 16.62
CA GLN B 677 37.43 40.91 17.13
C GLN B 677 36.12 41.13 17.86
N ARG B 678 35.06 40.43 17.46
CA ARG B 678 33.76 40.56 18.10
C ARG B 678 33.60 39.60 19.28
N GLY B 679 34.65 38.88 19.66
CA GLY B 679 34.62 38.05 20.85
C GLY B 679 33.93 36.71 20.72
N TYR B 680 33.66 36.25 19.50
CA TYR B 680 33.08 34.92 19.33
C TYR B 680 34.07 33.85 19.78
N ASP B 681 33.54 32.74 20.29
CA ASP B 681 34.35 31.66 20.83
C ASP B 681 34.57 30.57 19.80
N SER B 682 35.72 29.92 19.89
CA SER B 682 35.90 28.66 19.18
C SER B 682 34.98 27.61 19.81
N ASP B 683 34.74 26.53 19.05
CA ASP B 683 33.76 25.51 19.44
C ASP B 683 33.91 25.13 20.90
N PRO B 684 32.97 25.54 21.77
CA PRO B 684 33.12 25.27 23.20
C PRO B 684 32.95 23.80 23.54
N VAL B 685 32.07 23.08 22.83
CA VAL B 685 31.95 21.65 23.06
C VAL B 685 33.25 20.95 22.71
N LYS B 686 33.86 21.33 21.58
CA LYS B 686 35.16 20.78 21.23
C LYS B 686 36.21 21.17 22.27
N ALA B 687 36.16 22.42 22.74
CA ALA B 687 37.10 22.86 23.75
C ALA B 687 36.91 22.10 25.06
N TRP B 688 35.66 21.90 25.48
CA TRP B 688 35.41 21.19 26.73
C TRP B 688 35.81 19.72 26.63
N LYS B 689 35.48 19.07 25.51
CA LYS B 689 35.88 17.69 25.31
C LYS B 689 37.41 17.58 25.26
N GLU B 690 38.06 18.54 24.60
CA GLU B 690 39.52 18.57 24.59
C GLU B 690 40.09 18.82 25.99
N ALA B 691 39.38 19.62 26.79
CA ALA B 691 39.83 19.87 28.17
C ALA B 691 39.67 18.64 29.05
N GLN B 692 38.65 17.82 28.81
CA GLN B 692 38.44 16.60 29.57
C GLN B 692 39.42 15.49 29.22
N GLN B 693 40.15 15.60 28.11
CA GLN B 693 41.08 14.55 27.71
C GLN B 693 42.49 14.83 28.22
N GLY B 720 44.71 27.76 14.64
CA GLY B 720 44.02 28.87 15.30
C GLY B 720 42.70 28.46 15.93
N PRO B 721 41.72 29.35 15.91
CA PRO B 721 40.41 29.05 16.47
C PRO B 721 39.57 28.23 15.49
N THR B 722 38.49 27.66 16.02
CA THR B 722 37.56 26.85 15.23
C THR B 722 36.21 27.54 15.19
N PHE B 723 35.85 28.05 14.01
CA PHE B 723 34.55 28.68 13.80
C PHE B 723 33.70 27.89 12.81
N ASN B 724 34.03 26.62 12.58
CA ASN B 724 33.24 25.84 11.64
C ASN B 724 31.82 25.62 12.14
N TYR B 725 31.64 25.49 13.45
CA TYR B 725 30.30 25.29 14.00
C TYR B 725 29.40 26.48 13.70
N LEU B 726 29.97 27.65 13.44
CA LEU B 726 29.20 28.83 13.08
C LEU B 726 28.94 28.88 11.58
N LEU B 727 29.97 28.67 10.76
CA LEU B 727 29.83 28.85 9.33
C LEU B 727 29.30 27.62 8.61
N ASP B 728 29.26 26.46 9.25
CA ASP B 728 28.61 25.30 8.63
C ASP B 728 27.10 25.37 8.69
N MET B 729 26.54 26.27 9.48
CA MET B 729 25.08 26.33 9.61
C MET B 729 24.44 26.67 8.27
N PRO B 730 23.39 25.96 7.89
CA PRO B 730 22.73 26.22 6.61
C PRO B 730 22.13 27.62 6.57
N LEU B 731 21.92 28.12 5.35
CA LEU B 731 21.26 29.40 5.16
C LEU B 731 19.84 29.39 5.69
N TRP B 732 19.27 28.20 5.91
CA TRP B 732 17.95 28.10 6.52
C TRP B 732 17.89 28.86 7.84
N TYR B 733 19.00 28.86 8.59
CA TYR B 733 19.00 29.48 9.91
C TYR B 733 18.84 30.99 9.83
N LEU B 734 19.03 31.59 8.65
CA LEU B 734 18.71 33.00 8.47
C LEU B 734 17.22 33.25 8.28
N THR B 735 16.44 32.21 7.98
CA THR B 735 14.99 32.37 7.91
C THR B 735 14.41 32.55 9.31
N LYS B 736 13.22 33.17 9.36
CA LYS B 736 12.62 33.55 10.64
C LYS B 736 12.34 32.33 11.52
N GLU B 737 11.69 31.31 10.97
CA GLU B 737 11.27 30.17 11.79
C GLU B 737 12.47 29.43 12.36
N LYS B 738 13.49 29.15 11.53
CA LYS B 738 14.66 28.44 12.01
C LYS B 738 15.44 29.29 13.01
N LYS B 739 15.49 30.61 12.80
CA LYS B 739 16.12 31.48 13.78
C LYS B 739 15.40 31.39 15.11
N ASP B 740 14.06 31.40 15.08
CA ASP B 740 13.29 31.27 16.31
C ASP B 740 13.53 29.92 16.97
N GLU B 741 13.60 28.85 16.17
CA GLU B 741 13.91 27.53 16.72
C GLU B 741 15.29 27.53 17.36
N LEU B 742 16.28 28.14 16.70
CA LEU B 742 17.61 28.21 17.29
C LEU B 742 17.59 29.01 18.59
N CYS B 743 16.86 30.12 18.60
CA CYS B 743 16.73 30.93 19.81
C CYS B 743 15.97 30.16 20.90
N ARG B 744 14.93 29.43 20.52
CA ARG B 744 14.23 28.60 21.49
C ARG B 744 15.15 27.52 22.05
N LEU B 745 15.94 26.87 21.19
CA LEU B 745 16.87 25.86 21.66
C LEU B 745 17.94 26.48 22.55
N ARG B 746 18.31 27.73 22.29
CA ARG B 746 19.27 28.42 23.14
C ARG B 746 18.72 28.59 24.56
N ASN B 747 17.43 28.95 24.66
CA ASN B 747 16.81 29.07 25.97
C ASN B 747 16.69 27.71 26.65
N GLU B 748 16.34 26.67 25.90
CA GLU B 748 16.13 25.35 26.50
C GLU B 748 17.39 24.82 27.13
N LYS B 749 18.53 24.96 26.43
CA LYS B 749 19.79 24.46 26.96
C LYS B 749 20.19 25.18 28.25
N GLU B 750 19.95 26.49 28.30
CA GLU B 750 20.24 27.24 29.51
C GLU B 750 19.35 26.78 30.67
N GLN B 751 18.06 26.58 30.41
CA GLN B 751 17.16 26.13 31.46
C GLN B 751 17.55 24.73 31.94
N GLU B 752 18.00 23.87 31.02
CA GLU B 752 18.43 22.52 31.39
C GLU B 752 19.62 22.57 32.35
N LEU B 753 20.58 23.44 32.10
CA LEU B 753 21.72 23.59 33.00
C LEU B 753 21.28 24.14 34.35
N ASP B 754 20.39 25.13 34.36
CA ASP B 754 19.92 25.71 35.61
C ASP B 754 19.15 24.68 36.43
N THR B 755 18.30 23.90 35.77
CA THR B 755 17.53 22.87 36.47
C THR B 755 18.46 21.83 37.08
N LEU B 756 19.51 21.44 36.36
CA LEU B 756 20.41 20.43 36.88
C LEU B 756 21.15 20.90 38.12
N LYS B 757 21.52 22.19 38.17
CA LYS B 757 22.28 22.71 39.30
C LYS B 757 21.51 22.61 40.61
N ARG B 758 20.17 22.64 40.55
CA ARG B 758 19.35 22.57 41.75
C ARG B 758 18.96 21.15 42.13
N LYS B 759 19.47 20.14 41.43
CA LYS B 759 19.08 18.75 41.65
C LYS B 759 20.27 17.97 42.20
N SER B 760 20.03 17.20 43.24
CA SER B 760 21.02 16.32 43.83
C SER B 760 21.15 15.03 43.01
N PRO B 761 22.24 14.29 43.20
CA PRO B 761 22.35 12.98 42.52
C PRO B 761 21.19 12.05 42.84
N SER B 762 20.68 12.08 44.07
CA SER B 762 19.54 11.24 44.41
C SER B 762 18.29 11.66 43.65
N ASP B 763 18.12 12.96 43.40
CA ASP B 763 16.97 13.40 42.63
C ASP B 763 17.02 12.83 41.21
N LEU B 764 18.20 12.82 40.60
CA LEU B 764 18.32 12.24 39.27
C LEU B 764 18.01 10.75 39.30
N TRP B 765 18.48 10.06 40.33
CA TRP B 765 18.17 8.64 40.48
C TRP B 765 16.66 8.41 40.59
N LYS B 766 15.98 9.23 41.38
CA LYS B 766 14.53 9.08 41.53
C LYS B 766 13.82 9.33 40.21
N GLU B 767 14.32 10.30 39.43
CA GLU B 767 13.74 10.57 38.12
C GLU B 767 13.83 9.34 37.22
N ASP B 768 15.02 8.71 37.19
CA ASP B 768 15.21 7.54 36.34
C ASP B 768 14.30 6.39 36.79
N LEU B 769 14.16 6.20 38.10
CA LEU B 769 13.30 5.12 38.59
C LEU B 769 11.85 5.36 38.19
N ALA B 770 11.36 6.60 38.33
CA ALA B 770 9.98 6.88 37.94
C ALA B 770 9.76 6.65 36.45
N THR B 771 10.69 7.12 35.62
CA THR B 771 10.59 6.87 34.19
C THR B 771 10.58 5.37 33.89
N PHE B 772 11.45 4.62 34.55
CA PHE B 772 11.50 3.18 34.34
C PHE B 772 10.20 2.51 34.79
N ILE B 773 9.67 2.90 35.96
CA ILE B 773 8.48 2.26 36.50
C ILE B 773 7.28 2.50 35.59
N GLU B 774 7.13 3.72 35.07
CA GLU B 774 6.02 4.02 34.18
C GLU B 774 6.05 3.11 32.95
N GLU B 775 7.22 2.97 32.34
CA GLU B 775 7.33 2.09 31.18
C GLU B 775 7.16 0.62 31.55
N LEU B 776 7.61 0.23 32.75
CA LEU B 776 7.44 -1.16 33.18
C LEU B 776 5.98 -1.54 33.28
N GLU B 777 5.15 -0.67 33.87
CA GLU B 777 3.73 -0.98 33.95
C GLU B 777 3.11 -1.05 32.55
N ALA B 778 3.47 -0.11 31.67
CA ALA B 778 2.92 -0.13 30.32
C ALA B 778 3.36 -1.40 29.59
N VAL B 779 4.64 -1.75 29.69
CA VAL B 779 5.16 -2.93 28.99
C VAL B 779 4.51 -4.19 29.54
N GLU B 780 4.46 -4.31 30.86
CA GLU B 780 3.91 -5.53 31.48
C GLU B 780 2.40 -5.65 31.25
N ALA B 781 1.67 -4.53 31.21
CA ALA B 781 0.25 -4.60 30.91
C ALA B 781 0.01 -5.13 29.49
N LYS B 782 0.78 -4.64 28.52
CA LYS B 782 0.65 -5.13 27.15
C LYS B 782 1.01 -6.61 27.05
N GLU B 783 2.00 -7.05 27.83
CA GLU B 783 2.38 -8.46 27.82
C GLU B 783 1.22 -9.35 28.25
N LYS B 784 0.49 -8.95 29.28
CA LYS B 784 -0.68 -9.72 29.69
C LYS B 784 -1.76 -9.71 28.62
N GLN B 785 -1.94 -8.55 27.95
CA GLN B 785 -2.94 -8.44 26.90
C GLN B 785 -2.62 -9.34 25.71
N ASP B 786 -1.33 -9.62 25.49
CA ASP B 786 -0.84 -10.45 24.38
C ASP B 786 -1.01 -9.69 23.06
N THR C 58 -21.48 22.31 17.27
CA THR C 58 -22.44 22.25 16.19
C THR C 58 -21.76 21.94 14.84
N GLU C 59 -22.50 21.35 13.91
CA GLU C 59 -21.96 21.03 12.59
C GLU C 59 -22.19 22.22 11.67
N GLY C 60 -21.24 23.15 11.67
CA GLY C 60 -21.30 24.32 10.81
C GLY C 60 -22.14 25.46 11.36
N SER C 62 -24.70 26.49 9.72
CA SER C 62 -26.15 26.56 9.82
C SER C 62 -26.64 26.13 11.19
N ALA C 63 -26.01 25.11 11.76
CA ALA C 63 -26.34 24.69 13.11
C ALA C 63 -26.00 25.79 14.12
N LYS C 64 -24.83 26.40 13.96
CA LYS C 64 -24.46 27.50 14.85
C LYS C 64 -25.46 28.65 14.73
N THR C 65 -25.93 28.92 13.51
CA THR C 65 -26.91 29.98 13.30
C THR C 65 -28.19 29.67 14.07
N LEU C 66 -28.63 28.41 14.05
CA LEU C 66 -29.82 28.03 14.81
C LEU C 66 -29.62 28.24 16.31
N ALA C 67 -28.46 27.84 16.83
CA ALA C 67 -28.19 28.01 18.25
C ALA C 67 -28.18 29.48 18.65
N VAL C 68 -27.54 30.33 17.85
CA VAL C 68 -27.48 31.76 18.14
C VAL C 68 -28.88 32.36 18.14
N SER C 69 -29.72 31.94 17.19
CA SER C 69 -31.09 32.46 17.13
C SER C 69 -31.87 32.14 18.40
N GLY C 70 -31.68 30.94 18.94
CA GLY C 70 -32.35 30.53 20.16
C GLY C 70 -31.77 31.15 21.41
N VAL C 81 -21.91 25.48 20.62
CA VAL C 81 -21.25 26.70 21.05
C VAL C 81 -20.08 27.02 20.12
N PHE C 82 -19.53 25.98 19.50
CA PHE C 82 -18.44 26.11 18.54
C PHE C 82 -18.78 25.24 17.33
N PRO C 83 -18.76 25.78 16.11
CA PRO C 83 -19.07 24.96 14.94
C PRO C 83 -17.88 24.12 14.52
N LEU C 84 -18.12 22.83 14.31
CA LEU C 84 -17.09 21.90 13.86
C LEU C 84 -17.05 21.95 12.33
N ARG C 85 -16.16 22.78 11.80
CA ARG C 85 -15.99 22.92 10.36
C ARG C 85 -14.90 21.96 9.86
N GLY C 86 -15.09 20.69 10.23
CA GLY C 86 -14.06 19.68 10.03
C GLY C 86 -14.50 18.37 10.64
N LYS C 87 -13.55 17.45 10.70
CA LYS C 87 -13.80 16.07 11.07
C LYS C 87 -13.28 15.82 12.48
N ILE C 88 -14.15 15.33 13.36
CA ILE C 88 -13.67 14.85 14.65
C ILE C 88 -12.74 13.68 14.39
N LEU C 89 -11.61 13.67 15.08
CA LEU C 89 -10.64 12.60 14.87
C LEU C 89 -11.11 11.33 15.55
N ASN C 90 -10.77 10.19 14.94
CA ASN C 90 -11.00 8.86 15.53
C ASN C 90 -9.78 8.48 16.36
N VAL C 91 -9.94 8.48 17.68
CA VAL C 91 -8.80 8.19 18.56
C VAL C 91 -8.25 6.80 18.29
N ARG C 92 -9.13 5.81 18.14
CA ARG C 92 -8.76 4.45 17.78
C ARG C 92 -7.77 3.83 18.77
N ASN C 102 -4.42 18.53 13.84
CA ASN C 102 -5.75 19.04 13.56
C ASN C 102 -6.10 20.21 14.48
N ALA C 103 -6.27 21.40 13.90
CA ALA C 103 -6.59 22.57 14.70
C ALA C 103 -7.95 22.42 15.37
N GLU C 104 -8.92 21.85 14.66
CA GLU C 104 -10.23 21.62 15.25
C GLU C 104 -10.13 20.70 16.46
N ILE C 105 -9.37 19.61 16.33
CA ILE C 105 -9.16 18.71 17.46
C ILE C 105 -8.40 19.43 18.56
N ASN C 106 -7.40 20.23 18.18
CA ASN C 106 -6.65 21.03 19.15
C ASN C 106 -7.54 22.11 19.76
N ASN C 107 -8.47 22.66 18.97
CA ASN C 107 -9.37 23.70 19.48
C ASN C 107 -10.24 23.19 20.62
N ILE C 108 -10.57 21.90 20.61
CA ILE C 108 -11.34 21.31 21.69
C ILE C 108 -10.62 21.51 23.02
N ILE C 109 -9.29 21.41 22.99
CA ILE C 109 -8.47 21.62 24.18
C ILE C 109 -8.70 23.01 24.77
N LYS C 110 -9.01 24.00 23.92
CA LYS C 110 -9.19 25.36 24.45
C LYS C 110 -10.32 25.40 25.48
N ILE C 111 -11.44 24.73 25.20
CA ILE C 111 -12.51 24.67 26.18
C ILE C 111 -12.15 23.72 27.31
N VAL C 112 -11.64 22.54 26.96
CA VAL C 112 -11.31 21.49 27.92
C VAL C 112 -9.87 21.68 28.39
N GLY C 113 -9.71 22.16 29.62
CA GLY C 113 -8.39 22.51 30.13
C GLY C 113 -7.47 21.33 30.41
N LEU C 114 -7.97 20.10 30.38
CA LEU C 114 -7.15 18.95 30.76
C LEU C 114 -6.40 18.40 29.55
N GLN C 115 -5.15 18.01 29.79
CA GLN C 115 -4.28 17.41 28.76
C GLN C 115 -4.12 18.31 27.56
N ILE C 136 -23.94 18.79 22.47
CA ILE C 136 -23.77 18.50 21.06
C ILE C 136 -25.06 18.77 20.31
N MET C 137 -25.01 19.69 19.35
CA MET C 137 -26.18 20.06 18.56
C MET C 137 -25.89 19.66 17.12
N THR C 138 -26.48 18.53 16.70
CA THR C 138 -26.31 17.99 15.36
C THR C 138 -27.67 17.64 14.78
N ASP C 139 -27.68 17.26 13.51
CA ASP C 139 -28.89 16.72 12.90
C ASP C 139 -29.19 15.35 13.50
N GLN C 140 -30.46 14.96 13.43
CA GLN C 140 -30.89 13.67 13.95
C GLN C 140 -30.72 12.57 12.91
N ASP C 141 -29.78 12.74 11.99
CA ASP C 141 -29.51 11.71 10.99
C ASP C 141 -28.35 10.84 11.43
N GLN C 142 -28.07 9.80 10.63
CA GLN C 142 -26.98 8.89 10.95
C GLN C 142 -25.64 9.60 10.87
N ASP C 143 -25.49 10.53 9.93
CA ASP C 143 -24.24 11.27 9.82
C ASP C 143 -23.98 12.11 11.06
N GLY C 144 -25.02 12.77 11.59
CA GLY C 144 -24.85 13.52 12.81
C GLY C 144 -24.51 12.64 14.00
N SER C 145 -25.16 11.47 14.09
CA SER C 145 -24.86 10.53 15.16
C SER C 145 -23.42 10.03 15.10
N HIS C 146 -22.86 9.91 13.89
CA HIS C 146 -21.47 9.49 13.75
C HIS C 146 -20.52 10.49 14.41
N ILE C 147 -20.79 11.79 14.22
CA ILE C 147 -19.99 12.83 14.86
C ILE C 147 -20.13 12.75 16.37
N LYS C 148 -21.35 12.53 16.87
CA LYS C 148 -21.56 12.41 18.31
C LYS C 148 -20.70 11.30 18.89
N GLY C 149 -20.69 10.13 18.24
CA GLY C 149 -19.84 9.05 18.72
C GLY C 149 -18.37 9.38 18.62
N LEU C 150 -17.97 10.05 17.52
CA LEU C 150 -16.57 10.43 17.36
C LEU C 150 -16.14 11.41 18.44
N LEU C 151 -17.02 12.34 18.81
CA LEU C 151 -16.72 13.24 19.92
C LEU C 151 -16.63 12.47 21.24
N ILE C 152 -17.51 11.50 21.45
CA ILE C 152 -17.44 10.67 22.65
C ILE C 152 -16.15 9.87 22.68
N ASN C 153 -15.76 9.30 21.53
CA ASN C 153 -14.51 8.56 21.45
C ASN C 153 -13.32 9.47 21.75
N PHE C 154 -13.36 10.71 21.27
CA PHE C 154 -12.30 11.67 21.55
C PHE C 154 -12.19 11.96 23.04
N ILE C 155 -13.33 12.08 23.72
CA ILE C 155 -13.33 12.39 25.14
C ILE C 155 -12.76 11.25 25.97
N HIS C 156 -13.12 10.00 25.63
CA HIS C 156 -12.68 8.88 26.47
C HIS C 156 -11.17 8.68 26.40
N HIS C 157 -10.56 8.85 25.24
CA HIS C 157 -9.12 8.66 25.11
C HIS C 157 -8.36 9.97 25.20
N PRO C 160 -12.30 9.18 31.22
CA PRO C 160 -12.81 10.27 32.04
C PRO C 160 -14.32 10.14 32.33
N SER C 161 -14.68 9.73 33.54
CA SER C 161 -16.07 9.59 33.89
C SER C 161 -16.69 10.95 34.21
N LEU C 162 -18.00 11.03 34.06
CA LEU C 162 -18.73 12.27 34.30
C LEU C 162 -20.18 11.95 34.59
N LEU C 163 -20.86 12.91 35.21
CA LEU C 163 -22.28 12.80 35.54
C LEU C 163 -22.59 11.55 36.34
N LEU C 168 -20.60 17.61 26.64
CA LEU C 168 -20.96 16.74 27.75
C LEU C 168 -22.42 16.32 27.65
N GLU C 169 -23.22 17.11 26.92
CA GLU C 169 -24.63 16.81 26.71
C GLU C 169 -24.96 17.09 25.25
N GLU C 170 -26.16 16.67 24.85
CA GLU C 170 -26.59 16.81 23.46
C GLU C 170 -27.99 17.43 23.41
N PHE C 171 -28.22 18.21 22.36
CA PHE C 171 -29.52 18.82 22.11
C PHE C 171 -30.35 17.94 21.18
N ILE C 172 -31.60 17.72 21.54
CA ILE C 172 -32.50 16.89 20.76
C ILE C 172 -33.71 17.73 20.39
N THR C 173 -34.13 17.62 19.14
CA THR C 173 -35.29 18.26 18.55
C THR C 173 -36.38 17.22 18.28
N PRO C 174 -37.66 17.62 18.28
CA PRO C 174 -38.72 16.64 18.01
C PRO C 174 -38.55 15.97 16.66
N ILE C 175 -38.74 14.65 16.63
CA ILE C 175 -38.62 13.91 15.38
C ILE C 175 -39.82 14.23 14.47
N VAL C 176 -41.01 14.32 15.05
CA VAL C 176 -42.25 14.58 14.33
C VAL C 176 -43.01 15.69 15.04
N LYS C 177 -43.67 16.54 14.26
CA LYS C 177 -44.57 17.56 14.78
C LYS C 177 -45.93 17.40 14.12
N VAL C 178 -46.99 17.50 14.91
CA VAL C 178 -48.36 17.35 14.45
C VAL C 178 -49.08 18.69 14.60
N SER C 179 -49.70 19.15 13.53
CA SER C 179 -50.42 20.42 13.56
C SER C 179 -51.86 20.21 13.12
N ASN C 181 -55.91 23.31 13.25
CA ASN C 181 -56.76 24.30 13.90
C ASN C 181 -55.98 25.06 14.97
N LYS C 182 -54.79 25.52 14.59
CA LYS C 182 -53.92 26.31 15.47
C LYS C 182 -53.53 25.54 16.73
N GLN C 183 -53.49 24.22 16.65
CA GLN C 183 -53.06 23.37 17.76
C GLN C 183 -51.85 22.55 17.33
N GLU C 184 -50.86 22.46 18.21
CA GLU C 184 -49.60 21.80 17.89
C GLU C 184 -49.26 20.78 18.97
N MET C 185 -48.78 19.61 18.53
CA MET C 185 -48.25 18.58 19.42
C MET C 185 -46.95 18.07 18.82
N ALA C 186 -46.08 17.53 19.67
CA ALA C 186 -44.75 17.09 19.24
C ALA C 186 -44.49 15.68 19.75
N PHE C 187 -43.75 14.92 18.94
CA PHE C 187 -43.37 13.56 19.28
C PHE C 187 -41.89 13.38 19.04
N TYR C 188 -41.23 12.68 19.97
CA TYR C 188 -39.79 12.40 19.87
C TYR C 188 -39.52 10.97 19.44
N SER C 189 -40.55 10.20 19.08
CA SER C 189 -40.38 8.80 18.72
C SER C 189 -41.38 8.44 17.64
N LEU C 190 -40.91 7.72 16.62
CA LEU C 190 -41.81 7.26 15.56
C LEU C 190 -42.95 6.38 16.07
N PRO C 191 -42.73 5.41 16.97
CA PRO C 191 -43.89 4.69 17.53
C PRO C 191 -44.88 5.61 18.23
N GLU C 192 -44.41 6.67 18.87
CA GLU C 192 -45.31 7.62 19.51
C GLU C 192 -46.21 8.31 18.49
N PHE C 193 -45.66 8.64 17.32
CA PHE C 193 -46.46 9.29 16.27
C PHE C 193 -47.58 8.38 15.78
N GLU C 194 -47.30 7.07 15.66
CA GLU C 194 -48.34 6.14 15.23
C GLU C 194 -49.49 6.08 16.22
N GLU C 195 -49.18 6.20 17.53
CA GLU C 195 -50.22 6.18 18.54
C GLU C 195 -51.19 7.35 18.38
N TRP C 196 -50.68 8.52 18.00
CA TRP C 196 -51.56 9.67 17.79
C TRP C 196 -52.58 9.40 16.69
N LYS C 197 -52.14 8.82 15.58
CA LYS C 197 -53.05 8.50 14.48
C LYS C 197 -54.09 7.47 14.90
N SER C 198 -53.67 6.46 15.67
CA SER C 198 -54.61 5.44 16.14
C SER C 198 -55.63 6.02 17.12
N SER C 199 -55.28 7.08 17.84
CA SER C 199 -56.15 7.69 18.84
C SER C 199 -56.90 8.91 18.31
N THR C 200 -57.34 8.88 17.04
CA THR C 200 -58.01 10.04 16.44
C THR C 200 -58.54 9.68 15.06
N PRO C 201 -59.77 10.12 14.74
CA PRO C 201 -60.31 9.88 13.40
C PRO C 201 -59.98 10.96 12.39
N ASN C 202 -59.35 12.05 12.82
CA ASN C 202 -58.98 13.14 11.92
C ASN C 202 -57.46 13.31 11.86
N HIS C 203 -56.71 12.23 12.07
CA HIS C 203 -55.26 12.33 11.98
C HIS C 203 -54.82 12.67 10.56
N LYS C 204 -55.58 12.23 9.56
CA LYS C 204 -55.28 12.60 8.18
C LYS C 204 -55.66 14.04 7.88
N LYS C 205 -56.40 14.69 8.76
CA LYS C 205 -56.88 16.05 8.54
C LYS C 205 -55.97 17.12 9.13
N TRP C 206 -54.93 16.75 9.87
CA TRP C 206 -54.02 17.72 10.45
C TRP C 206 -52.84 17.95 9.50
N LYS C 207 -51.75 18.52 9.99
CA LYS C 207 -50.54 18.75 9.22
C LYS C 207 -49.37 18.05 9.90
N VAL C 208 -48.56 17.35 9.11
CA VAL C 208 -47.44 16.55 9.61
C VAL C 208 -46.16 17.10 9.02
N LYS C 209 -45.18 17.36 9.88
CA LYS C 209 -43.86 17.79 9.43
C LYS C 209 -42.80 17.03 10.21
N TYR C 210 -41.69 16.74 9.55
CA TYR C 210 -40.61 15.95 10.13
C TYR C 210 -39.42 16.86 10.39
N TYR C 211 -38.87 16.79 11.60
CA TYR C 211 -37.81 17.70 12.05
C TYR C 211 -36.53 16.92 12.39
N LYS C 212 -36.21 15.92 11.58
CA LYS C 212 -34.96 15.19 11.79
C LYS C 212 -33.76 16.09 11.51
N GLY C 213 -33.85 16.94 10.49
CA GLY C 213 -32.80 17.89 10.19
C GLY C 213 -32.94 19.16 11.02
N LEU C 214 -31.79 19.67 11.48
CA LEU C 214 -31.82 20.89 12.28
C LEU C 214 -32.33 22.06 11.47
N GLY C 215 -31.94 22.15 10.19
CA GLY C 215 -32.33 23.26 9.35
C GLY C 215 -33.81 23.34 9.03
N THR C 216 -34.57 22.27 9.29
CA THR C 216 -36.01 22.32 9.08
C THR C 216 -36.68 23.31 10.02
N SER C 217 -36.13 23.49 11.22
CA SER C 217 -36.69 24.43 12.18
C SER C 217 -36.39 25.86 11.77
N THR C 218 -37.38 26.73 11.97
CA THR C 218 -37.23 28.14 11.65
C THR C 218 -36.51 28.90 12.76
N SER C 219 -36.19 30.17 12.49
CA SER C 219 -35.58 31.02 13.51
C SER C 219 -36.55 31.25 14.66
N LYS C 220 -37.84 31.44 14.35
CA LYS C 220 -38.84 31.56 15.40
C LYS C 220 -38.91 30.30 16.25
N GLU C 221 -38.89 29.13 15.61
CA GLU C 221 -38.88 27.86 16.33
C GLU C 221 -37.59 27.68 17.11
N ALA C 222 -36.48 28.25 16.62
CA ALA C 222 -35.21 28.12 17.33
C ALA C 222 -35.26 28.76 18.70
N LYS C 223 -35.86 29.94 18.81
CA LYS C 223 -36.02 30.56 20.11
C LYS C 223 -36.91 29.71 21.01
N GLU C 224 -38.01 29.19 20.47
CA GLU C 224 -38.87 28.29 21.23
C GLU C 224 -38.15 26.99 21.58
N TYR C 225 -37.36 26.46 20.63
CA TYR C 225 -36.59 25.26 20.89
C TYR C 225 -35.60 25.47 22.02
N PHE C 226 -34.89 26.60 22.01
CA PHE C 226 -33.87 26.84 23.02
C PHE C 226 -34.50 27.17 24.37
N ALA C 227 -35.77 27.55 24.39
CA ALA C 227 -36.52 27.65 25.64
C ALA C 227 -36.89 26.25 26.10
N ASP C 228 -37.06 26.10 27.42
CA ASP C 228 -37.40 24.82 28.04
C ASP C 228 -36.38 23.75 27.65
N MET C 229 -35.10 24.09 27.82
CA MET C 229 -34.01 23.21 27.40
C MET C 229 -34.03 21.87 28.13
N LYS C 230 -34.68 21.79 29.29
CA LYS C 230 -34.74 20.53 30.02
C LYS C 230 -35.42 19.43 29.19
N ARG C 231 -36.41 19.79 28.39
CA ARG C 231 -37.11 18.81 27.55
C ARG C 231 -36.39 18.54 26.23
N HIS C 232 -35.27 19.23 25.95
CA HIS C 232 -34.54 19.04 24.70
C HIS C 232 -33.07 18.70 24.94
N ARG C 233 -32.72 18.20 26.13
CA ARG C 233 -31.34 17.86 26.46
C ARG C 233 -31.28 16.45 27.05
N ILE C 234 -30.25 15.70 26.66
CA ILE C 234 -30.03 14.34 27.14
C ILE C 234 -28.57 14.18 27.57
N GLN C 235 -28.35 13.42 28.65
CA GLN C 235 -27.04 13.20 29.23
C GLN C 235 -26.69 11.72 29.21
N PHE C 236 -25.40 11.43 28.99
CA PHE C 236 -24.90 10.06 28.96
C PHE C 236 -24.54 9.59 30.37
N LYS C 237 -24.69 8.29 30.60
CA LYS C 237 -24.45 7.69 31.91
C LYS C 237 -23.41 6.57 31.80
N TYR C 238 -23.23 5.84 32.90
CA TYR C 238 -22.32 4.71 32.97
C TYR C 238 -22.85 3.68 33.98
N GLU C 242 -20.17 -2.06 31.05
CA GLU C 242 -20.87 -2.50 29.85
C GLU C 242 -20.83 -1.41 28.77
N ASP C 243 -20.90 -0.16 29.23
CA ASP C 243 -20.83 0.99 28.31
C ASP C 243 -19.50 1.02 27.59
N ASP C 244 -18.40 0.72 28.29
CA ASP C 244 -17.07 0.75 27.67
C ASP C 244 -16.98 -0.20 26.48
N ALA C 245 -17.66 -1.35 26.55
CA ALA C 245 -17.67 -2.28 25.43
C ALA C 245 -18.32 -1.65 24.20
N ALA C 246 -19.42 -0.94 24.38
CA ALA C 246 -20.10 -0.29 23.26
C ALA C 246 -19.15 0.66 22.52
N ILE C 247 -18.45 1.52 23.26
CA ILE C 247 -17.50 2.43 22.62
C ILE C 247 -16.36 1.64 21.99
N SER C 248 -15.90 0.58 22.65
CA SER C 248 -14.85 -0.25 22.09
C SER C 248 -15.31 -0.94 20.81
N LEU C 249 -16.52 -1.50 20.80
CA LEU C 249 -17.03 -2.16 19.61
C LEU C 249 -17.20 -1.18 18.47
N ALA C 250 -17.72 0.02 18.76
CA ALA C 250 -17.99 0.98 17.71
C ALA C 250 -16.73 1.65 17.19
N PHE C 251 -15.80 2.01 18.08
CA PHE C 251 -14.62 2.81 17.73
C PHE C 251 -13.36 2.07 18.17
N SER C 252 -12.87 1.18 17.31
CA SER C 252 -11.62 0.47 17.55
C SER C 252 -11.26 -0.31 16.30
N LYS C 253 -9.98 -0.66 16.18
CA LYS C 253 -9.53 -1.55 15.11
C LYS C 253 -9.62 -3.01 15.49
N LYS C 254 -9.72 -3.32 16.79
CA LYS C 254 -9.80 -4.68 17.26
C LYS C 254 -11.26 -5.13 17.32
N GLN C 255 -11.45 -6.45 17.35
CA GLN C 255 -12.78 -7.06 17.34
C GLN C 255 -13.58 -6.61 16.13
N ILE C 256 -12.90 -6.47 14.99
CA ILE C 256 -13.58 -6.06 13.76
C ILE C 256 -14.59 -7.12 13.34
N ASP C 257 -14.16 -8.39 13.36
CA ASP C 257 -15.08 -9.47 13.01
C ASP C 257 -16.19 -9.60 14.05
N ASP C 258 -15.92 -9.20 15.30
CA ASP C 258 -16.96 -9.18 16.32
C ASP C 258 -17.99 -8.11 16.03
N ARG C 259 -17.57 -7.00 15.42
CA ARG C 259 -18.51 -5.95 15.03
C ARG C 259 -19.47 -6.43 13.96
N LYS C 260 -19.04 -7.40 13.13
CA LYS C 260 -19.95 -7.96 12.14
C LYS C 260 -21.11 -8.69 12.82
N GLU C 261 -20.82 -9.44 13.89
CA GLU C 261 -21.89 -10.06 14.68
C GLU C 261 -22.75 -9.01 15.37
N TRP C 262 -22.17 -7.86 15.71
CA TRP C 262 -22.96 -6.77 16.26
C TRP C 262 -24.02 -6.32 15.26
N LEU C 263 -23.64 -6.20 13.99
CA LEU C 263 -24.61 -5.87 12.94
C LEU C 263 -25.50 -7.06 12.61
N THR C 264 -24.95 -8.28 12.67
CA THR C 264 -25.74 -9.46 12.36
C THR C 264 -26.89 -9.64 13.33
N ASN C 265 -26.63 -9.44 14.62
CA ASN C 265 -27.69 -9.58 15.61
C ASN C 265 -28.76 -8.51 15.45
N PHE C 266 -28.37 -7.30 15.05
CA PHE C 266 -29.34 -6.24 14.84
C PHE C 266 -30.33 -6.63 13.73
N MET C 267 -29.81 -7.15 12.62
CA MET C 267 -30.68 -7.56 11.52
C MET C 267 -31.56 -8.74 11.91
N GLU C 268 -30.99 -9.73 12.62
CA GLU C 268 -31.77 -10.89 13.04
C GLU C 268 -32.84 -10.50 14.04
N ASP C 269 -32.53 -9.56 14.93
CA ASP C 269 -33.54 -9.05 15.85
C ASP C 269 -34.66 -8.35 15.10
N ARG C 270 -34.33 -7.65 14.02
CA ARG C 270 -35.35 -7.00 13.21
C ARG C 270 -36.28 -8.01 12.55
N ARG C 271 -35.73 -9.15 12.10
CA ARG C 271 -36.56 -10.18 11.49
C ARG C 271 -37.55 -10.75 12.51
N GLN C 272 -37.08 -11.03 13.72
CA GLN C 272 -37.98 -11.55 14.75
C GLN C 272 -39.01 -10.51 15.16
N ARG C 273 -38.59 -9.24 15.28
CA ARG C 273 -39.51 -8.18 15.65
C ARG C 273 -40.60 -7.99 14.60
N LYS C 274 -40.23 -8.11 13.32
CA LYS C 274 -41.21 -7.96 12.26
C LYS C 274 -42.27 -9.07 12.30
N LEU C 275 -41.84 -10.30 12.60
CA LEU C 275 -42.80 -11.39 12.71
C LEU C 275 -43.72 -11.19 13.91
N LEU C 276 -43.24 -10.52 14.95
CA LEU C 276 -44.05 -10.22 16.14
C LEU C 276 -44.84 -8.94 16.00
N GLY C 277 -44.30 -7.94 15.29
CA GLY C 277 -44.99 -6.69 15.06
C GLY C 277 -44.57 -5.54 15.97
N LEU C 278 -43.70 -5.80 16.94
CA LEU C 278 -43.25 -4.74 17.83
C LEU C 278 -42.33 -3.77 17.09
N PRO C 279 -42.34 -2.49 17.46
CA PRO C 279 -41.51 -1.46 16.80
C PRO C 279 -40.02 -1.69 17.02
N LEU C 291 -30.02 8.66 29.16
CA LEU C 291 -29.71 7.72 28.09
C LEU C 291 -28.36 7.06 28.33
N THR C 292 -28.35 5.73 28.40
CA THR C 292 -27.11 5.00 28.60
C THR C 292 -26.22 5.10 27.37
N TYR C 293 -24.91 5.01 27.60
CA TYR C 293 -23.96 5.03 26.50
C TYR C 293 -24.18 3.83 25.58
N ASN C 294 -24.48 2.67 26.15
CA ASN C 294 -24.73 1.47 25.34
C ASN C 294 -25.95 1.66 24.44
N ASP C 295 -27.00 2.29 24.96
CA ASP C 295 -28.20 2.50 24.16
C ASP C 295 -27.94 3.37 22.92
N PHE C 296 -27.14 4.42 23.07
CA PHE C 296 -26.84 5.28 21.92
C PHE C 296 -26.08 4.52 20.85
N ILE C 297 -25.06 3.75 21.25
CA ILE C 297 -24.26 3.02 20.27
C ILE C 297 -25.07 1.91 19.63
N ASN C 298 -25.82 1.15 20.42
CA ASN C 298 -26.50 -0.06 19.94
C ASN C 298 -27.85 0.20 19.31
N LYS C 299 -28.42 1.40 19.50
CA LYS C 299 -29.73 1.72 18.94
C LYS C 299 -29.72 2.92 18.01
N GLU C 300 -28.75 3.83 18.14
CA GLU C 300 -28.67 5.00 17.27
C GLU C 300 -27.44 4.95 16.37
N LEU C 301 -26.25 4.79 16.96
CA LEU C 301 -25.03 4.79 16.15
C LEU C 301 -24.91 3.59 15.22
N ILE C 302 -25.57 2.46 15.54
CA ILE C 302 -25.49 1.31 14.64
C ILE C 302 -26.09 1.58 13.29
N LEU C 303 -27.05 2.51 13.21
CA LEU C 303 -27.74 2.78 11.95
C LEU C 303 -26.76 3.27 10.90
N PHE C 304 -25.67 3.88 11.33
CA PHE C 304 -24.63 4.32 10.40
C PHE C 304 -23.95 3.13 9.73
N SER C 305 -23.61 2.11 10.53
CA SER C 305 -22.88 0.98 9.99
C SER C 305 -23.76 0.13 9.08
N ASN C 306 -25.01 -0.12 9.48
CA ASN C 306 -25.91 -0.89 8.63
C ASN C 306 -26.34 -0.12 7.39
N SER C 307 -26.28 1.22 7.43
CA SER C 307 -26.65 2.01 6.27
C SER C 307 -25.70 1.77 5.10
N ASP C 308 -24.40 1.65 5.39
CA ASP C 308 -23.44 1.35 4.33
C ASP C 308 -23.74 0.00 3.69
N ASN C 309 -24.10 -0.99 4.51
CA ASN C 309 -24.51 -2.28 3.95
C ASN C 309 -25.80 -2.14 3.15
N GLU C 310 -26.77 -1.39 3.66
CA GLU C 310 -28.06 -1.28 2.99
C GLU C 310 -27.96 -0.50 1.69
N ARG C 311 -26.91 0.29 1.50
CA ARG C 311 -26.71 1.04 0.27
C ARG C 311 -25.82 0.35 -0.74
N SER C 312 -24.98 -0.58 -0.28
CA SER C 312 -23.98 -1.21 -1.12
C SER C 312 -24.30 -2.64 -1.51
N ILE C 313 -25.04 -3.37 -0.68
CA ILE C 313 -25.36 -4.77 -0.92
C ILE C 313 -26.78 -4.84 -1.51
N PRO C 314 -26.94 -5.42 -2.69
CA PRO C 314 -28.29 -5.47 -3.29
C PRO C 314 -29.18 -6.47 -2.58
N SER C 315 -30.47 -6.41 -2.90
CA SER C 315 -31.45 -7.33 -2.37
C SER C 315 -31.54 -8.53 -3.31
N MET C 316 -31.75 -9.71 -2.73
CA MET C 316 -31.86 -10.91 -3.55
C MET C 316 -33.18 -10.96 -4.32
N VAL C 317 -34.18 -10.18 -3.89
CA VAL C 317 -35.50 -10.23 -4.52
C VAL C 317 -35.46 -9.63 -5.92
N ASP C 318 -34.85 -8.45 -6.07
CA ASP C 318 -34.82 -7.77 -7.35
C ASP C 318 -33.41 -7.48 -7.87
N GLY C 319 -32.37 -7.79 -7.09
CA GLY C 319 -31.02 -7.54 -7.54
C GLY C 319 -30.61 -6.09 -7.57
N LEU C 320 -31.32 -5.24 -6.84
CA LEU C 320 -31.12 -3.80 -6.91
C LEU C 320 -30.69 -3.25 -5.55
N LYS C 321 -29.93 -2.19 -5.60
CA LYS C 321 -29.67 -1.33 -4.46
C LYS C 321 -30.74 -0.24 -4.39
N PRO C 322 -30.94 0.38 -3.22
CA PRO C 322 -32.00 1.40 -3.12
C PRO C 322 -31.88 2.53 -4.13
N GLY C 323 -30.66 2.96 -4.46
CA GLY C 323 -30.51 3.99 -5.47
C GLY C 323 -31.01 3.56 -6.83
N GLN C 324 -30.68 2.32 -7.23
CA GLN C 324 -31.22 1.80 -8.49
C GLN C 324 -32.73 1.68 -8.44
N ARG C 325 -33.27 1.20 -7.30
CA ARG C 325 -34.70 1.04 -7.17
C ARG C 325 -35.43 2.37 -7.30
N LYS C 326 -34.86 3.44 -6.76
CA LYS C 326 -35.48 4.75 -6.87
C LYS C 326 -35.56 5.20 -8.32
N VAL C 327 -34.51 4.94 -9.10
CA VAL C 327 -34.55 5.30 -10.52
C VAL C 327 -35.62 4.49 -11.23
N LEU C 328 -35.66 3.18 -10.98
CA LEU C 328 -36.66 2.32 -11.62
C LEU C 328 -38.07 2.71 -11.20
N PHE C 329 -38.26 3.00 -9.91
CA PHE C 329 -39.57 3.46 -9.43
C PHE C 329 -39.97 4.75 -10.12
N THR C 330 -39.02 5.67 -10.28
CA THR C 330 -39.31 6.90 -11.02
C THR C 330 -39.68 6.58 -12.47
N CYS C 331 -38.95 5.67 -13.10
CA CYS C 331 -39.25 5.30 -14.48
C CYS C 331 -40.62 4.65 -14.58
N PHE C 332 -40.96 3.76 -13.64
CA PHE C 332 -42.29 3.15 -13.66
C PHE C 332 -43.37 4.20 -13.47
N LYS C 333 -43.16 5.14 -12.54
CA LYS C 333 -44.18 6.15 -12.28
C LYS C 333 -44.33 7.11 -13.46
N ARG C 334 -43.22 7.49 -14.09
CA ARG C 334 -43.28 8.40 -15.23
C ARG C 334 -44.01 7.77 -16.42
N ASN C 335 -43.73 6.49 -16.70
CA ASN C 335 -44.34 5.76 -17.81
C ASN C 335 -44.15 6.49 -19.14
N ASP C 336 -42.89 6.84 -19.43
CA ASP C 336 -42.56 7.57 -20.65
C ASP C 336 -42.82 6.70 -21.87
N LYS C 337 -43.64 7.20 -22.79
CA LYS C 337 -43.84 6.56 -24.08
C LYS C 337 -42.83 7.02 -25.13
N ARG C 338 -42.07 8.07 -24.84
CA ARG C 338 -41.03 8.57 -25.71
C ARG C 338 -39.77 8.83 -24.88
N GLU C 339 -38.63 8.84 -25.56
CA GLU C 339 -37.35 9.01 -24.89
C GLU C 339 -37.24 10.39 -24.24
N VAL C 340 -36.50 10.43 -23.12
CA VAL C 340 -36.24 11.66 -22.38
C VAL C 340 -34.74 11.75 -22.10
N LYS C 341 -34.25 12.99 -21.95
CA LYS C 341 -32.85 13.19 -21.60
C LYS C 341 -32.56 12.64 -20.22
N VAL C 342 -31.36 12.09 -20.05
CA VAL C 342 -30.98 11.52 -18.77
C VAL C 342 -30.96 12.59 -17.69
N ALA C 343 -30.50 13.79 -18.04
CA ALA C 343 -30.53 14.89 -17.07
C ALA C 343 -31.95 15.20 -16.63
N GLN C 344 -32.89 15.19 -17.57
CA GLN C 344 -34.29 15.42 -17.23
C GLN C 344 -34.84 14.31 -16.35
N LEU C 345 -34.49 13.04 -16.64
CA LEU C 345 -34.96 11.93 -15.82
C LEU C 345 -34.38 12.01 -14.41
N ALA C 346 -33.12 12.42 -14.29
CA ALA C 346 -32.48 12.56 -12.99
C ALA C 346 -33.22 13.57 -12.13
N GLY C 347 -33.71 14.66 -12.73
CA GLY C 347 -34.54 15.58 -11.99
C GLY C 347 -35.80 14.92 -11.47
N SER C 348 -36.43 14.08 -12.29
CA SER C 348 -37.63 13.37 -11.86
C SER C 348 -37.34 12.46 -10.68
N VAL C 349 -36.19 11.77 -10.70
CA VAL C 349 -35.83 10.90 -9.59
C VAL C 349 -35.67 11.70 -8.31
N ALA C 350 -35.03 12.86 -8.40
CA ALA C 350 -34.87 13.72 -7.23
C ALA C 350 -36.22 14.24 -6.73
N GLU C 351 -37.13 14.55 -7.65
CA GLU C 351 -38.43 15.08 -7.25
C GLU C 351 -39.34 14.00 -6.68
N MET C 352 -39.30 12.81 -7.26
CA MET C 352 -40.28 11.78 -6.96
C MET C 352 -39.82 10.76 -5.93
N SER C 353 -38.52 10.49 -5.84
CA SER C 353 -38.04 9.42 -4.98
C SER C 353 -37.20 9.91 -3.81
N SER C 354 -37.01 11.22 -3.67
CA SER C 354 -36.21 11.81 -2.59
C SER C 354 -34.79 11.25 -2.58
N TYR C 355 -34.18 11.14 -3.76
CA TYR C 355 -32.79 10.74 -3.87
C TYR C 355 -31.88 11.85 -3.35
N HIS C 356 -31.05 11.55 -2.35
CA HIS C 356 -30.22 12.56 -1.72
C HIS C 356 -28.75 12.15 -1.64
N HIS C 357 -28.28 11.32 -2.57
CA HIS C 357 -26.90 10.86 -2.55
C HIS C 357 -25.99 11.59 -3.52
N GLY C 358 -26.48 12.61 -4.20
CA GLY C 358 -25.58 13.35 -5.06
C GLY C 358 -25.96 13.22 -6.53
N GLU C 359 -25.74 14.30 -7.27
CA GLU C 359 -26.03 14.31 -8.70
C GLU C 359 -25.13 13.34 -9.46
N MET C 360 -23.84 13.28 -9.12
CA MET C 360 -22.93 12.40 -9.83
C MET C 360 -23.30 10.94 -9.64
N SER C 361 -23.68 10.55 -8.42
CA SER C 361 -24.11 9.18 -8.19
C SER C 361 -25.37 8.84 -8.96
N LEU C 362 -26.32 9.77 -9.03
CA LEU C 362 -27.55 9.52 -9.74
C LEU C 362 -27.31 9.31 -11.23
N MET C 363 -26.46 10.15 -11.84
CA MET C 363 -26.18 10.00 -13.26
C MET C 363 -25.55 8.66 -13.57
N MET C 364 -24.61 8.21 -12.72
CA MET C 364 -24.01 6.90 -12.94
C MET C 364 -25.02 5.79 -12.77
N THR C 365 -25.92 5.93 -11.79
CA THR C 365 -26.93 4.89 -11.56
C THR C 365 -27.85 4.74 -12.76
N ILE C 366 -28.31 5.86 -13.33
CA ILE C 366 -29.15 5.81 -14.51
C ILE C 366 -28.38 5.20 -15.68
N ILE C 367 -27.16 5.68 -15.91
CA ILE C 367 -26.37 5.20 -17.04
C ILE C 367 -26.06 3.73 -16.90
N ASN C 368 -25.70 3.30 -15.69
CA ASN C 368 -25.33 1.90 -15.49
C ASN C 368 -26.51 0.96 -15.69
N LEU C 369 -27.73 1.43 -15.41
CA LEU C 369 -28.92 0.62 -15.65
C LEU C 369 -29.22 0.44 -17.13
N ALA C 370 -28.62 1.24 -18.01
CA ALA C 370 -28.92 1.19 -19.43
C ALA C 370 -27.80 0.56 -20.26
N GLN C 371 -26.62 0.37 -19.68
CA GLN C 371 -25.49 -0.14 -20.45
C GLN C 371 -25.76 -1.56 -20.93
N ASN C 372 -25.34 -1.84 -22.18
CA ASN C 372 -25.60 -3.14 -22.81
C ASN C 372 -24.35 -3.71 -23.47
N PHE C 373 -23.16 -3.36 -22.98
CA PHE C 373 -21.94 -3.90 -23.59
C PHE C 373 -21.53 -5.18 -22.88
N VAL C 374 -20.63 -5.93 -23.53
CA VAL C 374 -20.16 -7.20 -22.98
C VAL C 374 -19.54 -6.95 -21.62
N GLY C 375 -19.97 -7.72 -20.62
CA GLY C 375 -19.56 -7.50 -19.24
C GLY C 375 -20.49 -6.61 -18.45
N SER C 376 -21.40 -5.90 -19.11
CA SER C 376 -22.47 -5.14 -18.47
C SER C 376 -23.72 -6.01 -18.34
N ASN C 377 -24.89 -5.38 -18.26
CA ASN C 377 -26.13 -6.12 -18.01
C ASN C 377 -26.44 -7.10 -19.13
N ASN C 378 -26.83 -8.31 -18.74
CA ASN C 378 -27.36 -9.29 -19.70
C ASN C 378 -28.72 -8.86 -20.22
N LEU C 379 -29.44 -8.08 -19.44
CA LEU C 379 -30.75 -7.54 -19.83
C LEU C 379 -30.86 -6.15 -19.22
N ASN C 380 -30.58 -5.13 -20.02
CA ASN C 380 -30.64 -3.77 -19.51
C ASN C 380 -32.10 -3.32 -19.37
N LEU C 381 -32.46 -2.84 -18.18
CA LEU C 381 -33.83 -2.37 -17.96
C LEU C 381 -34.08 -1.01 -18.57
N LEU C 382 -33.04 -0.22 -18.82
CA LEU C 382 -33.18 1.08 -19.45
C LEU C 382 -32.52 1.06 -20.82
N GLN C 383 -33.03 1.89 -21.73
CA GLN C 383 -32.53 1.95 -23.09
C GLN C 383 -31.39 2.94 -23.19
N PRO C 384 -30.23 2.54 -23.69
CA PRO C 384 -29.09 3.47 -23.90
C PRO C 384 -29.17 4.19 -25.23
N ILE C 385 -30.06 5.19 -25.33
CA ILE C 385 -30.19 5.92 -26.58
C ILE C 385 -29.15 7.03 -26.62
N GLY C 386 -27.96 6.73 -27.15
CA GLY C 386 -26.84 7.63 -27.22
C GLY C 386 -25.58 6.95 -26.73
N GLN C 387 -24.55 7.76 -26.44
CA GLN C 387 -23.26 7.24 -25.99
C GLN C 387 -23.31 7.01 -24.48
N PHE C 388 -23.59 5.77 -24.08
CA PHE C 388 -23.68 5.40 -22.68
C PHE C 388 -22.46 4.64 -22.19
N GLY C 389 -21.39 4.63 -22.96
CA GLY C 389 -20.23 3.85 -22.60
C GLY C 389 -20.20 2.52 -23.36
N THR C 390 -19.00 2.00 -23.56
CA THR C 390 -18.80 0.79 -24.35
C THR C 390 -17.75 -0.06 -23.66
N ARG C 391 -17.48 -1.22 -24.27
CA ARG C 391 -16.42 -2.10 -23.79
C ARG C 391 -15.03 -1.52 -24.01
N LEU C 392 -14.91 -0.46 -24.82
CA LEU C 392 -13.59 0.15 -25.04
C LEU C 392 -13.02 0.70 -23.75
N HIS C 393 -13.86 1.33 -22.92
CA HIS C 393 -13.41 1.95 -21.68
C HIS C 393 -14.23 1.51 -20.49
N GLY C 394 -14.87 0.34 -20.55
CA GLY C 394 -15.64 -0.14 -19.42
C GLY C 394 -16.81 0.75 -19.05
N GLY C 395 -17.43 1.39 -20.04
CA GLY C 395 -18.58 2.23 -19.78
C GLY C 395 -18.25 3.63 -19.33
N LYS C 396 -16.98 3.96 -19.12
CA LYS C 396 -16.64 5.32 -18.71
C LYS C 396 -16.74 6.31 -19.87
N ASP C 397 -16.75 5.83 -21.11
CA ASP C 397 -16.79 6.70 -22.29
C ASP C 397 -18.22 7.10 -22.63
N SER C 398 -18.96 7.58 -21.64
CA SER C 398 -20.32 8.04 -21.83
C SER C 398 -20.33 9.55 -22.02
N ALA C 399 -21.36 10.04 -22.69
CA ALA C 399 -21.49 11.45 -23.00
C ALA C 399 -22.22 12.19 -21.89
N SER C 400 -22.42 13.49 -22.09
CA SER C 400 -23.07 14.31 -21.07
C SER C 400 -24.53 13.90 -20.89
N PRO C 401 -25.04 13.92 -19.66
CA PRO C 401 -26.45 13.57 -19.44
C PRO C 401 -27.41 14.50 -20.12
N ARG C 402 -26.98 15.71 -20.51
CA ARG C 402 -27.83 16.61 -21.26
C ARG C 402 -27.96 16.22 -22.73
N TYR C 403 -27.17 15.27 -23.21
CA TYR C 403 -27.18 14.89 -24.62
C TYR C 403 -27.63 13.45 -24.86
N ILE C 404 -27.64 12.58 -23.84
CA ILE C 404 -28.02 11.19 -24.01
C ILE C 404 -29.46 11.00 -23.54
N PHE C 405 -30.17 10.11 -24.22
CA PHE C 405 -31.59 9.88 -23.96
C PHE C 405 -31.79 8.45 -23.47
N THR C 406 -32.89 8.25 -22.76
CA THR C 406 -33.21 6.93 -22.25
C THR C 406 -34.72 6.83 -22.05
N MET C 407 -35.15 5.59 -21.87
CA MET C 407 -36.52 5.26 -21.47
C MET C 407 -36.51 3.79 -21.09
N LEU C 408 -37.64 3.33 -20.55
CA LEU C 408 -37.73 1.95 -20.12
C LEU C 408 -37.59 1.01 -21.32
N SER C 409 -36.96 -0.13 -21.08
CA SER C 409 -36.95 -1.18 -22.08
C SER C 409 -38.31 -1.84 -22.15
N SER C 410 -38.62 -2.42 -23.32
CA SER C 410 -39.91 -3.08 -23.46
C SER C 410 -40.04 -4.31 -22.56
N LEU C 411 -38.93 -4.80 -22.01
CA LEU C 411 -38.96 -5.95 -21.11
C LEU C 411 -39.12 -5.56 -19.65
N ALA C 412 -38.94 -4.28 -19.31
CA ALA C 412 -38.91 -3.87 -17.91
C ALA C 412 -40.25 -4.14 -17.22
N ARG C 413 -41.35 -3.75 -17.87
CA ARG C 413 -42.66 -3.94 -17.29
C ARG C 413 -43.20 -5.36 -17.49
N LEU C 414 -42.58 -6.15 -18.35
CA LEU C 414 -42.87 -7.58 -18.37
C LEU C 414 -42.13 -8.30 -17.26
N LEU C 415 -40.90 -7.86 -16.96
CA LEU C 415 -40.15 -8.45 -15.85
C LEU C 415 -40.70 -8.02 -14.50
N PHE C 416 -41.06 -6.74 -14.37
CA PHE C 416 -41.69 -6.21 -13.15
C PHE C 416 -43.14 -5.86 -13.49
N PRO C 417 -44.05 -6.83 -13.42
CA PRO C 417 -45.41 -6.60 -13.93
C PRO C 417 -46.15 -5.58 -13.09
N PRO C 418 -46.90 -4.68 -13.73
CA PRO C 418 -47.63 -3.66 -12.98
C PRO C 418 -48.63 -4.23 -11.99
N LYS C 419 -49.21 -5.39 -12.27
CA LYS C 419 -50.19 -5.98 -11.35
C LYS C 419 -49.57 -6.34 -10.00
N ASP C 420 -48.25 -6.53 -9.94
CA ASP C 420 -47.61 -6.85 -8.67
C ASP C 420 -47.37 -5.63 -7.79
N ASP C 421 -47.50 -4.42 -8.33
CA ASP C 421 -47.22 -3.24 -7.52
C ASP C 421 -48.20 -3.13 -6.36
N HIS C 422 -49.42 -3.64 -6.53
CA HIS C 422 -50.43 -3.51 -5.48
C HIS C 422 -50.18 -4.42 -4.30
N THR C 423 -49.21 -5.34 -4.39
CA THR C 423 -48.87 -6.22 -3.28
C THR C 423 -47.58 -5.82 -2.58
N LEU C 424 -46.90 -4.76 -3.04
CA LEU C 424 -45.62 -4.38 -2.50
C LEU C 424 -45.78 -3.39 -1.35
N LYS C 425 -44.71 -3.23 -0.57
CA LYS C 425 -44.68 -2.32 0.57
C LYS C 425 -43.85 -1.09 0.20
N PHE C 426 -44.54 -0.01 -0.13
CA PHE C 426 -43.87 1.24 -0.52
C PHE C 426 -43.42 2.02 0.70
N LEU C 427 -42.19 2.51 0.64
CA LEU C 427 -41.59 3.21 1.77
C LEU C 427 -41.94 4.69 1.74
N TYR C 428 -41.67 5.36 2.86
CA TYR C 428 -41.94 6.78 3.01
C TYR C 428 -40.65 7.51 3.36
N ASP C 429 -40.41 8.61 2.66
CA ASP C 429 -39.39 9.59 3.04
C ASP C 429 -40.15 10.80 3.56
N ASP C 430 -40.28 10.89 4.89
CA ASP C 430 -41.10 11.90 5.54
C ASP C 430 -42.55 11.83 5.05
N ASN C 431 -42.98 12.83 4.28
CA ASN C 431 -44.36 12.91 3.83
C ASN C 431 -44.56 12.43 2.40
N GLN C 432 -43.51 12.00 1.72
CA GLN C 432 -43.60 11.60 0.32
C GLN C 432 -43.54 10.07 0.22
N ARG C 433 -44.50 9.49 -0.49
CA ARG C 433 -44.42 8.07 -0.80
C ARG C 433 -43.37 7.82 -1.88
N VAL C 434 -42.49 6.86 -1.62
CA VAL C 434 -41.34 6.62 -2.51
C VAL C 434 -41.30 5.15 -2.89
N GLU C 435 -40.20 4.74 -3.54
CA GLU C 435 -39.96 3.38 -4.02
C GLU C 435 -40.26 2.31 -2.96
N PRO C 436 -40.59 1.09 -3.36
CA PRO C 436 -40.90 0.04 -2.37
C PRO C 436 -39.64 -0.52 -1.73
N GLU C 437 -39.87 -1.39 -0.75
CA GLU C 437 -38.76 -2.10 -0.11
C GLU C 437 -37.98 -2.91 -1.13
N TRP C 438 -38.71 -3.63 -1.99
CA TRP C 438 -38.12 -4.24 -3.17
C TRP C 438 -39.25 -4.49 -4.16
N TYR C 439 -38.87 -4.66 -5.42
CA TYR C 439 -39.78 -5.15 -6.44
C TYR C 439 -39.72 -6.68 -6.46
N ILE C 440 -40.70 -7.27 -7.13
CA ILE C 440 -40.75 -8.74 -7.19
C ILE C 440 -40.85 -9.17 -8.65
N PRO C 441 -39.73 -9.26 -9.36
CA PRO C 441 -39.77 -9.63 -10.79
C PRO C 441 -40.16 -11.09 -10.97
N ILE C 442 -40.45 -11.45 -12.22
CA ILE C 442 -40.91 -12.81 -12.51
C ILE C 442 -39.76 -13.83 -12.55
N ILE C 443 -38.53 -13.36 -12.76
CA ILE C 443 -37.35 -14.22 -12.67
C ILE C 443 -36.34 -13.50 -11.80
N PRO C 444 -35.40 -14.23 -11.18
CA PRO C 444 -34.45 -13.56 -10.28
C PRO C 444 -33.46 -12.67 -11.04
N MET C 445 -33.69 -11.36 -10.96
CA MET C 445 -32.87 -10.40 -11.68
C MET C 445 -31.45 -10.33 -11.15
N VAL C 446 -31.23 -10.73 -9.89
CA VAL C 446 -29.90 -10.69 -9.31
C VAL C 446 -28.95 -11.60 -10.07
N LEU C 447 -29.48 -12.67 -10.68
CA LEU C 447 -28.67 -13.56 -11.50
C LEU C 447 -28.60 -13.14 -12.96
N ILE C 448 -29.39 -12.16 -13.38
CA ILE C 448 -29.38 -11.75 -14.78
C ILE C 448 -28.24 -10.77 -15.03
N ASN C 449 -28.19 -9.70 -14.26
CA ASN C 449 -27.18 -8.66 -14.42
C ASN C 449 -26.10 -8.73 -13.34
N GLY C 450 -26.11 -9.77 -12.51
CA GLY C 450 -25.11 -9.91 -11.47
C GLY C 450 -25.34 -8.95 -10.32
N ALA C 451 -24.39 -8.96 -9.38
CA ALA C 451 -24.46 -8.10 -8.21
C ALA C 451 -23.05 -7.78 -7.74
N GLU C 452 -22.84 -6.54 -7.31
CA GLU C 452 -21.53 -6.08 -6.87
C GLU C 452 -21.71 -5.03 -5.79
N GLY C 453 -20.99 -5.20 -4.68
CA GLY C 453 -21.03 -4.22 -3.61
C GLY C 453 -20.06 -4.49 -2.48
N ILE C 454 -19.47 -3.44 -1.93
CA ILE C 454 -18.59 -3.54 -0.76
C ILE C 454 -19.25 -2.78 0.37
N GLY C 455 -19.59 -3.49 1.44
CA GLY C 455 -20.18 -2.85 2.60
C GLY C 455 -19.26 -2.82 3.81
N THR C 456 -19.86 -2.96 5.00
CA THR C 456 -19.12 -3.00 6.26
C THR C 456 -19.23 -4.43 6.80
N GLY C 457 -18.14 -5.18 6.72
CA GLY C 457 -18.11 -6.55 7.17
C GLY C 457 -18.45 -7.57 6.10
N TRP C 458 -19.27 -7.19 5.12
CA TRP C 458 -19.63 -8.08 4.02
C TRP C 458 -19.40 -7.38 2.69
N SER C 459 -19.25 -8.18 1.65
CA SER C 459 -19.13 -7.70 0.29
C SER C 459 -19.78 -8.71 -0.65
N CYS C 460 -20.26 -8.23 -1.79
CA CYS C 460 -21.03 -9.05 -2.71
C CYS C 460 -20.41 -9.03 -4.10
N LYS C 461 -20.32 -10.20 -4.73
CA LYS C 461 -19.90 -10.30 -6.12
C LYS C 461 -20.56 -11.53 -6.74
N ILE C 462 -21.47 -11.30 -7.67
CA ILE C 462 -22.20 -12.36 -8.37
C ILE C 462 -22.05 -12.17 -9.88
N PRO C 463 -21.74 -13.22 -10.63
CA PRO C 463 -21.63 -13.10 -12.09
C PRO C 463 -23.00 -13.09 -12.76
N ASN C 464 -22.98 -12.94 -14.08
CA ASN C 464 -24.19 -12.97 -14.89
C ASN C 464 -24.53 -14.40 -15.31
N PHE C 465 -25.81 -14.64 -15.55
CA PHE C 465 -26.29 -15.95 -15.97
C PHE C 465 -27.30 -15.78 -17.10
N ASP C 466 -27.46 -16.84 -17.88
CA ASP C 466 -28.29 -16.78 -19.08
C ASP C 466 -29.78 -16.64 -18.73
N VAL C 467 -30.44 -15.69 -19.39
CA VAL C 467 -31.84 -15.41 -19.09
C VAL C 467 -32.70 -16.64 -19.37
N ARG C 468 -32.53 -17.25 -20.55
CA ARG C 468 -33.37 -18.39 -20.93
C ARG C 468 -33.15 -19.59 -20.02
N GLU C 469 -31.90 -19.81 -19.58
CA GLU C 469 -31.64 -20.90 -18.65
C GLU C 469 -32.37 -20.68 -17.34
N ILE C 470 -32.38 -19.44 -16.85
CA ILE C 470 -33.08 -19.15 -15.61
C ILE C 470 -34.59 -19.32 -15.77
N VAL C 471 -35.15 -18.86 -16.90
CA VAL C 471 -36.58 -19.06 -17.13
C VAL C 471 -36.93 -20.54 -17.16
N ASN C 472 -36.09 -21.35 -17.83
CA ASN C 472 -36.34 -22.78 -17.89
C ASN C 472 -36.29 -23.41 -16.50
N ASN C 473 -35.32 -23.01 -15.68
CA ASN C 473 -35.23 -23.57 -14.33
C ASN C 473 -36.42 -23.18 -13.47
N ILE C 474 -36.96 -21.97 -13.65
CA ILE C 474 -38.17 -21.60 -12.94
C ILE C 474 -39.32 -22.52 -13.36
N ARG C 475 -39.43 -22.78 -14.66
CA ARG C 475 -40.47 -23.69 -15.15
C ARG C 475 -40.26 -25.09 -14.59
N ARG C 476 -39.01 -25.54 -14.50
CA ARG C 476 -38.73 -26.87 -13.94
C ARG C 476 -39.17 -26.96 -12.49
N LEU C 477 -38.92 -25.91 -11.70
CA LEU C 477 -39.33 -25.93 -10.30
C LEU C 477 -40.85 -26.00 -10.17
N MET C 478 -41.57 -25.32 -11.07
CA MET C 478 -43.02 -25.39 -11.05
C MET C 478 -43.53 -26.79 -11.37
N ASP C 479 -42.80 -27.53 -12.20
CA ASP C 479 -43.16 -28.89 -12.58
C ASP C 479 -42.70 -29.93 -11.57
N GLY C 480 -41.93 -29.55 -10.55
CA GLY C 480 -41.48 -30.50 -9.55
C GLY C 480 -40.12 -31.11 -9.83
N GLU C 481 -39.47 -30.74 -10.93
CA GLU C 481 -38.17 -31.27 -11.29
C GLU C 481 -37.06 -30.50 -10.57
N GLU C 482 -35.87 -31.12 -10.53
CA GLU C 482 -34.69 -30.47 -9.97
C GLU C 482 -34.13 -29.44 -10.94
N PRO C 483 -33.71 -28.27 -10.46
CA PRO C 483 -33.12 -27.27 -11.36
C PRO C 483 -31.83 -27.77 -11.99
N LEU C 484 -31.64 -27.41 -13.26
CA LEU C 484 -30.41 -27.75 -13.94
C LEU C 484 -29.28 -26.84 -13.47
N PRO C 485 -28.05 -27.37 -13.43
CA PRO C 485 -26.91 -26.52 -13.05
C PRO C 485 -26.72 -25.39 -14.05
N MET C 486 -26.25 -24.25 -13.54
CA MET C 486 -26.07 -23.06 -14.36
C MET C 486 -24.64 -22.56 -14.24
N LEU C 487 -23.98 -22.36 -15.38
CA LEU C 487 -22.68 -21.71 -15.44
C LEU C 487 -22.85 -20.23 -15.72
N PRO C 488 -21.90 -19.40 -15.29
CA PRO C 488 -21.98 -17.98 -15.62
C PRO C 488 -22.03 -17.78 -17.12
N SER C 489 -22.86 -16.83 -17.55
CA SER C 489 -23.04 -16.57 -18.98
C SER C 489 -23.16 -15.07 -19.17
N TYR C 490 -22.36 -14.53 -20.08
CA TYR C 490 -22.38 -13.11 -20.37
C TYR C 490 -22.86 -12.90 -21.80
N LYS C 491 -23.85 -12.03 -21.96
CA LYS C 491 -24.46 -11.81 -23.26
C LYS C 491 -23.42 -11.31 -24.26
N ASN C 492 -23.44 -11.91 -25.46
CA ASN C 492 -22.55 -11.59 -26.58
C ASN C 492 -21.08 -11.89 -26.29
N PHE C 493 -20.75 -12.62 -25.23
CA PHE C 493 -19.38 -13.00 -24.96
C PHE C 493 -18.97 -14.15 -25.87
N LYS C 494 -17.88 -13.97 -26.61
CA LYS C 494 -17.41 -14.96 -27.58
C LYS C 494 -16.38 -15.92 -27.02
N GLY C 495 -15.99 -15.80 -25.76
CA GLY C 495 -15.00 -16.66 -25.15
C GLY C 495 -15.59 -17.86 -24.45
N THR C 496 -14.82 -18.43 -23.54
CA THR C 496 -15.23 -19.61 -22.79
C THR C 496 -15.16 -19.34 -21.30
N ILE C 497 -16.07 -19.97 -20.56
CA ILE C 497 -16.09 -19.95 -19.11
C ILE C 497 -16.15 -21.39 -18.64
N GLU C 498 -15.12 -21.81 -17.90
CA GLU C 498 -15.01 -23.20 -17.44
C GLU C 498 -14.98 -23.22 -15.92
N GLU C 499 -15.61 -24.24 -15.34
CA GLU C 499 -15.67 -24.41 -13.89
C GLU C 499 -14.56 -25.37 -13.49
N LEU C 500 -13.53 -24.83 -12.81
CA LEU C 500 -12.49 -25.68 -12.26
C LEU C 500 -12.97 -26.40 -11.00
N ALA C 501 -13.73 -25.71 -10.17
CA ALA C 501 -14.20 -26.23 -8.90
C ALA C 501 -15.46 -25.47 -8.51
N PRO C 502 -16.25 -26.00 -7.58
CA PRO C 502 -17.49 -25.30 -7.19
C PRO C 502 -17.23 -23.85 -6.81
N ASN C 503 -17.99 -22.95 -7.43
CA ASN C 503 -17.92 -21.51 -7.24
C ASN C 503 -16.63 -20.90 -7.74
N GLN C 504 -15.78 -21.67 -8.44
CA GLN C 504 -14.54 -21.18 -9.00
C GLN C 504 -14.55 -21.38 -10.50
N TYR C 505 -14.38 -20.29 -11.24
CA TYR C 505 -14.46 -20.32 -12.70
C TYR C 505 -13.25 -19.61 -13.29
N VAL C 506 -12.93 -19.97 -14.54
CA VAL C 506 -11.87 -19.31 -15.28
C VAL C 506 -12.45 -18.84 -16.62
N ILE C 507 -12.34 -17.54 -16.87
CA ILE C 507 -12.85 -16.92 -18.10
C ILE C 507 -11.67 -16.61 -19.00
N SER C 508 -11.76 -17.01 -20.26
CA SER C 508 -10.65 -16.89 -21.19
C SER C 508 -11.12 -16.23 -22.48
N GLY C 509 -10.21 -15.46 -23.08
CA GLY C 509 -10.44 -14.86 -24.38
C GLY C 509 -10.06 -15.81 -25.48
N GLU C 510 -10.02 -15.28 -26.70
CA GLU C 510 -9.75 -16.08 -27.90
C GLU C 510 -8.50 -15.57 -28.59
N VAL C 511 -7.58 -16.48 -28.89
CA VAL C 511 -6.37 -16.16 -29.62
C VAL C 511 -6.10 -17.27 -30.62
N ALA C 512 -5.68 -16.90 -31.83
CA ALA C 512 -5.39 -17.86 -32.88
C ALA C 512 -4.10 -17.48 -33.59
N ILE C 513 -3.42 -18.48 -34.11
CA ILE C 513 -2.17 -18.30 -34.84
C ILE C 513 -2.49 -18.28 -36.33
N LEU C 514 -2.08 -17.21 -37.00
CA LEU C 514 -2.32 -17.09 -38.44
C LEU C 514 -1.18 -17.71 -39.25
N ASN C 515 0.05 -17.37 -38.91
CA ASN C 515 1.23 -17.93 -39.57
C ASN C 515 2.35 -18.01 -38.54
N SER C 516 3.58 -18.23 -39.02
CA SER C 516 4.72 -18.38 -38.13
C SER C 516 5.12 -17.08 -37.45
N THR C 517 4.56 -15.94 -37.87
CA THR C 517 4.95 -14.66 -37.31
C THR C 517 3.78 -13.77 -36.93
N THR C 518 2.54 -14.23 -37.09
CA THR C 518 1.38 -13.40 -36.79
C THR C 518 0.32 -14.21 -36.05
N ILE C 519 -0.25 -13.62 -35.00
CA ILE C 519 -1.37 -14.18 -34.26
C ILE C 519 -2.48 -13.14 -34.19
N GLU C 520 -3.70 -13.62 -33.99
CA GLU C 520 -4.89 -12.78 -33.95
C GLU C 520 -5.59 -12.95 -32.61
N ILE C 521 -5.88 -11.83 -31.95
CA ILE C 521 -6.67 -11.81 -30.71
C ILE C 521 -8.06 -11.29 -31.06
N SER C 522 -9.07 -12.14 -30.91
CA SER C 522 -10.43 -11.82 -31.33
C SER C 522 -11.40 -11.63 -30.18
N GLU C 523 -11.01 -11.96 -28.94
CA GLU C 523 -11.89 -11.70 -27.81
C GLU C 523 -11.05 -11.57 -26.54
N LEU C 524 -11.32 -10.52 -25.77
CA LEU C 524 -10.75 -10.36 -24.43
C LEU C 524 -11.65 -11.01 -23.40
N PRO C 525 -11.10 -11.40 -22.24
CA PRO C 525 -11.94 -11.99 -21.19
C PRO C 525 -12.94 -10.99 -20.64
N VAL C 526 -14.00 -11.53 -20.02
CA VAL C 526 -15.08 -10.69 -19.52
C VAL C 526 -14.53 -9.70 -18.50
N ARG C 527 -15.00 -8.46 -18.60
CA ARG C 527 -14.62 -7.32 -17.77
C ARG C 527 -13.23 -6.78 -18.10
N THR C 528 -12.60 -7.25 -19.18
CA THR C 528 -11.35 -6.70 -19.66
C THR C 528 -11.64 -5.74 -20.81
N TRP C 529 -11.29 -4.47 -20.64
CA TRP C 529 -11.67 -3.44 -21.59
C TRP C 529 -10.57 -3.23 -22.63
N THR C 530 -11.00 -2.82 -23.82
CA THR C 530 -10.09 -2.75 -24.96
C THR C 530 -8.95 -1.77 -24.69
N GLN C 531 -9.28 -0.57 -24.18
CA GLN C 531 -8.24 0.42 -23.92
C GLN C 531 -7.33 -0.03 -22.79
N THR C 532 -7.90 -0.63 -21.75
CA THR C 532 -7.07 -1.07 -20.63
C THR C 532 -6.14 -2.20 -21.02
N TYR C 533 -6.55 -3.04 -21.97
CA TYR C 533 -5.71 -4.14 -22.41
C TYR C 533 -4.59 -3.65 -23.31
N LYS C 534 -4.89 -2.69 -24.20
CA LYS C 534 -3.87 -2.13 -25.07
C LYS C 534 -2.81 -1.38 -24.28
N GLU C 535 -3.20 -0.68 -23.20
CA GLU C 535 -2.25 0.11 -22.43
C GLU C 535 -1.42 -0.74 -21.49
N GLN C 536 -2.02 -1.77 -20.90
CA GLN C 536 -1.35 -2.54 -19.86
C GLN C 536 -0.63 -3.76 -20.42
N VAL C 537 -1.14 -4.36 -21.49
CA VAL C 537 -0.54 -5.60 -22.02
C VAL C 537 0.25 -5.33 -23.30
N LEU C 538 -0.43 -4.84 -24.34
CA LEU C 538 0.24 -4.77 -25.65
C LEU C 538 1.29 -3.67 -25.71
N GLU C 539 1.00 -2.50 -25.14
CA GLU C 539 1.97 -1.42 -25.08
C GLU C 539 3.31 -1.82 -24.48
N PRO C 540 3.39 -2.40 -23.28
CA PRO C 540 4.71 -2.81 -22.76
C PRO C 540 5.41 -3.83 -23.63
N MET C 541 4.68 -4.76 -24.25
CA MET C 541 5.33 -5.76 -25.09
C MET C 541 5.90 -5.14 -26.36
N LEU C 542 5.33 -4.03 -26.83
CA LEU C 542 5.88 -3.33 -27.97
C LEU C 542 7.11 -2.51 -27.60
N ASN C 543 7.15 -1.96 -26.38
CA ASN C 543 8.24 -1.10 -25.96
C ASN C 543 9.34 -1.84 -25.21
N GLY C 544 9.04 -2.99 -24.60
CA GLY C 544 10.03 -3.68 -23.82
C GLY C 544 10.41 -2.89 -22.58
N THR C 545 11.64 -3.12 -22.10
CA THR C 545 12.18 -2.41 -20.96
C THR C 545 13.60 -1.96 -21.29
N GLU C 546 14.25 -1.31 -20.32
CA GLU C 546 15.62 -0.84 -20.53
C GLU C 546 16.59 -2.01 -20.72
N LYS C 547 16.25 -3.18 -20.18
CA LYS C 547 17.10 -4.37 -20.31
C LYS C 547 16.43 -5.53 -21.03
N THR C 548 15.08 -5.53 -21.18
CA THR C 548 14.48 -6.67 -21.86
C THR C 548 14.11 -6.32 -23.30
N PRO C 549 14.18 -7.29 -24.21
CA PRO C 549 13.76 -7.00 -25.59
C PRO C 549 12.25 -6.91 -25.68
N PRO C 550 11.75 -6.14 -26.64
CA PRO C 550 10.29 -6.16 -26.89
C PRO C 550 9.84 -7.55 -27.30
N LEU C 551 8.66 -7.93 -26.81
CA LEU C 551 8.12 -9.25 -27.13
C LEU C 551 7.53 -9.31 -28.53
N ILE C 552 6.96 -8.20 -29.01
CA ILE C 552 6.23 -8.19 -30.27
C ILE C 552 6.84 -7.12 -31.18
N THR C 553 6.87 -7.42 -32.48
CA THR C 553 7.37 -6.47 -33.46
C THR C 553 6.36 -5.36 -33.71
N ASP C 554 5.09 -5.71 -33.82
CA ASP C 554 4.05 -4.75 -34.15
C ASP C 554 2.70 -5.33 -33.75
N TYR C 555 1.69 -4.46 -33.72
CA TYR C 555 0.31 -4.88 -33.60
C TYR C 555 -0.59 -3.86 -34.27
N ARG C 556 -1.65 -4.34 -34.90
CA ARG C 556 -2.65 -3.49 -35.55
C ARG C 556 -4.02 -3.78 -34.96
N GLU C 557 -4.85 -2.74 -34.90
CA GLU C 557 -6.17 -2.82 -34.26
C GLU C 557 -7.27 -2.74 -35.32
N TYR C 558 -8.33 -3.52 -35.12
CA TYR C 558 -9.48 -3.52 -36.02
C TYR C 558 -10.79 -3.53 -35.24
N HIS C 559 -10.80 -2.97 -34.03
CA HIS C 559 -11.96 -3.06 -33.17
C HIS C 559 -13.09 -2.16 -33.67
N THR C 560 -14.30 -2.52 -33.27
CA THR C 560 -15.47 -1.66 -33.30
C THR C 560 -15.84 -1.31 -31.86
N ASP C 561 -16.96 -0.60 -31.68
CA ASP C 561 -17.40 -0.29 -30.33
C ASP C 561 -17.76 -1.54 -29.54
N THR C 562 -18.08 -2.65 -30.22
CA THR C 562 -18.52 -3.86 -29.54
C THR C 562 -17.64 -5.08 -29.79
N THR C 563 -16.72 -5.05 -30.75
CA THR C 563 -15.88 -6.18 -31.07
C THR C 563 -14.41 -5.83 -30.88
N VAL C 564 -13.61 -6.85 -30.58
CA VAL C 564 -12.17 -6.69 -30.36
C VAL C 564 -11.44 -7.54 -31.38
N LYS C 565 -10.53 -6.91 -32.13
CA LYS C 565 -9.68 -7.63 -33.08
C LYS C 565 -8.26 -7.05 -32.99
N PHE C 566 -7.35 -7.84 -32.43
CA PHE C 566 -5.93 -7.49 -32.36
C PHE C 566 -5.16 -8.43 -33.27
N VAL C 567 -4.31 -7.86 -34.12
CA VAL C 567 -3.40 -8.64 -34.96
C VAL C 567 -1.99 -8.32 -34.50
N VAL C 568 -1.30 -9.31 -33.96
CA VAL C 568 -0.01 -9.11 -33.30
C VAL C 568 1.06 -9.84 -34.10
N LYS C 569 2.14 -9.12 -34.42
CA LYS C 569 3.27 -9.67 -35.15
C LYS C 569 4.49 -9.73 -34.25
N MET C 570 5.22 -10.84 -34.30
CA MET C 570 6.44 -11.02 -33.55
C MET C 570 7.35 -11.96 -34.32
N THR C 571 8.59 -12.09 -33.85
CA THR C 571 9.56 -12.98 -34.48
C THR C 571 9.13 -14.43 -34.33
N GLU C 572 9.65 -15.26 -35.25
CA GLU C 572 9.30 -16.68 -35.21
C GLU C 572 9.79 -17.34 -33.93
N GLU C 573 10.99 -16.97 -33.47
CA GLU C 573 11.53 -17.55 -32.25
C GLU C 573 10.69 -17.17 -31.03
N LYS C 574 10.29 -15.91 -30.94
CA LYS C 574 9.50 -15.46 -29.78
C LYS C 574 8.10 -16.06 -29.80
N LEU C 575 7.49 -16.17 -30.99
CA LEU C 575 6.17 -16.79 -31.08
C LEU C 575 6.22 -18.24 -30.63
N ALA C 576 7.24 -18.99 -31.06
CA ALA C 576 7.37 -20.38 -30.64
C ALA C 576 7.54 -20.48 -29.13
N GLU C 577 8.33 -19.57 -28.54
CA GLU C 577 8.44 -19.54 -27.09
C GLU C 577 7.11 -19.22 -26.44
N ALA C 578 6.42 -18.20 -26.96
CA ALA C 578 5.10 -17.86 -26.45
C ALA C 578 4.12 -19.02 -26.64
N GLU C 579 4.18 -19.67 -27.80
CA GLU C 579 3.29 -20.80 -28.06
C GLU C 579 3.57 -21.96 -27.11
N ARG C 580 4.83 -22.14 -26.71
CA ARG C 580 5.18 -23.27 -25.85
C ARG C 580 4.56 -23.13 -24.46
N VAL C 581 4.74 -21.96 -23.84
CA VAL C 581 4.19 -21.74 -22.50
C VAL C 581 2.67 -21.59 -22.57
N GLY C 582 2.16 -20.99 -23.63
CA GLY C 582 0.73 -20.80 -23.81
C GLY C 582 0.37 -19.38 -24.14
N LEU C 583 -0.30 -19.19 -25.28
CA LEU C 583 -0.63 -17.83 -25.72
C LEU C 583 -1.59 -17.15 -24.75
N HIS C 584 -2.53 -17.91 -24.20
CA HIS C 584 -3.48 -17.34 -23.25
C HIS C 584 -2.77 -16.80 -22.01
N LYS C 585 -1.77 -17.54 -21.52
CA LYS C 585 -1.00 -17.06 -20.38
C LYS C 585 -0.14 -15.86 -20.76
N VAL C 586 0.49 -15.90 -21.94
CA VAL C 586 1.42 -14.85 -22.31
C VAL C 586 0.70 -13.52 -22.51
N PHE C 587 -0.44 -13.55 -23.20
CA PHE C 587 -1.16 -12.32 -23.51
C PHE C 587 -2.23 -11.99 -22.48
N LYS C 588 -2.21 -12.64 -21.31
CA LYS C 588 -3.06 -12.29 -20.19
C LYS C 588 -4.54 -12.27 -20.60
N LEU C 589 -4.95 -13.31 -21.32
CA LEU C 589 -6.32 -13.45 -21.81
C LEU C 589 -7.17 -14.33 -20.91
N GLN C 590 -6.79 -14.51 -19.65
CA GLN C 590 -7.54 -15.33 -18.71
C GLN C 590 -7.79 -14.57 -17.42
N THR C 591 -9.00 -14.71 -16.88
CA THR C 591 -9.41 -14.04 -15.66
C THR C 591 -10.10 -15.04 -14.75
N SER C 592 -9.81 -14.95 -13.46
CA SER C 592 -10.39 -15.84 -12.47
C SER C 592 -11.59 -15.18 -11.83
N LEU C 593 -12.62 -15.98 -11.53
CA LEU C 593 -13.83 -15.49 -10.89
C LEU C 593 -14.27 -16.51 -9.86
N THR C 594 -14.35 -16.08 -8.59
CA THR C 594 -14.73 -16.96 -7.50
C THR C 594 -16.03 -16.43 -6.89
N CYS C 595 -17.03 -17.31 -6.82
CA CYS C 595 -18.33 -16.95 -6.25
C CYS C 595 -18.41 -17.33 -4.78
N ASN C 596 -17.41 -16.93 -4.00
CA ASN C 596 -17.32 -17.32 -2.59
C ASN C 596 -17.89 -16.26 -1.65
N SER C 597 -18.37 -15.14 -2.16
CA SER C 597 -18.92 -14.05 -1.35
C SER C 597 -20.24 -13.57 -1.93
N MET C 598 -21.13 -14.52 -2.23
CA MET C 598 -22.47 -14.20 -2.74
C MET C 598 -23.35 -13.86 -1.55
N VAL C 599 -23.21 -12.62 -1.08
CA VAL C 599 -23.91 -12.14 0.09
C VAL C 599 -24.95 -11.10 -0.34
N LEU C 600 -26.21 -11.36 -0.02
CA LEU C 600 -27.31 -10.49 -0.41
C LEU C 600 -28.26 -10.30 0.76
N PHE C 601 -29.06 -9.24 0.69
CA PHE C 601 -30.16 -9.03 1.61
C PHE C 601 -31.32 -9.95 1.24
N ASP C 602 -31.84 -10.67 2.23
CA ASP C 602 -32.99 -11.52 1.97
C ASP C 602 -34.27 -10.69 1.94
N HIS C 603 -35.40 -11.35 1.68
CA HIS C 603 -36.66 -10.63 1.53
C HIS C 603 -37.14 -9.99 2.82
N VAL C 604 -36.57 -10.38 3.97
CA VAL C 604 -36.94 -9.80 5.25
C VAL C 604 -35.99 -8.72 5.70
N GLY C 605 -34.85 -8.54 5.03
CA GLY C 605 -33.91 -7.49 5.35
C GLY C 605 -32.69 -7.91 6.12
N CYS C 606 -32.35 -9.20 6.12
CA CYS C 606 -31.16 -9.70 6.80
C CYS C 606 -30.15 -10.16 5.76
N LEU C 607 -28.90 -9.74 5.95
CA LEU C 607 -27.83 -10.19 5.06
C LEU C 607 -27.64 -11.70 5.15
N LYS C 608 -27.51 -12.35 4.00
CA LYS C 608 -27.36 -13.80 3.95
C LYS C 608 -26.33 -14.15 2.91
N LYS C 609 -25.47 -15.12 3.23
CA LYS C 609 -24.49 -15.63 2.29
C LYS C 609 -25.07 -16.86 1.59
N TYR C 610 -25.22 -16.78 0.27
CA TYR C 610 -25.75 -17.89 -0.50
C TYR C 610 -24.59 -18.70 -1.05
N ASP C 611 -24.60 -20.00 -0.78
CA ASP C 611 -23.48 -20.85 -1.19
C ASP C 611 -23.50 -21.15 -2.68
N THR C 612 -24.68 -21.26 -3.28
CA THR C 612 -24.80 -21.56 -4.70
C THR C 612 -25.85 -20.63 -5.30
N VAL C 613 -25.76 -20.40 -6.61
CA VAL C 613 -26.81 -19.64 -7.29
C VAL C 613 -28.12 -20.40 -7.32
N LEU C 614 -28.09 -21.73 -7.24
CA LEU C 614 -29.33 -22.50 -7.16
C LEU C 614 -30.07 -22.22 -5.86
N ASP C 615 -29.35 -21.97 -4.78
CA ASP C 615 -30.02 -21.59 -3.53
C ASP C 615 -30.71 -20.24 -3.70
N ILE C 616 -30.08 -19.31 -4.42
CA ILE C 616 -30.73 -18.03 -4.72
C ILE C 616 -32.01 -18.27 -5.50
N LEU C 617 -31.94 -19.15 -6.51
CA LEU C 617 -33.13 -19.43 -7.31
C LEU C 617 -34.23 -20.06 -6.47
N ARG C 618 -33.87 -21.00 -5.59
CA ARG C 618 -34.88 -21.66 -4.76
C ARG C 618 -35.54 -20.66 -3.80
N ASP C 619 -34.74 -19.81 -3.16
CA ASP C 619 -35.32 -18.81 -2.27
C ASP C 619 -36.18 -17.82 -3.04
N PHE C 620 -35.72 -17.41 -4.23
CA PHE C 620 -36.53 -16.52 -5.07
C PHE C 620 -37.83 -17.19 -5.48
N PHE C 621 -37.77 -18.47 -5.87
CA PHE C 621 -38.96 -19.15 -6.36
C PHE C 621 -40.05 -19.19 -5.30
N GLU C 622 -39.67 -19.53 -4.06
CA GLU C 622 -40.65 -19.61 -2.99
C GLU C 622 -41.31 -18.25 -2.74
N LEU C 623 -40.51 -17.18 -2.72
CA LEU C 623 -41.07 -15.85 -2.50
C LEU C 623 -41.93 -15.41 -3.67
N ARG C 624 -41.45 -15.61 -4.90
CA ARG C 624 -42.21 -15.17 -6.07
C ARG C 624 -43.53 -15.92 -6.18
N LEU C 625 -43.53 -17.22 -5.87
CA LEU C 625 -44.77 -17.99 -5.91
C LEU C 625 -45.78 -17.43 -4.90
N LYS C 626 -45.31 -17.06 -3.71
CA LYS C 626 -46.22 -16.50 -2.72
C LYS C 626 -46.85 -15.21 -3.23
N TYR C 627 -46.06 -14.37 -3.90
CA TYR C 627 -46.62 -13.11 -4.36
C TYR C 627 -47.53 -13.27 -5.57
N TYR C 628 -47.40 -14.36 -6.33
CA TYR C 628 -48.42 -14.66 -7.34
C TYR C 628 -49.74 -15.04 -6.69
N GLY C 629 -49.70 -15.67 -5.52
CA GLY C 629 -50.92 -15.83 -4.74
C GLY C 629 -51.46 -14.50 -4.22
N LEU C 630 -50.57 -13.62 -3.77
CA LEU C 630 -51.00 -12.31 -3.29
C LEU C 630 -51.60 -11.48 -4.42
N ARG C 631 -51.02 -11.56 -5.62
CA ARG C 631 -51.57 -10.85 -6.76
C ARG C 631 -52.98 -11.33 -7.08
N LYS C 632 -53.20 -12.65 -7.02
CA LYS C 632 -54.52 -13.20 -7.32
C LYS C 632 -55.56 -12.70 -6.33
N GLU C 633 -55.23 -12.66 -5.04
CA GLU C 633 -56.19 -12.16 -4.05
C GLU C 633 -56.53 -10.71 -4.32
N TRP C 634 -55.53 -9.88 -4.61
CA TRP C 634 -55.80 -8.48 -4.89
C TRP C 634 -56.62 -8.33 -6.18
N LEU C 635 -56.27 -9.10 -7.21
CA LEU C 635 -57.00 -9.02 -8.47
C LEU C 635 -58.45 -9.45 -8.31
N LEU C 636 -58.69 -10.50 -7.52
CA LEU C 636 -60.06 -10.95 -7.31
C LEU C 636 -60.91 -9.85 -6.69
N GLY C 637 -60.39 -9.20 -5.64
CA GLY C 637 -61.14 -8.12 -5.02
C GLY C 637 -61.29 -6.92 -5.92
N MET C 638 -60.21 -6.53 -6.60
CA MET C 638 -60.29 -5.33 -7.44
C MET C 638 -61.17 -5.56 -8.65
N LEU C 639 -61.03 -6.71 -9.31
CA LEU C 639 -61.87 -6.99 -10.47
C LEU C 639 -63.34 -7.05 -10.06
N GLY C 640 -63.63 -7.65 -8.90
CA GLY C 640 -65.00 -7.66 -8.42
C GLY C 640 -65.53 -6.26 -8.16
N ALA C 641 -64.72 -5.41 -7.55
CA ALA C 641 -65.14 -4.02 -7.34
C ALA C 641 -65.33 -3.31 -8.67
N GLU C 642 -64.44 -3.54 -9.63
CA GLU C 642 -64.61 -2.95 -10.95
C GLU C 642 -65.86 -3.48 -11.63
N SER C 643 -66.10 -4.79 -11.53
CA SER C 643 -67.30 -5.37 -12.13
C SER C 643 -68.57 -4.80 -11.52
N ALA C 644 -68.59 -4.66 -10.19
CA ALA C 644 -69.74 -4.07 -9.54
C ALA C 644 -69.95 -2.62 -9.98
N LYS C 645 -68.86 -1.87 -10.12
CA LYS C 645 -68.95 -0.48 -10.54
C LYS C 645 -69.53 -0.38 -11.96
N LEU C 646 -69.05 -1.21 -12.87
CA LEU C 646 -69.58 -1.16 -14.23
C LEU C 646 -71.02 -1.62 -14.28
N ASN C 647 -71.40 -2.58 -13.44
CA ASN C 647 -72.79 -3.01 -13.38
C ASN C 647 -73.70 -1.86 -13.00
N ASN C 648 -73.32 -1.09 -11.98
CA ASN C 648 -74.12 0.08 -11.59
C ASN C 648 -74.14 1.12 -12.70
N GLN C 649 -73.00 1.35 -13.35
CA GLN C 649 -72.94 2.37 -14.39
C GLN C 649 -73.81 1.99 -15.58
N ALA C 650 -73.74 0.73 -16.02
CA ALA C 650 -74.55 0.30 -17.14
C ALA C 650 -76.03 0.37 -16.82
N ARG C 651 -76.41 -0.04 -15.61
CA ARG C 651 -77.81 0.04 -15.21
C ARG C 651 -78.27 1.48 -15.16
N PHE C 652 -77.43 2.38 -14.63
CA PHE C 652 -77.82 3.78 -14.51
C PHE C 652 -78.10 4.39 -15.87
N ILE C 653 -77.22 4.14 -16.84
CA ILE C 653 -77.43 4.70 -18.18
C ILE C 653 -78.69 4.11 -18.80
N LEU C 654 -78.85 2.79 -18.73
CA LEU C 654 -79.99 2.15 -19.36
C LEU C 654 -81.31 2.61 -18.74
N GLU C 655 -81.32 2.78 -17.40
CA GLU C 655 -82.54 3.25 -16.74
C GLU C 655 -82.90 4.66 -17.17
N LYS C 656 -81.90 5.53 -17.34
CA LYS C 656 -82.17 6.89 -17.78
C LYS C 656 -82.77 6.91 -19.19
N ILE C 657 -82.27 6.07 -20.08
CA ILE C 657 -82.83 5.99 -21.42
C ILE C 657 -84.25 5.45 -21.38
N ASP C 658 -84.51 4.47 -20.51
CA ASP C 658 -85.85 3.90 -20.40
C ASP C 658 -86.82 4.78 -19.65
N GLY C 659 -86.34 5.83 -18.99
CA GLY C 659 -87.20 6.71 -18.24
C GLY C 659 -87.41 6.33 -16.80
N LYS C 660 -86.86 5.20 -16.35
CA LYS C 660 -86.99 4.80 -14.95
C LYS C 660 -86.28 5.77 -14.01
N ILE C 661 -85.30 6.54 -14.51
CA ILE C 661 -84.61 7.55 -13.72
C ILE C 661 -84.69 8.87 -14.48
N ILE C 662 -85.11 9.92 -13.80
CA ILE C 662 -85.18 11.27 -14.36
C ILE C 662 -84.21 12.16 -13.59
N ILE C 663 -83.35 12.85 -14.33
CA ILE C 663 -82.35 13.74 -13.72
C ILE C 663 -82.56 15.20 -14.12
N GLU C 664 -83.42 15.48 -15.08
CA GLU C 664 -83.61 16.85 -15.54
C GLU C 664 -84.29 17.70 -14.47
N ASN C 665 -83.67 18.83 -14.14
CA ASN C 665 -84.19 19.79 -13.15
C ASN C 665 -84.45 19.13 -11.80
N LYS C 666 -83.66 18.12 -11.45
CA LYS C 666 -83.97 17.54 -10.15
C LYS C 666 -82.96 17.99 -9.11
N PRO C 667 -83.40 18.22 -7.86
CA PRO C 667 -82.45 18.56 -6.80
C PRO C 667 -81.46 17.44 -6.56
N LYS C 668 -80.24 17.81 -6.17
CA LYS C 668 -79.21 16.82 -5.91
C LYS C 668 -79.60 15.89 -4.78
N LYS C 669 -80.16 16.45 -3.70
CA LYS C 669 -80.60 15.62 -2.58
C LYS C 669 -81.73 14.68 -2.99
N GLU C 670 -82.68 15.18 -3.80
CA GLU C 670 -83.78 14.34 -4.27
C GLU C 670 -83.26 13.21 -5.14
N LEU C 671 -82.30 13.50 -6.02
CA LEU C 671 -81.75 12.47 -6.91
C LEU C 671 -81.01 11.40 -6.13
N ILE C 672 -80.24 11.80 -5.12
CA ILE C 672 -79.48 10.83 -4.34
C ILE C 672 -80.41 9.84 -3.65
N LYS C 673 -81.51 10.35 -3.08
CA LYS C 673 -82.47 9.46 -2.42
C LYS C 673 -83.04 8.44 -3.39
N VAL C 674 -83.33 8.87 -4.62
CA VAL C 674 -83.83 7.93 -5.64
C VAL C 674 -82.79 6.88 -5.96
N LEU C 675 -81.52 7.29 -6.07
CA LEU C 675 -80.47 6.32 -6.37
C LEU C 675 -80.34 5.28 -5.27
N ILE C 676 -80.40 5.72 -4.01
CA ILE C 676 -80.39 4.79 -2.88
C ILE C 676 -81.65 3.94 -2.91
N GLN C 677 -82.80 4.57 -3.20
CA GLN C 677 -84.08 3.87 -3.22
C GLN C 677 -84.10 2.75 -4.25
N ARG C 678 -83.40 2.92 -5.37
CA ARG C 678 -83.34 1.92 -6.42
C ARG C 678 -82.23 0.92 -6.21
N GLY C 679 -81.55 0.96 -5.07
CA GLY C 679 -80.57 -0.05 -4.75
C GLY C 679 -79.22 0.12 -5.40
N TYR C 680 -78.95 1.29 -5.99
CA TYR C 680 -77.63 1.55 -6.55
C TYR C 680 -76.60 1.58 -5.44
N ASP C 681 -75.38 1.15 -5.76
CA ASP C 681 -74.32 1.01 -4.77
C ASP C 681 -73.46 2.25 -4.74
N SER C 682 -72.93 2.54 -3.56
CA SER C 682 -71.86 3.52 -3.46
C SER C 682 -70.64 3.00 -4.21
N ASP C 683 -69.73 3.90 -4.57
CA ASP C 683 -68.59 3.57 -5.43
C ASP C 683 -67.92 2.28 -4.97
N PRO C 684 -68.07 1.18 -5.71
CA PRO C 684 -67.51 -0.09 -5.24
C PRO C 684 -66.00 -0.13 -5.24
N VAL C 685 -65.36 0.53 -6.21
CA VAL C 685 -63.90 0.62 -6.17
C VAL C 685 -63.44 1.41 -4.95
N LYS C 686 -64.10 2.55 -4.68
CA LYS C 686 -63.76 3.32 -3.48
C LYS C 686 -64.05 2.53 -2.22
N ALA C 687 -65.18 1.83 -2.17
CA ALA C 687 -65.53 1.05 -0.98
C ALA C 687 -64.54 -0.07 -0.74
N TRP C 688 -64.14 -0.78 -1.79
CA TRP C 688 -63.20 -1.89 -1.62
C TRP C 688 -61.84 -1.41 -1.15
N LYS C 689 -61.35 -0.31 -1.71
CA LYS C 689 -60.06 0.22 -1.29
C LYS C 689 -60.09 0.62 0.18
N GLU C 690 -61.17 1.29 0.60
CA GLU C 690 -61.31 1.63 2.02
C GLU C 690 -61.43 0.39 2.89
N ALA C 691 -62.04 -0.68 2.37
CA ALA C 691 -62.15 -1.90 3.14
C ALA C 691 -60.79 -2.52 3.41
N GLN C 692 -59.85 -2.37 2.49
CA GLN C 692 -58.50 -2.86 2.73
C GLN C 692 -57.74 -1.99 3.74
N GLN C 693 -58.27 -0.82 4.07
CA GLN C 693 -57.64 0.11 5.01
C GLN C 693 -56.22 0.46 4.59
N SER C 719 -69.43 11.63 4.22
CA SER C 719 -70.63 11.84 5.00
C SER C 719 -71.63 10.70 4.80
N GLY C 720 -71.92 10.40 3.53
CA GLY C 720 -72.80 9.32 3.17
C GLY C 720 -72.29 8.57 1.96
N PRO C 721 -73.19 8.04 1.15
CA PRO C 721 -72.77 7.31 -0.06
C PRO C 721 -72.23 8.26 -1.11
N THR C 722 -71.48 7.70 -2.06
CA THR C 722 -70.93 8.46 -3.17
C THR C 722 -71.48 7.91 -4.47
N PHE C 723 -72.26 8.74 -5.17
CA PHE C 723 -72.79 8.41 -6.49
C PHE C 723 -72.20 9.29 -7.57
N ASN C 724 -71.03 9.88 -7.31
CA ASN C 724 -70.38 10.73 -8.30
C ASN C 724 -69.96 9.93 -9.52
N TYR C 725 -69.56 8.67 -9.33
CA TYR C 725 -69.15 7.84 -10.47
C TYR C 725 -70.29 7.65 -11.46
N LEU C 726 -71.54 7.84 -11.05
CA LEU C 726 -72.66 7.74 -11.96
C LEU C 726 -72.95 9.05 -12.67
N LEU C 727 -73.02 10.15 -11.92
CA LEU C 727 -73.44 11.42 -12.50
C LEU C 727 -72.29 12.20 -13.11
N ASP C 728 -71.04 11.82 -12.85
CA ASP C 728 -69.92 12.44 -13.54
C ASP C 728 -69.76 11.94 -14.97
N MET C 729 -70.44 10.85 -15.32
CA MET C 729 -70.31 10.32 -16.66
C MET C 729 -70.83 11.35 -17.67
N PRO C 730 -70.11 11.60 -18.75
CA PRO C 730 -70.56 12.61 -19.72
C PRO C 730 -71.88 12.21 -20.38
N LEU C 731 -72.54 13.22 -20.95
CA LEU C 731 -73.76 12.98 -21.70
C LEU C 731 -73.52 12.08 -22.91
N TRP C 732 -72.27 11.93 -23.32
CA TRP C 732 -71.93 11.01 -24.40
C TRP C 732 -72.45 9.61 -24.11
N TYR C 733 -72.40 9.18 -22.85
CA TYR C 733 -72.79 7.82 -22.53
C TYR C 733 -74.28 7.54 -22.74
N LEU C 734 -75.08 8.58 -22.92
CA LEU C 734 -76.48 8.39 -23.31
C LEU C 734 -76.62 8.09 -24.79
N THR C 735 -75.56 8.28 -25.58
CA THR C 735 -75.55 7.93 -26.99
C THR C 735 -75.56 6.42 -27.16
N LYS C 736 -76.07 5.96 -28.30
CA LYS C 736 -76.20 4.53 -28.55
C LYS C 736 -74.84 3.85 -28.54
N GLU C 737 -73.88 4.40 -29.28
CA GLU C 737 -72.56 3.78 -29.40
C GLU C 737 -71.86 3.72 -28.06
N LYS C 738 -71.84 4.84 -27.33
CA LYS C 738 -71.17 4.85 -26.04
C LYS C 738 -71.87 3.95 -25.02
N LYS C 739 -73.20 3.91 -25.07
CA LYS C 739 -73.92 2.98 -24.19
C LYS C 739 -73.57 1.54 -24.51
N ASP C 740 -73.52 1.19 -25.80
CA ASP C 740 -73.15 -0.16 -26.19
C ASP C 740 -71.72 -0.49 -25.77
N GLU C 741 -70.80 0.47 -25.91
CA GLU C 741 -69.44 0.24 -25.45
C GLU C 741 -69.40 0.01 -23.94
N LEU C 742 -70.16 0.81 -23.18
CA LEU C 742 -70.21 0.63 -21.74
C LEU C 742 -70.79 -0.74 -21.38
N CYS C 743 -71.85 -1.15 -22.09
CA CYS C 743 -72.39 -2.48 -21.86
C CYS C 743 -71.40 -3.56 -22.25
N ARG C 744 -70.68 -3.36 -23.36
CA ARG C 744 -69.66 -4.32 -23.76
C ARG C 744 -68.54 -4.40 -22.73
N LEU C 745 -68.08 -3.25 -22.23
CA LEU C 745 -67.05 -3.26 -21.19
C LEU C 745 -67.57 -3.90 -19.91
N ARG C 746 -68.87 -3.77 -19.63
CA ARG C 746 -69.45 -4.43 -18.47
C ARG C 746 -69.34 -5.95 -18.58
N ASN C 747 -69.64 -6.50 -19.76
CA ASN C 747 -69.51 -7.93 -19.96
C ASN C 747 -68.05 -8.37 -19.87
N GLU C 748 -67.14 -7.58 -20.41
CA GLU C 748 -65.73 -7.95 -20.41
C GLU C 748 -65.18 -8.07 -18.98
N LYS C 749 -65.56 -7.13 -18.11
CA LYS C 749 -65.06 -7.16 -16.74
C LYS C 749 -65.54 -8.40 -15.99
N GLU C 750 -66.80 -8.80 -16.20
CA GLU C 750 -67.29 -10.03 -15.57
C GLU C 750 -66.53 -11.25 -16.08
N GLN C 751 -66.29 -11.33 -17.39
CA GLN C 751 -65.53 -12.44 -17.94
C GLN C 751 -64.09 -12.44 -17.42
N GLU C 752 -63.50 -11.26 -17.25
CA GLU C 752 -62.15 -11.16 -16.70
C GLU C 752 -62.10 -11.73 -15.30
N LEU C 753 -63.10 -11.42 -14.47
CA LEU C 753 -63.17 -12.00 -13.14
C LEU C 753 -63.37 -13.50 -13.19
N ASP C 754 -64.25 -13.97 -14.09
CA ASP C 754 -64.50 -15.40 -14.20
C ASP C 754 -63.26 -16.15 -14.67
N THR C 755 -62.54 -15.58 -15.64
CA THR C 755 -61.33 -16.23 -16.13
C THR C 755 -60.28 -16.34 -15.03
N LEU C 756 -60.10 -15.29 -14.24
CA LEU C 756 -59.11 -15.33 -13.17
C LEU C 756 -59.47 -16.36 -12.10
N LYS C 757 -60.76 -16.50 -11.80
CA LYS C 757 -61.19 -17.41 -10.74
C LYS C 757 -60.77 -18.84 -11.04
N ARG C 758 -60.66 -19.20 -12.32
CA ARG C 758 -60.31 -20.56 -12.72
C ARG C 758 -58.81 -20.76 -12.88
N LYS C 759 -57.99 -19.76 -12.58
CA LYS C 759 -56.56 -19.81 -12.82
C LYS C 759 -55.81 -19.85 -11.49
N SER C 760 -54.84 -20.75 -11.40
CA SER C 760 -53.98 -20.82 -10.23
C SER C 760 -52.88 -19.76 -10.30
N PRO C 761 -52.25 -19.44 -9.16
CA PRO C 761 -51.11 -18.51 -9.22
C PRO C 761 -50.00 -18.97 -10.16
N SER C 762 -49.76 -20.28 -10.24
CA SER C 762 -48.75 -20.80 -11.17
C SER C 762 -49.17 -20.58 -12.62
N ASP C 763 -50.48 -20.62 -12.91
CA ASP C 763 -50.93 -20.30 -14.25
C ASP C 763 -50.61 -18.85 -14.60
N LEU C 764 -50.84 -17.92 -13.66
CA LEU C 764 -50.51 -16.53 -13.90
C LEU C 764 -49.02 -16.33 -14.10
N TRP C 765 -48.20 -17.06 -13.33
CA TRP C 765 -46.76 -17.00 -13.49
C TRP C 765 -46.35 -17.46 -14.89
N LYS C 766 -46.93 -18.57 -15.35
CA LYS C 766 -46.57 -19.11 -16.65
C LYS C 766 -46.97 -18.15 -17.76
N GLU C 767 -48.11 -17.46 -17.62
CA GLU C 767 -48.51 -16.48 -18.61
C GLU C 767 -47.47 -15.37 -18.71
N ASP C 768 -46.99 -14.86 -17.56
CA ASP C 768 -46.01 -13.79 -17.57
C ASP C 768 -44.71 -14.26 -18.22
N LEU C 769 -44.28 -15.49 -17.93
CA LEU C 769 -43.06 -16.00 -18.53
C LEU C 769 -43.18 -16.11 -20.05
N ALA C 770 -44.31 -16.63 -20.53
CA ALA C 770 -44.50 -16.72 -21.98
C ALA C 770 -44.52 -15.34 -22.62
N THR C 771 -45.23 -14.39 -22.01
CA THR C 771 -45.26 -13.03 -22.54
C THR C 771 -43.86 -12.42 -22.57
N PHE C 772 -43.08 -12.61 -21.51
CA PHE C 772 -41.72 -12.07 -21.47
C PHE C 772 -40.84 -12.70 -22.54
N ILE C 773 -40.91 -14.03 -22.69
CA ILE C 773 -40.05 -14.74 -23.63
C ILE C 773 -40.32 -14.28 -25.07
N GLU C 774 -41.59 -14.11 -25.41
CA GLU C 774 -41.92 -13.68 -26.77
C GLU C 774 -41.29 -12.33 -27.08
N GLU C 775 -41.43 -11.37 -26.17
CA GLU C 775 -40.81 -10.07 -26.40
C GLU C 775 -39.29 -10.15 -26.32
N LEU C 776 -38.76 -11.04 -25.48
CA LEU C 776 -37.30 -11.17 -25.38
C LEU C 776 -36.71 -11.60 -26.72
N GLU C 777 -37.35 -12.57 -27.40
CA GLU C 777 -36.89 -12.98 -28.71
C GLU C 777 -36.98 -11.84 -29.73
N ALA C 778 -38.08 -11.09 -29.69
CA ALA C 778 -38.23 -9.97 -30.62
C ALA C 778 -37.17 -8.90 -30.38
N VAL C 779 -36.94 -8.55 -29.11
CA VAL C 779 -35.97 -7.51 -28.79
C VAL C 779 -34.57 -7.94 -29.19
N GLU C 780 -34.18 -9.16 -28.79
CA GLU C 780 -32.84 -9.64 -29.09
C GLU C 780 -32.63 -9.87 -30.58
N ALA C 781 -33.69 -10.27 -31.30
CA ALA C 781 -33.56 -10.39 -32.75
C ALA C 781 -33.27 -9.04 -33.40
N LYS C 782 -33.95 -7.98 -32.96
CA LYS C 782 -33.70 -6.65 -33.50
C LYS C 782 -32.28 -6.18 -33.20
N GLU C 783 -31.76 -6.51 -32.02
CA GLU C 783 -30.40 -6.09 -31.66
C GLU C 783 -29.37 -6.69 -32.61
N LYS C 784 -29.54 -7.97 -32.97
CA LYS C 784 -28.63 -8.59 -33.93
C LYS C 784 -28.77 -7.94 -35.30
N GLN C 785 -30.01 -7.59 -35.69
CA GLN C 785 -30.24 -6.97 -36.99
C GLN C 785 -29.56 -5.60 -37.09
N ASP C 786 -29.44 -4.88 -35.98
CA ASP C 786 -28.82 -3.57 -35.99
C ASP C 786 -27.31 -3.61 -35.83
N GLY C 787 -26.72 -4.80 -35.73
CA GLY C 787 -25.28 -4.93 -35.60
C GLY C 787 -24.67 -5.86 -36.64
N ARG D 32 3.22 2.80 -36.65
CA ARG D 32 2.98 2.45 -35.26
C ARG D 32 3.86 3.27 -34.32
N ILE D 33 3.36 4.43 -33.90
CA ILE D 33 4.10 5.33 -33.01
C ILE D 33 4.20 4.68 -31.63
N LYS D 34 5.03 5.25 -30.76
CA LYS D 34 5.23 4.73 -29.41
C LYS D 34 5.08 5.84 -28.40
N GLY D 35 4.66 5.46 -27.19
CA GLY D 35 4.52 6.38 -26.09
C GLY D 35 3.16 7.05 -25.96
N ILE D 36 2.28 6.90 -26.94
CA ILE D 36 0.95 7.49 -26.90
C ILE D 36 -0.09 6.38 -27.00
N PRO D 37 -0.51 5.79 -25.89
CA PRO D 37 -1.46 4.67 -25.97
C PRO D 37 -2.88 5.10 -26.27
N LYS D 38 -3.21 6.39 -26.07
CA LYS D 38 -4.57 6.85 -26.29
C LYS D 38 -4.88 7.10 -27.76
N LEU D 39 -3.89 7.03 -28.64
CA LEU D 39 -4.09 7.35 -30.06
C LEU D 39 -4.38 6.08 -30.83
N ASP D 40 -5.41 6.13 -31.67
CA ASP D 40 -5.69 5.08 -32.66
C ASP D 40 -4.99 5.48 -33.94
N ASP D 41 -3.73 5.06 -34.07
CA ASP D 41 -2.92 5.45 -35.21
C ASP D 41 -3.43 4.81 -36.49
N ALA D 42 -3.51 5.62 -37.55
CA ALA D 42 -3.87 5.09 -38.86
C ALA D 42 -2.78 4.14 -39.37
N ASN D 43 -3.20 3.10 -40.08
CA ASN D 43 -2.23 2.11 -40.56
C ASN D 43 -1.28 2.70 -41.60
N ASP D 44 -1.79 3.54 -42.49
CA ASP D 44 -0.98 4.14 -43.55
C ASP D 44 -0.20 5.36 -43.09
N ALA D 45 -0.45 5.85 -41.87
CA ALA D 45 0.22 7.05 -41.40
C ALA D 45 1.70 6.79 -41.12
N GLY D 46 2.53 7.78 -41.41
CA GLY D 46 3.95 7.68 -41.17
C GLY D 46 4.72 7.05 -42.32
N GLY D 47 4.56 7.61 -43.52
CA GLY D 47 5.23 7.09 -44.70
C GLY D 47 4.52 7.39 -46.00
N ARG D 48 4.45 6.41 -46.90
CA ARG D 48 3.71 6.61 -48.14
C ARG D 48 2.23 6.77 -47.84
N ASN D 49 1.55 7.51 -48.70
CA ASN D 49 0.12 7.82 -48.57
C ASN D 49 -0.19 8.61 -47.29
N SER D 50 0.81 9.29 -46.72
CA SER D 50 0.59 10.05 -45.50
C SER D 50 -0.39 11.21 -45.74
N THR D 51 -0.27 11.87 -46.90
CA THR D 51 -1.17 12.98 -47.21
C THR D 51 -2.62 12.54 -47.29
N GLU D 52 -2.87 11.26 -47.56
CA GLU D 52 -4.24 10.73 -47.60
C GLU D 52 -4.74 10.30 -46.23
N CYS D 53 -3.93 10.46 -45.19
CA CYS D 53 -4.29 10.08 -43.83
C CYS D 53 -4.86 11.28 -43.09
N THR D 54 -6.01 11.10 -42.46
CA THR D 54 -6.69 12.16 -41.72
C THR D 54 -6.70 11.83 -40.23
N LEU D 55 -6.24 12.78 -39.42
CA LEU D 55 -6.21 12.61 -37.96
C LEU D 55 -7.44 13.27 -37.35
N ILE D 56 -8.23 12.48 -36.62
CA ILE D 56 -9.43 12.97 -35.98
C ILE D 56 -9.09 13.34 -34.54
N LEU D 57 -9.26 14.62 -34.21
CA LEU D 57 -9.12 15.10 -32.85
C LEU D 57 -10.52 15.21 -32.24
N THR D 58 -10.75 14.48 -31.17
CA THR D 58 -12.07 14.35 -30.58
C THR D 58 -12.14 14.99 -29.21
N GLU D 59 -13.35 15.39 -28.82
CA GLU D 59 -13.61 16.01 -27.53
C GLU D 59 -13.89 14.90 -26.52
N GLY D 60 -12.83 14.39 -25.91
CA GLY D 60 -12.97 13.38 -24.90
C GLY D 60 -13.10 11.98 -25.47
N ASP D 61 -13.13 11.01 -24.56
CA ASP D 61 -13.20 9.61 -24.96
C ASP D 61 -14.56 9.26 -25.57
N SER D 62 -15.65 9.88 -25.10
CA SER D 62 -16.96 9.55 -25.64
C SER D 62 -17.05 9.91 -27.13
N ALA D 63 -16.49 11.06 -27.52
CA ALA D 63 -16.43 11.39 -28.93
C ALA D 63 -15.54 10.41 -29.70
N LYS D 64 -14.42 10.00 -29.10
CA LYS D 64 -13.56 9.01 -29.75
C LYS D 64 -14.31 7.70 -29.98
N THR D 65 -15.14 7.28 -29.02
CA THR D 65 -15.93 6.07 -29.20
C THR D 65 -16.86 6.21 -30.39
N LEU D 66 -17.48 7.38 -30.56
CA LEU D 66 -18.33 7.62 -31.71
C LEU D 66 -17.55 7.50 -33.01
N ALA D 67 -16.33 8.07 -33.05
CA ALA D 67 -15.51 7.96 -34.25
C ALA D 67 -15.14 6.51 -34.55
N VAL D 68 -14.78 5.75 -33.51
CA VAL D 68 -14.43 4.34 -33.69
C VAL D 68 -15.61 3.56 -34.23
N SER D 69 -16.82 3.86 -33.73
CA SER D 69 -18.00 3.14 -34.19
C SER D 69 -18.24 3.35 -35.69
N GLY D 70 -18.04 4.56 -36.18
CA GLY D 70 -18.23 4.81 -37.59
C GLY D 70 -17.12 4.26 -38.47
N LEU D 71 -15.89 4.26 -37.98
CA LEU D 71 -14.77 3.74 -38.76
C LEU D 71 -14.86 2.23 -38.94
N GLY D 72 -15.18 1.51 -37.88
CA GLY D 72 -15.22 0.05 -37.98
C GLY D 72 -13.85 -0.50 -38.32
N VAL D 73 -13.80 -1.31 -39.38
CA VAL D 73 -12.55 -1.92 -39.82
C VAL D 73 -12.07 -1.37 -41.16
N VAL D 74 -12.98 -0.94 -42.03
CA VAL D 74 -12.58 -0.48 -43.36
C VAL D 74 -11.83 0.84 -43.28
N GLY D 75 -12.29 1.75 -42.43
CA GLY D 75 -11.74 3.09 -42.36
C GLY D 75 -10.54 3.28 -41.48
N ARG D 76 -9.96 2.21 -40.94
CA ARG D 76 -8.84 2.34 -40.01
C ARG D 76 -7.50 2.54 -40.69
N ASP D 77 -7.45 2.49 -42.02
CA ASP D 77 -6.17 2.64 -42.71
C ASP D 77 -5.79 4.10 -42.88
N LYS D 78 -6.73 4.95 -43.27
CA LYS D 78 -6.44 6.35 -43.56
C LYS D 78 -6.99 7.31 -42.51
N TYR D 79 -7.47 6.80 -41.38
CA TYR D 79 -8.05 7.64 -40.34
C TYR D 79 -7.37 7.35 -39.01
N GLY D 80 -6.96 8.40 -38.32
CA GLY D 80 -6.42 8.30 -36.98
C GLY D 80 -7.30 9.08 -36.01
N VAL D 81 -7.44 8.57 -34.80
CA VAL D 81 -8.31 9.16 -33.79
C VAL D 81 -7.48 9.46 -32.55
N PHE D 82 -7.57 10.69 -32.05
CA PHE D 82 -6.90 11.07 -30.81
C PHE D 82 -7.88 11.85 -29.94
N PRO D 83 -8.11 11.43 -28.69
CA PRO D 83 -9.02 12.18 -27.82
C PRO D 83 -8.33 13.33 -27.10
N LEU D 84 -8.95 14.50 -27.10
CA LEU D 84 -8.42 15.64 -26.37
C LEU D 84 -8.94 15.55 -24.94
N ARG D 85 -8.13 14.95 -24.07
CA ARG D 85 -8.50 14.73 -22.67
C ARG D 85 -8.07 15.88 -21.76
N GLY D 86 -7.99 17.09 -22.29
CA GLY D 86 -7.63 18.23 -21.48
C GLY D 86 -7.83 19.51 -22.26
N LYS D 87 -7.75 20.62 -21.55
CA LYS D 87 -7.91 21.93 -22.17
C LYS D 87 -6.71 22.22 -23.05
N ILE D 88 -6.96 22.48 -24.34
CA ILE D 88 -5.91 22.95 -25.24
C ILE D 88 -5.42 24.30 -24.74
N LEU D 89 -4.10 24.47 -24.71
CA LEU D 89 -3.51 25.70 -24.22
C LEU D 89 -3.66 26.82 -25.23
N ASN D 90 -3.72 28.05 -24.73
CA ASN D 90 -3.71 29.25 -25.54
C ASN D 90 -2.26 29.63 -25.84
N VAL D 91 -1.86 29.49 -27.11
CA VAL D 91 -0.46 29.72 -27.47
C VAL D 91 -0.03 31.13 -27.09
N ARG D 92 -0.87 32.12 -27.37
CA ARG D 92 -0.61 33.48 -26.93
C ARG D 92 -0.89 33.61 -25.43
N GLU D 93 -0.19 34.56 -24.81
CA GLU D 93 -0.33 34.85 -23.37
C GLU D 93 -0.06 33.61 -22.52
N ALA D 94 0.96 32.84 -22.89
CA ALA D 94 1.38 31.67 -22.13
C ALA D 94 2.89 31.60 -22.07
N SER D 95 3.42 31.25 -20.90
CA SER D 95 4.86 31.13 -20.74
C SER D 95 5.40 29.97 -21.57
N HIS D 96 6.64 30.12 -22.02
CA HIS D 96 7.27 29.08 -22.84
C HIS D 96 7.51 27.80 -22.05
N LYS D 97 7.49 27.86 -20.71
CA LYS D 97 7.65 26.65 -19.91
C LYS D 97 6.42 25.75 -20.00
N GLN D 98 5.23 26.34 -20.12
CA GLN D 98 4.01 25.55 -20.18
C GLN D 98 3.88 24.80 -21.51
N ILE D 99 4.15 25.49 -22.62
CA ILE D 99 3.98 24.88 -23.93
C ILE D 99 4.98 23.76 -24.15
N MET D 100 6.23 23.96 -23.73
CA MET D 100 7.24 22.93 -23.88
C MET D 100 7.05 21.76 -22.92
N GLU D 101 6.18 21.89 -21.92
CA GLU D 101 5.93 20.83 -20.95
C GLU D 101 4.47 20.37 -20.93
N ASN D 102 3.68 20.76 -21.92
CA ASN D 102 2.27 20.36 -22.01
C ASN D 102 2.17 19.06 -22.80
N ALA D 103 1.72 17.99 -22.14
CA ALA D 103 1.64 16.69 -22.80
C ALA D 103 0.64 16.71 -23.95
N GLU D 104 -0.50 17.40 -23.78
CA GLU D 104 -1.49 17.44 -24.85
C GLU D 104 -0.94 18.13 -26.09
N ILE D 105 -0.26 19.27 -25.90
CA ILE D 105 0.31 19.98 -27.04
C ILE D 105 1.43 19.18 -27.68
N ASN D 106 2.27 18.55 -26.87
CA ASN D 106 3.38 17.76 -27.41
C ASN D 106 2.88 16.52 -28.13
N ASN D 107 1.82 15.89 -27.61
CA ASN D 107 1.31 14.68 -28.26
C ASN D 107 0.77 14.97 -29.65
N ILE D 108 0.10 16.12 -29.82
CA ILE D 108 -0.39 16.48 -31.15
C ILE D 108 0.78 16.67 -32.11
N ILE D 109 1.85 17.32 -31.64
CA ILE D 109 3.02 17.53 -32.49
C ILE D 109 3.64 16.19 -32.89
N LYS D 110 3.76 15.26 -31.93
CA LYS D 110 4.37 13.97 -32.23
C LYS D 110 3.51 13.17 -33.20
N ILE D 111 2.18 13.23 -33.05
CA ILE D 111 1.30 12.43 -33.89
C ILE D 111 1.34 12.91 -35.34
N VAL D 112 1.32 14.22 -35.55
CA VAL D 112 1.26 14.74 -36.91
C VAL D 112 2.66 14.81 -37.55
N GLY D 113 3.72 14.79 -36.75
CA GLY D 113 5.04 14.91 -37.31
C GLY D 113 5.46 16.33 -37.65
N LEU D 114 4.93 17.32 -36.95
CA LEU D 114 5.21 18.71 -37.29
C LEU D 114 6.46 19.19 -36.56
N GLN D 115 7.25 20.00 -37.25
CA GLN D 115 8.44 20.61 -36.68
C GLN D 115 8.12 22.06 -36.30
N TYR D 116 8.60 22.47 -35.13
CA TYR D 116 8.35 23.82 -34.65
C TYR D 116 8.97 24.86 -35.58
N LYS D 117 8.18 25.90 -35.89
CA LYS D 117 8.53 27.04 -36.74
C LYS D 117 8.91 26.65 -38.16
N LYS D 118 8.83 25.37 -38.53
CA LYS D 118 9.18 24.97 -39.89
C LYS D 118 8.09 25.44 -40.87
N ASN D 119 8.52 25.98 -42.00
CA ASN D 119 7.57 26.44 -43.01
C ASN D 119 6.90 25.24 -43.68
N TYR D 120 5.61 25.40 -44.01
CA TYR D 120 4.85 24.34 -44.66
C TYR D 120 4.11 24.85 -45.90
N GLU D 121 4.60 25.93 -46.52
CA GLU D 121 3.96 26.45 -47.72
C GLU D 121 4.32 25.65 -48.97
N ASP D 122 5.35 24.81 -48.92
CA ASP D 122 5.78 24.00 -50.05
C ASP D 122 5.18 22.61 -49.94
N GLU D 123 4.83 22.03 -51.10
CA GLU D 123 4.25 20.69 -51.10
C GLU D 123 5.24 19.65 -50.57
N ASP D 124 6.53 19.82 -50.87
CA ASP D 124 7.54 18.92 -50.34
C ASP D 124 7.61 19.00 -48.82
N SER D 125 7.52 20.22 -48.27
CA SER D 125 7.55 20.39 -46.83
C SER D 125 6.35 19.74 -46.16
N LEU D 126 5.17 19.86 -46.78
CA LEU D 126 3.98 19.23 -46.22
C LEU D 126 4.01 17.71 -46.33
N LYS D 127 4.90 17.16 -47.15
CA LYS D 127 5.00 15.72 -47.33
C LYS D 127 5.67 15.02 -46.16
N THR D 128 6.31 15.76 -45.25
CA THR D 128 6.92 15.15 -44.07
C THR D 128 5.92 14.87 -42.96
N LEU D 129 4.71 15.43 -43.04
CA LEU D 129 3.71 15.20 -42.01
C LEU D 129 3.15 13.78 -42.13
N ARG D 130 2.88 13.17 -40.97
CA ARG D 130 2.31 11.83 -40.97
C ARG D 130 0.86 11.82 -41.45
N TYR D 131 0.16 12.94 -41.28
CA TYR D 131 -1.23 13.06 -41.67
C TYR D 131 -1.40 14.26 -42.60
N GLY D 132 -2.17 14.07 -43.67
CA GLY D 132 -2.45 15.16 -44.59
C GLY D 132 -3.57 16.08 -44.19
N LYS D 133 -4.34 15.72 -43.17
CA LYS D 133 -5.44 16.56 -42.70
C LYS D 133 -5.70 16.24 -41.24
N ILE D 134 -6.20 17.23 -40.51
CA ILE D 134 -6.62 17.09 -39.13
C ILE D 134 -8.09 17.48 -39.04
N MET D 135 -8.93 16.56 -38.59
CA MET D 135 -10.36 16.77 -38.48
C MET D 135 -10.74 16.98 -37.02
N ILE D 136 -11.47 18.06 -36.74
CA ILE D 136 -11.86 18.41 -35.39
C ILE D 136 -13.27 17.90 -35.15
N MET D 137 -13.43 17.04 -34.15
CA MET D 137 -14.72 16.44 -33.81
C MET D 137 -15.12 16.89 -32.41
N THR D 138 -16.03 17.86 -32.34
CA THR D 138 -16.52 18.37 -31.07
C THR D 138 -18.04 18.48 -31.13
N ASP D 139 -18.64 18.78 -29.99
CA ASP D 139 -20.06 19.07 -29.93
C ASP D 139 -20.35 20.41 -30.61
N GLN D 140 -21.59 20.56 -31.08
CA GLN D 140 -22.03 21.78 -31.76
C GLN D 140 -22.55 22.83 -30.78
N ASP D 141 -22.07 22.83 -29.53
CA ASP D 141 -22.42 23.83 -28.54
C ASP D 141 -21.29 24.88 -28.45
N GLN D 142 -21.49 25.86 -27.56
CA GLN D 142 -20.49 26.92 -27.39
C GLN D 142 -19.18 26.38 -26.86
N ASP D 143 -19.23 25.39 -25.95
CA ASP D 143 -18.01 24.82 -25.40
C ASP D 143 -17.20 24.10 -26.47
N GLY D 144 -17.87 23.40 -27.38
CA GLY D 144 -17.16 22.73 -28.45
C GLY D 144 -16.46 23.68 -29.38
N SER D 145 -17.10 24.81 -29.70
CA SER D 145 -16.45 25.82 -30.53
C SER D 145 -15.20 26.37 -29.85
N HIS D 146 -15.21 26.45 -28.51
CA HIS D 146 -14.04 26.92 -27.79
C HIS D 146 -12.84 26.02 -28.03
N ILE D 147 -13.05 24.69 -27.99
CA ILE D 147 -11.96 23.76 -28.29
C ILE D 147 -11.51 23.94 -29.75
N LYS D 148 -12.47 24.12 -30.65
CA LYS D 148 -12.14 24.37 -32.05
C LYS D 148 -11.26 25.61 -32.21
N GLY D 149 -11.64 26.70 -31.54
CA GLY D 149 -10.84 27.91 -31.64
C GLY D 149 -9.45 27.74 -31.08
N LEU D 150 -9.34 27.03 -29.94
CA LEU D 150 -8.02 26.80 -29.36
C LEU D 150 -7.15 25.95 -30.28
N LEU D 151 -7.74 24.95 -30.94
CA LEU D 151 -6.99 24.17 -31.92
C LEU D 151 -6.58 25.01 -33.13
N ILE D 152 -7.49 25.86 -33.63
CA ILE D 152 -7.16 26.71 -34.77
C ILE D 152 -6.08 27.72 -34.40
N ASN D 153 -6.19 28.31 -33.20
CA ASN D 153 -5.18 29.26 -32.75
C ASN D 153 -3.81 28.57 -32.61
N PHE D 154 -3.80 27.33 -32.14
CA PHE D 154 -2.55 26.60 -31.99
C PHE D 154 -1.88 26.41 -33.34
N ILE D 155 -2.66 26.06 -34.37
CA ILE D 155 -2.09 25.92 -35.72
C ILE D 155 -1.74 27.29 -36.28
N HIS D 156 -2.62 28.28 -36.06
CA HIS D 156 -2.45 29.62 -36.63
C HIS D 156 -1.22 30.35 -36.06
N HIS D 157 -0.82 30.03 -34.84
CA HIS D 157 0.33 30.75 -34.29
C HIS D 157 1.66 30.06 -34.61
N ASN D 158 1.77 28.76 -34.32
CA ASN D 158 3.05 28.07 -34.49
C ASN D 158 3.36 27.79 -35.97
N TRP D 159 2.36 27.34 -36.74
CA TRP D 159 2.60 26.99 -38.15
C TRP D 159 1.53 27.60 -39.05
N PRO D 160 1.55 28.92 -39.23
CA PRO D 160 0.43 29.57 -39.98
C PRO D 160 0.40 29.22 -41.43
N SER D 161 1.38 28.43 -41.91
CA SER D 161 1.43 28.06 -43.33
C SER D 161 0.44 26.95 -43.65
N LEU D 162 0.19 26.06 -42.67
CA LEU D 162 -0.70 24.93 -42.91
C LEU D 162 -2.13 25.40 -43.19
N LEU D 163 -2.61 26.39 -42.43
CA LEU D 163 -3.96 26.92 -42.64
C LEU D 163 -4.17 27.40 -44.08
N ARG D 164 -3.10 27.85 -44.73
CA ARG D 164 -3.21 28.37 -46.10
C ARG D 164 -3.57 27.29 -47.12
N HIS D 165 -3.48 26.01 -46.75
CA HIS D 165 -3.90 24.91 -47.61
C HIS D 165 -4.88 24.03 -46.83
N ARG D 166 -5.43 23.03 -47.51
CA ARG D 166 -6.44 22.17 -46.89
C ARG D 166 -5.82 21.24 -45.86
N PHE D 167 -5.76 21.69 -44.62
CA PHE D 167 -5.20 20.89 -43.54
C PHE D 167 -6.15 20.73 -42.36
N LEU D 168 -6.89 21.77 -42.00
CA LEU D 168 -7.80 21.74 -40.86
C LEU D 168 -9.23 21.64 -41.37
N GLU D 169 -9.95 20.65 -40.85
CA GLU D 169 -11.37 20.46 -41.17
C GLU D 169 -12.11 20.10 -39.89
N GLU D 170 -13.43 20.11 -39.98
CA GLU D 170 -14.29 19.82 -38.83
C GLU D 170 -15.34 18.79 -39.21
N PHE D 171 -15.73 17.98 -38.22
CA PHE D 171 -16.80 17.02 -38.40
C PHE D 171 -18.11 17.64 -37.91
N ILE D 172 -19.14 17.57 -38.76
CA ILE D 172 -20.44 18.16 -38.45
C ILE D 172 -21.53 17.11 -38.65
N THR D 173 -22.50 17.11 -37.73
CA THR D 173 -23.70 16.30 -37.80
C THR D 173 -24.91 17.19 -38.03
N PRO D 174 -25.98 16.68 -38.62
CA PRO D 174 -27.18 17.51 -38.79
C PRO D 174 -27.68 17.98 -37.42
N ILE D 175 -28.09 19.24 -37.36
CA ILE D 175 -28.56 19.82 -36.10
C ILE D 175 -29.92 19.24 -35.71
N VAL D 176 -30.80 19.01 -36.69
CA VAL D 176 -32.13 18.46 -36.45
C VAL D 176 -32.36 17.30 -37.41
N LYS D 177 -33.06 16.27 -36.93
CA LYS D 177 -33.48 15.15 -37.75
C LYS D 177 -34.99 14.99 -37.64
N VAL D 178 -35.64 14.73 -38.77
CA VAL D 178 -37.08 14.56 -38.84
C VAL D 178 -37.37 13.12 -39.24
N SER D 179 -38.20 12.44 -38.45
CA SER D 179 -38.53 11.05 -38.71
C SER D 179 -40.04 10.85 -38.82
N ASN D 181 -42.77 8.04 -40.26
CA ASN D 181 -43.20 6.70 -40.65
C ASN D 181 -42.16 6.03 -41.55
N LYS D 182 -41.12 5.50 -40.93
CA LYS D 182 -40.03 4.80 -41.60
C LYS D 182 -39.33 5.68 -42.64
N GLN D 183 -39.46 6.99 -42.52
CA GLN D 183 -38.77 7.94 -43.38
C GLN D 183 -38.03 8.95 -42.52
N GLU D 184 -36.77 9.24 -42.89
CA GLU D 184 -35.91 10.11 -42.11
C GLU D 184 -35.35 11.22 -42.99
N MET D 185 -35.32 12.44 -42.45
CA MET D 185 -34.70 13.57 -43.11
C MET D 185 -33.86 14.35 -42.09
N ALA D 186 -32.86 15.07 -42.61
CA ALA D 186 -31.93 15.78 -41.76
C ALA D 186 -31.77 17.21 -42.25
N PHE D 187 -31.54 18.12 -41.31
CA PHE D 187 -31.34 19.53 -41.60
C PHE D 187 -30.07 20.00 -40.89
N TYR D 188 -29.29 20.82 -41.59
CA TYR D 188 -28.04 21.34 -41.03
C TYR D 188 -28.16 22.78 -40.57
N SER D 189 -29.35 23.37 -40.58
CA SER D 189 -29.52 24.75 -40.18
C SER D 189 -30.88 24.91 -39.50
N LEU D 190 -30.88 25.59 -38.35
CA LEU D 190 -32.14 25.87 -37.67
C LEU D 190 -33.12 26.66 -38.52
N PRO D 191 -32.73 27.72 -39.24
CA PRO D 191 -33.70 28.34 -40.16
C PRO D 191 -34.21 27.39 -41.22
N GLU D 192 -33.37 26.47 -41.70
CA GLU D 192 -33.82 25.49 -42.69
C GLU D 192 -34.91 24.60 -42.12
N PHE D 193 -34.77 24.17 -40.87
CA PHE D 193 -35.80 23.36 -40.24
C PHE D 193 -37.10 24.15 -40.07
N GLU D 194 -36.99 25.43 -39.67
CA GLU D 194 -38.19 26.26 -39.55
C GLU D 194 -38.85 26.47 -40.90
N GLU D 195 -38.05 26.65 -41.95
CA GLU D 195 -38.61 26.79 -43.28
C GLU D 195 -39.33 25.51 -43.72
N TRP D 196 -38.77 24.35 -43.37
CA TRP D 196 -39.41 23.08 -43.71
C TRP D 196 -40.81 22.97 -43.10
N LYS D 197 -40.96 23.37 -41.84
CA LYS D 197 -42.26 23.30 -41.19
C LYS D 197 -43.27 24.19 -41.90
N SER D 198 -42.83 25.34 -42.39
CA SER D 198 -43.71 26.23 -43.15
C SER D 198 -44.16 25.60 -44.46
N SER D 199 -43.39 24.67 -45.01
CA SER D 199 -43.70 24.03 -46.28
C SER D 199 -44.42 22.70 -46.15
N THR D 200 -44.57 22.17 -44.94
CA THR D 200 -45.25 20.89 -44.74
C THR D 200 -46.40 21.06 -43.76
N PRO D 201 -47.65 20.95 -44.20
CA PRO D 201 -48.79 21.13 -43.28
C PRO D 201 -48.86 20.08 -42.18
N ASN D 202 -48.28 18.90 -42.39
CA ASN D 202 -48.36 17.81 -41.41
C ASN D 202 -47.07 17.66 -40.62
N HIS D 203 -46.39 18.77 -40.31
CA HIS D 203 -45.10 18.70 -39.65
C HIS D 203 -45.21 18.22 -38.21
N LYS D 204 -46.33 18.50 -37.54
CA LYS D 204 -46.50 18.07 -36.16
C LYS D 204 -46.69 16.57 -36.02
N LYS D 205 -46.89 15.84 -37.12
CA LYS D 205 -47.09 14.40 -37.06
C LYS D 205 -45.80 13.61 -37.16
N TRP D 206 -44.65 14.27 -37.32
CA TRP D 206 -43.38 13.56 -37.45
C TRP D 206 -42.73 13.42 -36.08
N LYS D 207 -41.43 13.13 -36.06
CA LYS D 207 -40.64 13.03 -34.85
C LYS D 207 -39.46 13.98 -34.98
N VAL D 208 -39.18 14.75 -33.94
CA VAL D 208 -38.16 15.78 -33.95
C VAL D 208 -37.10 15.43 -32.91
N LYS D 209 -35.84 15.38 -33.33
CA LYS D 209 -34.72 15.18 -32.43
C LYS D 209 -33.59 16.13 -32.79
N TYR D 210 -32.88 16.61 -31.78
CA TYR D 210 -31.80 17.57 -31.95
C TYR D 210 -30.47 16.88 -31.68
N TYR D 211 -29.52 17.05 -32.60
CA TYR D 211 -28.26 16.33 -32.57
C TYR D 211 -27.08 17.28 -32.41
N LYS D 212 -27.24 18.31 -31.58
CA LYS D 212 -26.13 19.23 -31.34
C LYS D 212 -24.98 18.53 -30.61
N GLY D 213 -25.29 17.68 -29.64
CA GLY D 213 -24.27 16.94 -28.93
C GLY D 213 -23.88 15.67 -29.66
N LEU D 214 -22.57 15.38 -29.65
CA LEU D 214 -22.08 14.17 -30.31
C LEU D 214 -22.67 12.92 -29.66
N GLY D 215 -22.76 12.92 -28.33
CA GLY D 215 -23.26 11.75 -27.63
C GLY D 215 -24.72 11.43 -27.89
N THR D 216 -25.46 12.37 -28.47
CA THR D 216 -26.84 12.09 -28.85
C THR D 216 -26.91 11.04 -29.95
N SER D 217 -25.92 11.01 -30.84
CA SER D 217 -25.88 10.03 -31.92
C SER D 217 -25.50 8.65 -31.40
N THR D 218 -26.17 7.63 -31.91
CA THR D 218 -25.87 6.25 -31.55
C THR D 218 -24.70 5.72 -32.39
N SER D 219 -24.23 4.53 -32.01
CA SER D 219 -23.19 3.87 -32.80
C SER D 219 -23.70 3.50 -34.18
N LYS D 220 -24.96 3.09 -34.29
CA LYS D 220 -25.53 2.82 -35.60
C LYS D 220 -25.54 4.08 -36.47
N GLU D 221 -25.92 5.21 -35.88
CA GLU D 221 -25.89 6.47 -36.62
C GLU D 221 -24.46 6.88 -36.99
N ALA D 222 -23.48 6.51 -36.15
CA ALA D 222 -22.10 6.83 -36.45
C ALA D 222 -21.64 6.12 -37.71
N LYS D 223 -22.05 4.86 -37.90
CA LYS D 223 -21.70 4.15 -39.13
C LYS D 223 -22.30 4.83 -40.35
N GLU D 224 -23.55 5.28 -40.25
CA GLU D 224 -24.18 5.98 -41.37
C GLU D 224 -23.44 7.28 -41.69
N TYR D 225 -23.03 8.02 -40.66
CA TYR D 225 -22.31 9.27 -40.89
C TYR D 225 -21.01 9.04 -41.65
N PHE D 226 -20.24 8.02 -41.24
CA PHE D 226 -18.93 7.80 -41.84
C PHE D 226 -19.00 7.14 -43.21
N ALA D 227 -20.14 6.55 -43.56
CA ALA D 227 -20.35 6.07 -44.93
C ALA D 227 -20.67 7.18 -45.91
N ASP D 228 -20.92 8.40 -45.42
CA ASP D 228 -21.24 9.56 -46.23
C ASP D 228 -20.44 10.77 -45.74
N MET D 229 -19.12 10.58 -45.62
CA MET D 229 -18.28 11.62 -45.04
C MET D 229 -18.34 12.93 -45.82
N LYS D 230 -18.74 12.88 -47.09
CA LYS D 230 -18.86 14.11 -47.87
C LYS D 230 -19.89 15.05 -47.28
N ARG D 231 -20.98 14.50 -46.73
CA ARG D 231 -22.04 15.30 -46.13
C ARG D 231 -21.78 15.62 -44.67
N HIS D 232 -20.70 15.12 -44.07
CA HIS D 232 -20.41 15.36 -42.66
C HIS D 232 -19.03 15.96 -42.44
N ARG D 233 -18.43 16.55 -43.47
CA ARG D 233 -17.11 17.15 -43.37
C ARG D 233 -17.17 18.58 -43.92
N ILE D 234 -16.52 19.49 -43.21
CA ILE D 234 -16.42 20.89 -43.61
C ILE D 234 -14.97 21.31 -43.47
N GLN D 235 -14.49 22.13 -44.39
CA GLN D 235 -13.10 22.54 -44.41
C GLN D 235 -13.00 24.04 -44.19
N PHE D 236 -11.99 24.45 -43.43
CA PHE D 236 -11.73 25.85 -43.17
C PHE D 236 -10.83 26.41 -44.25
N LYS D 237 -11.03 27.68 -44.58
CA LYS D 237 -10.31 28.33 -45.67
C LYS D 237 -9.74 29.66 -45.21
N TYR D 238 -8.53 29.96 -45.69
CA TYR D 238 -7.87 31.24 -45.43
C TYR D 238 -8.47 32.31 -46.34
N SER D 239 -9.40 33.10 -45.79
CA SER D 239 -10.06 34.12 -46.60
C SER D 239 -9.18 35.33 -46.86
N GLY D 240 -8.01 35.42 -46.22
CA GLY D 240 -7.13 36.55 -46.36
C GLY D 240 -6.62 37.01 -45.01
N PRO D 241 -6.11 38.23 -44.95
CA PRO D 241 -5.63 38.77 -43.65
C PRO D 241 -6.73 38.92 -42.62
N GLU D 242 -8.00 39.00 -43.05
CA GLU D 242 -9.11 39.11 -42.12
C GLU D 242 -9.17 37.93 -41.16
N ASP D 243 -8.80 36.74 -41.63
CA ASP D 243 -8.81 35.58 -40.74
C ASP D 243 -7.83 35.75 -39.60
N ASP D 244 -6.60 36.21 -39.91
CA ASP D 244 -5.61 36.40 -38.85
C ASP D 244 -6.10 37.42 -37.82
N ALA D 245 -6.77 38.48 -38.29
CA ALA D 245 -7.36 39.44 -37.37
C ALA D 245 -8.45 38.79 -36.53
N ALA D 246 -9.32 38.00 -37.16
CA ALA D 246 -10.38 37.31 -36.44
C ALA D 246 -9.81 36.43 -35.33
N ILE D 247 -8.82 35.60 -35.67
CA ILE D 247 -8.17 34.77 -34.66
C ILE D 247 -7.48 35.65 -33.62
N SER D 248 -6.88 36.76 -34.05
CA SER D 248 -6.25 37.68 -33.11
C SER D 248 -7.29 38.31 -32.18
N LEU D 249 -8.45 38.69 -32.72
CA LEU D 249 -9.49 39.31 -31.90
C LEU D 249 -9.96 38.36 -30.81
N ALA D 250 -10.10 37.07 -31.14
CA ALA D 250 -10.60 36.11 -30.16
C ALA D 250 -9.54 35.81 -29.11
N PHE D 251 -8.27 35.78 -29.51
CA PHE D 251 -7.18 35.35 -28.63
C PHE D 251 -6.14 36.45 -28.50
N LYS D 253 -3.73 37.87 -24.83
CA LYS D 253 -4.08 38.73 -23.71
C LYS D 253 -4.40 40.14 -24.18
N LYS D 254 -3.96 40.47 -25.40
CA LYS D 254 -4.18 41.79 -25.96
C LYS D 254 -5.50 41.83 -26.72
N GLN D 255 -5.85 43.03 -27.20
CA GLN D 255 -7.10 43.27 -27.94
C GLN D 255 -8.33 42.90 -27.09
N ILE D 256 -8.24 43.13 -25.78
CA ILE D 256 -9.36 42.82 -24.89
C ILE D 256 -10.52 43.77 -25.17
N ASP D 257 -10.24 45.07 -25.27
CA ASP D 257 -11.30 46.05 -25.50
C ASP D 257 -11.95 45.90 -26.87
N ASP D 258 -11.23 45.33 -27.85
CA ASP D 258 -11.82 45.11 -29.17
C ASP D 258 -12.95 44.09 -29.14
N ARG D 259 -12.87 43.10 -28.24
CA ARG D 259 -13.95 42.14 -28.12
C ARG D 259 -15.24 42.76 -27.61
N LYS D 260 -15.14 43.83 -26.82
CA LYS D 260 -16.34 44.51 -26.32
C LYS D 260 -17.14 45.12 -27.47
N GLU D 261 -16.46 45.79 -28.40
CA GLU D 261 -17.14 46.28 -29.60
C GLU D 261 -17.58 45.13 -30.49
N TRP D 262 -16.85 44.01 -30.45
CA TRP D 262 -17.23 42.81 -31.18
C TRP D 262 -18.58 42.28 -30.72
N LEU D 263 -18.80 42.25 -29.40
CA LEU D 263 -20.08 41.80 -28.86
C LEU D 263 -21.19 42.83 -29.11
N THR D 264 -20.85 44.12 -29.04
CA THR D 264 -21.85 45.16 -29.23
C THR D 264 -22.46 45.11 -30.62
N ASN D 265 -21.63 44.91 -31.65
CA ASN D 265 -22.15 44.84 -33.01
C ASN D 265 -23.03 43.61 -33.20
N PHE D 266 -22.69 42.50 -32.55
CA PHE D 266 -23.52 41.30 -32.66
C PHE D 266 -24.90 41.55 -32.08
N MET D 267 -24.97 42.15 -30.88
CA MET D 267 -26.26 42.42 -30.26
C MET D 267 -27.06 43.44 -31.05
N GLU D 268 -26.39 44.47 -31.58
CA GLU D 268 -27.09 45.47 -32.39
C GLU D 268 -27.62 44.86 -33.68
N ASP D 269 -26.83 43.96 -34.29
CA ASP D 269 -27.31 43.24 -35.48
C ASP D 269 -28.49 42.35 -35.12
N ARG D 270 -28.46 41.71 -33.94
CA ARG D 270 -29.56 40.87 -33.52
C ARG D 270 -30.85 41.67 -33.33
N ARG D 271 -30.75 42.87 -32.78
CA ARG D 271 -31.94 43.70 -32.56
C ARG D 271 -32.62 44.04 -33.88
N GLN D 272 -31.84 44.40 -34.90
CA GLN D 272 -32.41 44.76 -36.20
C GLN D 272 -33.11 43.57 -36.84
N ARG D 273 -32.50 42.38 -36.74
CA ARG D 273 -33.09 41.19 -37.35
C ARG D 273 -34.43 40.83 -36.71
N LYS D 274 -34.53 40.97 -35.38
CA LYS D 274 -35.78 40.67 -34.70
C LYS D 274 -36.87 41.66 -35.09
N LEU D 275 -36.52 42.94 -35.22
CA LEU D 275 -37.51 43.94 -35.61
C LEU D 275 -38.01 43.72 -37.04
N LEU D 276 -37.18 43.13 -37.89
CA LEU D 276 -37.58 42.84 -39.26
C LEU D 276 -38.26 41.48 -39.35
N THR D 287 -26.06 23.03 -47.37
CA THR D 287 -25.48 22.57 -48.63
C THR D 287 -24.07 23.10 -48.84
N THR D 288 -23.56 23.84 -47.85
CA THR D 288 -22.22 24.41 -47.94
C THR D 288 -21.16 23.33 -47.73
N THR D 289 -19.94 23.66 -48.15
CA THR D 289 -18.80 22.75 -47.99
C THR D 289 -17.57 23.39 -47.37
N TYR D 290 -17.45 24.72 -47.40
CA TYR D 290 -16.31 25.41 -46.82
C TYR D 290 -16.80 26.51 -45.89
N LEU D 291 -16.09 26.71 -44.79
CA LEU D 291 -16.39 27.77 -43.84
C LEU D 291 -15.10 28.56 -43.60
N THR D 292 -15.15 29.87 -43.83
CA THR D 292 -13.98 30.69 -43.61
C THR D 292 -13.67 30.78 -42.12
N TYR D 293 -12.39 30.97 -41.80
CA TYR D 293 -12.00 31.13 -40.40
C TYR D 293 -12.69 32.35 -39.78
N ASN D 294 -12.81 33.43 -40.55
CA ASN D 294 -13.47 34.63 -40.05
C ASN D 294 -14.96 34.38 -39.80
N ASP D 295 -15.62 33.65 -40.71
CA ASP D 295 -17.04 33.36 -40.53
C ASP D 295 -17.26 32.49 -39.29
N PHE D 296 -16.40 31.51 -39.06
CA PHE D 296 -16.51 30.68 -37.88
C PHE D 296 -16.35 31.53 -36.62
N ILE D 297 -15.37 32.43 -36.61
CA ILE D 297 -15.14 33.25 -35.42
C ILE D 297 -16.30 34.21 -35.20
N ASN D 298 -16.81 34.81 -36.28
CA ASN D 298 -17.81 35.86 -36.16
C ASN D 298 -19.24 35.33 -36.02
N LYS D 299 -19.47 34.04 -36.29
CA LYS D 299 -20.81 33.48 -36.21
C LYS D 299 -20.95 32.32 -35.23
N GLU D 300 -19.87 31.62 -34.90
CA GLU D 300 -19.92 30.50 -33.96
C GLU D 300 -19.17 30.80 -32.67
N LEU D 301 -17.90 31.17 -32.77
CA LEU D 301 -17.11 31.49 -31.58
C LEU D 301 -17.62 32.75 -30.89
N ILE D 302 -18.40 33.57 -31.60
CA ILE D 302 -18.98 34.76 -30.99
C ILE D 302 -19.96 34.36 -29.88
N LEU D 303 -20.61 33.21 -30.02
CA LEU D 303 -21.60 32.76 -29.04
C LEU D 303 -20.99 32.43 -27.68
N PHE D 304 -19.70 32.09 -27.63
CA PHE D 304 -19.07 31.76 -26.36
C PHE D 304 -19.00 32.99 -25.44
N SER D 305 -18.59 34.13 -25.99
CA SER D 305 -18.47 35.33 -25.17
C SER D 305 -19.86 35.84 -24.76
N ASN D 306 -20.81 35.81 -25.70
CA ASN D 306 -22.18 36.23 -25.39
C ASN D 306 -22.86 35.28 -24.42
N SER D 307 -22.40 34.03 -24.32
CA SER D 307 -22.99 33.11 -23.36
C SER D 307 -22.74 33.56 -21.93
N ASP D 308 -21.53 34.01 -21.62
CA ASP D 308 -21.24 34.52 -20.29
C ASP D 308 -22.04 35.78 -19.98
N ASN D 309 -22.17 36.67 -20.96
CA ASN D 309 -22.98 37.87 -20.75
C ASN D 309 -24.45 37.53 -20.52
N GLU D 310 -24.99 36.61 -21.33
CA GLU D 310 -26.40 36.28 -21.22
C GLU D 310 -26.71 35.50 -19.94
N ARG D 311 -25.71 34.88 -19.33
CA ARG D 311 -25.91 34.10 -18.13
C ARG D 311 -25.66 34.91 -16.86
N SER D 312 -24.87 35.98 -16.93
CA SER D 312 -24.46 36.70 -15.73
C SER D 312 -25.13 38.05 -15.54
N ILE D 313 -25.54 38.74 -16.61
CA ILE D 313 -26.14 40.05 -16.52
C ILE D 313 -27.69 39.88 -16.59
N PRO D 314 -28.42 40.32 -15.58
CA PRO D 314 -29.89 40.14 -15.62
C PRO D 314 -30.55 41.10 -16.59
N SER D 315 -31.83 40.84 -16.84
CA SER D 315 -32.66 41.68 -17.69
C SER D 315 -33.38 42.72 -16.85
N MET D 316 -33.54 43.92 -17.43
CA MET D 316 -34.24 44.99 -16.74
C MET D 316 -35.74 44.76 -16.67
N VAL D 317 -36.27 43.87 -17.52
CA VAL D 317 -37.71 43.66 -17.58
C VAL D 317 -38.21 43.01 -16.30
N ASP D 318 -37.51 41.98 -15.83
CA ASP D 318 -37.93 41.30 -14.61
C ASP D 318 -36.87 41.30 -13.52
N GLY D 319 -35.64 41.69 -13.83
CA GLY D 319 -34.58 41.65 -12.85
C GLY D 319 -34.03 40.27 -12.55
N LEU D 320 -34.22 39.31 -13.44
CA LEU D 320 -33.80 37.93 -13.22
C LEU D 320 -32.77 37.51 -14.25
N LYS D 321 -31.90 36.61 -13.85
CA LYS D 321 -31.04 35.90 -14.76
C LYS D 321 -31.77 34.69 -15.33
N PRO D 322 -31.33 34.17 -16.48
CA PRO D 322 -32.03 33.00 -17.06
C PRO D 322 -32.11 31.81 -16.12
N GLY D 323 -31.06 31.56 -15.34
CA GLY D 323 -31.12 30.47 -14.37
C GLY D 323 -32.16 30.72 -13.30
N GLN D 324 -32.22 31.96 -12.79
CA GLN D 324 -33.26 32.31 -11.83
C GLN D 324 -34.64 32.20 -12.46
N ARG D 325 -34.77 32.63 -13.72
CA ARG D 325 -36.07 32.56 -14.39
C ARG D 325 -36.56 31.12 -14.50
N LYS D 326 -35.65 30.18 -14.74
CA LYS D 326 -36.04 28.78 -14.83
C LYS D 326 -36.64 28.29 -13.52
N VAL D 327 -36.04 28.67 -12.39
CA VAL D 327 -36.59 28.28 -11.09
C VAL D 327 -37.96 28.92 -10.89
N LEU D 328 -38.08 30.20 -11.22
CA LEU D 328 -39.37 30.88 -11.07
C LEU D 328 -40.43 30.29 -12.00
N PHE D 329 -40.04 29.97 -13.24
CA PHE D 329 -40.97 29.34 -14.17
C PHE D 329 -41.43 27.98 -13.67
N THR D 330 -40.51 27.19 -13.11
CA THR D 330 -40.88 25.90 -12.55
C THR D 330 -41.87 26.06 -11.39
N CYS D 331 -41.61 27.03 -10.51
CA CYS D 331 -42.52 27.27 -9.39
C CYS D 331 -43.90 27.67 -9.87
N PHE D 332 -43.96 28.53 -10.90
CA PHE D 332 -45.25 28.94 -11.44
C PHE D 332 -46.01 27.76 -12.02
N LYS D 333 -45.33 26.89 -12.77
CA LYS D 333 -46.01 25.75 -13.37
C LYS D 333 -46.45 24.75 -12.31
N ARG D 334 -45.62 24.52 -11.29
CA ARG D 334 -45.99 23.60 -10.22
C ARG D 334 -47.20 24.12 -9.44
N ASN D 335 -47.20 25.42 -9.13
CA ASN D 335 -48.26 26.07 -8.36
C ASN D 335 -48.51 25.33 -7.04
N ASP D 336 -47.44 25.11 -6.29
CA ASP D 336 -47.55 24.38 -5.03
C ASP D 336 -48.34 25.18 -4.02
N LYS D 337 -49.41 24.57 -3.49
CA LYS D 337 -50.20 25.16 -2.42
C LYS D 337 -49.65 24.78 -1.04
N ARG D 338 -48.70 23.86 -0.97
CA ARG D 338 -48.07 23.46 0.28
C ARG D 338 -46.56 23.47 0.08
N GLU D 339 -45.83 23.59 1.19
CA GLU D 339 -44.38 23.69 1.14
C GLU D 339 -43.77 22.41 0.58
N VAL D 340 -42.65 22.57 -0.12
CA VAL D 340 -41.94 21.45 -0.74
C VAL D 340 -40.46 21.57 -0.39
N LYS D 341 -39.79 20.41 -0.31
CA LYS D 341 -38.35 20.38 -0.05
C LYS D 341 -37.59 21.01 -1.21
N VAL D 342 -36.48 21.67 -0.88
CA VAL D 342 -35.66 22.31 -1.90
C VAL D 342 -35.04 21.27 -2.83
N ALA D 343 -34.65 20.12 -2.28
CA ALA D 343 -34.09 19.06 -3.11
C ALA D 343 -35.09 18.57 -4.15
N GLN D 344 -36.36 18.39 -3.73
CA GLN D 344 -37.39 17.97 -4.68
C GLN D 344 -37.65 19.07 -5.70
N LEU D 345 -37.67 20.33 -5.27
CA LEU D 345 -37.89 21.43 -6.21
C LEU D 345 -36.75 21.53 -7.21
N ALA D 346 -35.52 21.26 -6.76
CA ALA D 346 -34.38 21.28 -7.67
C ALA D 346 -34.52 20.23 -8.76
N GLY D 347 -34.98 19.04 -8.38
CA GLY D 347 -35.27 18.02 -9.39
C GLY D 347 -36.36 18.45 -10.36
N SER D 348 -37.40 19.11 -9.84
CA SER D 348 -38.47 19.58 -10.72
C SER D 348 -37.94 20.59 -11.73
N VAL D 349 -37.10 21.52 -11.28
CA VAL D 349 -36.49 22.50 -12.18
C VAL D 349 -35.62 21.79 -13.21
N ALA D 350 -34.86 20.79 -12.79
CA ALA D 350 -34.02 20.06 -13.71
C ALA D 350 -34.85 19.32 -14.75
N GLU D 351 -35.97 18.73 -14.34
CA GLU D 351 -36.81 18.01 -15.30
C GLU D 351 -37.62 18.95 -16.17
N MET D 352 -38.13 20.03 -15.59
CA MET D 352 -39.16 20.81 -16.28
C MET D 352 -38.59 21.98 -17.08
N SER D 353 -37.43 22.50 -16.70
CA SER D 353 -36.90 23.70 -17.33
C SER D 353 -35.62 23.45 -18.14
N SER D 354 -35.18 22.19 -18.27
CA SER D 354 -33.97 21.85 -19.01
C SER D 354 -32.75 22.59 -18.46
N TYR D 355 -32.67 22.69 -17.14
CA TYR D 355 -31.51 23.26 -16.48
C TYR D 355 -30.32 22.34 -16.65
N HIS D 356 -29.22 22.85 -17.23
CA HIS D 356 -28.06 22.02 -17.54
C HIS D 356 -26.79 22.60 -16.94
N HIS D 357 -26.91 23.32 -15.82
CA HIS D 357 -25.76 23.86 -15.12
C HIS D 357 -25.46 22.97 -13.92
N GLY D 358 -24.52 23.41 -13.07
CA GLY D 358 -24.18 22.64 -11.90
C GLY D 358 -25.34 22.53 -10.92
N GLU D 359 -25.37 21.41 -10.20
CA GLU D 359 -26.38 21.22 -9.17
C GLU D 359 -26.23 22.25 -8.07
N MET D 360 -24.99 22.57 -7.69
CA MET D 360 -24.75 23.57 -6.66
C MET D 360 -25.25 24.93 -7.12
N SER D 361 -25.10 25.24 -8.41
CA SER D 361 -25.63 26.49 -8.94
C SER D 361 -27.15 26.55 -8.81
N LEU D 362 -27.83 25.43 -9.08
CA LEU D 362 -29.28 25.40 -8.94
C LEU D 362 -29.71 25.57 -7.49
N MET D 363 -29.00 24.91 -6.56
CA MET D 363 -29.33 25.03 -5.15
C MET D 363 -29.17 26.47 -4.67
N MET D 364 -28.05 27.09 -5.04
CA MET D 364 -27.81 28.47 -4.63
C MET D 364 -28.85 29.42 -5.23
N THR D 365 -29.21 29.20 -6.50
CA THR D 365 -30.20 30.05 -7.14
C THR D 365 -31.53 29.98 -6.43
N ILE D 366 -31.96 28.77 -6.03
CA ILE D 366 -33.22 28.63 -5.30
C ILE D 366 -33.13 29.35 -3.97
N ILE D 367 -32.04 29.12 -3.22
CA ILE D 367 -31.91 29.71 -1.89
C ILE D 367 -31.86 31.24 -1.99
N ASN D 368 -31.10 31.77 -2.95
CA ASN D 368 -30.95 33.21 -3.08
C ASN D 368 -32.25 33.90 -3.44
N LEU D 369 -33.14 33.21 -4.16
CA LEU D 369 -34.45 33.79 -4.45
C LEU D 369 -35.34 33.86 -3.21
N ALA D 370 -34.99 33.11 -2.15
CA ALA D 370 -35.81 33.03 -0.96
C ALA D 370 -35.23 33.73 0.25
N GLN D 371 -33.95 34.10 0.22
CA GLN D 371 -33.30 34.69 1.38
C GLN D 371 -33.93 36.03 1.73
N ASN D 372 -34.07 36.29 3.04
CA ASN D 372 -34.77 37.47 3.53
C ASN D 372 -33.96 38.21 4.60
N PHE D 373 -32.63 38.14 4.52
CA PHE D 373 -31.78 38.81 5.47
C PHE D 373 -31.46 40.22 4.99
N VAL D 374 -30.96 41.06 5.90
CA VAL D 374 -30.62 42.44 5.58
C VAL D 374 -29.54 42.49 4.50
N SER D 376 -29.42 41.19 1.50
CA SER D 376 -30.11 40.21 0.66
C SER D 376 -31.35 40.80 -0.01
N ASN D 377 -32.32 39.94 -0.31
CA ASN D 377 -33.51 40.37 -1.04
C ASN D 377 -34.36 41.32 -0.22
N ASN D 378 -34.80 42.41 -0.86
CA ASN D 378 -35.80 43.27 -0.23
C ASN D 378 -37.18 42.62 -0.25
N LEU D 379 -37.44 41.76 -1.24
CA LEU D 379 -38.73 41.07 -1.37
C LEU D 379 -38.44 39.69 -1.97
N ASN D 380 -38.41 38.67 -1.13
CA ASN D 380 -38.12 37.33 -1.62
C ASN D 380 -39.30 36.79 -2.41
N LEU D 381 -39.02 36.27 -3.61
CA LEU D 381 -40.07 35.65 -4.40
C LEU D 381 -40.41 34.25 -3.90
N LEU D 382 -39.47 33.60 -3.21
CA LEU D 382 -39.67 32.29 -2.61
C LEU D 382 -39.62 32.40 -1.10
N GLN D 383 -40.34 31.52 -0.42
CA GLN D 383 -40.41 31.57 1.04
C GLN D 383 -39.26 30.79 1.65
N PRO D 384 -38.49 31.39 2.55
CA PRO D 384 -37.38 30.66 3.22
C PRO D 384 -37.83 29.87 4.44
N ILE D 385 -38.52 28.75 4.21
CA ILE D 385 -39.03 27.96 5.32
C ILE D 385 -37.92 27.05 5.82
N GLY D 386 -37.11 27.55 6.75
CA GLY D 386 -35.97 26.86 7.29
C GLY D 386 -34.75 27.74 7.30
N GLN D 387 -33.59 27.12 7.50
CA GLN D 387 -32.32 27.83 7.59
C GLN D 387 -31.77 28.06 6.19
N PHE D 388 -32.02 29.26 5.66
CA PHE D 388 -31.56 29.62 4.32
C PHE D 388 -30.34 30.53 4.42
N THR D 390 -28.36 33.54 6.63
CA THR D 390 -28.63 34.82 7.29
C THR D 390 -27.49 35.81 7.09
N ARG D 391 -27.65 37.01 7.65
CA ARG D 391 -26.60 38.00 7.62
C ARG D 391 -25.40 37.63 8.50
N LEU D 392 -25.54 36.61 9.35
CA LEU D 392 -24.43 36.21 10.21
C LEU D 392 -23.23 35.74 9.40
N HIS D 393 -23.46 34.98 8.32
CA HIS D 393 -22.37 34.44 7.52
C HIS D 393 -22.54 34.76 6.03
N GLY D 394 -23.31 35.80 5.69
CA GLY D 394 -23.50 36.19 4.31
C GLY D 394 -24.22 35.18 3.46
N GLY D 395 -25.17 34.44 4.03
CA GLY D 395 -25.94 33.46 3.30
C GLY D 395 -25.29 32.09 3.15
N LYS D 396 -24.04 31.93 3.59
CA LYS D 396 -23.35 30.65 3.52
C LYS D 396 -23.84 29.69 4.58
N ASP D 397 -24.51 30.19 5.62
CA ASP D 397 -24.99 29.37 6.72
C ASP D 397 -26.34 28.75 6.41
N SER D 398 -26.44 28.08 5.26
CA SER D 398 -27.65 27.39 4.87
C SER D 398 -27.55 25.92 5.24
N ALA D 399 -28.71 25.31 5.48
CA ALA D 399 -28.75 23.91 5.85
C ALA D 399 -28.86 23.02 4.61
N SER D 400 -28.93 21.71 4.81
CA SER D 400 -29.04 20.81 3.68
C SER D 400 -30.39 21.01 2.98
N PRO D 401 -30.43 21.00 1.65
CA PRO D 401 -31.71 21.17 0.93
C PRO D 401 -32.69 20.03 1.15
N ARG D 402 -32.23 18.88 1.64
CA ARG D 402 -33.13 17.80 1.99
C ARG D 402 -33.89 18.08 3.28
N TYR D 403 -33.52 19.15 4.00
CA TYR D 403 -34.15 19.50 5.27
C TYR D 403 -34.87 20.85 5.25
N ILE D 404 -34.58 21.72 4.28
CA ILE D 404 -35.20 23.03 4.21
C ILE D 404 -36.32 23.01 3.17
N PHE D 405 -37.38 23.75 3.44
CA PHE D 405 -38.58 23.76 2.61
C PHE D 405 -38.78 25.15 2.02
N THR D 406 -39.54 25.21 0.93
CA THR D 406 -39.82 26.50 0.31
C THR D 406 -41.11 26.43 -0.48
N MET D 407 -41.65 27.59 -0.82
CA MET D 407 -42.76 27.74 -1.74
C MET D 407 -42.87 29.21 -2.11
N LEU D 408 -43.72 29.49 -3.08
CA LEU D 408 -43.91 30.85 -3.55
C LEU D 408 -44.54 31.74 -2.49
N SER D 409 -44.15 33.01 -2.49
CA SER D 409 -44.82 34.02 -1.67
C SER D 409 -46.16 34.39 -2.29
N SER D 410 -47.07 34.87 -1.44
CA SER D 410 -48.38 35.30 -1.93
C SER D 410 -48.28 36.53 -2.83
N LEU D 411 -47.13 37.21 -2.83
CA LEU D 411 -46.93 38.37 -3.68
C LEU D 411 -46.32 38.01 -5.03
N ALA D 412 -45.77 36.80 -5.15
CA ALA D 412 -45.05 36.43 -6.38
C ALA D 412 -46.00 36.43 -7.57
N ARG D 413 -47.16 35.80 -7.43
CA ARG D 413 -48.12 35.77 -8.53
C ARG D 413 -48.94 37.05 -8.62
N LEU D 414 -48.90 37.90 -7.59
CA LEU D 414 -49.45 39.25 -7.72
C LEU D 414 -48.46 40.16 -8.42
N LEU D 415 -47.16 39.98 -8.17
CA LEU D 415 -46.15 40.77 -8.86
C LEU D 415 -46.03 40.34 -10.32
N PHE D 416 -46.05 39.03 -10.58
CA PHE D 416 -46.00 38.46 -11.92
C PHE D 416 -47.38 37.91 -12.24
N PRO D 417 -48.28 38.74 -12.77
CA PRO D 417 -49.68 38.31 -12.92
C PRO D 417 -49.83 37.19 -13.93
N PRO D 418 -50.63 36.18 -13.61
CA PRO D 418 -50.82 35.07 -14.55
C PRO D 418 -51.47 35.46 -15.86
N LYS D 419 -52.31 36.50 -15.87
CA LYS D 419 -53.00 36.90 -17.08
C LYS D 419 -52.06 37.34 -18.19
N ASP D 420 -50.85 37.77 -17.84
CA ASP D 420 -49.90 38.21 -18.86
C ASP D 420 -49.14 37.07 -19.51
N ASP D 421 -49.24 35.85 -18.98
CA ASP D 421 -48.46 34.73 -19.52
C ASP D 421 -48.80 34.46 -20.98
N HIS D 422 -50.03 34.75 -21.38
CA HIS D 422 -50.45 34.50 -22.76
C HIS D 422 -49.87 35.49 -23.76
N THR D 423 -49.23 36.55 -23.30
CA THR D 423 -48.61 37.53 -24.19
C THR D 423 -47.08 37.40 -24.24
N LEU D 424 -46.51 36.45 -23.51
CA LEU D 424 -45.07 36.28 -23.44
C LEU D 424 -44.57 35.33 -24.52
N LYS D 425 -43.25 35.37 -24.74
CA LYS D 425 -42.59 34.51 -25.71
C LYS D 425 -41.83 33.45 -24.94
N PHE D 426 -42.40 32.25 -24.87
CA PHE D 426 -41.76 31.14 -24.16
C PHE D 426 -40.72 30.47 -25.05
N LEU D 427 -39.57 30.18 -24.47
CA LEU D 427 -38.46 29.60 -25.23
C LEU D 427 -38.57 28.08 -25.28
N TYR D 428 -37.77 27.48 -26.16
CA TYR D 428 -37.71 26.04 -26.31
C TYR D 428 -36.28 25.57 -26.11
N ASP D 429 -36.12 24.51 -25.32
CA ASP D 429 -34.85 23.79 -25.22
C ASP D 429 -35.07 22.45 -25.93
N ASP D 430 -34.63 22.39 -27.19
CA ASP D 430 -34.91 21.26 -28.07
C ASP D 430 -36.42 21.08 -28.22
N ASN D 431 -36.96 20.01 -27.63
CA ASN D 431 -38.37 19.70 -27.77
C ASN D 431 -39.21 20.13 -26.57
N GLN D 432 -38.59 20.72 -25.55
CA GLN D 432 -39.28 21.08 -24.32
C GLN D 432 -39.53 22.58 -24.27
N ARG D 433 -40.78 22.96 -24.03
CA ARG D 433 -41.09 24.36 -23.77
C ARG D 433 -40.64 24.72 -22.35
N VAL D 434 -39.91 25.83 -22.23
CA VAL D 434 -39.28 26.22 -20.98
C VAL D 434 -39.64 27.66 -20.65
N GLU D 435 -38.97 28.24 -19.65
CA GLU D 435 -39.17 29.61 -19.19
C GLU D 435 -39.18 30.60 -20.36
N PRO D 436 -39.83 31.75 -20.22
CA PRO D 436 -39.89 32.73 -21.31
C PRO D 436 -38.60 33.53 -21.42
N GLU D 437 -38.53 34.37 -22.44
CA GLU D 437 -37.40 35.27 -22.59
C GLU D 437 -37.27 36.19 -21.38
N TRP D 438 -38.39 36.74 -20.92
CA TRP D 438 -38.46 37.43 -19.64
C TRP D 438 -39.90 37.44 -19.17
N TYR D 439 -40.07 37.61 -17.87
CA TYR D 439 -41.38 37.92 -17.31
C TYR D 439 -41.58 39.44 -17.30
N ILE D 440 -42.83 39.85 -17.12
CA ILE D 440 -43.13 41.28 -17.09
C ILE D 440 -43.95 41.62 -15.85
N PRO D 441 -43.29 41.85 -14.70
CA PRO D 441 -44.03 42.13 -13.47
C PRO D 441 -44.71 43.51 -13.53
N ILE D 442 -45.55 43.75 -12.53
CA ILE D 442 -46.33 44.99 -12.49
C ILE D 442 -45.49 46.19 -12.04
N ILE D 443 -44.38 45.94 -11.34
CA ILE D 443 -43.41 46.98 -10.99
C ILE D 443 -42.01 46.44 -11.32
N PRO D 444 -41.02 47.29 -11.60
CA PRO D 444 -39.71 46.77 -12.01
C PRO D 444 -38.97 46.09 -10.87
N MET D 445 -38.95 44.76 -10.89
CA MET D 445 -38.33 43.98 -9.84
C MET D 445 -36.82 44.13 -9.83
N VAL D 446 -36.23 44.57 -10.95
CA VAL D 446 -34.77 44.73 -11.01
C VAL D 446 -34.29 45.74 -9.99
N LEU D 447 -35.12 46.74 -9.67
CA LEU D 447 -34.78 47.72 -8.65
C LEU D 447 -35.19 47.29 -7.25
N ILE D 448 -35.96 46.21 -7.13
CA ILE D 448 -36.42 45.78 -5.81
C ILE D 448 -35.37 44.92 -5.12
N ASN D 449 -34.87 43.89 -5.80
CA ASN D 449 -33.91 42.98 -5.22
C ASN D 449 -32.49 43.23 -5.68
N GLY D 450 -32.27 44.29 -6.45
CA GLY D 450 -30.93 44.61 -6.91
C GLY D 450 -30.48 43.68 -8.01
N ALA D 451 -29.21 43.85 -8.39
CA ALA D 451 -28.59 43.05 -9.43
C ALA D 451 -27.09 42.94 -9.16
N GLU D 452 -26.54 41.77 -9.43
CA GLU D 452 -25.12 41.54 -9.20
C GLU D 452 -24.55 40.54 -10.19
N ILE D 454 -21.34 40.01 -13.29
CA ILE D 454 -20.03 40.12 -13.92
C ILE D 454 -19.96 39.28 -15.20
N GLY D 455 -19.78 39.96 -16.32
CA GLY D 455 -19.69 39.31 -17.62
C GLY D 455 -18.27 39.29 -18.16
N THR D 456 -18.12 39.55 -19.45
CA THR D 456 -16.80 39.62 -20.08
C THR D 456 -16.41 41.04 -20.45
N GLY D 457 -17.30 41.79 -21.09
CA GLY D 457 -17.01 43.15 -21.47
C GLY D 457 -17.69 44.17 -20.57
N TRP D 458 -18.80 43.76 -19.98
CA TRP D 458 -19.61 44.61 -19.11
C TRP D 458 -19.80 43.94 -17.75
N SER D 459 -20.21 44.75 -16.78
CA SER D 459 -20.54 44.25 -15.44
C SER D 459 -21.71 45.06 -14.90
N CYS D 460 -22.47 44.44 -14.00
CA CYS D 460 -23.70 45.02 -13.49
C CYS D 460 -23.69 45.09 -11.97
N LYS D 461 -24.14 46.23 -11.45
CA LYS D 461 -24.35 46.41 -10.02
C LYS D 461 -25.48 47.43 -9.84
N ILE D 462 -26.63 46.97 -9.36
CA ILE D 462 -27.78 47.84 -9.14
C ILE D 462 -28.27 47.67 -7.71
N PRO D 463 -28.51 48.77 -6.98
CA PRO D 463 -29.03 48.65 -5.62
C PRO D 463 -30.53 48.40 -5.59
N ASN D 464 -31.04 48.15 -4.39
CA ASN D 464 -32.46 47.97 -4.13
C ASN D 464 -33.13 49.29 -3.76
N PHE D 465 -34.44 49.35 -3.98
CA PHE D 465 -35.24 50.52 -3.65
C PHE D 465 -36.50 50.08 -2.93
N ASP D 466 -37.10 51.00 -2.17
CA ASP D 466 -38.26 50.67 -1.36
C ASP D 466 -39.47 50.39 -2.25
N VAL D 467 -40.15 49.27 -1.99
CA VAL D 467 -41.21 48.81 -2.87
C VAL D 467 -42.28 49.88 -3.03
N ARG D 468 -42.71 50.48 -1.92
CA ARG D 468 -43.77 51.49 -2.00
C ARG D 468 -43.32 52.70 -2.81
N GLU D 469 -42.03 53.03 -2.77
CA GLU D 469 -41.51 54.15 -3.55
C GLU D 469 -41.64 53.91 -5.06
N ILE D 470 -41.36 52.68 -5.53
CA ILE D 470 -41.53 52.40 -6.96
C ILE D 470 -42.99 52.46 -7.36
N VAL D 471 -43.89 51.94 -6.52
CA VAL D 471 -45.32 52.01 -6.84
C VAL D 471 -45.78 53.47 -6.94
N ASN D 472 -45.33 54.30 -6.00
CA ASN D 472 -45.69 55.72 -6.05
C ASN D 472 -45.14 56.39 -7.31
N ASN D 473 -43.88 56.11 -7.66
CA ASN D 473 -43.31 56.69 -8.87
C ASN D 473 -43.98 56.13 -10.13
N ILE D 474 -44.37 54.86 -10.10
CA ILE D 474 -45.14 54.28 -11.20
C ILE D 474 -46.49 54.98 -11.32
N ARG D 475 -47.16 55.19 -10.19
CA ARG D 475 -48.44 55.88 -10.21
C ARG D 475 -48.30 57.31 -10.74
N ARG D 476 -47.21 57.99 -10.33
CA ARG D 476 -46.99 59.34 -10.83
C ARG D 476 -46.82 59.33 -12.35
N LEU D 477 -46.06 58.36 -12.86
CA LEU D 477 -45.88 58.25 -14.30
C LEU D 477 -47.21 57.95 -15.01
N MET D 478 -48.06 57.12 -14.38
CA MET D 478 -49.35 56.81 -14.99
C MET D 478 -50.23 58.05 -15.09
N ASP D 479 -50.17 58.93 -14.11
CA ASP D 479 -50.98 60.14 -14.12
C ASP D 479 -50.35 61.28 -14.93
N GLY D 480 -49.10 61.11 -15.38
CA GLY D 480 -48.41 62.15 -16.11
C GLY D 480 -47.48 63.02 -15.29
N GLU D 481 -47.37 62.77 -13.99
CA GLU D 481 -46.50 63.56 -13.13
C GLU D 481 -45.05 63.07 -13.24
N GLU D 482 -44.14 63.93 -12.82
CA GLU D 482 -42.73 63.57 -12.85
C GLU D 482 -42.40 62.61 -11.70
N PRO D 483 -41.57 61.60 -11.95
CA PRO D 483 -41.20 60.68 -10.88
C PRO D 483 -40.44 61.39 -9.77
N LEU D 484 -40.72 61.00 -8.53
CA LEU D 484 -40.00 61.54 -7.40
C LEU D 484 -38.60 60.93 -7.33
N PRO D 485 -37.61 61.69 -6.86
CA PRO D 485 -36.27 61.13 -6.69
C PRO D 485 -36.28 59.97 -5.70
N MET D 486 -35.45 58.97 -5.96
CA MET D 486 -35.40 57.78 -5.13
C MET D 486 -33.97 57.51 -4.70
N LEU D 487 -33.75 57.37 -3.39
CA LEU D 487 -32.47 56.95 -2.88
C LEU D 487 -32.47 55.45 -2.64
N PRO D 488 -31.30 54.81 -2.72
CA PRO D 488 -31.24 53.36 -2.42
C PRO D 488 -31.74 53.05 -1.01
N SER D 489 -32.52 51.97 -0.91
CA SER D 489 -33.06 51.53 0.37
C SER D 489 -33.12 50.01 0.41
N TYR D 490 -32.52 49.42 1.44
CA TYR D 490 -32.57 47.99 1.67
C TYR D 490 -33.34 47.72 2.95
N LYS D 491 -34.34 46.85 2.87
CA LYS D 491 -35.17 46.52 4.02
C LYS D 491 -34.35 45.93 5.16
N PHE D 493 -32.25 47.63 6.94
CA PHE D 493 -31.04 48.34 7.32
C PHE D 493 -31.33 49.38 8.40
N LYS D 494 -30.61 49.29 9.52
CA LYS D 494 -30.80 50.20 10.63
C LYS D 494 -29.85 51.39 10.58
N GLY D 495 -28.98 51.45 9.58
CA GLY D 495 -28.01 52.51 9.43
C GLY D 495 -28.49 53.64 8.55
N THR D 496 -27.54 54.37 7.99
CA THR D 496 -27.82 55.50 7.13
C THR D 496 -27.14 55.30 5.77
N ILE D 497 -27.79 55.80 4.73
CA ILE D 497 -27.24 55.84 3.38
C ILE D 497 -27.34 57.27 2.89
N GLU D 498 -26.20 57.88 2.57
CA GLU D 498 -26.14 59.28 2.17
C GLU D 498 -25.60 59.40 0.75
N GLU D 499 -26.15 60.37 0.01
CA GLU D 499 -25.75 60.64 -1.37
C GLU D 499 -24.73 61.78 -1.38
N LEU D 500 -23.49 61.46 -1.73
CA LEU D 500 -22.47 62.49 -1.89
C LEU D 500 -22.68 63.27 -3.19
N ALA D 501 -23.04 62.58 -4.26
CA ALA D 501 -23.20 63.17 -5.59
C ALA D 501 -24.14 62.29 -6.39
N PRO D 502 -24.72 62.81 -7.47
CA PRO D 502 -25.65 62.01 -8.27
C PRO D 502 -25.05 60.65 -8.66
N ASN D 503 -25.81 59.59 -8.36
CA ASN D 503 -25.46 58.18 -8.57
C ASN D 503 -24.29 57.73 -7.69
N GLN D 504 -23.89 58.54 -6.72
CA GLN D 504 -22.80 58.21 -5.80
C GLN D 504 -23.34 58.23 -4.38
N TYR D 505 -23.19 57.12 -3.66
CA TYR D 505 -23.76 56.98 -2.32
C TYR D 505 -22.71 56.44 -1.36
N VAL D 506 -22.93 56.73 -0.08
CA VAL D 506 -22.12 56.20 1.01
C VAL D 506 -23.07 55.61 2.05
N ILE D 507 -22.87 54.33 2.38
CA ILE D 507 -23.67 53.63 3.36
C ILE D 507 -22.86 53.47 4.63
N SER D 508 -23.44 53.82 5.77
CA SER D 508 -22.74 53.81 7.04
C SER D 508 -23.56 53.08 8.10
N GLY D 509 -22.85 52.42 9.01
CA GLY D 509 -23.47 51.78 10.16
C GLY D 509 -23.62 52.70 11.35
N GLU D 523 -25.16 48.07 14.45
CA GLU D 523 -25.54 47.76 13.08
C GLU D 523 -24.37 47.96 12.10
N LEU D 524 -24.00 46.89 11.41
CA LEU D 524 -22.97 46.93 10.37
C LEU D 524 -23.55 47.51 9.08
N PRO D 525 -22.70 48.05 8.20
CA PRO D 525 -23.20 48.54 6.91
C PRO D 525 -23.76 47.41 6.06
N VAL D 526 -24.63 47.79 5.12
CA VAL D 526 -25.29 46.81 4.26
C VAL D 526 -24.25 46.01 3.48
N ARG D 527 -24.48 44.69 3.41
CA ARG D 527 -23.65 43.70 2.75
C ARG D 527 -22.35 43.40 3.51
N THR D 528 -22.20 43.92 4.72
CA THR D 528 -21.09 43.56 5.59
C THR D 528 -21.58 42.52 6.59
N TRP D 529 -20.96 41.34 6.59
CA TRP D 529 -21.43 40.23 7.39
C TRP D 529 -20.73 40.19 8.74
N THR D 530 -21.45 39.67 9.74
CA THR D 530 -20.98 39.71 11.12
C THR D 530 -19.68 38.94 11.31
N GLN D 531 -19.61 37.72 10.76
CA GLN D 531 -18.40 36.92 10.96
C GLN D 531 -17.20 37.52 10.25
N THR D 532 -17.39 38.08 9.05
CA THR D 532 -16.29 38.72 8.34
C THR D 532 -15.84 40.02 9.00
N TYR D 533 -16.73 40.70 9.73
CA TYR D 533 -16.32 41.91 10.46
C TYR D 533 -15.54 41.57 11.71
N LYS D 534 -15.94 40.53 12.44
CA LYS D 534 -15.18 40.11 13.61
C LYS D 534 -13.80 39.59 13.21
N GLU D 535 -13.72 38.95 12.03
CA GLU D 535 -12.46 38.36 11.59
C GLU D 535 -11.54 39.39 10.94
N GLN D 536 -12.10 40.35 10.19
CA GLN D 536 -11.29 41.31 9.44
C GLN D 536 -11.10 42.64 10.16
N VAL D 537 -12.11 43.12 10.89
CA VAL D 537 -12.05 44.45 11.51
C VAL D 537 -11.79 44.32 13.00
N LEU D 538 -12.70 43.64 13.71
CA LEU D 538 -12.63 43.59 15.16
C LEU D 538 -11.42 42.79 15.63
N GLU D 539 -11.01 41.81 14.82
CA GLU D 539 -9.79 41.01 15.01
C GLU D 539 -8.77 41.55 16.00
N LEU D 583 -14.80 57.94 13.78
CA LEU D 583 -14.83 56.58 14.29
C LEU D 583 -15.32 55.61 13.21
N HIS D 584 -16.29 56.06 12.42
CA HIS D 584 -16.89 55.20 11.39
C HIS D 584 -15.83 54.70 10.42
N LYS D 585 -14.88 55.56 10.04
CA LYS D 585 -13.80 55.14 9.17
C LYS D 585 -12.86 54.15 9.85
N VAL D 586 -12.60 54.34 11.16
CA VAL D 586 -11.60 53.52 11.85
C VAL D 586 -12.05 52.07 11.95
N PHE D 587 -13.31 51.83 12.32
CA PHE D 587 -13.81 50.47 12.49
C PHE D 587 -14.48 49.94 11.23
N LYS D 588 -14.27 50.58 10.08
CA LYS D 588 -14.75 50.13 8.78
C LYS D 588 -16.27 49.91 8.80
N LEU D 589 -16.99 50.86 9.38
CA LEU D 589 -18.45 50.81 9.45
C LEU D 589 -19.10 51.66 8.36
N GLN D 590 -18.36 52.01 7.32
CA GLN D 590 -18.85 52.81 6.21
C GLN D 590 -18.50 52.10 4.90
N THR D 591 -19.44 52.12 3.95
CA THR D 591 -19.26 51.47 2.67
C THR D 591 -19.77 52.38 1.55
N SER D 592 -19.05 52.39 0.44
CA SER D 592 -19.39 53.21 -0.71
C SER D 592 -20.20 52.41 -1.71
N LEU D 593 -21.14 53.08 -2.38
CA LEU D 593 -22.00 52.45 -3.39
C LEU D 593 -22.15 53.42 -4.55
N THR D 594 -21.73 52.98 -5.74
CA THR D 594 -21.76 53.81 -6.94
C THR D 594 -22.66 53.17 -7.97
N CYS D 595 -23.60 53.94 -8.51
CA CYS D 595 -24.50 53.44 -9.55
C CYS D 595 -23.95 53.74 -10.94
N ASN D 596 -22.66 53.45 -11.14
CA ASN D 596 -21.98 53.75 -12.39
C ASN D 596 -21.90 52.55 -13.33
N SER D 597 -22.42 51.39 -12.92
CA SER D 597 -22.35 50.17 -13.71
C SER D 597 -23.71 49.47 -13.73
N MET D 598 -24.76 50.26 -13.99
CA MET D 598 -26.11 49.73 -14.11
C MET D 598 -26.32 49.25 -15.55
N VAL D 599 -25.80 48.06 -15.84
CA VAL D 599 -25.85 47.46 -17.17
C VAL D 599 -26.82 46.28 -17.14
N LEU D 600 -27.85 46.33 -17.96
CA LEU D 600 -28.89 45.30 -18.00
C LEU D 600 -29.25 45.02 -19.45
N PHE D 601 -29.83 43.83 -19.67
CA PHE D 601 -30.38 43.50 -20.98
C PHE D 601 -31.72 44.22 -21.17
N ASP D 602 -31.88 44.89 -22.31
CA ASP D 602 -33.13 45.55 -22.61
C ASP D 602 -34.15 44.52 -23.10
N HIS D 603 -35.36 44.99 -23.38
CA HIS D 603 -36.44 44.09 -23.78
C HIS D 603 -36.21 43.45 -25.13
N VAL D 604 -35.25 43.94 -25.92
CA VAL D 604 -34.92 43.34 -27.20
C VAL D 604 -33.70 42.42 -27.12
N GLY D 605 -32.97 42.45 -26.01
CA GLY D 605 -31.85 41.54 -25.81
C GLY D 605 -30.46 42.10 -26.00
N CYS D 606 -30.28 43.42 -25.95
CA CYS D 606 -28.96 44.04 -26.08
C CYS D 606 -28.55 44.61 -24.73
N LEU D 607 -27.32 44.32 -24.31
CA LEU D 607 -26.81 44.90 -23.07
C LEU D 607 -26.72 46.42 -23.20
N LYS D 608 -27.20 47.13 -22.18
CA LYS D 608 -27.23 48.59 -22.19
C LYS D 608 -26.86 49.13 -20.81
N LYS D 609 -26.05 50.18 -20.79
CA LYS D 609 -25.67 50.84 -19.55
C LYS D 609 -26.65 51.99 -19.29
N TYR D 610 -27.38 51.91 -18.19
CA TYR D 610 -28.38 52.91 -17.85
C TYR D 610 -27.76 53.99 -16.97
N ASP D 611 -27.93 55.24 -17.38
CA ASP D 611 -27.34 56.35 -16.65
C ASP D 611 -28.10 56.67 -15.37
N THR D 612 -29.43 56.50 -15.36
CA THR D 612 -30.23 56.81 -14.18
C THR D 612 -31.22 55.68 -13.91
N VAL D 613 -31.59 55.55 -12.63
CA VAL D 613 -32.66 54.63 -12.26
C VAL D 613 -34.01 55.16 -12.74
N LEU D 614 -34.13 56.48 -12.94
CA LEU D 614 -35.35 57.02 -13.51
C LEU D 614 -35.54 56.56 -14.96
N ASP D 615 -34.43 56.42 -15.68
CA ASP D 615 -34.49 55.84 -17.02
C ASP D 615 -34.88 54.37 -16.97
N ILE D 616 -34.42 53.64 -15.95
CA ILE D 616 -34.83 52.25 -15.78
C ILE D 616 -36.34 52.19 -15.59
N LEU D 617 -36.87 53.04 -14.71
CA LEU D 617 -38.31 53.04 -14.44
C LEU D 617 -39.11 53.45 -15.67
N ARG D 618 -38.63 54.46 -16.40
CA ARG D 618 -39.35 54.93 -17.58
C ARG D 618 -39.40 53.88 -18.68
N ASP D 619 -38.28 53.21 -18.95
CA ASP D 619 -38.29 52.16 -19.96
C ASP D 619 -39.17 50.99 -19.56
N PHE D 620 -39.13 50.60 -18.28
CA PHE D 620 -40.04 49.57 -17.81
C PHE D 620 -41.49 50.04 -17.95
N PHE D 621 -41.76 51.30 -17.59
CA PHE D 621 -43.12 51.81 -17.61
C PHE D 621 -43.71 51.75 -19.01
N GLU D 622 -42.94 52.14 -20.03
CA GLU D 622 -43.43 52.13 -21.39
C GLU D 622 -43.77 50.70 -21.84
N LEU D 623 -42.90 49.74 -21.52
CA LEU D 623 -43.15 48.36 -21.88
C LEU D 623 -44.36 47.80 -21.12
N ARG D 624 -44.43 48.07 -19.82
CA ARG D 624 -45.52 47.52 -19.01
C ARG D 624 -46.87 48.08 -19.44
N LEU D 625 -46.93 49.37 -19.75
CA LEU D 625 -48.18 49.95 -20.24
C LEU D 625 -48.60 49.31 -21.56
N LYS D 626 -47.62 49.05 -22.45
CA LYS D 626 -47.93 48.41 -23.73
C LYS D 626 -48.48 47.00 -23.52
N TYR D 627 -47.87 46.22 -22.62
CA TYR D 627 -48.30 44.85 -22.40
C TYR D 627 -49.59 44.75 -21.59
N TYR D 628 -49.92 45.78 -20.82
CA TYR D 628 -51.24 45.83 -20.21
C TYR D 628 -52.31 46.02 -21.29
N GLY D 629 -51.98 46.75 -22.35
CA GLY D 629 -52.85 46.77 -23.51
C GLY D 629 -52.92 45.42 -24.21
N LEU D 630 -51.78 44.72 -24.29
CA LEU D 630 -51.78 43.41 -24.92
C LEU D 630 -52.62 42.43 -24.11
N ARG D 631 -52.54 42.49 -22.78
CA ARG D 631 -53.35 41.63 -21.94
C ARG D 631 -54.84 41.90 -22.16
N LYS D 632 -55.22 43.18 -22.23
CA LYS D 632 -56.61 43.52 -22.48
C LYS D 632 -57.05 43.03 -23.85
N GLU D 633 -56.17 43.17 -24.86
CA GLU D 633 -56.49 42.67 -26.19
C GLU D 633 -56.71 41.16 -26.17
N TRP D 634 -55.82 40.43 -25.49
CA TRP D 634 -55.98 38.99 -25.36
C TRP D 634 -57.22 38.65 -24.55
N LEU D 635 -57.46 39.37 -23.45
CA LEU D 635 -58.61 39.07 -22.61
C LEU D 635 -59.93 39.30 -23.34
N LEU D 636 -60.01 40.35 -24.14
CA LEU D 636 -61.23 40.62 -24.89
C LEU D 636 -61.57 39.48 -25.84
N GLY D 637 -60.57 39.00 -26.58
CA GLY D 637 -60.80 37.88 -27.48
C GLY D 637 -61.11 36.59 -26.75
N MET D 638 -60.35 36.29 -25.69
CA MET D 638 -60.54 35.03 -24.97
C MET D 638 -61.86 35.02 -24.20
N LEU D 639 -62.17 36.11 -23.49
CA LEU D 639 -63.42 36.17 -22.76
C LEU D 639 -64.61 36.11 -23.72
N GLY D 640 -64.52 36.80 -24.85
CA GLY D 640 -65.57 36.71 -25.85
C GLY D 640 -65.72 35.30 -26.39
N ALA D 641 -64.60 34.64 -26.68
CA ALA D 641 -64.66 33.24 -27.09
C ALA D 641 -65.21 32.37 -25.97
N GLU D 642 -64.79 32.65 -24.73
CA GLU D 642 -65.32 31.90 -23.59
C GLU D 642 -66.82 32.12 -23.44
N SER D 643 -67.27 33.37 -23.59
CA SER D 643 -68.69 33.67 -23.42
C SER D 643 -69.54 32.88 -24.40
N ALA D 644 -69.08 32.75 -25.65
CA ALA D 644 -69.81 31.94 -26.62
C ALA D 644 -69.88 30.48 -26.19
N LYS D 645 -68.80 29.98 -25.58
CA LYS D 645 -68.77 28.59 -25.14
C LYS D 645 -69.85 28.30 -24.09
N LEU D 646 -69.94 29.13 -23.05
CA LEU D 646 -70.99 28.88 -22.06
C LEU D 646 -72.37 29.21 -22.61
N ASN D 647 -72.47 30.20 -23.50
CA ASN D 647 -73.75 30.51 -24.12
C ASN D 647 -74.27 29.31 -24.90
N ASN D 648 -73.38 28.66 -25.68
CA ASN D 648 -73.77 27.43 -26.36
C ASN D 648 -74.03 26.32 -25.35
N GLN D 649 -73.20 26.24 -24.31
CA GLN D 649 -73.35 25.17 -23.31
C GLN D 649 -74.66 25.31 -22.53
N ALA D 650 -75.00 26.53 -22.12
CA ALA D 650 -76.25 26.73 -21.37
C ALA D 650 -77.46 26.40 -22.24
N ARG D 651 -77.44 26.82 -23.51
CA ARG D 651 -78.56 26.53 -24.40
C ARG D 651 -78.73 25.03 -24.60
N PHE D 652 -77.62 24.30 -24.76
CA PHE D 652 -77.71 22.86 -24.98
C PHE D 652 -78.35 22.16 -23.79
N ILE D 653 -77.92 22.51 -22.58
CA ILE D 653 -78.48 21.87 -21.39
C ILE D 653 -79.96 22.18 -21.27
N LEU D 654 -80.33 23.45 -21.46
CA LEU D 654 -81.73 23.85 -21.34
C LEU D 654 -82.57 23.16 -22.41
N GLU D 655 -82.05 23.03 -23.63
CA GLU D 655 -82.79 22.36 -24.68
C GLU D 655 -83.04 20.89 -24.33
N LYS D 656 -82.04 20.23 -23.72
CA LYS D 656 -82.22 18.84 -23.32
C LYS D 656 -83.28 18.71 -22.24
N ILE D 657 -83.28 19.61 -21.26
CA ILE D 657 -84.30 19.59 -20.21
C ILE D 657 -85.68 19.89 -20.79
N ASP D 658 -85.75 20.82 -21.74
CA ASP D 658 -87.03 21.17 -22.36
C ASP D 658 -87.50 20.13 -23.37
N GLY D 659 -86.64 19.19 -23.76
CA GLY D 659 -87.01 18.17 -24.71
C GLY D 659 -86.80 18.52 -26.17
N LYS D 660 -86.34 19.74 -26.47
CA LYS D 660 -86.08 20.10 -27.85
C LYS D 660 -84.94 19.31 -28.46
N ILE D 661 -84.05 18.75 -27.64
CA ILE D 661 -82.96 17.91 -28.10
C ILE D 661 -83.03 16.59 -27.37
N ILE D 662 -82.98 15.49 -28.11
CA ILE D 662 -83.00 14.15 -27.55
C ILE D 662 -81.70 13.46 -27.92
N ILE D 663 -80.99 12.95 -26.90
CA ILE D 663 -79.72 12.26 -27.10
C ILE D 663 -79.75 10.81 -26.66
N GLU D 664 -80.80 10.39 -25.96
CA GLU D 664 -80.84 9.03 -25.43
C GLU D 664 -80.96 8.02 -26.56
N ASN D 665 -80.03 7.07 -26.61
CA ASN D 665 -80.03 6.00 -27.61
C ASN D 665 -80.04 6.53 -29.03
N LYS D 666 -79.44 7.68 -29.24
CA LYS D 666 -79.43 8.24 -30.58
C LYS D 666 -78.08 7.99 -31.24
N PRO D 667 -78.04 7.77 -32.54
CA PRO D 667 -76.74 7.57 -33.21
C PRO D 667 -75.86 8.80 -33.06
N LYS D 668 -74.54 8.54 -33.00
CA LYS D 668 -73.60 9.65 -32.83
C LYS D 668 -73.68 10.62 -34.00
N LYS D 669 -73.73 10.09 -35.24
CA LYS D 669 -73.82 10.96 -36.40
C LYS D 669 -75.14 11.75 -36.39
N GLU D 670 -76.24 11.10 -36.00
CA GLU D 670 -77.52 11.79 -35.93
C GLU D 670 -77.50 12.92 -34.92
N LEU D 671 -76.84 12.72 -33.77
CA LEU D 671 -76.81 13.75 -32.74
C LEU D 671 -76.08 15.00 -33.23
N ILE D 672 -74.95 14.81 -33.93
CA ILE D 672 -74.23 15.97 -34.45
C ILE D 672 -75.07 16.73 -35.46
N LYS D 673 -75.74 15.99 -36.35
CA LYS D 673 -76.54 16.63 -37.40
C LYS D 673 -77.64 17.50 -36.81
N VAL D 674 -78.29 17.03 -35.74
CA VAL D 674 -79.28 17.87 -35.07
C VAL D 674 -78.61 19.11 -34.47
N LEU D 675 -77.43 18.93 -33.88
CA LEU D 675 -76.72 20.06 -33.28
C LEU D 675 -76.33 21.12 -34.31
N ILE D 676 -75.84 20.69 -35.48
CA ILE D 676 -75.52 21.66 -36.52
C ILE D 676 -76.79 22.34 -37.03
N GLN D 677 -77.85 21.55 -37.25
CA GLN D 677 -79.09 22.11 -37.78
C GLN D 677 -79.71 23.14 -36.84
N ARG D 678 -79.49 23.00 -35.54
CA ARG D 678 -80.03 23.93 -34.56
C ARG D 678 -79.12 25.14 -34.32
N GLY D 679 -78.05 25.27 -35.11
CA GLY D 679 -77.21 26.45 -35.06
C GLY D 679 -76.19 26.48 -33.94
N TYR D 680 -75.93 25.36 -33.29
CA TYR D 680 -74.88 25.31 -32.28
C TYR D 680 -73.51 25.50 -32.93
N ASP D 681 -72.61 26.15 -32.20
CA ASP D 681 -71.27 26.47 -32.68
C ASP D 681 -70.25 25.47 -32.18
N SER D 682 -69.21 25.24 -32.98
CA SER D 682 -68.05 24.51 -32.49
C SER D 682 -67.35 25.31 -31.39
N ASP D 683 -66.54 24.60 -30.60
CA ASP D 683 -65.88 25.17 -29.44
C ASP D 683 -65.21 26.49 -29.77
N PRO D 684 -65.74 27.62 -29.29
CA PRO D 684 -65.16 28.92 -29.65
C PRO D 684 -63.79 29.14 -29.03
N VAL D 685 -63.54 28.59 -27.84
CA VAL D 685 -62.20 28.67 -27.25
C VAL D 685 -61.20 27.94 -28.13
N LYS D 686 -61.56 26.74 -28.61
CA LYS D 686 -60.69 26.03 -29.55
C LYS D 686 -60.53 26.80 -30.86
N ALA D 687 -61.64 27.36 -31.37
CA ALA D 687 -61.57 28.12 -32.61
C ALA D 687 -60.73 29.37 -32.46
N TRP D 688 -60.91 30.09 -31.35
CA TRP D 688 -60.13 31.32 -31.13
C TRP D 688 -58.65 31.01 -30.94
N LYS D 689 -58.33 29.94 -30.20
CA LYS D 689 -56.93 29.56 -30.03
C LYS D 689 -56.29 29.22 -31.37
N GLU D 690 -57.00 28.48 -32.22
CA GLU D 690 -56.49 28.21 -33.56
C GLU D 690 -56.37 29.49 -34.39
N ALA D 691 -57.25 30.46 -34.15
CA ALA D 691 -57.20 31.72 -34.87
C ALA D 691 -55.94 32.51 -34.52
N GLN D 692 -55.44 32.38 -33.29
CA GLN D 692 -54.21 33.05 -32.89
C GLN D 692 -52.97 32.40 -33.49
N GLN D 693 -53.09 31.22 -34.11
CA GLN D 693 -51.95 30.55 -34.71
C GLN D 693 -51.98 30.66 -36.24
N PRO D 721 -66.97 19.69 -37.46
CA PRO D 721 -67.15 20.53 -36.27
C PRO D 721 -66.87 19.78 -34.97
N THR D 722 -66.68 20.52 -33.88
CA THR D 722 -66.41 19.94 -32.56
C THR D 722 -67.55 20.32 -31.62
N PHE D 723 -68.34 19.33 -31.23
CA PHE D 723 -69.39 19.51 -30.23
C PHE D 723 -69.10 18.71 -28.97
N ASN D 724 -67.84 18.31 -28.77
CA ASN D 724 -67.48 17.55 -27.60
C ASN D 724 -67.61 18.37 -26.32
N TYR D 725 -67.33 19.67 -26.38
CA TYR D 725 -67.46 20.50 -25.19
C TYR D 725 -68.89 20.51 -24.67
N LEU D 726 -69.87 20.16 -25.51
CA LEU D 726 -71.25 20.04 -25.07
C LEU D 726 -71.54 18.66 -24.51
N LEU D 727 -71.15 17.61 -25.22
CA LEU D 727 -71.51 16.25 -24.85
C LEU D 727 -70.55 15.64 -23.83
N ASP D 728 -69.39 16.28 -23.59
CA ASP D 728 -68.51 15.85 -22.51
C ASP D 728 -69.00 16.31 -21.15
N MET D 729 -70.00 17.19 -21.10
CA MET D 729 -70.50 17.69 -19.83
C MET D 729 -71.10 16.53 -19.01
N PRO D 730 -70.78 16.44 -17.72
CA PRO D 730 -71.33 15.34 -16.91
C PRO D 730 -72.84 15.44 -16.78
N LEU D 731 -73.45 14.31 -16.41
CA LEU D 731 -74.89 14.27 -16.18
C LEU D 731 -75.31 15.15 -15.01
N TRP D 732 -74.37 15.55 -14.15
CA TRP D 732 -74.68 16.47 -13.06
C TRP D 732 -75.35 17.74 -13.57
N TYR D 733 -74.93 18.23 -14.74
CA TYR D 733 -75.43 19.49 -15.25
C TYR D 733 -76.91 19.45 -15.64
N LEU D 734 -77.50 18.26 -15.73
CA LEU D 734 -78.94 18.18 -15.95
C LEU D 734 -79.73 18.40 -14.66
N THR D 735 -79.08 18.32 -13.50
CA THR D 735 -79.76 18.61 -12.24
C THR D 735 -80.04 20.10 -12.12
N LYS D 736 -81.01 20.43 -11.27
CA LYS D 736 -81.46 21.82 -11.12
C LYS D 736 -80.33 22.72 -10.64
N GLU D 737 -79.62 22.31 -9.59
CA GLU D 737 -78.59 23.17 -9.00
C GLU D 737 -77.46 23.44 -9.98
N LYS D 738 -76.96 22.40 -10.64
CA LYS D 738 -75.88 22.59 -11.60
C LYS D 738 -76.36 23.38 -12.81
N LYS D 739 -77.61 23.16 -13.24
CA LYS D 739 -78.18 23.94 -14.33
C LYS D 739 -78.21 25.42 -13.99
N ASP D 740 -78.63 25.76 -12.77
CA ASP D 740 -78.64 27.16 -12.37
C ASP D 740 -77.22 27.73 -12.34
N GLU D 741 -76.25 26.94 -11.86
CA GLU D 741 -74.87 27.39 -11.86
C GLU D 741 -74.36 27.63 -13.27
N LEU D 742 -74.66 26.72 -14.21
CA LEU D 742 -74.25 26.91 -15.59
C LEU D 742 -74.91 28.14 -16.20
N CYS D 743 -76.20 28.34 -15.92
CA CYS D 743 -76.88 29.55 -16.38
C CYS D 743 -76.30 30.79 -15.73
N ARG D 744 -75.98 30.68 -14.42
CA ARG D 744 -75.34 31.80 -13.73
C ARG D 744 -73.97 32.11 -14.31
N LEU D 745 -73.19 31.09 -14.60
CA LEU D 745 -71.85 31.30 -15.16
C LEU D 745 -71.92 31.94 -16.55
N ARG D 746 -72.97 31.66 -17.32
CA ARG D 746 -73.12 32.31 -18.62
C ARG D 746 -73.29 33.82 -18.46
N ASN D 747 -74.09 34.24 -17.49
CA ASN D 747 -74.27 35.66 -17.23
C ASN D 747 -72.98 36.28 -16.66
N GLU D 748 -72.28 35.55 -15.79
CA GLU D 748 -71.07 36.08 -15.18
C GLU D 748 -69.99 36.34 -16.22
N LYS D 749 -69.83 35.43 -17.17
CA LYS D 749 -68.82 35.62 -18.22
C LYS D 749 -69.17 36.83 -19.08
N GLU D 750 -70.46 37.02 -19.38
CA GLU D 750 -70.87 38.18 -20.16
C GLU D 750 -70.55 39.48 -19.42
N GLN D 751 -70.82 39.51 -18.10
CA GLN D 751 -70.51 40.70 -17.32
C GLN D 751 -69.01 40.95 -17.26
N GLU D 752 -68.21 39.88 -17.21
CA GLU D 752 -66.76 40.03 -17.21
C GLU D 752 -66.26 40.69 -18.50
N LEU D 753 -66.82 40.29 -19.65
CA LEU D 753 -66.47 40.92 -20.92
C LEU D 753 -66.89 42.39 -20.94
N ASP D 754 -68.07 42.70 -20.42
CA ASP D 754 -68.55 44.08 -20.41
C ASP D 754 -67.66 44.97 -19.55
N THR D 755 -67.22 44.48 -18.39
CA THR D 755 -66.37 45.27 -17.51
C THR D 755 -65.03 45.60 -18.16
N LEU D 756 -64.43 44.62 -18.84
CA LEU D 756 -63.14 44.85 -19.48
C LEU D 756 -63.26 45.88 -20.59
N LYS D 757 -64.37 45.84 -21.35
CA LYS D 757 -64.54 46.79 -22.45
C LYS D 757 -64.58 48.23 -21.96
N ARG D 758 -65.03 48.46 -20.73
CA ARG D 758 -65.11 49.79 -20.15
C ARG D 758 -63.86 50.17 -19.36
N LYS D 759 -62.84 49.32 -19.34
CA LYS D 759 -61.64 49.53 -18.55
C LYS D 759 -60.45 49.77 -19.48
N SER D 760 -59.67 50.81 -19.17
CA SER D 760 -58.45 51.09 -19.92
C SER D 760 -57.31 50.19 -19.44
N PRO D 761 -56.26 50.05 -20.25
CA PRO D 761 -55.09 49.29 -19.77
C PRO D 761 -54.49 49.83 -18.49
N SER D 762 -54.52 51.16 -18.30
CA SER D 762 -54.03 51.74 -17.06
C SER D 762 -54.91 51.36 -15.87
N ASP D 763 -56.22 51.19 -16.10
CA ASP D 763 -57.11 50.75 -15.03
C ASP D 763 -56.74 49.36 -14.53
N LEU D 764 -56.44 48.44 -15.47
CA LEU D 764 -56.03 47.10 -15.07
C LEU D 764 -54.72 47.12 -14.29
N TRP D 765 -53.80 47.99 -14.70
CA TRP D 765 -52.54 48.13 -13.97
C TRP D 765 -52.80 48.58 -12.53
N LYS D 766 -53.68 49.56 -12.35
CA LYS D 766 -53.95 50.07 -11.01
C LYS D 766 -54.60 49.01 -10.13
N GLU D 767 -55.48 48.18 -10.70
CA GLU D 767 -56.10 47.12 -9.92
C GLU D 767 -55.05 46.16 -9.38
N ASP D 768 -54.11 45.74 -10.24
CA ASP D 768 -53.08 44.81 -9.81
C ASP D 768 -52.18 45.42 -8.73
N LEU D 769 -51.85 46.71 -8.88
CA LEU D 769 -51.02 47.38 -7.87
C LEU D 769 -51.72 47.43 -6.52
N ALA D 770 -53.02 47.74 -6.49
CA ALA D 770 -53.74 47.79 -5.23
C ALA D 770 -53.76 46.43 -4.55
N THR D 771 -54.01 45.36 -5.32
CA THR D 771 -53.99 44.03 -4.76
C THR D 771 -52.61 43.69 -4.18
N PHE D 772 -51.54 44.03 -4.90
CA PHE D 772 -50.20 43.76 -4.38
C PHE D 772 -49.93 44.54 -3.11
N ILE D 773 -50.31 45.83 -3.08
CA ILE D 773 -50.07 46.65 -1.91
C ILE D 773 -50.86 46.11 -0.72
N GLU D 774 -52.12 45.72 -0.96
CA GLU D 774 -52.95 45.20 0.12
C GLU D 774 -52.32 43.97 0.74
N GLU D 775 -51.87 43.02 -0.10
CA GLU D 775 -51.18 41.85 0.41
C GLU D 775 -49.82 42.22 0.99
N LEU D 776 -49.14 43.21 0.40
CA LEU D 776 -47.82 43.61 0.89
C LEU D 776 -47.87 44.08 2.33
N GLU D 777 -48.86 44.92 2.66
CA GLU D 777 -49.01 45.35 4.06
C GLU D 777 -49.32 44.16 4.96
N ALA D 778 -50.18 43.25 4.51
CA ALA D 778 -50.54 42.09 5.31
C ALA D 778 -49.33 41.20 5.58
N VAL D 779 -48.56 40.88 4.55
CA VAL D 779 -47.42 39.97 4.75
C VAL D 779 -46.37 40.63 5.62
N GLU D 780 -46.03 41.89 5.33
CA GLU D 780 -44.96 42.57 6.07
C GLU D 780 -45.31 42.73 7.54
N ALA D 781 -46.59 42.92 7.86
CA ALA D 781 -47.01 42.93 9.26
C ALA D 781 -46.79 41.58 9.91
N LYS D 782 -47.09 40.50 9.19
CA LYS D 782 -46.89 39.16 9.73
C LYS D 782 -45.42 38.88 10.02
N GLU D 783 -44.52 39.36 9.15
CA GLU D 783 -43.09 39.19 9.42
C GLU D 783 -42.69 39.91 10.70
N LYS D 784 -43.22 41.11 10.92
CA LYS D 784 -42.92 41.83 12.15
C LYS D 784 -43.43 41.08 13.37
N GLN D 785 -44.64 40.52 13.28
CA GLN D 785 -45.19 39.77 14.41
C GLN D 785 -44.41 38.48 14.66
N ASP D 786 -43.87 37.86 13.61
CA ASP D 786 -43.09 36.63 13.70
C ASP D 786 -42.18 36.55 14.93
#